data_1U6F
#
_entry.id   1U6F
#
_entity_poly.entity_id   1
_entity_poly.type   'polypeptide(L)'
_entity_poly.pdbx_seq_one_letter_code
;MSQIPLVSQYDPYGQTAQLQQLQQQQQQHIPPTQMNPEPDVLRNLMVNYIPTTVDEVQLRQLFERYGPIESVKIVCDRET
RQSRGYGFVKFQSGSSAQQAIAGLNGFNILNKRLKVALAASGHQRPGIAGAVGDGNGYL
;
_entity_poly.pdbx_strand_id   A
#
# COMPACT_ATOMS: atom_id res chain seq x y z
N MET A 1 33.73 24.66 -3.06
CA MET A 1 35.18 25.01 -2.99
C MET A 1 35.70 24.91 -1.56
N SER A 2 36.16 23.72 -1.19
CA SER A 2 36.69 23.49 0.15
C SER A 2 37.89 24.40 0.43
N GLN A 3 38.81 24.44 -0.52
CA GLN A 3 40.01 25.28 -0.38
C GLN A 3 40.80 25.31 -1.68
N ILE A 4 41.24 26.49 -2.08
CA ILE A 4 42.01 26.65 -3.31
C ILE A 4 43.51 26.67 -3.01
N PRO A 5 44.21 25.55 -3.27
CA PRO A 5 45.65 25.44 -3.03
C PRO A 5 46.47 26.33 -3.97
N LEU A 6 45.82 26.86 -5.00
CA LEU A 6 46.49 27.71 -5.98
C LEU A 6 47.53 26.93 -6.76
N VAL A 7 47.22 25.67 -7.04
CA VAL A 7 48.13 24.82 -7.80
C VAL A 7 47.36 23.92 -8.77
N SER A 8 46.30 23.29 -8.27
CA SER A 8 45.48 22.41 -9.10
C SER A 8 44.00 22.65 -8.84
N GLN A 9 43.16 21.86 -9.50
CA GLN A 9 41.72 21.99 -9.35
C GLN A 9 41.21 21.14 -8.20
N TYR A 10 41.13 19.83 -8.43
CA TYR A 10 40.67 18.90 -7.40
C TYR A 10 41.13 17.48 -7.71
N ASP A 11 42.36 17.16 -7.30
CA ASP A 11 42.91 15.84 -7.53
C ASP A 11 42.14 14.77 -6.75
N PRO A 12 42.10 14.89 -5.41
CA PRO A 12 41.40 13.92 -4.56
C PRO A 12 39.88 14.06 -4.67
N TYR A 13 39.19 12.93 -4.69
CA TYR A 13 37.73 12.93 -4.78
C TYR A 13 37.11 12.40 -3.50
N GLY A 14 36.37 13.27 -2.80
CA GLY A 14 35.73 12.87 -1.57
C GLY A 14 34.23 13.13 -1.59
N GLN A 15 33.45 12.10 -1.26
CA GLN A 15 32.00 12.22 -1.25
C GLN A 15 31.43 11.68 0.06
N THR A 16 31.31 12.56 1.05
CA THR A 16 30.77 12.17 2.35
C THR A 16 30.21 13.39 3.09
N ALA A 17 30.97 14.47 3.09
CA ALA A 17 30.55 15.70 3.77
C ALA A 17 30.06 16.73 2.77
N GLN A 18 28.83 17.20 2.96
CA GLN A 18 28.24 18.20 2.07
C GLN A 18 27.40 19.20 2.85
N LEU A 19 27.89 20.43 2.93
CA LEU A 19 27.19 21.49 3.65
C LEU A 19 26.66 22.54 2.68
N GLN A 20 25.34 22.55 2.50
CA GLN A 20 24.70 23.51 1.60
C GLN A 20 23.19 23.35 1.62
N GLN A 21 22.70 22.32 0.95
CA GLN A 21 21.26 22.04 0.88
C GLN A 21 20.92 20.77 1.64
N LEU A 22 21.80 19.78 1.55
CA LEU A 22 21.58 18.50 2.23
C LEU A 22 20.31 17.82 1.73
N GLN A 23 19.96 16.70 2.34
CA GLN A 23 18.76 15.96 1.95
C GLN A 23 18.87 15.47 0.51
N GLN A 24 19.18 14.20 0.34
CA GLN A 24 19.31 13.61 -0.99
C GLN A 24 17.96 13.57 -1.70
N GLN A 25 17.88 14.26 -2.84
CA GLN A 25 16.64 14.30 -3.62
C GLN A 25 15.50 14.90 -2.80
N GLN A 26 14.32 14.96 -3.40
CA GLN A 26 13.15 15.51 -2.72
C GLN A 26 12.29 14.41 -2.13
N GLN A 27 11.24 14.79 -1.41
CA GLN A 27 10.33 13.83 -0.80
C GLN A 27 9.27 13.39 -1.78
N GLN A 28 9.26 12.09 -2.10
CA GLN A 28 8.28 11.54 -3.04
C GLN A 28 8.40 12.21 -4.41
N HIS A 29 9.62 12.59 -4.77
CA HIS A 29 9.86 13.23 -6.06
C HIS A 29 9.08 14.55 -6.15
N ILE A 30 9.04 15.11 -7.36
CA ILE A 30 8.33 16.37 -7.58
C ILE A 30 7.32 16.23 -8.72
N PRO A 31 6.25 15.45 -8.51
CA PRO A 31 5.21 15.24 -9.53
C PRO A 31 4.36 16.49 -9.75
N PRO A 32 3.55 16.51 -10.82
CA PRO A 32 2.69 17.65 -11.15
C PRO A 32 1.56 17.83 -10.13
N THR A 33 1.94 18.09 -8.89
CA THR A 33 0.97 18.29 -7.81
C THR A 33 0.18 17.01 -7.53
N GLN A 34 -0.69 16.63 -8.46
CA GLN A 34 -1.49 15.42 -8.31
C GLN A 34 -1.60 14.67 -9.62
N MET A 35 -0.85 13.58 -9.74
CA MET A 35 -0.86 12.77 -10.95
C MET A 35 -1.50 11.41 -10.69
N ASN A 36 -1.38 10.92 -9.46
CA ASN A 36 -1.96 9.64 -9.08
C ASN A 36 -1.72 9.34 -7.61
N PRO A 37 -0.45 9.24 -7.19
CA PRO A 37 -0.10 8.96 -5.79
C PRO A 37 -0.37 10.15 -4.88
N GLU A 38 -1.62 10.31 -4.47
CA GLU A 38 -2.01 11.41 -3.60
C GLU A 38 -1.66 11.10 -2.15
N PRO A 39 -1.26 12.12 -1.37
CA PRO A 39 -0.90 11.97 0.04
C PRO A 39 -2.11 11.76 0.93
N ASP A 40 -3.30 12.04 0.40
CA ASP A 40 -4.54 11.88 1.15
C ASP A 40 -4.85 10.41 1.42
N VAL A 41 -4.13 9.52 0.74
CA VAL A 41 -4.34 8.09 0.92
C VAL A 41 -3.44 7.52 2.02
N LEU A 42 -3.36 8.24 3.14
CA LEU A 42 -2.54 7.81 4.25
C LEU A 42 -3.36 7.00 5.26
N ARG A 43 -4.66 7.26 5.28
CA ARG A 43 -5.56 6.56 6.20
C ARG A 43 -5.71 5.07 5.83
N ASN A 44 -5.17 4.67 4.69
CA ASN A 44 -5.24 3.29 4.26
C ASN A 44 -4.28 2.44 5.07
N LEU A 45 -4.83 1.65 6.00
CA LEU A 45 -4.01 0.81 6.86
C LEU A 45 -4.16 -0.66 6.52
N MET A 46 -3.05 -1.29 6.16
CA MET A 46 -3.03 -2.72 5.86
C MET A 46 -2.72 -3.48 7.13
N VAL A 47 -3.69 -4.24 7.61
CA VAL A 47 -3.51 -4.98 8.85
C VAL A 47 -3.24 -6.46 8.59
N ASN A 48 -2.28 -6.99 9.33
CA ASN A 48 -1.89 -8.39 9.20
C ASN A 48 -1.39 -8.95 10.52
N TYR A 49 -1.72 -10.20 10.75
CA TYR A 49 -1.32 -10.91 11.96
C TYR A 49 -1.53 -12.40 11.77
N ILE A 50 -2.79 -12.77 11.65
CA ILE A 50 -3.17 -14.17 11.46
C ILE A 50 -3.58 -14.43 10.02
N PRO A 51 -3.55 -15.69 9.58
CA PRO A 51 -3.92 -16.06 8.23
C PRO A 51 -5.42 -16.32 8.09
N THR A 52 -5.85 -17.54 8.39
CA THR A 52 -7.27 -17.90 8.31
C THR A 52 -8.04 -17.37 9.51
N THR A 53 -7.33 -16.79 10.48
CA THR A 53 -7.98 -16.26 11.68
C THR A 53 -8.09 -14.74 11.63
N VAL A 54 -7.67 -14.13 10.52
CA VAL A 54 -7.74 -12.68 10.37
C VAL A 54 -9.19 -12.23 10.24
N ASP A 55 -9.69 -11.53 11.25
CA ASP A 55 -11.07 -11.06 11.24
C ASP A 55 -11.14 -9.53 11.21
N GLU A 56 -11.91 -9.01 10.26
CA GLU A 56 -12.09 -7.57 10.14
C GLU A 56 -12.70 -6.99 11.41
N VAL A 57 -13.39 -7.85 12.17
CA VAL A 57 -14.04 -7.45 13.40
C VAL A 57 -13.03 -7.13 14.50
N GLN A 58 -12.17 -8.10 14.82
CA GLN A 58 -11.14 -7.91 15.83
C GLN A 58 -10.31 -6.69 15.47
N LEU A 59 -10.04 -6.55 14.18
CA LEU A 59 -9.28 -5.44 13.66
C LEU A 59 -10.13 -4.18 13.57
N ARG A 60 -11.46 -4.38 13.53
CA ARG A 60 -12.41 -3.28 13.43
C ARG A 60 -12.43 -2.49 14.72
N GLN A 61 -12.66 -3.18 15.82
CA GLN A 61 -12.71 -2.53 17.13
C GLN A 61 -11.31 -2.14 17.58
N LEU A 62 -10.36 -3.04 17.36
CA LEU A 62 -8.98 -2.82 17.75
C LEU A 62 -8.37 -1.61 17.04
N PHE A 63 -8.54 -1.54 15.73
CA PHE A 63 -7.98 -0.44 14.97
C PHE A 63 -8.88 0.78 14.96
N GLU A 64 -10.18 0.58 14.72
CA GLU A 64 -11.09 1.72 14.72
C GLU A 64 -11.04 2.50 16.03
N ARG A 65 -10.65 1.83 17.12
CA ARG A 65 -10.58 2.49 18.42
C ARG A 65 -9.67 3.72 18.36
N TYR A 66 -8.48 3.55 17.80
CA TYR A 66 -7.52 4.64 17.69
C TYR A 66 -7.76 5.46 16.42
N GLY A 67 -8.65 4.97 15.57
CA GLY A 67 -8.94 5.66 14.33
C GLY A 67 -10.13 5.08 13.62
N PRO A 68 -11.34 5.62 13.87
CA PRO A 68 -12.57 5.11 13.23
C PRO A 68 -12.38 4.84 11.75
N ILE A 69 -12.65 3.60 11.35
CA ILE A 69 -12.51 3.20 9.96
C ILE A 69 -13.72 3.64 9.14
N GLU A 70 -13.47 3.98 7.89
CA GLU A 70 -14.52 4.42 6.99
C GLU A 70 -14.87 3.27 6.07
N SER A 71 -13.82 2.61 5.60
CA SER A 71 -13.99 1.45 4.75
C SER A 71 -12.98 0.40 5.12
N VAL A 72 -13.46 -0.64 5.78
CA VAL A 72 -12.61 -1.75 6.21
C VAL A 72 -12.90 -3.00 5.40
N LYS A 73 -11.84 -3.70 5.04
CA LYS A 73 -11.94 -4.92 4.27
C LYS A 73 -10.72 -5.80 4.49
N ILE A 74 -10.89 -7.11 4.31
CA ILE A 74 -9.78 -8.04 4.49
C ILE A 74 -9.26 -8.53 3.14
N VAL A 75 -7.94 -8.66 3.04
CA VAL A 75 -7.30 -9.14 1.82
C VAL A 75 -7.30 -10.65 1.79
N CYS A 76 -8.30 -11.22 1.13
CA CYS A 76 -8.44 -12.67 1.03
C CYS A 76 -7.49 -13.24 -0.02
N ASP A 77 -7.40 -14.58 -0.05
CA ASP A 77 -6.54 -15.26 -1.01
C ASP A 77 -7.28 -15.53 -2.30
N ARG A 78 -6.71 -15.06 -3.41
CA ARG A 78 -7.32 -15.25 -4.73
C ARG A 78 -7.21 -16.71 -5.19
N GLU A 79 -6.44 -17.50 -4.46
CA GLU A 79 -6.27 -18.91 -4.81
C GLU A 79 -7.54 -19.70 -4.56
N THR A 80 -8.09 -19.56 -3.35
CA THR A 80 -9.32 -20.26 -3.00
C THR A 80 -10.45 -19.28 -2.70
N ARG A 81 -10.19 -17.99 -2.91
CA ARG A 81 -11.19 -16.95 -2.66
C ARG A 81 -11.72 -17.05 -1.24
N GLN A 82 -10.85 -17.46 -0.31
CA GLN A 82 -11.24 -17.60 1.09
C GLN A 82 -10.59 -16.53 1.95
N SER A 83 -11.19 -16.26 3.10
CA SER A 83 -10.65 -15.26 4.02
C SER A 83 -9.29 -15.70 4.56
N ARG A 84 -8.25 -14.96 4.20
CA ARG A 84 -6.90 -15.28 4.64
C ARG A 84 -5.94 -14.15 4.35
N GLY A 85 -4.64 -14.46 4.36
CA GLY A 85 -3.63 -13.47 4.07
C GLY A 85 -3.55 -12.39 5.14
N TYR A 86 -4.41 -11.39 5.00
CA TYR A 86 -4.42 -10.27 5.95
C TYR A 86 -5.62 -9.37 5.69
N GLY A 87 -5.81 -8.37 6.54
CA GLY A 87 -6.93 -7.47 6.36
C GLY A 87 -6.51 -6.05 6.02
N PHE A 88 -7.49 -5.18 5.92
CA PHE A 88 -7.28 -3.78 5.60
C PHE A 88 -8.30 -2.91 6.31
N VAL A 89 -7.86 -1.74 6.78
CA VAL A 89 -8.76 -0.83 7.47
C VAL A 89 -8.47 0.61 7.07
N LYS A 90 -9.39 1.21 6.32
CA LYS A 90 -9.23 2.59 5.87
C LYS A 90 -9.83 3.54 6.90
N PHE A 91 -8.96 4.28 7.59
CA PHE A 91 -9.41 5.23 8.59
C PHE A 91 -10.10 6.42 7.91
N GLN A 92 -11.01 7.04 8.63
CA GLN A 92 -11.77 8.17 8.09
C GLN A 92 -10.87 9.23 7.48
N SER A 93 -9.85 9.66 8.20
CA SER A 93 -8.94 10.69 7.71
C SER A 93 -7.49 10.26 7.85
N GLY A 94 -6.68 10.66 6.87
CA GLY A 94 -5.26 10.32 6.91
C GLY A 94 -4.63 10.69 8.23
N SER A 95 -5.19 11.69 8.89
CA SER A 95 -4.68 12.14 10.18
C SER A 95 -4.80 11.03 11.22
N SER A 96 -5.71 10.09 10.97
CA SER A 96 -5.91 8.97 11.88
C SER A 96 -4.82 7.93 11.70
N ALA A 97 -4.31 7.82 10.48
CA ALA A 97 -3.25 6.87 10.17
C ALA A 97 -2.03 7.11 11.05
N GLN A 98 -1.68 8.37 11.23
CA GLN A 98 -0.54 8.74 12.05
C GLN A 98 -0.67 8.12 13.44
N GLN A 99 -1.89 8.08 13.96
CA GLN A 99 -2.15 7.49 15.27
C GLN A 99 -2.14 5.98 15.18
N ALA A 100 -2.51 5.45 14.01
CA ALA A 100 -2.54 4.01 13.81
C ALA A 100 -1.12 3.47 13.75
N ILE A 101 -0.31 4.02 12.86
CA ILE A 101 1.06 3.60 12.71
C ILE A 101 1.87 3.94 13.96
N ALA A 102 1.41 4.95 14.69
CA ALA A 102 2.08 5.40 15.90
C ALA A 102 1.86 4.44 17.07
N GLY A 103 0.63 3.98 17.27
CA GLY A 103 0.34 3.10 18.38
C GLY A 103 -0.43 1.85 18.01
N LEU A 104 -0.36 1.44 16.75
CA LEU A 104 -1.07 0.23 16.32
C LEU A 104 -0.21 -0.66 15.44
N ASN A 105 0.72 -0.05 14.69
CA ASN A 105 1.61 -0.83 13.82
C ASN A 105 2.57 -1.65 14.68
N GLY A 106 2.53 -2.97 14.50
CA GLY A 106 3.39 -3.83 15.27
C GLY A 106 3.02 -3.83 16.74
N PHE A 107 1.83 -3.32 17.06
CA PHE A 107 1.36 -3.27 18.44
C PHE A 107 1.46 -4.65 19.08
N ASN A 108 2.62 -4.94 19.62
CA ASN A 108 2.87 -6.24 20.25
C ASN A 108 2.04 -6.41 21.52
N ILE A 109 0.79 -6.83 21.36
CA ILE A 109 -0.07 -7.05 22.51
C ILE A 109 0.30 -8.39 23.15
N LEU A 110 -0.10 -8.58 24.39
CA LEU A 110 0.26 -9.79 25.15
C LEU A 110 0.02 -11.09 24.39
N ASN A 111 -1.03 -11.16 23.57
CA ASN A 111 -1.32 -12.38 22.84
C ASN A 111 -1.31 -12.20 21.32
N LYS A 112 -1.20 -10.97 20.85
CA LYS A 112 -1.21 -10.70 19.42
C LYS A 112 -0.25 -9.59 19.01
N ARG A 113 -0.04 -9.48 17.69
CA ARG A 113 0.80 -8.45 17.11
C ARG A 113 0.00 -7.72 16.04
N LEU A 114 -0.26 -6.45 16.27
CA LEU A 114 -1.04 -5.67 15.31
C LEU A 114 -0.15 -5.08 14.22
N LYS A 115 0.10 -5.85 13.16
CA LYS A 115 0.92 -5.36 12.07
C LYS A 115 0.08 -4.48 11.14
N VAL A 116 0.47 -3.22 11.02
CA VAL A 116 -0.27 -2.29 10.16
C VAL A 116 0.66 -1.55 9.21
N ALA A 117 0.38 -1.67 7.91
CA ALA A 117 1.19 -1.01 6.89
C ALA A 117 0.31 -0.22 5.91
N LEU A 118 0.70 1.02 5.64
CA LEU A 118 -0.06 1.87 4.72
C LEU A 118 -0.07 1.28 3.31
N ALA A 119 -1.19 1.45 2.62
CA ALA A 119 -1.33 0.94 1.26
C ALA A 119 -0.69 1.87 0.25
N ALA A 120 -0.64 3.16 0.57
CA ALA A 120 -0.06 4.17 -0.31
C ALA A 120 1.37 3.81 -0.69
N SER A 121 1.88 4.43 -1.74
CA SER A 121 3.24 4.17 -2.21
C SER A 121 4.09 5.43 -2.11
N GLY A 122 5.05 5.43 -1.19
CA GLY A 122 5.92 6.57 -1.02
C GLY A 122 6.40 6.73 0.41
N HIS A 123 7.04 7.86 0.69
CA HIS A 123 7.54 8.13 2.04
C HIS A 123 8.56 7.07 2.46
N GLN A 124 9.46 6.72 1.55
CA GLN A 124 10.48 5.72 1.83
C GLN A 124 11.79 6.38 2.26
N ARG A 125 11.68 7.42 3.08
CA ARG A 125 12.85 8.13 3.57
C ARG A 125 13.62 7.30 4.59
N PRO A 126 12.97 6.93 5.71
CA PRO A 126 13.60 6.13 6.77
C PRO A 126 13.78 4.67 6.35
N GLY A 127 14.48 3.91 7.18
CA GLY A 127 14.71 2.51 6.88
C GLY A 127 14.70 1.64 8.11
N ILE A 128 13.75 1.90 9.02
CA ILE A 128 13.63 1.13 10.26
C ILE A 128 14.99 0.85 10.89
N ALA A 129 15.51 1.83 11.63
CA ALA A 129 16.80 1.69 12.29
C ALA A 129 17.93 1.54 11.27
N GLY A 130 18.09 0.32 10.75
CA GLY A 130 19.14 0.06 9.78
C GLY A 130 20.50 -0.10 10.41
N ALA A 131 20.63 -1.13 11.25
CA ALA A 131 21.90 -1.39 11.92
C ALA A 131 22.28 -0.24 12.85
N VAL A 132 22.94 -0.57 13.96
CA VAL A 132 23.35 0.43 14.93
C VAL A 132 24.77 0.17 15.42
N GLY A 133 25.41 1.21 15.95
CA GLY A 133 26.76 1.07 16.46
C GLY A 133 26.83 1.15 17.97
N ASP A 134 26.77 0.00 18.63
CA ASP A 134 26.82 -0.05 20.09
C ASP A 134 25.67 0.74 20.70
N GLY A 135 25.61 0.74 22.04
CA GLY A 135 24.55 1.46 22.73
C GLY A 135 24.51 1.14 24.20
N ASN A 136 24.48 -0.15 24.54
CA ASN A 136 24.45 -0.57 25.92
C ASN A 136 24.58 -2.09 26.03
N GLY A 137 24.68 -2.59 27.25
CA GLY A 137 24.81 -4.01 27.47
C GLY A 137 26.19 -4.41 27.98
N TYR A 138 26.70 -3.61 28.92
CA TYR A 138 28.02 -3.88 29.50
C TYR A 138 27.91 -4.83 30.68
N LEU A 139 27.13 -4.45 31.68
CA LEU A 139 26.94 -5.27 32.87
C LEU A 139 25.62 -6.04 32.79
N MET A 1 56.31 -11.12 -18.42
CA MET A 1 57.09 -12.14 -19.18
C MET A 1 57.33 -11.68 -20.61
N SER A 2 58.14 -12.45 -21.35
CA SER A 2 58.46 -12.12 -22.74
C SER A 2 57.80 -13.11 -23.69
N GLN A 3 57.10 -12.60 -24.68
CA GLN A 3 56.43 -13.44 -25.67
C GLN A 3 55.41 -14.35 -24.99
N ILE A 4 54.16 -13.91 -24.97
CA ILE A 4 53.08 -14.68 -24.35
C ILE A 4 52.07 -15.15 -25.42
N PRO A 5 51.81 -16.47 -25.47
CA PRO A 5 50.87 -17.04 -26.44
C PRO A 5 49.51 -16.33 -26.41
N LEU A 6 49.19 -15.72 -25.28
CA LEU A 6 47.92 -15.02 -25.13
C LEU A 6 46.74 -15.96 -25.30
N VAL A 7 45.98 -16.16 -24.22
CA VAL A 7 44.82 -17.05 -24.25
C VAL A 7 45.24 -18.48 -24.54
N SER A 8 46.24 -18.97 -23.81
CA SER A 8 46.73 -20.33 -23.99
C SER A 8 46.61 -21.12 -22.69
N GLN A 9 46.96 -20.50 -21.58
CA GLN A 9 46.88 -21.15 -20.28
C GLN A 9 46.90 -20.12 -19.15
N TYR A 10 46.50 -20.55 -17.96
CA TYR A 10 46.46 -19.66 -16.80
C TYR A 10 45.54 -18.48 -17.05
N ASP A 11 45.46 -17.58 -16.07
CA ASP A 11 44.62 -16.40 -16.18
C ASP A 11 45.41 -15.20 -16.68
N PRO A 12 44.80 -14.35 -17.53
CA PRO A 12 45.46 -13.16 -18.08
C PRO A 12 45.66 -12.07 -17.03
N TYR A 13 46.87 -11.53 -16.96
CA TYR A 13 47.19 -10.48 -16.00
C TYR A 13 46.89 -9.10 -16.59
N GLY A 14 46.76 -8.11 -15.72
CA GLY A 14 46.48 -6.76 -16.17
C GLY A 14 45.10 -6.63 -16.79
N GLN A 15 44.17 -7.48 -16.34
CA GLN A 15 42.81 -7.46 -16.86
C GLN A 15 41.80 -7.66 -15.73
N THR A 16 40.80 -6.80 -15.67
CA THR A 16 39.76 -6.88 -14.65
C THR A 16 38.40 -6.50 -15.22
N ALA A 17 37.36 -6.70 -14.41
CA ALA A 17 36.00 -6.36 -14.83
C ALA A 17 35.81 -4.85 -14.96
N GLN A 18 34.65 -4.45 -15.47
CA GLN A 18 34.35 -3.03 -15.65
C GLN A 18 33.98 -2.39 -14.31
N LEU A 19 33.50 -3.20 -13.37
CA LEU A 19 33.11 -2.70 -12.05
C LEU A 19 34.26 -1.93 -11.40
N GLN A 20 33.97 -0.72 -10.94
CA GLN A 20 34.98 0.12 -10.29
C GLN A 20 34.45 0.67 -8.97
N GLN A 21 35.36 1.17 -8.14
CA GLN A 21 34.99 1.73 -6.85
C GLN A 21 34.29 0.69 -5.97
N LEU A 22 35.09 -0.18 -5.36
CA LEU A 22 34.56 -1.23 -4.51
C LEU A 22 35.15 -1.13 -3.10
N GLN A 23 34.28 -1.17 -2.10
CA GLN A 23 34.70 -1.09 -0.70
C GLN A 23 35.50 -2.34 -0.31
N GLN A 24 36.41 -2.16 0.64
CA GLN A 24 37.24 -3.26 1.11
C GLN A 24 36.94 -3.58 2.58
N GLN A 25 36.99 -2.57 3.43
CA GLN A 25 36.72 -2.74 4.85
C GLN A 25 35.38 -2.11 5.23
N GLN A 26 35.03 -1.04 4.53
CA GLN A 26 33.77 -0.34 4.81
C GLN A 26 32.58 -1.12 4.24
N GLN A 27 31.46 -1.08 4.95
CA GLN A 27 30.26 -1.78 4.52
C GLN A 27 29.01 -1.11 5.08
N GLN A 28 29.03 0.22 5.14
CA GLN A 28 27.90 0.98 5.65
C GLN A 28 26.89 1.27 4.54
N HIS A 29 25.79 1.91 4.91
CA HIS A 29 24.75 2.25 3.95
C HIS A 29 23.64 3.07 4.60
N ILE A 30 22.84 3.74 3.79
CA ILE A 30 21.75 4.56 4.29
C ILE A 30 20.76 4.91 3.17
N PRO A 31 20.23 3.89 2.48
CA PRO A 31 19.26 4.09 1.39
C PRO A 31 17.91 4.57 1.89
N PRO A 32 17.11 5.18 1.01
CA PRO A 32 15.77 5.68 1.36
C PRO A 32 14.78 4.56 1.65
N THR A 33 14.84 4.03 2.86
CA THR A 33 13.94 2.94 3.25
C THR A 33 12.63 3.49 3.80
N GLN A 34 11.58 2.68 3.68
CA GLN A 34 10.25 3.09 4.16
C GLN A 34 9.74 4.29 3.38
N MET A 35 10.20 5.49 3.77
CA MET A 35 9.78 6.72 3.12
C MET A 35 8.30 7.01 3.39
N ASN A 36 7.42 6.19 2.82
CA ASN A 36 5.98 6.35 3.01
C ASN A 36 5.53 7.77 2.64
N PRO A 37 5.75 8.17 1.38
CA PRO A 37 5.37 9.50 0.89
C PRO A 37 3.93 9.54 0.39
N GLU A 38 3.03 8.86 1.09
CA GLU A 38 1.63 8.82 0.72
C GLU A 38 0.89 10.06 1.20
N PRO A 39 0.35 10.87 0.28
CA PRO A 39 -0.39 12.07 0.63
C PRO A 39 -1.88 11.78 0.81
N ASP A 40 -2.58 11.55 -0.30
CA ASP A 40 -4.01 11.26 -0.26
C ASP A 40 -4.29 9.87 0.31
N VAL A 41 -3.31 8.97 0.21
CA VAL A 41 -3.50 7.61 0.72
C VAL A 41 -2.71 7.38 2.01
N LEU A 42 -3.20 7.95 3.10
CA LEU A 42 -2.55 7.80 4.40
C LEU A 42 -3.40 6.95 5.34
N ARG A 43 -4.70 7.20 5.32
CA ARG A 43 -5.64 6.48 6.18
C ARG A 43 -5.78 5.00 5.80
N ASN A 44 -5.11 4.60 4.72
CA ASN A 44 -5.17 3.21 4.27
C ASN A 44 -4.24 2.36 5.12
N LEU A 45 -4.81 1.56 6.03
CA LEU A 45 -4.02 0.71 6.91
C LEU A 45 -4.17 -0.76 6.58
N MET A 46 -3.06 -1.39 6.23
CA MET A 46 -3.05 -2.82 5.94
C MET A 46 -2.75 -3.59 7.20
N VAL A 47 -3.72 -4.37 7.68
CA VAL A 47 -3.54 -5.12 8.91
C VAL A 47 -3.24 -6.59 8.63
N ASN A 48 -2.25 -7.11 9.34
CA ASN A 48 -1.84 -8.50 9.18
C ASN A 48 -1.41 -9.06 10.53
N TYR A 49 -1.86 -10.27 10.82
CA TYR A 49 -1.54 -10.94 12.07
C TYR A 49 -1.81 -12.43 11.93
N ILE A 50 -3.08 -12.76 11.80
CA ILE A 50 -3.50 -14.15 11.66
C ILE A 50 -3.88 -14.45 10.21
N PRO A 51 -3.66 -15.70 9.77
CA PRO A 51 -3.98 -16.12 8.40
C PRO A 51 -5.50 -16.24 8.17
N THR A 52 -6.05 -17.44 8.38
CA THR A 52 -7.47 -17.67 8.19
C THR A 52 -8.29 -17.14 9.37
N THR A 53 -7.61 -16.81 10.46
CA THR A 53 -8.29 -16.30 11.64
C THR A 53 -8.39 -14.77 11.64
N VAL A 54 -8.02 -14.16 10.52
CA VAL A 54 -8.08 -12.70 10.41
C VAL A 54 -9.52 -12.22 10.38
N ASP A 55 -9.91 -11.45 11.40
CA ASP A 55 -11.28 -10.95 11.49
C ASP A 55 -11.32 -9.43 11.37
N GLU A 56 -12.01 -8.94 10.34
CA GLU A 56 -12.16 -7.51 10.14
C GLU A 56 -12.76 -6.86 11.38
N VAL A 57 -13.47 -7.67 12.16
CA VAL A 57 -14.12 -7.23 13.39
C VAL A 57 -13.10 -6.91 14.46
N GLN A 58 -12.26 -7.89 14.78
CA GLN A 58 -11.22 -7.72 15.78
C GLN A 58 -10.45 -6.42 15.53
N LEU A 59 -10.09 -6.21 14.27
CA LEU A 59 -9.37 -5.01 13.88
C LEU A 59 -10.31 -3.82 13.78
N ARG A 60 -11.59 -4.10 13.54
CA ARG A 60 -12.60 -3.07 13.43
C ARG A 60 -12.66 -2.26 14.70
N GLN A 61 -12.84 -2.96 15.82
CA GLN A 61 -12.90 -2.31 17.12
C GLN A 61 -11.50 -1.97 17.64
N LEU A 62 -10.56 -2.86 17.36
CA LEU A 62 -9.19 -2.67 17.81
C LEU A 62 -8.48 -1.55 17.06
N PHE A 63 -8.71 -1.45 15.76
CA PHE A 63 -8.05 -0.43 14.96
C PHE A 63 -8.83 0.88 14.98
N GLU A 64 -10.14 0.79 14.77
CA GLU A 64 -10.94 2.00 14.75
C GLU A 64 -10.91 2.72 16.11
N ARG A 65 -10.64 1.99 17.19
CA ARG A 65 -10.58 2.60 18.53
C ARG A 65 -9.66 3.82 18.50
N TYR A 66 -8.59 3.71 17.73
CA TYR A 66 -7.62 4.80 17.61
C TYR A 66 -7.94 5.71 16.42
N GLY A 67 -8.76 5.22 15.49
CA GLY A 67 -9.13 6.01 14.34
C GLY A 67 -10.27 5.37 13.58
N PRO A 68 -11.51 5.81 13.82
CA PRO A 68 -12.69 5.24 13.16
C PRO A 68 -12.48 5.01 11.67
N ILE A 69 -12.82 3.80 11.26
CA ILE A 69 -12.68 3.36 9.88
C ILE A 69 -13.83 3.86 9.03
N GLU A 70 -13.53 4.14 7.77
CA GLU A 70 -14.53 4.62 6.83
C GLU A 70 -14.93 3.46 5.93
N SER A 71 -13.94 2.65 5.61
CA SER A 71 -14.15 1.47 4.80
C SER A 71 -13.10 0.43 5.13
N VAL A 72 -13.54 -0.62 5.82
CA VAL A 72 -12.64 -1.70 6.19
C VAL A 72 -12.90 -2.92 5.35
N LYS A 73 -11.82 -3.61 5.04
CA LYS A 73 -11.90 -4.82 4.21
C LYS A 73 -10.70 -5.73 4.46
N ILE A 74 -10.93 -7.04 4.37
CA ILE A 74 -9.85 -8.00 4.55
C ILE A 74 -9.33 -8.48 3.20
N VAL A 75 -8.02 -8.69 3.11
CA VAL A 75 -7.38 -9.16 1.89
C VAL A 75 -7.37 -10.68 1.85
N CYS A 76 -8.35 -11.25 1.15
CA CYS A 76 -8.47 -12.70 1.04
C CYS A 76 -7.47 -13.26 0.03
N ASP A 77 -7.38 -14.59 -0.02
CA ASP A 77 -6.46 -15.25 -0.95
C ASP A 77 -7.13 -15.47 -2.31
N ARG A 78 -6.51 -14.94 -3.36
CA ARG A 78 -7.05 -15.08 -4.70
C ARG A 78 -6.90 -16.52 -5.23
N GLU A 79 -6.16 -17.34 -4.49
CA GLU A 79 -5.94 -18.73 -4.89
C GLU A 79 -7.22 -19.55 -4.70
N THR A 80 -7.79 -19.47 -3.51
CA THR A 80 -9.02 -20.20 -3.19
C THR A 80 -10.17 -19.25 -2.88
N ARG A 81 -9.92 -17.94 -3.03
CA ARG A 81 -10.95 -16.95 -2.76
C ARG A 81 -11.52 -17.11 -1.36
N GLN A 82 -10.66 -17.49 -0.42
CA GLN A 82 -11.08 -17.69 0.96
C GLN A 82 -10.49 -16.61 1.87
N SER A 83 -11.18 -16.33 2.98
CA SER A 83 -10.72 -15.32 3.93
C SER A 83 -9.41 -15.75 4.56
N ARG A 84 -8.34 -15.01 4.24
CA ARG A 84 -7.02 -15.32 4.78
C ARG A 84 -6.03 -14.19 4.47
N GLY A 85 -4.74 -14.53 4.50
CA GLY A 85 -3.72 -13.54 4.21
C GLY A 85 -3.64 -12.45 5.25
N TYR A 86 -4.48 -11.44 5.09
CA TYR A 86 -4.49 -10.32 6.02
C TYR A 86 -5.68 -9.40 5.73
N GLY A 87 -5.86 -8.38 6.57
CA GLY A 87 -6.96 -7.46 6.37
C GLY A 87 -6.51 -6.06 6.01
N PHE A 88 -7.48 -5.17 5.86
CA PHE A 88 -7.22 -3.79 5.51
C PHE A 88 -8.27 -2.90 6.16
N VAL A 89 -7.85 -1.73 6.65
CA VAL A 89 -8.78 -0.83 7.29
C VAL A 89 -8.46 0.62 6.97
N LYS A 90 -9.33 1.25 6.18
CA LYS A 90 -9.15 2.64 5.79
C LYS A 90 -9.83 3.57 6.79
N PHE A 91 -9.03 4.41 7.44
CA PHE A 91 -9.54 5.35 8.42
C PHE A 91 -10.19 6.54 7.72
N GLN A 92 -11.06 7.24 8.44
CA GLN A 92 -11.76 8.39 7.88
C GLN A 92 -10.80 9.39 7.25
N SER A 93 -9.83 9.85 8.01
CA SER A 93 -8.86 10.82 7.50
C SER A 93 -7.43 10.32 7.70
N GLY A 94 -6.53 10.75 6.81
CA GLY A 94 -5.15 10.35 6.90
C GLY A 94 -4.54 10.67 8.25
N SER A 95 -5.05 11.72 8.88
CA SER A 95 -4.56 12.14 10.18
C SER A 95 -4.78 11.04 11.22
N SER A 96 -5.75 10.16 10.95
CA SER A 96 -6.05 9.06 11.86
C SER A 96 -5.04 7.93 11.67
N ALA A 97 -4.51 7.81 10.47
CA ALA A 97 -3.53 6.77 10.15
C ALA A 97 -2.27 6.94 10.99
N GLN A 98 -1.78 8.18 11.07
CA GLN A 98 -0.57 8.47 11.83
C GLN A 98 -0.71 7.96 13.27
N GLN A 99 -1.88 8.19 13.86
CA GLN A 99 -2.14 7.74 15.22
C GLN A 99 -2.35 6.23 15.26
N ALA A 100 -2.86 5.69 14.14
CA ALA A 100 -3.10 4.27 14.04
C ALA A 100 -1.78 3.51 13.98
N ILE A 101 -0.96 3.87 12.99
CA ILE A 101 0.34 3.24 12.81
C ILE A 101 1.23 3.47 14.02
N ALA A 102 0.98 4.56 14.73
CA ALA A 102 1.76 4.91 15.92
C ALA A 102 1.43 4.02 17.10
N GLY A 103 0.14 3.69 17.24
CA GLY A 103 -0.28 2.85 18.35
C GLY A 103 -0.82 1.50 17.91
N LEU A 104 -0.60 1.13 16.66
CA LEU A 104 -1.09 -0.15 16.16
C LEU A 104 -0.03 -0.90 15.37
N ASN A 105 0.78 -0.18 14.60
CA ASN A 105 1.83 -0.81 13.81
C ASN A 105 2.74 -1.63 14.73
N GLY A 106 2.83 -2.93 14.46
CA GLY A 106 3.66 -3.78 15.28
C GLY A 106 3.19 -3.84 16.72
N PHE A 107 1.94 -3.41 16.98
CA PHE A 107 1.40 -3.42 18.33
C PHE A 107 1.56 -4.81 18.95
N ASN A 108 2.70 -5.04 19.58
CA ASN A 108 2.99 -6.32 20.19
C ASN A 108 2.22 -6.51 21.50
N ILE A 109 1.00 -7.00 21.40
CA ILE A 109 0.19 -7.25 22.59
C ILE A 109 0.65 -8.55 23.25
N LEU A 110 0.30 -8.73 24.51
CA LEU A 110 0.72 -9.90 25.28
C LEU A 110 0.46 -11.23 24.56
N ASN A 111 -0.44 -11.24 23.59
CA ASN A 111 -0.74 -12.47 22.87
C ASN A 111 -0.19 -12.48 21.45
N LYS A 112 -0.32 -11.36 20.75
CA LYS A 112 0.15 -11.27 19.36
C LYS A 112 0.75 -9.90 19.03
N ARG A 113 1.06 -9.70 17.75
CA ARG A 113 1.61 -8.43 17.28
C ARG A 113 0.78 -7.91 16.12
N LEU A 114 0.12 -6.78 16.33
CA LEU A 114 -0.72 -6.20 15.29
C LEU A 114 0.12 -5.46 14.28
N LYS A 115 0.33 -6.08 13.12
CA LYS A 115 1.12 -5.47 12.06
C LYS A 115 0.25 -4.61 11.16
N VAL A 116 0.58 -3.32 11.08
CA VAL A 116 -0.19 -2.40 10.25
C VAL A 116 0.73 -1.64 9.30
N ALA A 117 0.45 -1.73 8.01
CA ALA A 117 1.24 -1.05 6.99
C ALA A 117 0.35 -0.35 5.97
N LEU A 118 0.71 0.88 5.62
CA LEU A 118 -0.06 1.65 4.65
C LEU A 118 -0.01 0.99 3.28
N ALA A 119 -1.14 1.02 2.57
CA ALA A 119 -1.24 0.41 1.25
C ALA A 119 -0.17 0.94 0.30
N ALA A 120 0.28 2.18 0.54
CA ALA A 120 1.29 2.80 -0.30
C ALA A 120 0.76 3.06 -1.70
N SER A 121 1.50 3.84 -2.48
CA SER A 121 1.10 4.16 -3.84
C SER A 121 1.89 3.34 -4.86
N GLY A 122 1.30 2.23 -5.29
CA GLY A 122 1.96 1.37 -6.27
C GLY A 122 1.02 0.91 -7.36
N HIS A 123 1.10 1.56 -8.52
CA HIS A 123 0.26 1.21 -9.65
C HIS A 123 0.49 -0.23 -10.07
N GLN A 124 1.76 -0.61 -10.20
CA GLN A 124 2.12 -1.96 -10.60
C GLN A 124 3.52 -2.32 -10.14
N ARG A 125 4.47 -1.45 -10.45
CA ARG A 125 5.87 -1.67 -10.05
C ARG A 125 6.61 -0.34 -9.92
N PRO A 126 6.92 0.08 -8.68
CA PRO A 126 7.63 1.33 -8.42
C PRO A 126 9.07 1.28 -8.91
N GLY A 127 9.70 0.12 -8.78
CA GLY A 127 11.08 -0.03 -9.22
C GLY A 127 11.94 -0.73 -8.19
N ILE A 128 12.00 -2.06 -8.28
CA ILE A 128 12.80 -2.85 -7.35
C ILE A 128 14.23 -3.03 -7.86
N ALA A 129 15.17 -3.19 -6.93
CA ALA A 129 16.56 -3.37 -7.29
C ALA A 129 17.10 -2.16 -8.04
N GLY A 130 18.32 -2.27 -8.55
CA GLY A 130 18.92 -1.18 -9.28
C GLY A 130 20.43 -1.13 -9.12
N ALA A 131 21.04 -0.06 -9.64
CA ALA A 131 22.49 0.10 -9.54
C ALA A 131 23.22 -1.05 -10.21
N VAL A 132 23.35 -0.98 -11.53
CA VAL A 132 24.02 -2.01 -12.30
C VAL A 132 23.23 -3.32 -12.30
N GLY A 133 23.15 -3.95 -11.14
CA GLY A 133 22.42 -5.20 -11.02
C GLY A 133 22.95 -6.28 -11.93
N ASP A 134 23.66 -7.24 -11.35
CA ASP A 134 24.24 -8.34 -12.11
C ASP A 134 23.52 -9.65 -11.81
N GLY A 135 23.94 -10.72 -12.49
CA GLY A 135 23.32 -12.01 -12.28
C GLY A 135 24.30 -13.16 -12.51
N ASN A 136 25.47 -13.07 -11.89
CA ASN A 136 26.49 -14.10 -12.02
C ASN A 136 26.75 -14.79 -10.69
N GLY A 137 27.08 -13.98 -9.68
CA GLY A 137 27.35 -14.53 -8.36
C GLY A 137 28.59 -15.39 -8.34
N TYR A 138 28.41 -16.69 -8.10
CA TYR A 138 29.53 -17.64 -8.05
C TYR A 138 30.40 -17.38 -6.82
N LEU A 139 31.08 -16.23 -6.82
CA LEU A 139 31.95 -15.87 -5.71
C LEU A 139 33.08 -16.87 -5.55
N MET A 1 52.48 -49.93 -2.90
CA MET A 1 53.41 -48.87 -3.36
C MET A 1 52.71 -47.87 -4.26
N SER A 2 51.44 -47.60 -3.97
CA SER A 2 50.65 -46.65 -4.75
C SER A 2 50.00 -45.60 -3.85
N GLN A 3 50.59 -44.41 -3.82
CA GLN A 3 50.08 -43.32 -3.01
C GLN A 3 50.50 -41.97 -3.58
N ILE A 4 49.92 -40.91 -3.05
CA ILE A 4 50.22 -39.55 -3.50
C ILE A 4 50.61 -38.65 -2.33
N PRO A 5 51.80 -38.88 -1.73
CA PRO A 5 52.27 -38.09 -0.60
C PRO A 5 52.70 -36.68 -1.01
N LEU A 6 51.73 -35.91 -1.49
CA LEU A 6 51.99 -34.54 -1.92
C LEU A 6 50.82 -33.63 -1.60
N VAL A 7 50.19 -33.86 -0.44
CA VAL A 7 49.06 -33.07 -0.01
C VAL A 7 49.47 -32.04 1.04
N SER A 8 49.37 -30.76 0.70
CA SER A 8 49.74 -29.69 1.62
C SER A 8 48.60 -29.39 2.59
N GLN A 9 48.85 -28.52 3.55
CA GLN A 9 47.86 -28.16 4.55
C GLN A 9 47.01 -26.99 4.07
N TYR A 10 45.70 -27.17 4.07
CA TYR A 10 44.77 -26.13 3.63
C TYR A 10 45.03 -25.76 2.17
N ASP A 11 44.25 -26.35 1.27
CA ASP A 11 44.41 -26.08 -0.16
C ASP A 11 43.31 -25.13 -0.64
N PRO A 12 43.58 -23.81 -0.67
CA PRO A 12 42.60 -22.82 -1.12
C PRO A 12 42.32 -22.92 -2.61
N TYR A 13 43.28 -23.43 -3.37
CA TYR A 13 43.13 -23.58 -4.81
C TYR A 13 42.22 -24.76 -5.13
N GLY A 14 40.92 -24.47 -5.29
CA GLY A 14 39.97 -25.51 -5.61
C GLY A 14 38.57 -25.19 -5.09
N GLN A 15 38.14 -23.95 -5.31
CA GLN A 15 36.83 -23.52 -4.85
C GLN A 15 36.10 -22.75 -5.95
N THR A 16 36.81 -21.81 -6.58
CA THR A 16 36.24 -21.01 -7.65
C THR A 16 35.74 -21.88 -8.79
N ALA A 17 34.63 -21.48 -9.39
CA ALA A 17 34.04 -22.23 -10.50
C ALA A 17 33.64 -21.31 -11.64
N GLN A 18 32.96 -20.21 -11.29
CA GLN A 18 32.52 -19.25 -12.29
C GLN A 18 32.01 -17.97 -11.62
N LEU A 19 32.39 -16.82 -12.16
CA LEU A 19 31.97 -15.54 -11.62
C LEU A 19 30.49 -15.30 -11.88
N GLN A 20 30.09 -15.41 -13.14
CA GLN A 20 28.70 -15.19 -13.53
C GLN A 20 28.24 -13.79 -13.17
N GLN A 21 28.85 -12.80 -13.82
CA GLN A 21 28.50 -11.40 -13.56
C GLN A 21 27.78 -10.80 -14.77
N LEU A 22 26.56 -10.31 -14.54
CA LEU A 22 25.77 -9.71 -15.61
C LEU A 22 25.68 -8.20 -15.43
N GLN A 23 25.61 -7.48 -16.55
CA GLN A 23 25.53 -6.02 -16.51
C GLN A 23 24.92 -5.48 -17.81
N GLN A 24 25.62 -5.71 -18.92
CA GLN A 24 25.15 -5.25 -20.22
C GLN A 24 25.00 -3.73 -20.24
N GLN A 25 25.86 -3.05 -19.47
CA GLN A 25 25.83 -1.59 -19.41
C GLN A 25 24.49 -1.10 -18.87
N GLN A 26 24.31 0.22 -18.86
CA GLN A 26 23.07 0.82 -18.38
C GLN A 26 22.39 1.63 -19.48
N GLN A 27 21.22 1.16 -19.92
CA GLN A 27 20.47 1.84 -20.96
C GLN A 27 19.08 2.22 -20.47
N GLN A 28 18.89 3.51 -20.20
CA GLN A 28 17.59 4.00 -19.72
C GLN A 28 17.26 3.41 -18.35
N HIS A 29 16.77 2.17 -18.35
CA HIS A 29 16.40 1.49 -17.12
C HIS A 29 15.27 2.22 -16.40
N ILE A 30 14.26 1.47 -15.99
CA ILE A 30 13.11 2.04 -15.28
C ILE A 30 12.69 1.17 -14.11
N PRO A 31 13.56 1.00 -13.10
CA PRO A 31 13.26 0.19 -11.92
C PRO A 31 12.09 0.75 -11.11
N PRO A 32 11.45 -0.09 -10.28
CA PRO A 32 10.33 0.35 -9.45
C PRO A 32 10.69 1.52 -8.55
N THR A 33 10.57 2.73 -9.08
CA THR A 33 10.88 3.94 -8.32
C THR A 33 9.75 4.95 -8.40
N GLN A 34 9.84 6.00 -7.59
CA GLN A 34 8.82 7.05 -7.57
C GLN A 34 7.48 6.49 -7.07
N MET A 35 7.23 6.67 -5.78
CA MET A 35 5.99 6.19 -5.17
C MET A 35 5.01 7.34 -4.97
N ASN A 36 5.54 8.54 -4.77
CA ASN A 36 4.71 9.73 -4.56
C ASN A 36 3.87 9.58 -3.29
N PRO A 37 4.50 9.75 -2.11
CA PRO A 37 3.80 9.64 -0.82
C PRO A 37 2.62 10.59 -0.72
N GLU A 38 1.47 10.16 -1.23
CA GLU A 38 0.26 10.99 -1.20
C GLU A 38 -0.40 10.91 0.17
N PRO A 39 -0.85 12.06 0.71
CA PRO A 39 -1.50 12.11 2.02
C PRO A 39 -2.94 11.59 1.98
N ASP A 40 -3.57 11.70 0.81
CA ASP A 40 -4.94 11.24 0.63
C ASP A 40 -5.03 9.74 0.80
N VAL A 41 -3.95 9.03 0.48
CA VAL A 41 -3.92 7.57 0.60
C VAL A 41 -3.17 7.14 1.85
N LEU A 42 -3.20 7.98 2.88
CA LEU A 42 -2.52 7.67 4.13
C LEU A 42 -3.43 6.88 5.07
N ARG A 43 -4.73 7.17 4.99
CA ARG A 43 -5.71 6.49 5.83
C ARG A 43 -5.80 5.00 5.50
N ASN A 44 -5.21 4.59 4.38
CA ASN A 44 -5.23 3.20 3.98
C ASN A 44 -4.26 2.38 4.83
N LEU A 45 -4.80 1.60 5.75
CA LEU A 45 -3.97 0.79 6.64
C LEU A 45 -4.11 -0.70 6.35
N MET A 46 -2.97 -1.33 6.02
CA MET A 46 -2.95 -2.76 5.76
C MET A 46 -2.66 -3.48 7.06
N VAL A 47 -3.66 -4.18 7.60
CA VAL A 47 -3.51 -4.84 8.87
C VAL A 47 -3.32 -6.34 8.75
N ASN A 48 -2.33 -6.85 9.48
CA ASN A 48 -2.02 -8.27 9.52
C ASN A 48 -1.88 -8.70 10.97
N TYR A 49 -2.49 -9.82 11.32
CA TYR A 49 -2.46 -10.32 12.69
C TYR A 49 -2.90 -11.77 12.74
N ILE A 50 -4.12 -12.01 12.28
CA ILE A 50 -4.69 -13.35 12.28
C ILE A 50 -4.66 -13.94 10.87
N PRO A 51 -4.52 -15.27 10.74
CA PRO A 51 -4.50 -15.93 9.46
C PRO A 51 -5.91 -16.32 8.99
N THR A 52 -6.36 -17.51 9.36
CA THR A 52 -7.69 -17.98 8.99
C THR A 52 -8.76 -17.34 9.87
N THR A 53 -8.35 -16.81 11.03
CA THR A 53 -9.27 -16.18 11.96
C THR A 53 -9.29 -14.66 11.82
N VAL A 54 -8.75 -14.15 10.71
CA VAL A 54 -8.70 -12.72 10.47
C VAL A 54 -10.11 -12.17 10.23
N ASP A 55 -10.62 -11.43 11.21
CA ASP A 55 -11.95 -10.85 11.11
C ASP A 55 -11.89 -9.33 11.07
N GLU A 56 -12.62 -8.73 10.14
CA GLU A 56 -12.66 -7.27 10.02
C GLU A 56 -13.24 -6.66 11.29
N VAL A 57 -14.02 -7.46 12.02
CA VAL A 57 -14.65 -7.01 13.27
C VAL A 57 -13.64 -6.88 14.39
N GLN A 58 -12.93 -7.97 14.68
CA GLN A 58 -11.92 -7.95 15.74
C GLN A 58 -10.94 -6.82 15.47
N LEU A 59 -10.64 -6.63 14.19
CA LEU A 59 -9.74 -5.58 13.76
C LEU A 59 -10.48 -4.23 13.74
N ARG A 60 -11.79 -4.30 13.54
CA ARG A 60 -12.64 -3.12 13.51
C ARG A 60 -12.56 -2.37 14.81
N GLN A 61 -12.85 -3.06 15.90
CA GLN A 61 -12.81 -2.44 17.22
C GLN A 61 -11.38 -2.13 17.64
N LEU A 62 -10.49 -3.08 17.41
CA LEU A 62 -9.09 -2.93 17.76
C LEU A 62 -8.44 -1.77 17.01
N PHE A 63 -8.67 -1.71 15.71
CA PHE A 63 -8.07 -0.65 14.89
C PHE A 63 -8.89 0.63 14.92
N GLU A 64 -10.21 0.53 14.70
CA GLU A 64 -11.04 1.73 14.73
C GLU A 64 -10.86 2.49 16.04
N ARG A 65 -10.46 1.77 17.10
CA ARG A 65 -10.24 2.39 18.39
C ARG A 65 -9.25 3.54 18.28
N TYR A 66 -8.12 3.29 17.64
CA TYR A 66 -7.09 4.31 17.46
C TYR A 66 -7.42 5.24 16.30
N GLY A 67 -8.43 4.88 15.50
CA GLY A 67 -8.81 5.69 14.38
C GLY A 67 -10.04 5.15 13.70
N PRO A 68 -11.22 5.74 13.97
CA PRO A 68 -12.47 5.29 13.38
C PRO A 68 -12.35 5.02 11.89
N ILE A 69 -12.61 3.78 11.50
CA ILE A 69 -12.51 3.37 10.10
C ILE A 69 -13.75 3.78 9.33
N GLU A 70 -13.55 4.12 8.07
CA GLU A 70 -14.64 4.53 7.20
C GLU A 70 -14.96 3.39 6.26
N SER A 71 -13.90 2.83 5.68
CA SER A 71 -14.04 1.69 4.80
C SER A 71 -13.03 0.63 5.21
N VAL A 72 -13.53 -0.42 5.82
CA VAL A 72 -12.70 -1.53 6.28
C VAL A 72 -13.01 -2.80 5.50
N LYS A 73 -11.96 -3.54 5.20
CA LYS A 73 -12.08 -4.79 4.46
C LYS A 73 -10.90 -5.70 4.76
N ILE A 74 -11.01 -6.97 4.42
CA ILE A 74 -9.93 -7.93 4.65
C ILE A 74 -9.34 -8.41 3.33
N VAL A 75 -8.03 -8.65 3.33
CA VAL A 75 -7.34 -9.14 2.14
C VAL A 75 -7.25 -10.66 2.15
N CYS A 76 -8.14 -11.30 1.39
CA CYS A 76 -8.18 -12.75 1.31
C CYS A 76 -7.06 -13.28 0.43
N ASP A 77 -6.98 -14.60 0.32
CA ASP A 77 -5.97 -15.25 -0.49
C ASP A 77 -6.42 -15.35 -1.94
N ARG A 78 -5.60 -14.82 -2.86
CA ARG A 78 -5.93 -14.86 -4.27
C ARG A 78 -5.77 -16.26 -4.86
N GLU A 79 -5.20 -17.17 -4.07
CA GLU A 79 -4.99 -18.54 -4.53
C GLU A 79 -6.28 -19.36 -4.43
N THR A 80 -6.91 -19.32 -3.26
CA THR A 80 -8.15 -20.07 -3.04
C THR A 80 -9.33 -19.13 -2.74
N ARG A 81 -9.09 -17.82 -2.83
CA ARG A 81 -10.14 -16.84 -2.57
C ARG A 81 -10.77 -17.08 -1.21
N GLN A 82 -9.98 -17.59 -0.27
CA GLN A 82 -10.47 -17.86 1.08
C GLN A 82 -10.09 -16.74 2.04
N SER A 83 -10.93 -16.51 3.04
CA SER A 83 -10.68 -15.46 4.01
C SER A 83 -9.42 -15.78 4.83
N ARG A 84 -8.33 -15.09 4.48
CA ARG A 84 -7.06 -15.31 5.17
C ARG A 84 -6.06 -14.21 4.81
N GLY A 85 -4.79 -14.45 5.14
CA GLY A 85 -3.75 -13.49 4.84
C GLY A 85 -3.71 -12.34 5.82
N TYR A 86 -4.56 -11.36 5.60
CA TYR A 86 -4.60 -10.19 6.46
C TYR A 86 -5.79 -9.31 6.11
N GLY A 87 -6.00 -8.25 6.89
CA GLY A 87 -7.10 -7.36 6.63
C GLY A 87 -6.67 -5.96 6.24
N PHE A 88 -7.64 -5.06 6.17
CA PHE A 88 -7.40 -3.68 5.80
C PHE A 88 -8.38 -2.78 6.55
N VAL A 89 -7.94 -1.57 6.87
CA VAL A 89 -8.80 -0.63 7.58
C VAL A 89 -8.54 0.80 7.12
N LYS A 90 -9.50 1.38 6.41
CA LYS A 90 -9.37 2.74 5.92
C LYS A 90 -9.95 3.72 6.94
N PHE A 91 -9.08 4.49 7.58
CA PHE A 91 -9.51 5.44 8.58
C PHE A 91 -10.20 6.63 7.90
N GLN A 92 -11.12 7.25 8.64
CA GLN A 92 -11.89 8.37 8.10
C GLN A 92 -11.02 9.45 7.48
N SER A 93 -9.77 9.54 7.91
CA SER A 93 -8.86 10.54 7.37
C SER A 93 -7.41 10.11 7.49
N GLY A 94 -6.62 10.43 6.47
CA GLY A 94 -5.21 10.07 6.48
C GLY A 94 -4.53 10.52 7.75
N SER A 95 -5.07 11.58 8.36
CA SER A 95 -4.51 12.11 9.60
C SER A 95 -4.66 11.09 10.72
N SER A 96 -5.63 10.18 10.59
CA SER A 96 -5.86 9.16 11.60
C SER A 96 -4.83 8.04 11.47
N ALA A 97 -4.35 7.83 10.24
CA ALA A 97 -3.36 6.78 9.98
C ALA A 97 -2.13 6.97 10.87
N GLN A 98 -1.68 8.21 10.97
CA GLN A 98 -0.52 8.53 11.79
C GLN A 98 -0.73 8.05 13.22
N GLN A 99 -1.96 8.16 13.70
CA GLN A 99 -2.32 7.73 15.04
C GLN A 99 -2.36 6.20 15.10
N ALA A 100 -2.76 5.58 14.01
CA ALA A 100 -2.84 4.14 13.92
C ALA A 100 -1.43 3.54 13.92
N ILE A 101 -0.64 3.97 12.96
CA ILE A 101 0.73 3.50 12.83
C ILE A 101 1.53 3.82 14.09
N ALA A 102 1.13 4.87 14.80
CA ALA A 102 1.81 5.29 16.01
C ALA A 102 1.55 4.36 17.19
N GLY A 103 0.32 3.86 17.32
CA GLY A 103 0.00 2.99 18.43
C GLY A 103 -0.63 1.67 18.01
N LEU A 104 -0.47 1.29 16.75
CA LEU A 104 -1.03 0.04 16.27
C LEU A 104 -0.02 -0.73 15.40
N ASN A 105 0.76 -0.01 14.63
CA ASN A 105 1.75 -0.64 13.76
C ASN A 105 2.68 -1.51 14.60
N GLY A 106 2.73 -2.80 14.27
CA GLY A 106 3.57 -3.72 15.00
C GLY A 106 3.19 -3.83 16.46
N PHE A 107 1.97 -3.40 16.82
CA PHE A 107 1.51 -3.49 18.21
C PHE A 107 1.68 -4.92 18.71
N ASN A 108 2.82 -5.20 19.31
CA ASN A 108 3.12 -6.53 19.81
C ASN A 108 2.24 -6.90 21.00
N ILE A 109 1.13 -7.58 20.71
CA ILE A 109 0.22 -8.02 21.75
C ILE A 109 0.71 -9.35 22.35
N LEU A 110 0.22 -9.69 23.52
CA LEU A 110 0.63 -10.89 24.24
C LEU A 110 0.61 -12.16 23.39
N ASN A 111 -0.20 -12.21 22.33
CA ASN A 111 -0.27 -13.42 21.50
C ASN A 111 0.22 -13.19 20.08
N LYS A 112 -0.02 -12.01 19.53
CA LYS A 112 0.40 -11.69 18.17
C LYS A 112 0.88 -10.25 18.02
N ARG A 113 1.07 -9.81 16.78
CA ARG A 113 1.54 -8.46 16.51
C ARG A 113 0.62 -7.75 15.51
N LEU A 114 0.00 -6.67 15.97
CA LEU A 114 -0.90 -5.90 15.11
C LEU A 114 -0.08 -5.15 14.06
N LYS A 115 0.24 -5.83 12.97
CA LYS A 115 1.03 -5.22 11.90
C LYS A 115 0.14 -4.36 11.00
N VAL A 116 0.46 -3.08 10.94
CA VAL A 116 -0.29 -2.15 10.10
C VAL A 116 0.64 -1.40 9.15
N ALA A 117 0.35 -1.49 7.86
CA ALA A 117 1.18 -0.83 6.86
C ALA A 117 0.33 -0.05 5.86
N LEU A 118 0.73 1.18 5.55
CA LEU A 118 0.01 2.02 4.62
C LEU A 118 0.05 1.42 3.21
N ALA A 119 -1.13 1.27 2.61
CA ALA A 119 -1.23 0.71 1.27
C ALA A 119 -0.58 1.64 0.24
N ALA A 120 -1.00 2.90 0.24
CA ALA A 120 -0.45 3.89 -0.69
C ALA A 120 -0.78 3.52 -2.13
N SER A 121 -0.01 2.60 -2.69
CA SER A 121 -0.21 2.16 -4.06
C SER A 121 0.32 0.75 -4.27
N GLY A 122 0.28 -0.06 -3.21
CA GLY A 122 0.76 -1.43 -3.30
C GLY A 122 2.26 -1.50 -3.48
N HIS A 123 2.80 -2.71 -3.46
CA HIS A 123 4.24 -2.93 -3.62
C HIS A 123 5.05 -1.96 -2.77
N GLN A 124 4.57 -1.70 -1.56
CA GLN A 124 5.24 -0.78 -0.64
C GLN A 124 6.53 -1.41 -0.10
N ARG A 125 7.24 -0.66 0.73
CA ARG A 125 8.48 -1.14 1.33
C ARG A 125 8.27 -2.45 2.08
N PRO A 126 8.78 -3.57 1.53
CA PRO A 126 8.65 -4.89 2.16
C PRO A 126 9.58 -5.07 3.36
N GLY A 127 10.83 -4.63 3.20
CA GLY A 127 11.79 -4.76 4.28
C GLY A 127 12.98 -5.62 3.88
N ILE A 128 14.00 -4.98 3.32
CA ILE A 128 15.20 -5.70 2.90
C ILE A 128 14.90 -6.67 1.78
N ALA A 129 15.89 -6.93 0.93
CA ALA A 129 15.72 -7.85 -0.19
C ALA A 129 15.34 -9.24 0.30
N GLY A 130 14.56 -9.96 -0.52
CA GLY A 130 14.15 -11.30 -0.15
C GLY A 130 14.89 -12.38 -0.92
N ALA A 131 14.18 -13.02 -1.84
CA ALA A 131 14.78 -14.07 -2.65
C ALA A 131 15.30 -15.22 -1.78
N VAL A 132 14.61 -15.46 -0.67
CA VAL A 132 14.99 -16.52 0.25
C VAL A 132 13.84 -17.51 0.46
N GLY A 133 13.90 -18.63 -0.24
CA GLY A 133 12.86 -19.64 -0.12
C GLY A 133 13.16 -20.88 -0.94
N ASP A 134 13.68 -20.68 -2.14
CA ASP A 134 14.01 -21.79 -3.03
C ASP A 134 15.51 -22.11 -2.97
N GLY A 135 15.85 -23.36 -3.24
CA GLY A 135 17.25 -23.76 -3.23
C GLY A 135 17.83 -23.93 -4.62
N ASN A 136 18.40 -22.85 -5.15
CA ASN A 136 19.00 -22.87 -6.48
C ASN A 136 20.48 -22.52 -6.42
N GLY A 137 21.33 -23.54 -6.33
CA GLY A 137 22.76 -23.31 -6.27
C GLY A 137 23.53 -24.27 -7.15
N TYR A 138 23.55 -25.55 -6.76
CA TYR A 138 24.27 -26.57 -7.52
C TYR A 138 23.29 -27.40 -8.34
N LEU A 139 22.09 -27.59 -7.82
CA LEU A 139 21.06 -28.37 -8.51
C LEU A 139 21.52 -29.81 -8.70
N MET A 1 -11.29 -39.81 -59.04
CA MET A 1 -12.32 -39.24 -58.14
C MET A 1 -12.00 -39.50 -56.67
N SER A 2 -10.70 -39.57 -56.36
CA SER A 2 -10.26 -39.83 -54.99
C SER A 2 -10.30 -38.54 -54.17
N GLN A 3 -11.28 -38.44 -53.27
CA GLN A 3 -11.41 -37.26 -52.42
C GLN A 3 -10.99 -37.58 -50.99
N ILE A 4 -10.16 -36.71 -50.42
CA ILE A 4 -9.67 -36.88 -49.06
C ILE A 4 -10.79 -36.66 -48.04
N PRO A 5 -11.25 -37.71 -47.36
CA PRO A 5 -12.32 -37.61 -46.36
C PRO A 5 -11.89 -36.82 -45.13
N LEU A 6 -12.70 -36.88 -44.08
CA LEU A 6 -12.40 -36.18 -42.84
C LEU A 6 -12.29 -34.67 -43.08
N VAL A 7 -13.36 -33.94 -42.77
CA VAL A 7 -13.37 -32.50 -42.95
C VAL A 7 -14.27 -31.82 -41.91
N SER A 8 -15.46 -32.37 -41.73
CA SER A 8 -16.41 -31.83 -40.77
C SER A 8 -17.42 -32.89 -40.34
N GLN A 9 -16.96 -33.85 -39.55
CA GLN A 9 -17.83 -34.93 -39.06
C GLN A 9 -18.01 -34.84 -37.55
N TYR A 10 -16.90 -34.66 -36.83
CA TYR A 10 -16.95 -34.56 -35.38
C TYR A 10 -17.52 -35.83 -34.77
N ASP A 11 -16.74 -36.92 -34.84
CA ASP A 11 -17.18 -38.20 -34.29
C ASP A 11 -16.78 -38.32 -32.82
N PRO A 12 -15.49 -38.09 -32.50
CA PRO A 12 -15.00 -38.18 -31.12
C PRO A 12 -15.82 -37.34 -30.16
N TYR A 13 -15.60 -37.54 -28.86
CA TYR A 13 -16.33 -36.81 -27.84
C TYR A 13 -15.36 -36.08 -26.91
N GLY A 14 -15.91 -35.40 -25.91
CA GLY A 14 -15.09 -34.67 -24.96
C GLY A 14 -15.81 -34.40 -23.64
N GLN A 15 -15.32 -33.42 -22.90
CA GLN A 15 -15.92 -33.06 -21.62
C GLN A 15 -17.01 -32.01 -21.80
N THR A 16 -16.87 -31.19 -22.83
CA THR A 16 -17.84 -30.14 -23.11
C THR A 16 -17.90 -29.13 -21.97
N ALA A 17 -17.20 -28.02 -22.13
CA ALA A 17 -17.17 -26.98 -21.11
C ALA A 17 -16.67 -25.66 -21.70
N GLN A 18 -17.55 -24.65 -21.70
CA GLN A 18 -17.21 -23.34 -22.22
C GLN A 18 -16.82 -22.39 -21.10
N LEU A 19 -16.03 -21.37 -21.44
CA LEU A 19 -15.59 -20.38 -20.45
C LEU A 19 -15.70 -18.96 -21.02
N GLN A 20 -16.65 -18.20 -20.51
CA GLN A 20 -16.85 -16.83 -20.96
C GLN A 20 -15.87 -15.89 -20.28
N GLN A 21 -15.05 -15.22 -21.08
CA GLN A 21 -14.06 -14.27 -20.57
C GLN A 21 -14.43 -12.84 -20.92
N LEU A 22 -14.78 -12.63 -22.19
CA LEU A 22 -15.16 -11.30 -22.67
C LEU A 22 -16.62 -11.27 -23.11
N GLN A 23 -17.45 -10.55 -22.36
CA GLN A 23 -18.87 -10.44 -22.68
C GLN A 23 -19.21 -9.03 -23.16
N GLN A 24 -20.49 -8.80 -23.45
CA GLN A 24 -20.95 -7.50 -23.92
C GLN A 24 -21.47 -6.66 -22.76
N GLN A 25 -20.72 -5.63 -22.41
CA GLN A 25 -21.11 -4.74 -21.32
C GLN A 25 -21.53 -3.37 -21.85
N GLN A 26 -22.13 -2.56 -20.97
CA GLN A 26 -22.58 -1.23 -21.36
C GLN A 26 -23.15 -0.48 -20.16
N GLN A 27 -23.96 -1.18 -19.37
CA GLN A 27 -24.57 -0.58 -18.19
C GLN A 27 -23.57 -0.50 -17.04
N GLN A 28 -23.07 -1.65 -16.62
CA GLN A 28 -22.11 -1.72 -15.52
C GLN A 28 -22.73 -1.22 -14.23
N HIS A 29 -22.38 -1.87 -13.12
CA HIS A 29 -22.90 -1.49 -11.81
C HIS A 29 -21.82 -0.80 -10.97
N ILE A 30 -20.83 -0.22 -11.63
CA ILE A 30 -19.75 0.47 -10.94
C ILE A 30 -19.10 -0.42 -9.88
N PRO A 31 -18.45 -1.52 -10.31
CA PRO A 31 -17.80 -2.46 -9.38
C PRO A 31 -16.54 -1.86 -8.74
N PRO A 32 -16.19 -2.33 -7.54
CA PRO A 32 -15.00 -1.82 -6.82
C PRO A 32 -13.74 -1.89 -7.67
N THR A 33 -13.48 -0.83 -8.41
CA THR A 33 -12.29 -0.77 -9.27
C THR A 33 -11.29 0.24 -8.73
N GLN A 34 -10.10 0.27 -9.34
CA GLN A 34 -9.05 1.19 -8.92
C GLN A 34 -9.52 2.64 -9.04
N MET A 35 -9.99 3.20 -7.92
CA MET A 35 -10.47 4.58 -7.91
C MET A 35 -9.30 5.56 -7.79
N ASN A 36 -8.39 5.51 -8.75
CA ASN A 36 -7.23 6.39 -8.77
C ASN A 36 -6.40 6.23 -7.49
N PRO A 37 -5.48 5.25 -7.48
CA PRO A 37 -4.63 4.99 -6.32
C PRO A 37 -3.61 6.09 -6.09
N GLU A 38 -4.01 7.13 -5.37
CA GLU A 38 -3.13 8.26 -5.08
C GLU A 38 -2.48 8.11 -3.71
N PRO A 39 -1.23 8.58 -3.55
CA PRO A 39 -0.49 8.49 -2.29
C PRO A 39 -1.23 9.19 -1.15
N ASP A 40 -2.16 10.08 -1.50
CA ASP A 40 -2.93 10.81 -0.50
C ASP A 40 -3.63 9.86 0.48
N VAL A 41 -3.83 8.61 0.04
CA VAL A 41 -4.49 7.62 0.88
C VAL A 41 -3.62 7.24 2.08
N LEU A 42 -3.45 8.19 3.00
CA LEU A 42 -2.64 7.95 4.19
C LEU A 42 -3.41 7.11 5.21
N ARG A 43 -4.72 7.28 5.22
CA ARG A 43 -5.58 6.55 6.16
C ARG A 43 -5.69 5.07 5.77
N ASN A 44 -5.08 4.68 4.65
CA ASN A 44 -5.13 3.29 4.20
C ASN A 44 -4.19 2.44 5.05
N LEU A 45 -4.76 1.61 5.92
CA LEU A 45 -3.96 0.76 6.79
C LEU A 45 -4.06 -0.71 6.42
N MET A 46 -2.92 -1.31 6.09
CA MET A 46 -2.86 -2.73 5.77
C MET A 46 -2.57 -3.48 7.05
N VAL A 47 -3.54 -4.26 7.51
CA VAL A 47 -3.38 -4.98 8.77
C VAL A 47 -3.10 -6.47 8.57
N ASN A 48 -2.09 -6.93 9.29
CA ASN A 48 -1.68 -8.33 9.28
C ASN A 48 -1.43 -8.78 10.70
N TYR A 49 -1.95 -9.95 11.04
CA TYR A 49 -1.81 -10.46 12.41
C TYR A 49 -2.10 -11.96 12.45
N ILE A 50 -3.33 -12.30 12.12
CA ILE A 50 -3.76 -13.69 12.12
C ILE A 50 -3.86 -14.24 10.69
N PRO A 51 -3.80 -15.56 10.53
CA PRO A 51 -3.89 -16.19 9.22
C PRO A 51 -5.34 -16.26 8.72
N THR A 52 -5.98 -17.42 8.85
CA THR A 52 -7.37 -17.57 8.41
C THR A 52 -8.34 -16.96 9.44
N THR A 53 -7.80 -16.53 10.58
CA THR A 53 -8.61 -15.95 11.64
C THR A 53 -8.70 -14.43 11.50
N VAL A 54 -8.32 -13.90 10.35
CA VAL A 54 -8.37 -12.46 10.12
C VAL A 54 -9.81 -11.97 10.06
N ASP A 55 -10.23 -11.25 11.10
CA ASP A 55 -11.58 -10.72 11.16
C ASP A 55 -11.59 -9.20 11.12
N GLU A 56 -12.31 -8.64 10.15
CA GLU A 56 -12.41 -7.20 10.02
C GLU A 56 -12.98 -6.59 11.29
N VAL A 57 -13.72 -7.42 12.04
CA VAL A 57 -14.36 -7.00 13.29
C VAL A 57 -13.33 -6.75 14.38
N GLN A 58 -12.51 -7.75 14.69
CA GLN A 58 -11.49 -7.61 15.72
C GLN A 58 -10.64 -6.38 15.44
N LEU A 59 -10.36 -6.17 14.16
CA LEU A 59 -9.58 -5.02 13.74
C LEU A 59 -10.46 -3.76 13.71
N ARG A 60 -11.75 -3.98 13.51
CA ARG A 60 -12.71 -2.88 13.46
C ARG A 60 -12.73 -2.14 14.78
N GLN A 61 -12.98 -2.88 15.86
CA GLN A 61 -13.02 -2.29 17.18
C GLN A 61 -11.64 -1.86 17.64
N LEU A 62 -10.65 -2.70 17.35
CA LEU A 62 -9.28 -2.41 17.74
C LEU A 62 -8.70 -1.22 16.97
N PHE A 63 -8.96 -1.17 15.67
CA PHE A 63 -8.44 -0.07 14.86
C PHE A 63 -9.33 1.15 14.90
N GLU A 64 -10.65 0.95 14.74
CA GLU A 64 -11.56 2.09 14.78
C GLU A 64 -11.46 2.83 16.11
N ARG A 65 -11.11 2.10 17.18
CA ARG A 65 -10.99 2.73 18.49
C ARG A 65 -9.98 3.88 18.45
N TYR A 66 -8.80 3.61 17.91
CA TYR A 66 -7.76 4.63 17.80
C TYR A 66 -8.04 5.59 16.65
N GLY A 67 -9.03 5.25 15.83
CA GLY A 67 -9.38 6.08 14.71
C GLY A 67 -10.51 5.50 13.90
N PRO A 68 -11.74 6.02 14.05
CA PRO A 68 -12.90 5.52 13.34
C PRO A 68 -12.61 5.24 11.87
N ILE A 69 -12.70 3.97 11.50
CA ILE A 69 -12.44 3.54 10.14
C ILE A 69 -13.64 3.79 9.24
N GLU A 70 -13.38 4.09 7.98
CA GLU A 70 -14.43 4.37 7.02
C GLU A 70 -14.62 3.16 6.14
N SER A 71 -13.55 2.78 5.45
CA SER A 71 -13.60 1.60 4.62
C SER A 71 -12.76 0.51 5.24
N VAL A 72 -13.45 -0.46 5.81
CA VAL A 72 -12.82 -1.60 6.48
C VAL A 72 -13.00 -2.86 5.63
N LYS A 73 -11.91 -3.56 5.37
CA LYS A 73 -11.97 -4.78 4.56
C LYS A 73 -10.80 -5.71 4.85
N ILE A 74 -10.90 -6.95 4.40
CA ILE A 74 -9.83 -7.92 4.59
C ILE A 74 -9.32 -8.46 3.26
N VAL A 75 -8.01 -8.70 3.18
CA VAL A 75 -7.40 -9.24 1.98
C VAL A 75 -7.36 -10.76 2.04
N CYS A 76 -8.30 -11.40 1.36
CA CYS A 76 -8.40 -12.85 1.34
C CYS A 76 -7.24 -13.47 0.58
N ASP A 77 -7.16 -14.79 0.62
CA ASP A 77 -6.10 -15.52 -0.07
C ASP A 77 -6.51 -15.82 -1.51
N ARG A 78 -5.59 -15.55 -2.44
CA ARG A 78 -5.85 -15.79 -3.86
C ARG A 78 -5.89 -17.28 -4.19
N GLU A 79 -5.51 -18.12 -3.23
CA GLU A 79 -5.49 -19.56 -3.45
C GLU A 79 -6.90 -20.14 -3.39
N THR A 80 -7.62 -19.83 -2.32
CA THR A 80 -8.99 -20.32 -2.15
C THR A 80 -9.99 -19.18 -2.13
N ARG A 81 -9.51 -17.95 -2.20
CA ARG A 81 -10.38 -16.78 -2.17
C ARG A 81 -11.16 -16.73 -0.86
N GLN A 82 -10.53 -17.20 0.21
CA GLN A 82 -11.17 -17.21 1.53
C GLN A 82 -10.54 -16.20 2.47
N SER A 83 -11.16 -16.01 3.63
CA SER A 83 -10.66 -15.07 4.62
C SER A 83 -9.30 -15.53 5.15
N ARG A 84 -8.25 -14.80 4.78
CA ARG A 84 -6.90 -15.15 5.21
C ARG A 84 -5.92 -14.04 4.86
N GLY A 85 -4.64 -14.37 4.87
CA GLY A 85 -3.61 -13.40 4.54
C GLY A 85 -3.54 -12.25 5.52
N TYR A 86 -4.38 -11.24 5.29
CA TYR A 86 -4.40 -10.06 6.15
C TYR A 86 -5.58 -9.17 5.79
N GLY A 87 -5.77 -8.10 6.56
CA GLY A 87 -6.88 -7.20 6.29
C GLY A 87 -6.44 -5.80 5.90
N PHE A 88 -7.36 -5.06 5.29
CA PHE A 88 -7.13 -3.69 4.87
C PHE A 88 -8.14 -2.77 5.53
N VAL A 89 -7.66 -1.72 6.17
CA VAL A 89 -8.57 -0.79 6.85
C VAL A 89 -8.21 0.66 6.55
N LYS A 90 -9.17 1.38 5.99
CA LYS A 90 -8.97 2.78 5.64
C LYS A 90 -9.63 3.68 6.69
N PHE A 91 -8.82 4.44 7.40
CA PHE A 91 -9.33 5.34 8.43
C PHE A 91 -10.05 6.52 7.77
N GLN A 92 -10.98 7.12 8.49
CA GLN A 92 -11.76 8.23 7.95
C GLN A 92 -10.86 9.32 7.36
N SER A 93 -9.92 9.81 8.16
CA SER A 93 -9.02 10.85 7.70
C SER A 93 -7.57 10.40 7.79
N GLY A 94 -6.76 10.76 6.79
CA GLY A 94 -5.36 10.39 6.78
C GLY A 94 -4.68 10.75 8.08
N SER A 95 -5.20 11.78 8.75
CA SER A 95 -4.63 12.22 10.01
C SER A 95 -4.79 11.14 11.08
N SER A 96 -5.74 10.21 10.86
CA SER A 96 -5.97 9.13 11.80
C SER A 96 -4.91 8.04 11.63
N ALA A 97 -4.40 7.91 10.41
CA ALA A 97 -3.38 6.92 10.11
C ALA A 97 -2.18 7.08 11.03
N GLN A 98 -1.84 8.33 11.33
CA GLN A 98 -0.71 8.63 12.21
C GLN A 98 -0.90 7.99 13.58
N GLN A 99 -2.13 8.07 14.09
CA GLN A 99 -2.45 7.48 15.39
C GLN A 99 -2.49 5.96 15.30
N ALA A 100 -2.84 5.46 14.12
CA ALA A 100 -2.89 4.03 13.90
C ALA A 100 -1.48 3.44 13.88
N ILE A 101 -0.65 3.98 13.01
CA ILE A 101 0.73 3.52 12.90
C ILE A 101 1.47 3.70 14.22
N ALA A 102 1.02 4.67 15.01
CA ALA A 102 1.64 4.97 16.29
C ALA A 102 1.32 3.93 17.36
N GLY A 103 0.04 3.59 17.52
CA GLY A 103 -0.34 2.63 18.54
C GLY A 103 -1.01 1.38 18.00
N LEU A 104 -0.80 1.07 16.73
CA LEU A 104 -1.40 -0.11 16.13
C LEU A 104 -0.40 -0.88 15.27
N ASN A 105 0.44 -0.15 14.55
CA ASN A 105 1.43 -0.79 13.69
C ASN A 105 2.41 -1.57 14.56
N GLY A 106 2.49 -2.86 14.30
CA GLY A 106 3.38 -3.71 15.06
C GLY A 106 2.89 -3.94 16.48
N PHE A 107 1.63 -3.61 16.75
CA PHE A 107 1.06 -3.81 18.09
C PHE A 107 1.39 -5.21 18.60
N ASN A 108 2.51 -5.33 19.30
CA ASN A 108 2.96 -6.62 19.81
C ASN A 108 2.11 -7.11 20.98
N ILE A 109 1.01 -7.79 20.67
CA ILE A 109 0.15 -8.35 21.71
C ILE A 109 0.65 -9.74 22.09
N LEU A 110 0.23 -10.23 23.25
CA LEU A 110 0.69 -11.52 23.75
C LEU A 110 0.55 -12.64 22.73
N ASN A 111 -0.51 -12.63 21.95
CA ASN A 111 -0.73 -13.68 20.96
C ASN A 111 0.11 -13.45 19.71
N LYS A 112 -0.08 -12.29 19.08
CA LYS A 112 0.64 -11.94 17.86
C LYS A 112 0.97 -10.44 17.82
N ARG A 113 1.39 -9.97 16.65
CA ARG A 113 1.75 -8.57 16.47
C ARG A 113 0.92 -7.94 15.35
N LEU A 114 0.07 -6.98 15.72
CA LEU A 114 -0.78 -6.31 14.75
C LEU A 114 0.06 -5.44 13.82
N LYS A 115 0.49 -6.03 12.70
CA LYS A 115 1.30 -5.30 11.73
C LYS A 115 0.41 -4.44 10.84
N VAL A 116 0.65 -3.13 10.87
CA VAL A 116 -0.13 -2.20 10.06
C VAL A 116 0.78 -1.41 9.13
N ALA A 117 0.51 -1.49 7.83
CA ALA A 117 1.32 -0.77 6.85
C ALA A 117 0.45 0.07 5.92
N LEU A 118 0.93 1.25 5.58
CA LEU A 118 0.18 2.15 4.69
C LEU A 118 0.20 1.63 3.26
N ALA A 119 -0.97 1.30 2.75
CA ALA A 119 -1.10 0.78 1.39
C ALA A 119 -0.51 1.76 0.37
N ALA A 120 -0.65 3.05 0.67
CA ALA A 120 -0.13 4.09 -0.22
C ALA A 120 1.39 4.02 -0.32
N SER A 121 1.98 5.05 -0.92
CA SER A 121 3.43 5.11 -1.08
C SER A 121 3.93 6.55 -1.01
N GLY A 122 4.30 6.99 0.18
CA GLY A 122 4.79 8.35 0.34
C GLY A 122 6.29 8.40 0.54
N HIS A 123 6.74 9.18 1.52
CA HIS A 123 8.16 9.32 1.79
C HIS A 123 8.55 8.53 3.05
N GLN A 124 7.67 8.54 4.04
CA GLN A 124 7.93 7.82 5.28
C GLN A 124 8.05 6.32 5.04
N ARG A 125 9.09 5.72 5.60
CA ARG A 125 9.32 4.29 5.44
C ARG A 125 9.51 3.93 3.97
N PRO A 126 10.72 4.20 3.42
CA PRO A 126 11.02 3.90 2.02
C PRO A 126 11.14 2.40 1.76
N GLY A 127 10.15 1.85 1.05
CA GLY A 127 10.16 0.43 0.75
C GLY A 127 11.35 0.03 -0.10
N ILE A 128 12.47 -0.27 0.55
CA ILE A 128 13.68 -0.67 -0.15
C ILE A 128 13.53 -2.06 -0.75
N ALA A 129 14.03 -2.23 -1.98
CA ALA A 129 13.96 -3.52 -2.65
C ALA A 129 15.15 -4.39 -2.31
N GLY A 130 15.15 -5.62 -2.82
CA GLY A 130 16.24 -6.54 -2.56
C GLY A 130 16.66 -7.32 -3.79
N ALA A 131 15.80 -8.23 -4.23
CA ALA A 131 16.09 -9.05 -5.40
C ALA A 131 17.36 -9.88 -5.20
N VAL A 132 17.21 -11.02 -4.54
CA VAL A 132 18.34 -11.90 -4.28
C VAL A 132 17.94 -13.37 -4.45
N GLY A 133 18.93 -14.25 -4.44
CA GLY A 133 18.67 -15.66 -4.58
C GLY A 133 19.94 -16.50 -4.63
N ASP A 134 20.90 -16.14 -3.79
CA ASP A 134 22.17 -16.85 -3.74
C ASP A 134 22.29 -17.66 -2.44
N GLY A 135 21.16 -18.12 -1.93
CA GLY A 135 21.16 -18.89 -0.70
C GLY A 135 20.71 -18.07 0.50
N ASN A 136 19.59 -17.36 0.33
CA ASN A 136 19.06 -16.53 1.41
C ASN A 136 18.29 -17.38 2.40
N GLY A 137 19.00 -17.92 3.40
CA GLY A 137 18.35 -18.74 4.40
C GLY A 137 17.30 -17.99 5.19
N TYR A 138 16.49 -18.72 5.95
CA TYR A 138 15.44 -18.12 6.75
C TYR A 138 16.02 -17.32 7.91
N LEU A 139 17.17 -17.77 8.41
CA LEU A 139 17.84 -17.10 9.52
C LEU A 139 18.20 -15.65 9.15
N MET A 1 -4.76 -2.75 -26.35
CA MET A 1 -4.90 -3.49 -25.07
C MET A 1 -5.62 -2.63 -24.02
N SER A 2 -5.43 -1.32 -24.11
CA SER A 2 -6.05 -0.39 -23.18
C SER A 2 -6.28 0.97 -23.82
N GLN A 3 -5.19 1.61 -24.25
CA GLN A 3 -5.29 2.92 -24.90
C GLN A 3 -4.91 2.84 -26.37
N ILE A 4 -5.10 1.66 -26.96
CA ILE A 4 -4.79 1.45 -28.37
C ILE A 4 -3.34 1.81 -28.67
N PRO A 5 -2.43 0.83 -28.59
CA PRO A 5 -1.00 1.05 -28.85
C PRO A 5 -0.72 1.33 -30.32
N LEU A 6 0.17 2.29 -30.59
CA LEU A 6 0.53 2.66 -31.95
C LEU A 6 1.63 3.71 -31.95
N VAL A 7 2.81 3.32 -32.42
CA VAL A 7 3.94 4.23 -32.47
C VAL A 7 4.78 4.00 -33.73
N SER A 8 5.43 5.05 -34.21
CA SER A 8 6.25 4.96 -35.41
C SER A 8 7.68 4.54 -35.05
N GLN A 9 8.50 4.31 -36.08
CA GLN A 9 9.88 3.91 -35.88
C GLN A 9 10.84 4.99 -36.37
N TYR A 10 10.43 6.24 -36.21
CA TYR A 10 11.26 7.37 -36.63
C TYR A 10 11.49 8.34 -35.49
N ASP A 11 10.41 8.69 -34.78
CA ASP A 11 10.49 9.61 -33.66
C ASP A 11 9.16 9.66 -32.90
N PRO A 12 9.18 10.19 -31.66
CA PRO A 12 7.98 10.29 -30.83
C PRO A 12 6.99 11.32 -31.36
N TYR A 13 5.78 11.31 -30.82
CA TYR A 13 4.74 12.24 -31.24
C TYR A 13 4.03 12.84 -30.04
N GLY A 14 3.32 13.95 -30.27
CA GLY A 14 2.61 14.60 -29.19
C GLY A 14 2.36 16.07 -29.47
N GLN A 15 1.12 16.40 -29.85
CA GLN A 15 0.75 17.79 -30.14
C GLN A 15 0.43 18.54 -28.86
N THR A 16 -0.16 17.84 -27.90
CA THR A 16 -0.53 18.45 -26.62
C THR A 16 0.51 18.14 -25.55
N ALA A 17 0.33 18.72 -24.38
CA ALA A 17 1.25 18.51 -23.26
C ALA A 17 0.60 18.88 -21.94
N GLN A 18 -0.24 17.99 -21.43
CA GLN A 18 -0.93 18.22 -20.16
C GLN A 18 -0.03 17.87 -18.97
N LEU A 19 -0.31 18.47 -17.83
CA LEU A 19 0.47 18.22 -16.62
C LEU A 19 0.09 16.89 -15.99
N GLN A 20 0.84 15.84 -16.32
CA GLN A 20 0.58 14.51 -15.79
C GLN A 20 -0.81 14.03 -16.19
N GLN A 21 -0.86 13.15 -17.19
CA GLN A 21 -2.14 12.62 -17.67
C GLN A 21 -2.09 11.09 -17.71
N LEU A 22 -1.34 10.50 -16.79
CA LEU A 22 -1.20 9.04 -16.73
C LEU A 22 -0.61 8.49 -18.02
N GLN A 23 0.30 9.25 -18.62
CA GLN A 23 0.95 8.85 -19.86
C GLN A 23 2.30 8.20 -19.58
N GLN A 24 2.83 7.48 -20.56
CA GLN A 24 4.12 6.81 -20.42
C GLN A 24 5.13 7.36 -21.42
N GLN A 25 6.40 7.01 -21.22
CA GLN A 25 7.46 7.47 -22.10
C GLN A 25 8.65 6.52 -22.05
N GLN A 26 9.56 6.67 -23.02
CA GLN A 26 10.74 5.82 -23.09
C GLN A 26 11.82 6.32 -22.14
N GLN A 27 12.28 7.54 -22.36
CA GLN A 27 13.33 8.14 -21.52
C GLN A 27 12.86 8.23 -20.08
N GLN A 28 13.68 8.84 -19.23
CA GLN A 28 13.36 8.99 -17.82
C GLN A 28 12.70 10.34 -17.56
N HIS A 29 12.41 10.61 -16.29
CA HIS A 29 11.76 11.87 -15.90
C HIS A 29 12.04 12.19 -14.43
N ILE A 30 13.03 13.05 -14.19
CA ILE A 30 13.39 13.43 -12.84
C ILE A 30 12.60 14.63 -12.36
N PRO A 31 12.49 15.70 -13.18
CA PRO A 31 11.74 16.91 -12.80
C PRO A 31 10.29 16.62 -12.47
N PRO A 32 9.58 15.85 -13.33
CA PRO A 32 8.17 15.52 -13.10
C PRO A 32 7.96 14.76 -11.79
N THR A 33 9.01 14.10 -11.33
CA THR A 33 8.94 13.32 -10.09
C THR A 33 8.00 12.13 -10.24
N GLN A 34 8.51 11.04 -10.77
CA GLN A 34 7.71 9.83 -10.97
C GLN A 34 7.17 9.31 -9.65
N MET A 35 6.54 8.14 -9.67
CA MET A 35 5.97 7.54 -8.49
C MET A 35 4.75 8.32 -8.00
N ASN A 36 4.98 9.54 -7.55
CA ASN A 36 3.90 10.40 -7.06
C ASN A 36 3.17 9.74 -5.88
N PRO A 37 3.84 9.62 -4.73
CA PRO A 37 3.25 9.01 -3.54
C PRO A 37 2.17 9.89 -2.92
N GLU A 38 0.94 9.73 -3.39
CA GLU A 38 -0.19 10.52 -2.89
C GLU A 38 -0.42 10.24 -1.41
N PRO A 39 -0.12 11.21 -0.53
CA PRO A 39 -0.32 11.06 0.92
C PRO A 39 -1.77 10.81 1.29
N ASP A 40 -2.68 11.21 0.40
CA ASP A 40 -4.11 11.03 0.65
C ASP A 40 -4.46 9.58 0.94
N VAL A 41 -3.61 8.66 0.46
CA VAL A 41 -3.83 7.24 0.66
C VAL A 41 -3.07 6.73 1.88
N LEU A 42 -3.06 7.53 2.94
CA LEU A 42 -2.37 7.16 4.17
C LEU A 42 -3.32 6.48 5.15
N ARG A 43 -4.58 6.92 5.13
CA ARG A 43 -5.59 6.36 6.02
C ARG A 43 -5.79 4.87 5.78
N ASN A 44 -5.29 4.36 4.65
CA ASN A 44 -5.41 2.95 4.34
C ASN A 44 -4.45 2.13 5.19
N LEU A 45 -5.00 1.43 6.18
CA LEU A 45 -4.18 0.62 7.09
C LEU A 45 -4.32 -0.87 6.78
N MET A 46 -3.22 -1.49 6.39
CA MET A 46 -3.22 -2.93 6.09
C MET A 46 -2.87 -3.68 7.36
N VAL A 47 -3.84 -4.42 7.89
CA VAL A 47 -3.63 -5.16 9.14
C VAL A 47 -3.40 -6.64 8.89
N ASN A 48 -2.39 -7.17 9.56
CA ASN A 48 -2.04 -8.58 9.44
C ASN A 48 -1.65 -9.14 10.80
N TYR A 49 -2.17 -10.32 11.11
CA TYR A 49 -1.89 -10.97 12.37
C TYR A 49 -2.25 -12.45 12.29
N ILE A 50 -3.52 -12.71 12.03
CA ILE A 50 -4.02 -14.07 11.91
C ILE A 50 -4.27 -14.44 10.45
N PRO A 51 -4.00 -15.70 10.07
CA PRO A 51 -4.20 -16.17 8.69
C PRO A 51 -5.69 -16.29 8.33
N THR A 52 -6.26 -17.47 8.55
CA THR A 52 -7.67 -17.70 8.24
C THR A 52 -8.58 -17.11 9.31
N THR A 53 -8.01 -16.81 10.48
CA THR A 53 -8.79 -16.25 11.58
C THR A 53 -8.82 -14.73 11.53
N VAL A 54 -8.43 -14.15 10.40
CA VAL A 54 -8.42 -12.70 10.24
C VAL A 54 -9.85 -12.16 10.22
N ASP A 55 -10.20 -11.42 11.26
CA ASP A 55 -11.54 -10.85 11.37
C ASP A 55 -11.53 -9.34 11.32
N GLU A 56 -12.19 -8.78 10.31
CA GLU A 56 -12.29 -7.33 10.16
C GLU A 56 -12.84 -6.72 11.44
N VAL A 57 -13.58 -7.52 12.19
CA VAL A 57 -14.19 -7.09 13.45
C VAL A 57 -13.13 -6.87 14.52
N GLN A 58 -12.34 -7.91 14.78
CA GLN A 58 -11.28 -7.82 15.79
C GLN A 58 -10.46 -6.56 15.57
N LEU A 59 -10.12 -6.30 14.32
CA LEU A 59 -9.35 -5.11 13.96
C LEU A 59 -10.28 -3.89 13.91
N ARG A 60 -11.56 -4.14 13.63
CA ARG A 60 -12.55 -3.09 13.55
C ARG A 60 -12.58 -2.28 14.82
N GLN A 61 -12.77 -2.97 15.94
CA GLN A 61 -12.82 -2.29 17.24
C GLN A 61 -11.43 -1.89 17.69
N LEU A 62 -10.46 -2.78 17.51
CA LEU A 62 -9.09 -2.51 17.91
C LEU A 62 -8.49 -1.34 17.14
N PHE A 63 -8.71 -1.31 15.84
CA PHE A 63 -8.16 -0.25 15.01
C PHE A 63 -9.04 0.98 15.02
N GLU A 64 -10.34 0.80 14.78
CA GLU A 64 -11.24 1.96 14.78
C GLU A 64 -11.11 2.74 16.09
N ARG A 65 -10.68 2.05 17.15
CA ARG A 65 -10.52 2.70 18.45
C ARG A 65 -9.57 3.90 18.33
N TYR A 66 -8.40 3.65 17.76
CA TYR A 66 -7.39 4.71 17.59
C TYR A 66 -7.67 5.54 16.35
N GLY A 67 -8.64 5.11 15.54
CA GLY A 67 -8.96 5.84 14.33
C GLY A 67 -10.16 5.24 13.63
N PRO A 68 -11.36 5.80 13.86
CA PRO A 68 -12.59 5.30 13.24
C PRO A 68 -12.42 5.00 11.76
N ILE A 69 -12.70 3.77 11.39
CA ILE A 69 -12.57 3.33 9.99
C ILE A 69 -13.78 3.76 9.18
N GLU A 70 -13.55 4.08 7.92
CA GLU A 70 -14.61 4.51 7.03
C GLU A 70 -15.01 3.33 6.17
N SER A 71 -14.00 2.68 5.62
CA SER A 71 -14.22 1.51 4.81
C SER A 71 -13.19 0.45 5.17
N VAL A 72 -13.64 -0.56 5.88
CA VAL A 72 -12.78 -1.65 6.30
C VAL A 72 -13.09 -2.92 5.51
N LYS A 73 -12.03 -3.63 5.17
CA LYS A 73 -12.15 -4.87 4.42
C LYS A 73 -10.93 -5.75 4.66
N ILE A 74 -11.05 -7.05 4.37
CA ILE A 74 -9.94 -7.97 4.56
C ILE A 74 -9.36 -8.41 3.22
N VAL A 75 -8.05 -8.64 3.18
CA VAL A 75 -7.39 -9.08 1.96
C VAL A 75 -7.27 -10.59 1.94
N CYS A 76 -8.17 -11.24 1.20
CA CYS A 76 -8.18 -12.69 1.09
C CYS A 76 -7.25 -13.16 -0.02
N ASP A 77 -7.11 -14.47 -0.16
CA ASP A 77 -6.26 -15.06 -1.19
C ASP A 77 -7.00 -15.16 -2.52
N ARG A 78 -6.51 -14.47 -3.53
CA ARG A 78 -7.12 -14.49 -4.85
C ARG A 78 -6.90 -15.83 -5.55
N GLU A 79 -6.04 -16.66 -4.97
CA GLU A 79 -5.75 -17.98 -5.55
C GLU A 79 -6.92 -18.92 -5.37
N THR A 80 -7.42 -19.03 -4.14
CA THR A 80 -8.54 -19.91 -3.84
C THR A 80 -9.75 -19.12 -3.37
N ARG A 81 -9.67 -17.80 -3.43
CA ARG A 81 -10.77 -16.94 -3.00
C ARG A 81 -11.20 -17.26 -1.58
N GLN A 82 -10.24 -17.66 -0.76
CA GLN A 82 -10.52 -18.02 0.63
C GLN A 82 -10.09 -16.88 1.57
N SER A 83 -10.89 -16.62 2.59
CA SER A 83 -10.59 -15.57 3.56
C SER A 83 -9.32 -15.90 4.33
N ARG A 84 -8.26 -15.14 4.06
CA ARG A 84 -6.98 -15.37 4.71
C ARG A 84 -6.00 -14.23 4.42
N GLY A 85 -4.74 -14.47 4.72
CA GLY A 85 -3.71 -13.48 4.47
C GLY A 85 -3.69 -12.38 5.50
N TYR A 86 -4.54 -11.38 5.31
CA TYR A 86 -4.60 -10.26 6.23
C TYR A 86 -5.79 -9.36 5.90
N GLY A 87 -6.01 -8.34 6.73
CA GLY A 87 -7.11 -7.43 6.49
C GLY A 87 -6.66 -6.02 6.14
N PHE A 88 -7.62 -5.14 5.97
CA PHE A 88 -7.36 -3.74 5.63
C PHE A 88 -8.42 -2.84 6.26
N VAL A 89 -7.97 -1.82 6.96
CA VAL A 89 -8.88 -0.88 7.61
C VAL A 89 -8.63 0.54 7.13
N LYS A 90 -9.56 1.08 6.35
CA LYS A 90 -9.43 2.43 5.83
C LYS A 90 -9.99 3.44 6.82
N PHE A 91 -9.09 4.22 7.42
CA PHE A 91 -9.50 5.23 8.38
C PHE A 91 -10.15 6.41 7.67
N GLN A 92 -11.00 7.13 8.39
CA GLN A 92 -11.71 8.27 7.82
C GLN A 92 -10.76 9.25 7.13
N SER A 93 -9.76 9.73 7.87
CA SER A 93 -8.81 10.68 7.31
C SER A 93 -7.37 10.18 7.43
N GLY A 94 -6.52 10.56 6.48
CA GLY A 94 -5.14 10.14 6.51
C GLY A 94 -4.46 10.50 7.81
N SER A 95 -4.93 11.57 8.45
CA SER A 95 -4.38 12.01 9.72
C SER A 95 -4.56 10.93 10.79
N SER A 96 -5.58 10.09 10.60
CA SER A 96 -5.85 9.01 11.54
C SER A 96 -4.82 7.89 11.39
N ALA A 97 -4.29 7.74 10.19
CA ALA A 97 -3.30 6.71 9.91
C ALA A 97 -2.09 6.85 10.83
N GLN A 98 -1.63 8.09 10.99
CA GLN A 98 -0.48 8.36 11.86
C GLN A 98 -0.75 7.84 13.26
N GLN A 99 -2.00 7.94 13.69
CA GLN A 99 -2.39 7.47 15.02
C GLN A 99 -2.48 5.96 15.04
N ALA A 100 -2.88 5.37 13.92
CA ALA A 100 -2.99 3.93 13.81
C ALA A 100 -1.61 3.29 13.79
N ILE A 101 -0.79 3.73 12.85
CA ILE A 101 0.57 3.23 12.73
C ILE A 101 1.37 3.53 13.98
N ALA A 102 0.97 4.57 14.70
CA ALA A 102 1.66 5.00 15.92
C ALA A 102 1.35 4.06 17.09
N GLY A 103 0.10 3.63 17.21
CA GLY A 103 -0.26 2.75 18.31
C GLY A 103 -0.82 1.41 17.86
N LEU A 104 -0.57 1.04 16.62
CA LEU A 104 -1.07 -0.23 16.11
C LEU A 104 0.00 -0.98 15.31
N ASN A 105 0.83 -0.25 14.56
CA ASN A 105 1.88 -0.90 13.79
C ASN A 105 2.81 -1.65 14.73
N GLY A 106 2.94 -2.96 14.51
CA GLY A 106 3.79 -3.76 15.36
C GLY A 106 3.33 -3.75 16.81
N PHE A 107 2.05 -3.41 17.03
CA PHE A 107 1.49 -3.37 18.38
C PHE A 107 1.66 -4.73 19.05
N ASN A 108 2.90 -5.03 19.42
CA ASN A 108 3.24 -6.29 20.04
C ASN A 108 2.63 -6.41 21.44
N ILE A 109 1.36 -6.82 21.49
CA ILE A 109 0.69 -7.00 22.77
C ILE A 109 1.14 -8.32 23.40
N LEU A 110 0.92 -8.45 24.70
CA LEU A 110 1.35 -9.64 25.44
C LEU A 110 0.93 -10.95 24.78
N ASN A 111 -0.08 -10.91 23.92
CA ASN A 111 -0.55 -12.12 23.27
C ASN A 111 -0.13 -12.20 21.80
N LYS A 112 -0.24 -11.09 21.08
CA LYS A 112 0.10 -11.08 19.65
C LYS A 112 0.77 -9.78 19.23
N ARG A 113 0.99 -9.64 17.92
CA ARG A 113 1.61 -8.45 17.36
C ARG A 113 0.74 -7.89 16.25
N LEU A 114 0.20 -6.69 16.46
CA LEU A 114 -0.66 -6.07 15.46
C LEU A 114 0.17 -5.43 14.35
N LYS A 115 0.25 -6.12 13.21
CA LYS A 115 1.02 -5.61 12.08
C LYS A 115 0.15 -4.71 11.21
N VAL A 116 0.56 -3.45 11.07
CA VAL A 116 -0.18 -2.49 10.26
C VAL A 116 0.71 -1.80 9.25
N ALA A 117 0.34 -1.89 7.98
CA ALA A 117 1.11 -1.26 6.91
C ALA A 117 0.21 -0.46 5.98
N LEU A 118 0.61 0.76 5.67
CA LEU A 118 -0.17 1.63 4.79
C LEU A 118 -0.19 1.06 3.37
N ALA A 119 -1.33 1.20 2.71
CA ALA A 119 -1.50 0.70 1.35
C ALA A 119 -0.47 1.32 0.41
N ALA A 120 -0.31 2.64 0.51
CA ALA A 120 0.65 3.36 -0.32
C ALA A 120 0.28 3.25 -1.80
N SER A 121 0.66 2.14 -2.42
CA SER A 121 0.37 1.90 -3.83
C SER A 121 0.90 0.55 -4.29
N GLY A 122 0.03 -0.44 -4.36
CA GLY A 122 0.44 -1.77 -4.78
C GLY A 122 1.12 -2.55 -3.68
N HIS A 123 2.24 -3.18 -4.01
CA HIS A 123 3.00 -3.96 -3.04
C HIS A 123 2.15 -5.11 -2.49
N GLN A 124 2.19 -6.25 -3.18
CA GLN A 124 1.43 -7.41 -2.75
C GLN A 124 2.33 -8.42 -2.04
N ARG A 125 3.54 -8.59 -2.54
CA ARG A 125 4.50 -9.52 -1.95
C ARG A 125 5.82 -9.50 -2.71
N PRO A 126 5.78 -9.70 -4.04
CA PRO A 126 6.98 -9.70 -4.88
C PRO A 126 7.75 -8.38 -4.80
N GLY A 127 9.07 -8.46 -4.97
CA GLY A 127 9.89 -7.27 -4.91
C GLY A 127 10.31 -6.80 -6.29
N ILE A 128 9.51 -7.13 -7.30
CA ILE A 128 9.81 -6.73 -8.67
C ILE A 128 11.18 -7.25 -9.11
N ALA A 129 11.31 -8.57 -9.15
CA ALA A 129 12.57 -9.19 -9.57
C ALA A 129 12.49 -9.71 -11.00
N GLY A 130 11.29 -10.12 -11.40
CA GLY A 130 11.11 -10.62 -12.75
C GLY A 130 11.31 -12.13 -12.83
N ALA A 131 10.69 -12.75 -13.83
CA ALA A 131 10.81 -14.19 -14.02
C ALA A 131 10.28 -14.94 -12.81
N VAL A 132 10.13 -16.26 -12.95
CA VAL A 132 9.64 -17.10 -11.86
C VAL A 132 10.75 -17.98 -11.30
N GLY A 133 11.68 -18.36 -12.17
CA GLY A 133 12.79 -19.21 -11.75
C GLY A 133 12.61 -20.66 -12.18
N ASP A 134 11.35 -21.11 -12.24
CA ASP A 134 11.05 -22.48 -12.64
C ASP A 134 9.80 -22.52 -13.49
N GLY A 135 9.43 -23.72 -13.95
CA GLY A 135 8.26 -23.88 -14.77
C GLY A 135 8.59 -24.21 -16.21
N ASN A 136 8.77 -23.19 -17.03
CA ASN A 136 9.10 -23.39 -18.44
C ASN A 136 9.36 -22.05 -19.13
N GLY A 137 8.50 -21.06 -18.83
CA GLY A 137 8.66 -19.75 -19.43
C GLY A 137 8.15 -18.64 -18.53
N TYR A 138 8.62 -17.42 -18.79
CA TYR A 138 8.22 -16.27 -17.99
C TYR A 138 7.27 -15.37 -18.78
N LEU A 139 6.23 -14.88 -18.11
CA LEU A 139 5.25 -14.01 -18.75
C LEU A 139 4.58 -14.72 -19.93
N MET A 1 26.18 44.42 -32.22
CA MET A 1 26.14 42.97 -31.88
C MET A 1 25.36 42.73 -30.60
N SER A 2 24.99 41.48 -30.35
CA SER A 2 24.23 41.12 -29.16
C SER A 2 24.05 39.61 -29.07
N GLN A 3 23.75 38.98 -30.19
CA GLN A 3 23.55 37.54 -30.25
C GLN A 3 22.37 37.13 -29.37
N ILE A 4 21.34 36.57 -30.00
CA ILE A 4 20.15 36.12 -29.29
C ILE A 4 19.72 34.73 -29.74
N PRO A 5 19.16 33.93 -28.82
CA PRO A 5 18.70 32.57 -29.14
C PRO A 5 17.41 32.57 -29.97
N LEU A 6 17.07 31.40 -30.50
CA LEU A 6 15.87 31.26 -31.32
C LEU A 6 14.92 30.21 -30.73
N VAL A 7 15.07 29.95 -29.43
CA VAL A 7 14.23 28.97 -28.74
C VAL A 7 14.69 27.53 -29.01
N SER A 8 15.68 27.37 -29.88
CA SER A 8 16.19 26.04 -30.22
C SER A 8 15.06 25.08 -30.52
N GLN A 9 15.40 23.79 -30.63
CA GLN A 9 14.41 22.76 -30.90
C GLN A 9 14.84 21.43 -30.29
N TYR A 10 16.03 20.97 -30.66
CA TYR A 10 16.56 19.70 -30.14
C TYR A 10 15.73 18.51 -30.63
N ASP A 11 14.52 18.38 -30.11
CA ASP A 11 13.64 17.28 -30.48
C ASP A 11 14.23 15.94 -30.08
N PRO A 12 13.94 15.48 -28.85
CA PRO A 12 14.46 14.20 -28.34
C PRO A 12 14.23 13.05 -29.31
N TYR A 13 15.02 12.00 -29.17
CA TYR A 13 14.90 10.83 -30.04
C TYR A 13 15.62 9.63 -29.43
N GLY A 14 14.84 8.62 -29.04
CA GLY A 14 15.42 7.43 -28.45
C GLY A 14 14.48 6.25 -28.49
N GLN A 15 14.78 5.22 -27.69
CA GLN A 15 13.95 4.02 -27.63
C GLN A 15 12.75 4.23 -26.71
N THR A 16 11.63 4.64 -27.30
CA THR A 16 10.42 4.88 -26.52
C THR A 16 9.60 3.59 -26.38
N ALA A 17 8.96 3.43 -25.23
CA ALA A 17 8.14 2.26 -24.96
C ALA A 17 6.78 2.64 -24.38
N GLN A 18 5.85 2.96 -25.27
CA GLN A 18 4.50 3.35 -24.85
C GLN A 18 4.55 4.59 -23.96
N LEU A 19 4.64 5.75 -24.58
CA LEU A 19 4.71 7.01 -23.85
C LEU A 19 5.90 7.05 -22.90
N GLN A 20 6.88 7.89 -23.24
CA GLN A 20 8.08 8.01 -22.43
C GLN A 20 7.86 8.99 -21.28
N GLN A 21 8.28 8.58 -20.07
CA GLN A 21 8.12 9.41 -18.89
C GLN A 21 9.32 10.35 -18.73
N LEU A 22 9.15 11.60 -19.17
CA LEU A 22 10.21 12.59 -19.07
C LEU A 22 9.63 13.99 -18.89
N GLN A 23 9.71 14.50 -17.67
CA GLN A 23 9.19 15.84 -17.37
C GLN A 23 10.33 16.86 -17.29
N GLN A 24 11.54 16.37 -17.03
CA GLN A 24 12.71 17.25 -16.92
C GLN A 24 12.61 18.13 -15.68
N GLN A 25 13.64 18.95 -15.46
CA GLN A 25 13.67 19.84 -14.31
C GLN A 25 13.67 19.05 -13.01
N GLN A 26 14.18 17.83 -13.05
CA GLN A 26 14.24 16.98 -11.88
C GLN A 26 12.85 16.79 -11.26
N GLN A 27 12.78 16.00 -10.20
CA GLN A 27 11.52 15.73 -9.52
C GLN A 27 11.76 15.11 -8.15
N GLN A 28 12.86 15.48 -7.52
CA GLN A 28 13.20 14.96 -6.20
C GLN A 28 13.34 13.45 -6.22
N HIS A 29 14.59 12.97 -6.19
CA HIS A 29 14.85 11.54 -6.21
C HIS A 29 14.27 10.90 -7.47
N ILE A 30 15.09 10.78 -8.51
CA ILE A 30 14.66 10.19 -9.77
C ILE A 30 14.75 8.66 -9.76
N PRO A 31 15.69 8.07 -8.99
CA PRO A 31 15.83 6.60 -8.94
C PRO A 31 14.52 5.89 -8.59
N PRO A 32 13.79 6.36 -7.58
CA PRO A 32 12.52 5.76 -7.16
C PRO A 32 11.40 6.05 -8.16
N THR A 33 11.01 7.31 -8.24
CA THR A 33 9.94 7.74 -9.15
C THR A 33 8.75 6.79 -9.10
N GLN A 34 8.54 6.17 -7.94
CA GLN A 34 7.44 5.23 -7.76
C GLN A 34 7.53 4.54 -6.39
N MET A 35 7.91 5.31 -5.38
CA MET A 35 8.04 4.77 -4.03
C MET A 35 6.67 4.66 -3.36
N ASN A 36 6.10 5.80 -3.01
CA ASN A 36 4.79 5.83 -2.36
C ASN A 36 4.22 7.25 -2.34
N PRO A 37 4.11 7.88 -3.52
CA PRO A 37 3.59 9.24 -3.64
C PRO A 37 2.06 9.29 -3.70
N GLU A 38 1.41 8.51 -2.84
CA GLU A 38 -0.04 8.46 -2.81
C GLU A 38 -0.59 9.28 -1.63
N PRO A 39 -0.80 10.59 -1.83
CA PRO A 39 -1.32 11.47 -0.78
C PRO A 39 -2.75 11.14 -0.41
N ASP A 40 -3.52 10.65 -1.38
CA ASP A 40 -4.91 10.28 -1.17
C ASP A 40 -5.03 9.03 -0.30
N VAL A 41 -4.01 8.17 -0.36
CA VAL A 41 -4.02 6.93 0.40
C VAL A 41 -3.17 7.05 1.68
N LEU A 42 -3.75 7.66 2.70
CA LEU A 42 -3.05 7.82 3.97
C LEU A 42 -3.71 6.97 5.06
N ARG A 43 -5.04 6.99 5.10
CA ARG A 43 -5.80 6.23 6.08
C ARG A 43 -5.87 4.74 5.74
N ASN A 44 -5.28 4.35 4.60
CA ASN A 44 -5.30 2.95 4.20
C ASN A 44 -4.31 2.16 5.04
N LEU A 45 -4.84 1.37 5.96
CA LEU A 45 -4.00 0.58 6.86
C LEU A 45 -4.12 -0.92 6.58
N MET A 46 -3.01 -1.54 6.19
CA MET A 46 -2.99 -2.97 5.92
C MET A 46 -2.59 -3.70 7.19
N VAL A 47 -3.52 -4.41 7.81
CA VAL A 47 -3.23 -5.13 9.03
C VAL A 47 -3.09 -6.62 8.79
N ASN A 48 -2.03 -7.19 9.36
CA ASN A 48 -1.75 -8.61 9.20
C ASN A 48 -1.21 -9.21 10.49
N TYR A 49 -1.54 -10.48 10.69
CA TYR A 49 -1.09 -11.23 11.86
C TYR A 49 -1.34 -12.71 11.62
N ILE A 50 -2.61 -13.03 11.41
CA ILE A 50 -3.02 -14.41 11.17
C ILE A 50 -3.33 -14.64 9.69
N PRO A 51 -3.38 -15.92 9.26
CA PRO A 51 -3.67 -16.26 7.88
C PRO A 51 -5.17 -16.23 7.58
N THR A 52 -5.83 -17.39 7.60
CA THR A 52 -7.26 -17.47 7.34
C THR A 52 -8.08 -17.03 8.55
N THR A 53 -7.42 -16.78 9.67
CA THR A 53 -8.10 -16.38 10.89
C THR A 53 -8.16 -14.86 11.06
N VAL A 54 -7.86 -14.12 9.99
CA VAL A 54 -7.90 -12.67 10.04
C VAL A 54 -9.33 -12.17 10.19
N ASP A 55 -9.60 -11.42 11.26
CA ASP A 55 -10.93 -10.91 11.51
C ASP A 55 -10.97 -9.40 11.43
N GLU A 56 -11.72 -8.87 10.46
CA GLU A 56 -11.88 -7.44 10.31
C GLU A 56 -12.43 -6.83 11.59
N VAL A 57 -13.11 -7.68 12.37
CA VAL A 57 -13.72 -7.28 13.63
C VAL A 57 -12.66 -7.00 14.69
N GLN A 58 -11.83 -8.00 14.97
CA GLN A 58 -10.77 -7.84 15.97
C GLN A 58 -10.00 -6.55 15.71
N LEU A 59 -9.69 -6.33 14.44
CA LEU A 59 -8.97 -5.12 14.03
C LEU A 59 -9.92 -3.93 13.98
N ARG A 60 -11.20 -4.19 13.74
CA ARG A 60 -12.20 -3.15 13.67
C ARG A 60 -12.26 -2.35 14.96
N GLN A 61 -12.47 -3.06 16.06
CA GLN A 61 -12.54 -2.42 17.36
C GLN A 61 -11.16 -1.95 17.82
N LEU A 62 -10.17 -2.79 17.60
CA LEU A 62 -8.80 -2.46 17.99
C LEU A 62 -8.22 -1.30 17.17
N PHE A 63 -8.50 -1.30 15.88
CA PHE A 63 -7.98 -0.24 15.01
C PHE A 63 -8.88 0.98 15.04
N GLU A 64 -10.18 0.78 14.85
CA GLU A 64 -11.11 1.92 14.86
C GLU A 64 -10.98 2.70 16.17
N ARG A 65 -10.59 2.02 17.24
CA ARG A 65 -10.43 2.68 18.54
C ARG A 65 -9.43 3.84 18.41
N TYR A 66 -8.31 3.58 17.76
CA TYR A 66 -7.29 4.59 17.57
C TYR A 66 -7.60 5.46 16.35
N GLY A 67 -8.51 5.00 15.51
CA GLY A 67 -8.86 5.76 14.32
C GLY A 67 -10.09 5.19 13.65
N PRO A 68 -11.27 5.76 13.93
CA PRO A 68 -12.53 5.28 13.35
C PRO A 68 -12.38 5.00 11.86
N ILE A 69 -12.66 3.76 11.49
CA ILE A 69 -12.57 3.33 10.10
C ILE A 69 -13.81 3.75 9.33
N GLU A 70 -13.61 4.08 8.05
CA GLU A 70 -14.70 4.50 7.20
C GLU A 70 -15.09 3.34 6.31
N SER A 71 -14.07 2.63 5.86
CA SER A 71 -14.28 1.46 5.04
C SER A 71 -13.21 0.42 5.35
N VAL A 72 -13.63 -0.62 6.05
CA VAL A 72 -12.73 -1.71 6.42
C VAL A 72 -13.03 -2.94 5.58
N LYS A 73 -11.97 -3.59 5.16
CA LYS A 73 -12.08 -4.81 4.35
C LYS A 73 -10.84 -5.68 4.51
N ILE A 74 -11.03 -6.99 4.45
CA ILE A 74 -9.91 -7.90 4.57
C ILE A 74 -9.44 -8.39 3.21
N VAL A 75 -8.12 -8.44 3.03
CA VAL A 75 -7.53 -8.90 1.78
C VAL A 75 -7.47 -10.42 1.77
N CYS A 76 -8.45 -11.04 1.11
CA CYS A 76 -8.53 -12.49 1.02
C CYS A 76 -7.48 -13.04 0.07
N ASP A 77 -7.34 -14.37 0.07
CA ASP A 77 -6.37 -15.04 -0.79
C ASP A 77 -7.02 -15.46 -2.10
N ARG A 78 -6.36 -15.14 -3.20
CA ARG A 78 -6.87 -15.48 -4.54
C ARG A 78 -6.74 -16.97 -4.81
N GLU A 79 -6.04 -17.69 -3.94
CA GLU A 79 -5.86 -19.12 -4.11
C GLU A 79 -7.14 -19.88 -3.80
N THR A 80 -7.73 -19.60 -2.65
CA THR A 80 -8.96 -20.27 -2.24
C THR A 80 -10.10 -19.26 -2.10
N ARG A 81 -9.82 -17.99 -2.39
CA ARG A 81 -10.83 -16.95 -2.30
C ARG A 81 -11.42 -16.89 -0.89
N GLN A 82 -10.59 -17.18 0.10
CA GLN A 82 -11.02 -17.18 1.49
C GLN A 82 -10.39 -16.02 2.26
N SER A 83 -10.99 -15.66 3.40
CA SER A 83 -10.48 -14.57 4.22
C SER A 83 -9.10 -14.91 4.77
N ARG A 84 -8.09 -14.82 3.92
CA ARG A 84 -6.72 -15.13 4.30
C ARG A 84 -5.81 -13.91 4.13
N GLY A 85 -4.51 -14.16 4.05
CA GLY A 85 -3.56 -13.08 3.87
C GLY A 85 -3.57 -12.10 5.01
N TYR A 86 -4.44 -11.10 4.92
CA TYR A 86 -4.53 -10.08 5.95
C TYR A 86 -5.74 -9.18 5.71
N GLY A 87 -6.00 -8.27 6.63
CA GLY A 87 -7.12 -7.37 6.48
C GLY A 87 -6.72 -5.91 6.36
N PHE A 88 -7.55 -5.15 5.67
CA PHE A 88 -7.33 -3.73 5.45
C PHE A 88 -8.40 -2.91 6.19
N VAL A 89 -7.98 -1.80 6.78
CA VAL A 89 -8.91 -0.93 7.49
C VAL A 89 -8.63 0.52 7.14
N LYS A 90 -9.55 1.13 6.39
CA LYS A 90 -9.40 2.53 5.98
C LYS A 90 -10.00 3.46 7.02
N PHE A 91 -9.15 4.29 7.61
CA PHE A 91 -9.60 5.25 8.62
C PHE A 91 -10.31 6.41 7.95
N GLN A 92 -11.16 7.09 8.71
CA GLN A 92 -11.93 8.21 8.17
C GLN A 92 -11.04 9.23 7.48
N SER A 93 -10.04 9.73 8.18
CA SER A 93 -9.13 10.72 7.62
C SER A 93 -7.68 10.26 7.70
N GLY A 94 -6.88 10.64 6.71
CA GLY A 94 -5.48 10.26 6.69
C GLY A 94 -4.79 10.62 7.98
N SER A 95 -5.25 11.69 8.62
CA SER A 95 -4.67 12.13 9.89
C SER A 95 -4.85 11.06 10.95
N SER A 96 -5.76 10.11 10.71
CA SER A 96 -6.01 9.03 11.65
C SER A 96 -4.97 7.93 11.49
N ALA A 97 -4.46 7.79 10.27
CA ALA A 97 -3.45 6.78 9.96
C ALA A 97 -2.21 6.97 10.81
N GLN A 98 -1.78 8.23 10.96
CA GLN A 98 -0.60 8.56 11.75
C GLN A 98 -0.73 8.01 13.17
N GLN A 99 -1.92 8.13 13.73
CA GLN A 99 -2.18 7.64 15.08
C GLN A 99 -2.28 6.12 15.08
N ALA A 100 -2.72 5.55 13.97
CA ALA A 100 -2.85 4.10 13.84
C ALA A 100 -1.48 3.46 13.79
N ILE A 101 -0.67 3.88 12.85
CA ILE A 101 0.68 3.34 12.70
C ILE A 101 1.52 3.65 13.93
N ALA A 102 1.17 4.72 14.62
CA ALA A 102 1.89 5.15 15.80
C ALA A 102 1.60 4.26 17.01
N GLY A 103 0.37 3.76 17.09
CA GLY A 103 0.01 2.92 18.22
C GLY A 103 -0.65 1.61 17.82
N LEU A 104 -0.44 1.18 16.58
CA LEU A 104 -1.02 -0.07 16.12
C LEU A 104 -0.01 -0.91 15.33
N ASN A 105 0.86 -0.25 14.58
CA ASN A 105 1.86 -0.97 13.79
C ASN A 105 2.70 -1.85 14.73
N GLY A 106 2.71 -3.14 14.46
CA GLY A 106 3.46 -4.07 15.29
C GLY A 106 2.99 -4.09 16.73
N PHE A 107 1.78 -3.58 16.97
CA PHE A 107 1.22 -3.56 18.33
C PHE A 107 1.29 -4.95 18.95
N ASN A 108 2.45 -5.28 19.51
CA ASN A 108 2.64 -6.58 20.13
C ASN A 108 1.85 -6.70 21.41
N ILE A 109 0.54 -6.96 21.28
CA ILE A 109 -0.31 -7.10 22.46
C ILE A 109 -0.10 -8.49 23.07
N LEU A 110 -0.50 -8.63 24.33
CA LEU A 110 -0.32 -9.88 25.06
C LEU A 110 -0.83 -11.11 24.31
N ASN A 111 -1.80 -10.91 23.41
CA ASN A 111 -2.36 -12.03 22.67
C ASN A 111 -1.78 -12.14 21.26
N LYS A 112 -1.69 -11.02 20.56
CA LYS A 112 -1.17 -11.01 19.19
C LYS A 112 -0.33 -9.78 18.90
N ARG A 113 0.07 -9.65 17.63
CA ARG A 113 0.86 -8.52 17.18
C ARG A 113 0.16 -7.87 16.00
N LEU A 114 -0.30 -6.64 16.18
CA LEU A 114 -1.00 -5.95 15.12
C LEU A 114 -0.06 -5.35 14.11
N LYS A 115 0.26 -6.09 13.05
CA LYS A 115 1.14 -5.58 12.02
C LYS A 115 0.32 -4.76 11.04
N VAL A 116 0.65 -3.47 10.94
CA VAL A 116 -0.09 -2.59 10.06
C VAL A 116 0.82 -1.80 9.13
N ALA A 117 0.48 -1.80 7.84
CA ALA A 117 1.27 -1.08 6.84
C ALA A 117 0.36 -0.31 5.88
N LEU A 118 0.74 0.92 5.58
CA LEU A 118 -0.04 1.76 4.67
C LEU A 118 -0.15 1.09 3.30
N ALA A 119 -1.37 0.77 2.90
CA ALA A 119 -1.61 0.11 1.62
C ALA A 119 -1.87 1.13 0.51
N ALA A 120 -0.80 1.48 -0.21
CA ALA A 120 -0.91 2.45 -1.30
C ALA A 120 -1.72 1.87 -2.46
N SER A 121 -1.65 0.56 -2.64
CA SER A 121 -2.37 -0.11 -3.71
C SER A 121 -2.47 -1.61 -3.46
N GLY A 122 -3.38 -2.27 -4.16
CA GLY A 122 -3.55 -3.71 -4.00
C GLY A 122 -3.73 -4.43 -5.32
N HIS A 123 -4.99 -4.57 -5.74
CA HIS A 123 -5.30 -5.24 -7.00
C HIS A 123 -5.10 -4.30 -8.18
N GLN A 124 -5.45 -4.78 -9.38
CA GLN A 124 -5.31 -3.98 -10.58
C GLN A 124 -6.20 -2.74 -10.54
N ARG A 125 -5.76 -1.67 -11.18
CA ARG A 125 -6.52 -0.42 -11.20
C ARG A 125 -6.56 0.16 -12.61
N PRO A 126 -7.67 0.81 -12.99
CA PRO A 126 -7.83 1.42 -14.31
C PRO A 126 -6.99 2.68 -14.48
N GLY A 127 -6.81 3.40 -13.38
CA GLY A 127 -6.02 4.62 -13.43
C GLY A 127 -6.84 5.83 -13.83
N ILE A 128 -6.18 6.81 -14.45
CA ILE A 128 -6.86 8.02 -14.88
C ILE A 128 -6.35 8.48 -16.24
N ALA A 129 -7.26 8.91 -17.10
CA ALA A 129 -6.89 9.38 -18.43
C ALA A 129 -6.55 10.87 -18.42
N GLY A 130 -5.50 11.23 -19.14
CA GLY A 130 -5.08 12.62 -19.20
C GLY A 130 -3.76 12.86 -18.49
N ALA A 131 -3.65 14.00 -17.82
CA ALA A 131 -2.44 14.34 -17.09
C ALA A 131 -1.23 14.41 -18.03
N VAL A 132 -1.32 15.30 -19.02
CA VAL A 132 -0.25 15.46 -19.99
C VAL A 132 0.35 16.86 -19.92
N GLY A 133 1.51 16.98 -19.26
CA GLY A 133 2.16 18.26 -19.14
C GLY A 133 1.55 19.11 -18.04
N ASP A 134 1.36 18.52 -16.87
CA ASP A 134 0.77 19.24 -15.74
C ASP A 134 1.63 20.43 -15.35
N GLY A 135 1.02 21.61 -15.31
CA GLY A 135 1.74 22.81 -14.95
C GLY A 135 0.88 24.06 -15.01
N ASN A 136 -0.38 23.92 -14.59
CA ASN A 136 -1.31 25.04 -14.60
C ASN A 136 -1.21 25.86 -13.32
N GLY A 137 -1.23 25.16 -12.18
CA GLY A 137 -1.13 25.83 -10.90
C GLY A 137 -1.02 24.86 -9.74
N TYR A 138 -0.25 23.78 -9.94
CA TYR A 138 -0.06 22.78 -8.90
C TYR A 138 0.63 23.38 -7.69
N LEU A 139 1.74 24.06 -7.92
CA LEU A 139 2.51 24.68 -6.83
C LEU A 139 2.43 26.19 -6.92
N MET A 1 16.00 35.71 -9.95
CA MET A 1 17.10 35.94 -8.98
C MET A 1 18.47 35.78 -9.63
N SER A 2 19.16 36.91 -9.81
CA SER A 2 20.49 36.89 -10.42
C SER A 2 21.53 37.48 -9.48
N GLN A 3 22.54 36.69 -9.15
CA GLN A 3 23.60 37.13 -8.25
C GLN A 3 23.04 37.50 -6.88
N ILE A 4 23.92 37.77 -5.93
CA ILE A 4 23.50 38.13 -4.58
C ILE A 4 22.77 39.47 -4.58
N PRO A 5 21.66 39.57 -3.84
CA PRO A 5 20.87 40.80 -3.75
C PRO A 5 21.61 41.92 -3.02
N LEU A 6 22.39 42.70 -3.75
CA LEU A 6 23.14 43.80 -3.16
C LEU A 6 22.42 45.12 -3.36
N VAL A 7 21.10 45.07 -3.38
CA VAL A 7 20.28 46.27 -3.56
C VAL A 7 20.07 46.98 -2.23
N SER A 8 20.58 48.20 -2.13
CA SER A 8 20.43 49.00 -0.91
C SER A 8 21.08 48.28 0.28
N GLN A 9 20.94 48.87 1.46
CA GLN A 9 21.50 48.29 2.67
C GLN A 9 20.40 47.82 3.61
N TYR A 10 20.64 46.68 4.27
CA TYR A 10 19.66 46.12 5.20
C TYR A 10 20.05 46.44 6.65
N ASP A 11 19.27 45.92 7.58
CA ASP A 11 19.54 46.15 9.01
C ASP A 11 19.44 44.84 9.79
N PRO A 12 20.41 44.56 10.67
CA PRO A 12 20.43 43.34 11.48
C PRO A 12 19.43 43.39 12.63
N TYR A 13 18.40 42.54 12.54
CA TYR A 13 17.37 42.49 13.57
C TYR A 13 17.83 41.66 14.76
N GLY A 14 18.23 42.33 15.82
CA GLY A 14 18.70 41.63 17.01
C GLY A 14 17.56 41.15 17.89
N GLN A 15 17.84 40.19 18.76
CA GLN A 15 16.83 39.65 19.65
C GLN A 15 17.02 40.16 21.07
N THR A 16 18.07 39.67 21.74
CA THR A 16 18.36 40.08 23.11
C THR A 16 19.86 40.21 23.32
N ALA A 17 20.60 39.18 22.94
CA ALA A 17 22.05 39.17 23.10
C ALA A 17 22.73 39.66 21.82
N GLN A 18 23.59 40.68 21.97
CA GLN A 18 24.31 41.24 20.83
C GLN A 18 25.53 40.40 20.50
N LEU A 19 25.29 39.21 19.93
CA LEU A 19 26.38 38.32 19.57
C LEU A 19 26.35 38.02 18.07
N GLN A 20 27.45 38.34 17.39
CA GLN A 20 27.56 38.11 15.95
C GLN A 20 26.56 38.97 15.19
N GLN A 21 25.30 38.52 15.17
CA GLN A 21 24.24 39.25 14.48
C GLN A 21 22.93 39.15 15.24
N LEU A 22 22.47 37.93 15.48
CA LEU A 22 21.22 37.69 16.18
C LEU A 22 21.20 36.30 16.81
N GLN A 23 21.02 35.29 15.96
CA GLN A 23 20.98 33.90 16.42
C GLN A 23 21.00 32.94 15.24
N GLN A 24 21.97 32.04 15.23
CA GLN A 24 22.11 31.05 14.16
C GLN A 24 22.39 29.66 14.72
N GLN A 25 21.61 28.68 14.27
CA GLN A 25 21.78 27.31 14.73
C GLN A 25 21.27 26.32 13.69
N GLN A 26 21.41 25.03 13.99
CA GLN A 26 20.98 23.98 13.07
C GLN A 26 19.79 23.22 13.65
N GLN A 27 18.80 23.95 14.14
CA GLN A 27 17.61 23.35 14.72
C GLN A 27 16.47 23.28 13.71
N GLN A 28 16.42 22.17 12.98
CA GLN A 28 15.38 21.97 11.97
C GLN A 28 14.11 21.41 12.59
N HIS A 29 12.97 21.72 11.98
CA HIS A 29 11.68 21.25 12.48
C HIS A 29 11.36 19.86 11.93
N ILE A 30 11.28 19.75 10.62
CA ILE A 30 10.98 18.47 9.97
C ILE A 30 12.03 18.15 8.89
N PRO A 31 13.08 17.41 9.26
CA PRO A 31 14.15 17.03 8.32
C PRO A 31 13.62 16.25 7.12
N PRO A 32 12.76 15.24 7.35
CA PRO A 32 12.19 14.43 6.27
C PRO A 32 11.01 15.11 5.59
N THR A 33 11.26 16.24 4.94
CA THR A 33 10.21 16.98 4.25
C THR A 33 10.32 16.78 2.74
N GLN A 34 9.66 15.74 2.24
CA GLN A 34 9.68 15.44 0.82
C GLN A 34 8.58 14.45 0.46
N MET A 35 8.44 13.41 1.28
CA MET A 35 7.42 12.39 1.04
C MET A 35 6.02 12.97 1.21
N ASN A 36 5.32 13.17 0.10
CA ASN A 36 3.97 13.72 0.13
C ASN A 36 3.04 12.83 0.96
N PRO A 37 2.61 13.30 2.14
CA PRO A 37 1.73 12.54 3.02
C PRO A 37 0.33 12.38 2.43
N GLU A 38 0.20 11.49 1.45
CA GLU A 38 -1.08 11.25 0.79
C GLU A 38 -2.10 10.72 1.79
N PRO A 39 -3.13 11.52 2.12
CA PRO A 39 -4.17 11.11 3.07
C PRO A 39 -4.82 9.78 2.68
N ASP A 40 -5.35 9.73 1.46
CA ASP A 40 -6.01 8.51 0.97
C ASP A 40 -5.09 7.30 1.09
N VAL A 41 -3.78 7.55 1.10
CA VAL A 41 -2.81 6.46 1.20
C VAL A 41 -2.44 6.20 2.66
N LEU A 42 -2.37 7.26 3.45
CA LEU A 42 -2.02 7.14 4.86
C LEU A 42 -3.16 6.49 5.64
N ARG A 43 -4.38 6.97 5.42
CA ARG A 43 -5.54 6.43 6.12
C ARG A 43 -5.71 4.95 5.84
N ASN A 44 -5.11 4.46 4.76
CA ASN A 44 -5.20 3.05 4.40
C ASN A 44 -4.27 2.23 5.28
N LEU A 45 -4.84 1.39 6.13
CA LEU A 45 -4.03 0.57 7.04
C LEU A 45 -4.19 -0.92 6.75
N MET A 46 -3.08 -1.55 6.39
CA MET A 46 -3.07 -2.99 6.11
C MET A 46 -2.62 -3.74 7.35
N VAL A 47 -3.52 -4.48 7.97
CA VAL A 47 -3.19 -5.22 9.18
C VAL A 47 -2.99 -6.70 8.88
N ASN A 48 -1.98 -7.27 9.52
CA ASN A 48 -1.66 -8.67 9.36
C ASN A 48 -1.17 -9.25 10.68
N TYR A 49 -1.68 -10.43 11.00
CA TYR A 49 -1.32 -11.12 12.23
C TYR A 49 -1.53 -12.62 12.03
N ILE A 50 -2.78 -12.98 11.84
CA ILE A 50 -3.15 -14.37 11.63
C ILE A 50 -3.48 -14.64 10.17
N PRO A 51 -3.38 -15.90 9.72
CA PRO A 51 -3.66 -16.27 8.32
C PRO A 51 -5.17 -16.26 8.00
N THR A 52 -5.82 -17.42 8.04
CA THR A 52 -7.24 -17.51 7.74
C THR A 52 -8.11 -17.04 8.90
N THR A 53 -7.47 -16.75 10.03
CA THR A 53 -8.20 -16.30 11.21
C THR A 53 -8.30 -14.77 11.27
N VAL A 54 -8.02 -14.10 10.16
CA VAL A 54 -8.08 -12.65 10.11
C VAL A 54 -9.53 -12.17 10.22
N ASP A 55 -9.82 -11.42 11.27
CA ASP A 55 -11.17 -10.92 11.49
C ASP A 55 -11.23 -9.40 11.41
N GLU A 56 -11.93 -8.90 10.39
CA GLU A 56 -12.10 -7.47 10.21
C GLU A 56 -12.70 -6.86 11.48
N VAL A 57 -13.39 -7.71 12.24
CA VAL A 57 -14.04 -7.32 13.49
C VAL A 57 -13.00 -7.00 14.56
N GLN A 58 -12.14 -7.97 14.84
CA GLN A 58 -11.10 -7.79 15.84
C GLN A 58 -10.36 -6.48 15.61
N LEU A 59 -9.97 -6.24 14.37
CA LEU A 59 -9.26 -5.01 14.02
C LEU A 59 -10.25 -3.86 13.89
N ARG A 60 -11.51 -4.18 13.63
CA ARG A 60 -12.55 -3.18 13.47
C ARG A 60 -12.64 -2.34 14.72
N GLN A 61 -12.83 -2.99 15.85
CA GLN A 61 -12.94 -2.29 17.12
C GLN A 61 -11.57 -1.85 17.63
N LEU A 62 -10.58 -2.72 17.46
CA LEU A 62 -9.22 -2.44 17.89
C LEU A 62 -8.60 -1.29 17.11
N PHE A 63 -8.81 -1.29 15.79
CA PHE A 63 -8.25 -0.25 14.95
C PHE A 63 -9.12 0.99 14.94
N GLU A 64 -10.42 0.80 14.69
CA GLU A 64 -11.33 1.96 14.67
C GLU A 64 -11.25 2.75 15.97
N ARG A 65 -10.85 2.07 17.06
CA ARG A 65 -10.74 2.73 18.36
C ARG A 65 -9.80 3.94 18.27
N TYR A 66 -8.60 3.71 17.75
CA TYR A 66 -7.61 4.78 17.60
C TYR A 66 -7.84 5.58 16.32
N GLY A 67 -8.79 5.13 15.50
CA GLY A 67 -9.08 5.83 14.27
C GLY A 67 -10.26 5.22 13.54
N PRO A 68 -11.46 5.79 13.73
CA PRO A 68 -12.67 5.28 13.08
C PRO A 68 -12.46 4.94 11.61
N ILE A 69 -12.73 3.69 11.28
CA ILE A 69 -12.58 3.19 9.91
C ILE A 69 -13.77 3.59 9.05
N GLU A 70 -13.50 3.85 7.78
CA GLU A 70 -14.54 4.24 6.84
C GLU A 70 -14.79 3.09 5.89
N SER A 71 -13.71 2.61 5.28
CA SER A 71 -13.80 1.48 4.38
C SER A 71 -12.92 0.37 4.90
N VAL A 72 -13.55 -0.66 5.45
CA VAL A 72 -12.83 -1.80 6.01
C VAL A 72 -12.99 -3.02 5.15
N LYS A 73 -11.88 -3.67 4.90
CA LYS A 73 -11.88 -4.87 4.08
C LYS A 73 -10.68 -5.74 4.36
N ILE A 74 -10.88 -7.06 4.33
CA ILE A 74 -9.77 -7.99 4.55
C ILE A 74 -9.23 -8.50 3.23
N VAL A 75 -7.91 -8.57 3.14
CA VAL A 75 -7.24 -9.06 1.93
C VAL A 75 -7.21 -10.57 1.94
N CYS A 76 -8.19 -11.18 1.28
CA CYS A 76 -8.30 -12.63 1.21
C CYS A 76 -7.54 -13.18 0.01
N ASP A 77 -7.32 -14.49 0.01
CA ASP A 77 -6.60 -15.15 -1.08
C ASP A 77 -7.48 -15.24 -2.32
N ARG A 78 -7.02 -14.64 -3.41
CA ARG A 78 -7.77 -14.65 -4.68
C ARG A 78 -7.70 -16.03 -5.35
N GLU A 79 -6.85 -16.90 -4.82
CA GLU A 79 -6.69 -18.24 -5.38
C GLU A 79 -7.93 -19.10 -5.10
N THR A 80 -8.33 -19.15 -3.84
CA THR A 80 -9.49 -19.92 -3.44
C THR A 80 -10.60 -19.03 -2.88
N ARG A 81 -10.44 -17.71 -3.02
CA ARG A 81 -11.42 -16.76 -2.53
C ARG A 81 -11.75 -17.02 -1.06
N GLN A 82 -10.78 -17.54 -0.32
CA GLN A 82 -10.96 -17.82 1.09
C GLN A 82 -10.32 -16.74 1.95
N SER A 83 -10.91 -16.47 3.11
CA SER A 83 -10.39 -15.46 4.02
C SER A 83 -9.01 -15.85 4.53
N ARG A 84 -8.02 -15.01 4.26
CA ARG A 84 -6.66 -15.28 4.69
C ARG A 84 -5.75 -14.07 4.47
N GLY A 85 -4.45 -14.32 4.52
CA GLY A 85 -3.49 -13.25 4.32
C GLY A 85 -3.51 -12.20 5.40
N TYR A 86 -4.36 -11.20 5.22
CA TYR A 86 -4.47 -10.11 6.19
C TYR A 86 -5.65 -9.22 5.84
N GLY A 87 -5.93 -8.24 6.69
CA GLY A 87 -7.04 -7.33 6.41
C GLY A 87 -6.59 -5.94 6.06
N PHE A 88 -7.55 -5.04 5.89
CA PHE A 88 -7.28 -3.67 5.53
C PHE A 88 -8.32 -2.74 6.15
N VAL A 89 -7.86 -1.71 6.84
CA VAL A 89 -8.77 -0.78 7.48
C VAL A 89 -8.47 0.66 7.06
N LYS A 90 -9.38 1.22 6.26
CA LYS A 90 -9.22 2.59 5.78
C LYS A 90 -9.86 3.57 6.76
N PHE A 91 -9.02 4.35 7.44
CA PHE A 91 -9.51 5.33 8.40
C PHE A 91 -10.18 6.48 7.66
N GLN A 92 -11.14 7.10 8.33
CA GLN A 92 -11.89 8.21 7.73
C GLN A 92 -11.00 9.29 7.16
N SER A 93 -9.77 9.39 7.66
CA SER A 93 -8.84 10.41 7.16
C SER A 93 -7.39 10.03 7.46
N GLY A 94 -6.49 10.47 6.60
CA GLY A 94 -5.08 10.18 6.79
C GLY A 94 -4.59 10.64 8.15
N SER A 95 -5.26 11.65 8.71
CA SER A 95 -4.89 12.16 10.03
C SER A 95 -4.98 11.07 11.07
N SER A 96 -5.84 10.08 10.82
CA SER A 96 -6.02 8.96 11.75
C SER A 96 -4.88 7.96 11.60
N ALA A 97 -4.34 7.88 10.38
CA ALA A 97 -3.26 6.96 10.09
C ALA A 97 -2.08 7.16 11.04
N GLN A 98 -1.73 8.43 11.28
CA GLN A 98 -0.64 8.77 12.18
C GLN A 98 -0.83 8.07 13.52
N GLN A 99 -2.08 8.01 13.97
CA GLN A 99 -2.40 7.36 15.23
C GLN A 99 -2.38 5.84 15.08
N ALA A 100 -2.69 5.37 13.87
CA ALA A 100 -2.69 3.95 13.60
C ALA A 100 -1.28 3.39 13.61
N ILE A 101 -0.42 3.98 12.79
CA ILE A 101 0.97 3.56 12.73
C ILE A 101 1.68 3.85 14.04
N ALA A 102 1.19 4.86 14.76
CA ALA A 102 1.77 5.26 16.03
C ALA A 102 1.46 4.27 17.16
N GLY A 103 0.21 3.81 17.23
CA GLY A 103 -0.15 2.89 18.29
C GLY A 103 -0.87 1.64 17.83
N LEU A 104 -0.64 1.23 16.59
CA LEU A 104 -1.28 0.03 16.07
C LEU A 104 -0.30 -0.84 15.28
N ASN A 105 0.54 -0.20 14.47
CA ASN A 105 1.52 -0.94 13.68
C ASN A 105 2.47 -1.70 14.60
N GLY A 106 2.51 -3.01 14.44
CA GLY A 106 3.38 -3.83 15.27
C GLY A 106 2.90 -3.91 16.70
N PHE A 107 1.65 -3.50 16.95
CA PHE A 107 1.09 -3.54 18.30
C PHE A 107 1.40 -4.88 18.98
N ASN A 108 2.56 -4.97 19.58
CA ASN A 108 2.99 -6.20 20.24
C ASN A 108 2.25 -6.37 21.56
N ILE A 109 1.03 -6.89 21.50
CA ILE A 109 0.25 -7.11 22.70
C ILE A 109 0.74 -8.39 23.39
N LEU A 110 0.40 -8.52 24.66
CA LEU A 110 0.83 -9.67 25.47
C LEU A 110 0.57 -11.01 24.80
N ASN A 111 -0.41 -11.07 23.91
CA ASN A 111 -0.74 -12.33 23.24
C ASN A 111 -0.20 -12.38 21.81
N LYS A 112 -0.37 -11.30 21.07
CA LYS A 112 0.09 -11.24 19.67
C LYS A 112 0.64 -9.87 19.29
N ARG A 113 0.95 -9.72 18.00
CA ARG A 113 1.47 -8.47 17.48
C ARG A 113 0.64 -7.99 16.30
N LEU A 114 -0.03 -6.86 16.46
CA LEU A 114 -0.85 -6.32 15.39
C LEU A 114 0.01 -5.58 14.38
N LYS A 115 0.33 -6.26 13.28
CA LYS A 115 1.15 -5.65 12.24
C LYS A 115 0.29 -4.84 11.28
N VAL A 116 0.55 -3.54 11.19
CA VAL A 116 -0.21 -2.67 10.31
C VAL A 116 0.70 -1.83 9.42
N ALA A 117 0.47 -1.89 8.12
CA ALA A 117 1.28 -1.14 7.17
C ALA A 117 0.39 -0.44 6.13
N LEU A 118 0.70 0.81 5.83
CA LEU A 118 -0.07 1.58 4.86
C LEU A 118 -0.05 0.91 3.50
N ALA A 119 -1.12 1.09 2.74
CA ALA A 119 -1.23 0.50 1.41
C ALA A 119 -0.10 0.98 0.49
N ALA A 120 0.12 2.29 0.50
CA ALA A 120 1.16 2.88 -0.34
C ALA A 120 0.92 2.61 -1.82
N SER A 121 0.48 3.63 -2.54
CA SER A 121 0.20 3.51 -3.96
C SER A 121 0.62 4.76 -4.71
N GLY A 122 1.33 4.58 -5.82
CA GLY A 122 1.79 5.71 -6.61
C GLY A 122 2.47 5.28 -7.89
N HIS A 123 3.43 6.09 -8.35
CA HIS A 123 4.15 5.80 -9.57
C HIS A 123 5.64 5.56 -9.28
N GLN A 124 6.28 4.73 -10.09
CA GLN A 124 7.68 4.42 -9.92
C GLN A 124 8.44 4.61 -11.23
N ARG A 125 8.07 5.63 -11.99
CA ARG A 125 8.71 5.92 -13.26
C ARG A 125 8.51 4.78 -14.25
N PRO A 126 8.25 5.10 -15.54
CA PRO A 126 8.04 4.09 -16.57
C PRO A 126 9.33 3.42 -17.00
N GLY A 127 9.27 2.67 -18.10
CA GLY A 127 10.45 2.00 -18.61
C GLY A 127 11.60 2.94 -18.90
N ILE A 128 11.68 3.40 -20.15
CA ILE A 128 12.72 4.32 -20.58
C ILE A 128 14.08 3.64 -20.59
N ALA A 129 14.56 3.23 -19.42
CA ALA A 129 15.85 2.56 -19.31
C ALA A 129 15.69 1.04 -19.32
N GLY A 130 14.77 0.55 -20.15
CA GLY A 130 14.55 -0.88 -20.24
C GLY A 130 13.86 -1.43 -19.00
N ALA A 131 12.99 -0.63 -18.41
CA ALA A 131 12.25 -1.05 -17.22
C ALA A 131 13.21 -1.41 -16.09
N VAL A 132 12.66 -1.83 -14.95
CA VAL A 132 13.46 -2.20 -13.79
C VAL A 132 12.95 -3.50 -13.17
N GLY A 133 11.63 -3.58 -12.98
CA GLY A 133 11.04 -4.76 -12.39
C GLY A 133 9.83 -4.45 -11.53
N ASP A 134 9.98 -4.61 -10.23
CA ASP A 134 8.89 -4.34 -9.29
C ASP A 134 7.69 -5.24 -9.58
N GLY A 135 7.96 -6.46 -10.02
CA GLY A 135 6.90 -7.39 -10.32
C GLY A 135 7.42 -8.73 -10.80
N ASN A 136 6.75 -9.81 -10.40
CA ASN A 136 7.15 -11.16 -10.79
C ASN A 136 5.94 -12.02 -11.08
N GLY A 137 5.78 -12.42 -12.34
CA GLY A 137 4.65 -13.25 -12.73
C GLY A 137 4.55 -13.45 -14.22
N TYR A 138 3.59 -14.26 -14.65
CA TYR A 138 3.40 -14.52 -16.07
C TYR A 138 1.93 -14.38 -16.46
N LEU A 139 1.69 -13.81 -17.63
CA LEU A 139 0.33 -13.61 -18.12
C LEU A 139 -0.23 -14.91 -18.69
N MET A 1 11.46 8.08 -32.22
CA MET A 1 12.30 7.07 -31.51
C MET A 1 13.23 7.73 -30.50
N SER A 2 13.64 8.96 -30.79
CA SER A 2 14.54 9.69 -29.90
C SER A 2 14.11 11.15 -29.79
N GLN A 3 14.02 11.65 -28.56
CA GLN A 3 13.62 13.03 -28.33
C GLN A 3 14.48 13.66 -27.24
N ILE A 4 15.40 14.55 -27.66
CA ILE A 4 16.28 15.22 -26.73
C ILE A 4 15.70 16.57 -26.29
N PRO A 5 15.17 16.65 -25.05
CA PRO A 5 14.59 17.88 -24.53
C PRO A 5 15.63 18.97 -24.30
N LEU A 6 16.90 18.60 -24.34
CA LEU A 6 17.99 19.56 -24.14
C LEU A 6 19.31 18.98 -24.65
N VAL A 7 20.36 19.79 -24.56
CA VAL A 7 21.68 19.36 -25.02
C VAL A 7 22.78 20.13 -24.29
N SER A 8 22.62 21.44 -24.19
CA SER A 8 23.60 22.29 -23.51
C SER A 8 24.95 22.21 -24.21
N GLN A 9 25.99 22.70 -23.52
CA GLN A 9 27.33 22.68 -24.07
C GLN A 9 27.43 23.52 -25.34
N TYR A 10 28.64 23.70 -25.85
CA TYR A 10 28.86 24.48 -27.06
C TYR A 10 28.41 25.93 -26.84
N ASP A 11 29.35 26.81 -26.54
CA ASP A 11 29.06 28.22 -26.32
C ASP A 11 28.12 28.39 -25.12
N PRO A 12 28.24 29.53 -24.42
CA PRO A 12 27.40 29.81 -23.25
C PRO A 12 25.91 29.67 -23.56
N TYR A 13 25.44 30.42 -24.54
CA TYR A 13 24.03 30.37 -24.93
C TYR A 13 23.67 28.99 -25.48
N GLY A 14 22.42 28.85 -25.90
CA GLY A 14 21.97 27.58 -26.44
C GLY A 14 21.09 27.75 -27.67
N GLN A 15 19.90 27.16 -27.63
CA GLN A 15 18.97 27.25 -28.76
C GLN A 15 17.56 27.58 -28.27
N THR A 16 16.62 27.66 -29.20
CA THR A 16 15.24 27.97 -28.86
C THR A 16 14.28 27.28 -29.83
N ALA A 17 13.07 27.00 -29.36
CA ALA A 17 12.06 26.35 -30.19
C ALA A 17 10.93 27.31 -30.55
N GLN A 18 10.71 28.30 -29.69
CA GLN A 18 9.65 29.28 -29.92
C GLN A 18 8.28 28.64 -29.89
N LEU A 19 7.92 27.97 -30.99
CA LEU A 19 6.62 27.30 -31.08
C LEU A 19 6.78 25.79 -30.98
N GLN A 20 6.88 25.28 -29.75
CA GLN A 20 7.03 23.86 -29.52
C GLN A 20 5.75 23.26 -28.94
N GLN A 21 5.03 24.06 -28.17
CA GLN A 21 3.79 23.62 -27.54
C GLN A 21 2.79 23.15 -28.60
N LEU A 22 1.69 22.55 -28.14
CA LEU A 22 0.66 22.05 -29.05
C LEU A 22 -0.59 21.65 -28.27
N GLN A 23 -1.73 21.63 -28.96
CA GLN A 23 -3.00 21.27 -28.33
C GLN A 23 -3.35 22.22 -27.21
N GLN A 24 -4.47 21.97 -26.55
CA GLN A 24 -4.92 22.81 -25.44
C GLN A 24 -4.28 22.38 -24.13
N GLN A 25 -4.57 21.15 -23.71
CA GLN A 25 -4.02 20.61 -22.47
C GLN A 25 -2.58 20.16 -22.66
N GLN A 26 -1.96 19.69 -21.59
CA GLN A 26 -0.59 19.23 -21.64
C GLN A 26 -0.26 18.34 -20.44
N GLN A 27 -0.29 18.93 -19.25
CA GLN A 27 0.00 18.20 -18.01
C GLN A 27 -0.31 19.06 -16.79
N GLN A 28 0.53 20.07 -16.55
CA GLN A 28 0.34 20.96 -15.41
C GLN A 28 0.28 20.17 -14.11
N HIS A 29 1.15 19.18 -13.98
CA HIS A 29 1.18 18.36 -12.77
C HIS A 29 2.59 18.31 -12.18
N ILE A 30 3.35 19.37 -12.42
CA ILE A 30 4.72 19.46 -11.91
C ILE A 30 5.56 18.28 -12.37
N PRO A 31 6.19 18.37 -13.55
CA PRO A 31 7.02 17.31 -14.10
C PRO A 31 8.16 16.90 -13.16
N PRO A 32 8.87 17.88 -12.59
CA PRO A 32 9.99 17.61 -11.68
C PRO A 32 9.58 16.67 -10.55
N THR A 33 8.37 16.85 -10.03
CA THR A 33 7.86 16.01 -8.95
C THR A 33 6.67 15.19 -9.40
N GLN A 34 6.85 13.88 -9.46
CA GLN A 34 5.77 12.98 -9.88
C GLN A 34 5.15 12.27 -8.67
N MET A 35 5.99 11.92 -7.70
CA MET A 35 5.53 11.24 -6.51
C MET A 35 5.11 12.24 -5.43
N ASN A 36 3.98 12.91 -5.66
CA ASN A 36 3.48 13.91 -4.71
C ASN A 36 3.02 13.23 -3.43
N PRO A 37 3.57 13.65 -2.27
CA PRO A 37 3.21 13.07 -0.96
C PRO A 37 1.71 13.21 -0.67
N GLU A 38 0.92 12.29 -1.22
CA GLU A 38 -0.52 12.29 -1.02
C GLU A 38 -0.90 11.56 0.27
N PRO A 39 -1.37 12.29 1.29
CA PRO A 39 -1.75 11.69 2.57
C PRO A 39 -3.00 10.81 2.45
N ASP A 40 -3.69 10.93 1.32
CA ASP A 40 -4.91 10.15 1.08
C ASP A 40 -4.62 8.65 1.19
N VAL A 41 -3.39 8.26 0.86
CA VAL A 41 -2.99 6.86 0.93
C VAL A 41 -2.56 6.46 2.34
N LEU A 42 -2.41 7.45 3.22
CA LEU A 42 -2.00 7.20 4.60
C LEU A 42 -3.11 6.51 5.39
N ARG A 43 -4.32 7.08 5.30
CA ARG A 43 -5.48 6.53 6.00
C ARG A 43 -5.68 5.05 5.68
N ASN A 44 -5.13 4.61 4.56
CA ASN A 44 -5.25 3.20 4.16
C ASN A 44 -4.33 2.33 5.00
N LEU A 45 -4.93 1.60 5.94
CA LEU A 45 -4.16 0.74 6.82
C LEU A 45 -4.29 -0.74 6.43
N MET A 46 -3.15 -1.36 6.17
CA MET A 46 -3.11 -2.77 5.81
C MET A 46 -2.92 -3.54 7.11
N VAL A 47 -3.97 -4.25 7.52
CA VAL A 47 -3.91 -4.96 8.78
C VAL A 47 -3.72 -6.46 8.59
N ASN A 48 -2.85 -7.00 9.43
CA ASN A 48 -2.57 -8.40 9.44
C ASN A 48 -2.28 -8.81 10.87
N TYR A 49 -2.90 -9.88 11.30
CA TYR A 49 -2.73 -10.40 12.65
C TYR A 49 -2.65 -11.91 12.57
N ILE A 50 -3.79 -12.49 12.25
CA ILE A 50 -3.93 -13.93 12.11
C ILE A 50 -4.04 -14.29 10.63
N PRO A 51 -3.43 -15.40 10.20
CA PRO A 51 -3.50 -15.81 8.80
C PRO A 51 -4.96 -15.98 8.33
N THR A 52 -5.53 -17.15 8.55
CA THR A 52 -6.91 -17.43 8.16
C THR A 52 -7.92 -16.82 9.15
N THR A 53 -7.45 -16.51 10.36
CA THR A 53 -8.34 -15.96 11.38
C THR A 53 -8.43 -14.44 11.33
N VAL A 54 -7.98 -13.84 10.23
CA VAL A 54 -8.04 -12.39 10.08
C VAL A 54 -9.48 -11.92 9.93
N ASP A 55 -9.99 -11.25 10.96
CA ASP A 55 -11.37 -10.74 10.94
C ASP A 55 -11.41 -9.23 10.96
N GLU A 56 -12.19 -8.65 10.04
CA GLU A 56 -12.34 -7.20 9.96
C GLU A 56 -12.90 -6.65 11.26
N VAL A 57 -13.61 -7.51 12.01
CA VAL A 57 -14.20 -7.13 13.28
C VAL A 57 -13.15 -6.91 14.35
N GLN A 58 -12.33 -7.94 14.58
CA GLN A 58 -11.26 -7.85 15.58
C GLN A 58 -10.46 -6.58 15.35
N LEU A 59 -10.18 -6.30 14.08
CA LEU A 59 -9.43 -5.12 13.70
C LEU A 59 -10.33 -3.88 13.73
N ARG A 60 -11.63 -4.10 13.49
CA ARG A 60 -12.59 -3.02 13.49
C ARG A 60 -12.58 -2.30 14.82
N GLN A 61 -12.79 -3.04 15.89
CA GLN A 61 -12.81 -2.46 17.23
C GLN A 61 -11.41 -2.06 17.67
N LEU A 62 -10.45 -2.94 17.43
CA LEU A 62 -9.07 -2.69 17.82
C LEU A 62 -8.48 -1.49 17.09
N PHE A 63 -8.71 -1.40 15.79
CA PHE A 63 -8.18 -0.28 15.01
C PHE A 63 -9.08 0.93 15.08
N GLU A 64 -10.38 0.76 14.84
CA GLU A 64 -11.28 1.90 14.90
C GLU A 64 -11.16 2.63 16.24
N ARG A 65 -10.73 1.91 17.27
CA ARG A 65 -10.56 2.51 18.59
C ARG A 65 -9.56 3.67 18.53
N TYR A 66 -8.54 3.50 17.70
CA TYR A 66 -7.51 4.53 17.55
C TYR A 66 -7.80 5.44 16.35
N GLY A 67 -8.72 5.02 15.49
CA GLY A 67 -9.06 5.81 14.33
C GLY A 67 -10.26 5.26 13.61
N PRO A 68 -11.45 5.80 13.87
CA PRO A 68 -12.68 5.34 13.24
C PRO A 68 -12.50 5.09 11.74
N ILE A 69 -12.80 3.87 11.33
CA ILE A 69 -12.68 3.46 9.94
C ILE A 69 -13.87 3.94 9.13
N GLU A 70 -13.61 4.27 7.87
CA GLU A 70 -14.64 4.75 6.98
C GLU A 70 -15.05 3.60 6.07
N SER A 71 -14.04 2.89 5.61
CA SER A 71 -14.26 1.74 4.77
C SER A 71 -13.21 0.68 5.09
N VAL A 72 -13.67 -0.37 5.77
CA VAL A 72 -12.81 -1.48 6.16
C VAL A 72 -13.09 -2.70 5.30
N LYS A 73 -12.04 -3.39 4.93
CA LYS A 73 -12.14 -4.59 4.11
C LYS A 73 -10.93 -5.49 4.32
N ILE A 74 -11.10 -6.79 4.11
CA ILE A 74 -10.00 -7.74 4.27
C ILE A 74 -9.49 -8.28 2.94
N VAL A 75 -8.19 -8.56 2.89
CA VAL A 75 -7.58 -9.11 1.69
C VAL A 75 -7.56 -10.63 1.75
N CYS A 76 -8.45 -11.26 0.98
CA CYS A 76 -8.55 -12.71 0.95
C CYS A 76 -7.41 -13.32 0.15
N ASP A 77 -7.34 -14.66 0.17
CA ASP A 77 -6.29 -15.37 -0.56
C ASP A 77 -6.75 -15.69 -1.98
N ARG A 78 -5.95 -15.25 -2.95
CA ARG A 78 -6.26 -15.49 -4.35
C ARG A 78 -6.08 -16.95 -4.73
N GLU A 79 -5.48 -17.73 -3.83
CA GLU A 79 -5.24 -19.15 -4.08
C GLU A 79 -6.55 -19.94 -4.03
N THR A 80 -7.30 -19.75 -2.95
CA THR A 80 -8.58 -20.44 -2.79
C THR A 80 -9.74 -19.45 -2.75
N ARG A 81 -9.44 -18.17 -2.96
CA ARG A 81 -10.47 -17.13 -2.94
C ARG A 81 -11.24 -17.15 -1.62
N GLN A 82 -10.57 -17.56 -0.55
CA GLN A 82 -11.19 -17.63 0.77
C GLN A 82 -10.62 -16.56 1.70
N SER A 83 -11.32 -16.31 2.81
CA SER A 83 -10.87 -15.32 3.77
C SER A 83 -9.55 -15.75 4.41
N ARG A 84 -8.51 -14.96 4.17
CA ARG A 84 -7.19 -15.28 4.70
C ARG A 84 -6.22 -14.12 4.50
N GLY A 85 -4.93 -14.44 4.52
CA GLY A 85 -3.91 -13.43 4.31
C GLY A 85 -3.94 -12.36 5.37
N TYR A 86 -4.74 -11.32 5.14
CA TYR A 86 -4.84 -10.22 6.08
C TYR A 86 -5.96 -9.27 5.68
N GLY A 87 -6.22 -8.26 6.51
CA GLY A 87 -7.27 -7.32 6.21
C GLY A 87 -6.78 -5.91 6.00
N PHE A 88 -7.72 -4.99 5.86
CA PHE A 88 -7.43 -3.58 5.63
C PHE A 88 -8.51 -2.72 6.31
N VAL A 89 -8.08 -1.59 6.87
CA VAL A 89 -9.01 -0.68 7.53
C VAL A 89 -8.73 0.76 7.10
N LYS A 90 -9.64 1.32 6.32
CA LYS A 90 -9.48 2.69 5.83
C LYS A 90 -10.02 3.68 6.84
N PHE A 91 -9.12 4.43 7.47
CA PHE A 91 -9.53 5.42 8.46
C PHE A 91 -10.11 6.64 7.77
N GLN A 92 -10.99 7.35 8.46
CA GLN A 92 -11.66 8.51 7.89
C GLN A 92 -10.66 9.50 7.29
N SER A 93 -9.68 9.93 8.08
CA SER A 93 -8.69 10.89 7.60
C SER A 93 -7.28 10.34 7.76
N GLY A 94 -6.41 10.70 6.81
CA GLY A 94 -5.04 10.23 6.85
C GLY A 94 -4.38 10.54 8.19
N SER A 95 -4.86 11.60 8.84
CA SER A 95 -4.33 11.99 10.14
C SER A 95 -4.56 10.90 11.17
N SER A 96 -5.55 10.04 10.92
CA SER A 96 -5.86 8.96 11.84
C SER A 96 -4.91 7.79 11.63
N ALA A 97 -4.47 7.61 10.39
CA ALA A 97 -3.55 6.53 10.05
C ALA A 97 -2.26 6.67 10.85
N GLN A 98 -1.77 7.90 10.98
CA GLN A 98 -0.54 8.16 11.73
C GLN A 98 -0.69 7.68 13.18
N GLN A 99 -1.88 7.90 13.73
CA GLN A 99 -2.16 7.49 15.11
C GLN A 99 -2.36 5.98 15.17
N ALA A 100 -2.88 5.41 14.08
CA ALA A 100 -3.10 3.98 14.02
C ALA A 100 -1.77 3.24 13.95
N ILE A 101 -0.98 3.60 12.95
CA ILE A 101 0.34 3.00 12.76
C ILE A 101 1.24 3.26 13.97
N ALA A 102 0.96 4.35 14.68
CA ALA A 102 1.74 4.73 15.85
C ALA A 102 1.44 3.83 17.04
N GLY A 103 0.17 3.50 17.23
CA GLY A 103 -0.21 2.66 18.35
C GLY A 103 -0.74 1.30 17.94
N LEU A 104 -0.53 0.93 16.68
CA LEU A 104 -1.01 -0.36 16.20
C LEU A 104 0.03 -1.07 15.34
N ASN A 105 0.81 -0.32 14.59
CA ASN A 105 1.84 -0.93 13.75
C ASN A 105 2.80 -1.73 14.63
N GLY A 106 2.91 -3.02 14.35
CA GLY A 106 3.79 -3.87 15.13
C GLY A 106 3.45 -3.85 16.61
N PHE A 107 2.21 -3.47 16.94
CA PHE A 107 1.78 -3.43 18.35
C PHE A 107 1.97 -4.80 18.99
N ASN A 108 3.17 -5.03 19.51
CA ASN A 108 3.49 -6.32 20.13
C ASN A 108 2.72 -6.53 21.42
N ILE A 109 1.50 -7.05 21.28
CA ILE A 109 0.67 -7.35 22.45
C ILE A 109 1.05 -8.70 23.03
N LEU A 110 0.69 -8.93 24.29
CA LEU A 110 1.03 -10.17 24.98
C LEU A 110 0.66 -11.43 24.19
N ASN A 111 -0.37 -11.36 23.37
CA ASN A 111 -0.79 -12.52 22.60
C ASN A 111 -0.07 -12.59 21.27
N LYS A 112 -0.15 -11.52 20.51
CA LYS A 112 0.47 -11.44 19.19
C LYS A 112 1.04 -10.06 18.91
N ARG A 113 1.42 -9.83 17.66
CA ARG A 113 1.97 -8.54 17.24
C ARG A 113 1.05 -7.93 16.19
N LEU A 114 0.43 -6.82 16.53
CA LEU A 114 -0.47 -6.14 15.61
C LEU A 114 0.31 -5.54 14.46
N LYS A 115 0.08 -6.03 13.24
CA LYS A 115 0.80 -5.54 12.07
C LYS A 115 -0.09 -4.63 11.21
N VAL A 116 0.35 -3.39 11.06
CA VAL A 116 -0.38 -2.42 10.25
C VAL A 116 0.55 -1.74 9.26
N ALA A 117 0.21 -1.81 7.98
CA ALA A 117 1.03 -1.19 6.94
C ALA A 117 0.20 -0.26 6.05
N LEU A 118 0.70 0.95 5.81
CA LEU A 118 0.00 1.90 4.97
C LEU A 118 -0.01 1.44 3.51
N ALA A 119 -1.20 1.39 2.92
CA ALA A 119 -1.35 0.96 1.54
C ALA A 119 -0.79 2.00 0.58
N ALA A 120 0.52 2.21 0.64
CA ALA A 120 1.19 3.18 -0.22
C ALA A 120 1.56 2.56 -1.57
N SER A 121 0.60 2.53 -2.49
CA SER A 121 0.83 1.97 -3.82
C SER A 121 1.30 0.52 -3.72
N GLY A 122 1.64 -0.05 -4.87
CA GLY A 122 2.10 -1.42 -4.90
C GLY A 122 3.33 -1.61 -5.78
N HIS A 123 4.43 -2.05 -5.18
CA HIS A 123 5.67 -2.26 -5.93
C HIS A 123 5.70 -3.66 -6.53
N GLN A 124 6.77 -3.95 -7.28
CA GLN A 124 6.93 -5.25 -7.92
C GLN A 124 5.90 -5.44 -9.03
N ARG A 125 4.63 -5.55 -8.64
CA ARG A 125 3.56 -5.73 -9.62
C ARG A 125 3.07 -4.39 -10.16
N PRO A 126 3.30 -4.11 -11.45
CA PRO A 126 2.88 -2.85 -12.07
C PRO A 126 1.37 -2.66 -12.02
N GLY A 127 0.63 -3.74 -12.23
CA GLY A 127 -0.81 -3.66 -12.20
C GLY A 127 -1.42 -3.85 -13.57
N ILE A 128 -1.39 -5.08 -14.08
CA ILE A 128 -1.94 -5.38 -15.40
C ILE A 128 -3.41 -4.96 -15.50
N ALA A 129 -3.79 -4.42 -16.64
CA ALA A 129 -5.15 -3.97 -16.87
C ALA A 129 -5.49 -3.96 -18.35
N GLY A 130 -4.59 -3.42 -19.16
CA GLY A 130 -4.82 -3.35 -20.59
C GLY A 130 -4.01 -2.26 -21.25
N ALA A 131 -3.71 -1.21 -20.51
CA ALA A 131 -2.93 -0.08 -21.03
C ALA A 131 -1.65 0.12 -20.23
N VAL A 132 -0.67 -0.73 -20.50
CA VAL A 132 0.62 -0.65 -19.81
C VAL A 132 1.72 -0.22 -20.76
N GLY A 133 1.60 -0.60 -22.02
CA GLY A 133 2.61 -0.24 -23.00
C GLY A 133 2.37 1.13 -23.60
N ASP A 134 2.49 2.16 -22.77
CA ASP A 134 2.28 3.53 -23.22
C ASP A 134 3.61 4.24 -23.47
N GLY A 135 4.60 3.47 -23.93
CA GLY A 135 5.91 4.03 -24.20
C GLY A 135 7.00 2.98 -24.21
N ASN A 136 8.19 3.38 -24.66
CA ASN A 136 9.32 2.46 -24.73
C ASN A 136 10.05 2.39 -23.39
N GLY A 137 10.98 1.47 -23.27
CA GLY A 137 11.74 1.32 -22.05
C GLY A 137 13.19 1.75 -22.20
N TYR A 138 13.96 0.97 -22.96
CA TYR A 138 15.37 1.27 -23.18
C TYR A 138 15.62 1.60 -24.64
N LEU A 139 15.56 0.58 -25.50
CA LEU A 139 15.79 0.76 -26.93
C LEU A 139 14.54 0.38 -27.72
N MET A 1 40.65 51.70 -15.95
CA MET A 1 41.36 52.72 -16.77
C MET A 1 40.49 53.21 -17.92
N SER A 2 39.59 52.34 -18.39
CA SER A 2 38.70 52.70 -19.48
C SER A 2 37.41 51.88 -19.42
N GLN A 3 37.55 50.55 -19.38
CA GLN A 3 36.40 49.66 -19.32
C GLN A 3 36.55 48.66 -18.18
N ILE A 4 37.74 48.08 -18.08
CA ILE A 4 38.01 47.09 -17.03
C ILE A 4 39.51 46.79 -16.93
N PRO A 5 40.18 47.26 -15.86
CA PRO A 5 41.62 47.04 -15.66
C PRO A 5 41.94 45.56 -15.46
N LEU A 6 41.78 44.77 -16.53
CA LEU A 6 42.06 43.35 -16.47
C LEU A 6 42.44 42.81 -17.85
N VAL A 7 41.69 43.22 -18.86
CA VAL A 7 41.95 42.79 -20.23
C VAL A 7 41.59 41.32 -20.42
N SER A 8 40.45 41.08 -21.05
CA SER A 8 39.99 39.71 -21.30
C SER A 8 39.77 38.96 -19.99
N GLN A 9 38.96 37.91 -20.03
CA GLN A 9 38.68 37.11 -18.84
C GLN A 9 37.99 37.95 -17.78
N TYR A 10 36.75 37.59 -17.45
CA TYR A 10 36.00 38.30 -16.44
C TYR A 10 35.31 37.33 -15.47
N ASP A 11 34.53 37.88 -14.56
CA ASP A 11 33.82 37.06 -13.58
C ASP A 11 32.33 37.38 -13.56
N PRO A 12 31.50 36.59 -14.27
CA PRO A 12 30.06 36.79 -14.34
C PRO A 12 29.37 36.51 -13.00
N TYR A 13 28.30 37.24 -12.74
CA TYR A 13 27.55 37.07 -11.49
C TYR A 13 26.05 37.14 -11.75
N GLY A 14 25.28 36.31 -11.04
CA GLY A 14 23.84 36.30 -11.20
C GLY A 14 23.19 37.56 -10.66
N GLN A 15 21.99 37.86 -11.15
CA GLN A 15 21.26 39.04 -10.72
C GLN A 15 20.43 38.73 -9.47
N THR A 16 21.03 38.93 -8.31
CA THR A 16 20.34 38.67 -7.04
C THR A 16 19.17 39.62 -6.85
N ALA A 17 17.96 39.14 -7.17
CA ALA A 17 16.76 39.94 -7.04
C ALA A 17 15.65 39.17 -6.33
N GLN A 18 15.21 38.08 -6.97
CA GLN A 18 14.15 37.25 -6.41
C GLN A 18 13.99 35.97 -7.22
N LEU A 19 13.74 34.86 -6.52
CA LEU A 19 13.56 33.57 -7.17
C LEU A 19 12.10 33.14 -7.13
N GLN A 20 11.42 33.44 -6.02
CA GLN A 20 10.02 33.08 -5.86
C GLN A 20 9.83 31.58 -5.93
N GLN A 21 9.45 30.98 -4.81
CA GLN A 21 9.24 29.54 -4.74
C GLN A 21 7.90 29.22 -4.06
N LEU A 22 6.94 30.10 -4.23
CA LEU A 22 5.61 29.92 -3.63
C LEU A 22 4.61 29.46 -4.69
N GLN A 23 4.25 30.37 -5.59
CA GLN A 23 3.29 30.06 -6.64
C GLN A 23 1.94 29.69 -6.06
N GLN A 24 0.87 29.95 -6.82
CA GLN A 24 -0.48 29.65 -6.37
C GLN A 24 -1.49 29.97 -7.47
N GLN A 25 -1.75 28.99 -8.33
CA GLN A 25 -2.70 29.16 -9.43
C GLN A 25 -4.09 28.66 -9.03
N GLN A 26 -4.31 28.49 -7.73
CA GLN A 26 -5.60 28.01 -7.23
C GLN A 26 -6.01 26.71 -7.92
N GLN A 27 -5.03 25.88 -8.27
CA GLN A 27 -5.30 24.62 -8.93
C GLN A 27 -4.20 23.61 -8.63
N GLN A 28 -4.59 22.43 -8.15
CA GLN A 28 -3.64 21.38 -7.82
C GLN A 28 -4.05 20.06 -8.48
N HIS A 29 -3.82 19.96 -9.79
CA HIS A 29 -4.16 18.76 -10.53
C HIS A 29 -2.94 17.86 -10.74
N ILE A 30 -1.76 18.47 -10.72
CA ILE A 30 -0.51 17.73 -10.90
C ILE A 30 -0.45 17.12 -12.31
N PRO A 31 0.58 17.47 -13.10
CA PRO A 31 0.74 16.97 -14.46
C PRO A 31 0.72 15.44 -14.52
N PRO A 32 1.53 14.76 -13.69
CA PRO A 32 1.59 13.29 -13.68
C PRO A 32 0.40 12.66 -12.95
N THR A 33 -0.55 13.49 -12.52
CA THR A 33 -1.75 13.01 -11.82
C THR A 33 -1.39 11.96 -10.78
N GLN A 34 -1.15 12.42 -9.55
CA GLN A 34 -0.80 11.55 -8.42
C GLN A 34 0.09 10.39 -8.86
N MET A 35 1.40 10.60 -8.80
CA MET A 35 2.36 9.57 -9.19
C MET A 35 2.18 8.31 -8.34
N ASN A 36 2.11 8.50 -7.04
CA ASN A 36 1.93 7.38 -6.10
C ASN A 36 1.89 7.86 -4.66
N PRO A 37 2.90 8.65 -4.24
CA PRO A 37 2.96 9.19 -2.88
C PRO A 37 1.81 10.15 -2.57
N GLU A 38 0.62 9.59 -2.38
CA GLU A 38 -0.55 10.40 -2.09
C GLU A 38 -0.89 10.34 -0.60
N PRO A 39 -0.62 11.41 0.15
CA PRO A 39 -0.90 11.47 1.60
C PRO A 39 -2.39 11.28 1.89
N ASP A 40 -3.23 11.62 0.93
CA ASP A 40 -4.68 11.50 1.09
C ASP A 40 -5.06 10.04 1.35
N VAL A 41 -4.28 9.11 0.82
CA VAL A 41 -4.55 7.70 0.99
C VAL A 41 -3.70 7.10 2.11
N LEU A 42 -3.41 7.92 3.11
CA LEU A 42 -2.61 7.48 4.25
C LEU A 42 -3.45 6.66 5.22
N ARG A 43 -4.77 6.89 5.21
CA ARG A 43 -5.68 6.18 6.09
C ARG A 43 -5.76 4.69 5.74
N ASN A 44 -5.15 4.29 4.63
CA ASN A 44 -5.16 2.89 4.22
C ASN A 44 -4.21 2.08 5.09
N LEU A 45 -4.76 1.29 6.00
CA LEU A 45 -3.96 0.49 6.91
C LEU A 45 -4.07 -1.00 6.61
N MET A 46 -2.93 -1.61 6.33
CA MET A 46 -2.87 -3.04 6.06
C MET A 46 -2.62 -3.78 7.36
N VAL A 47 -3.61 -4.54 7.82
CA VAL A 47 -3.46 -5.26 9.09
C VAL A 47 -3.18 -6.73 8.85
N ASN A 48 -2.16 -7.23 9.54
CA ASN A 48 -1.76 -8.62 9.43
C ASN A 48 -1.38 -9.17 10.80
N TYR A 49 -1.87 -10.36 11.08
CA TYR A 49 -1.59 -11.01 12.35
C TYR A 49 -1.92 -12.49 12.23
N ILE A 50 -3.19 -12.79 12.05
CA ILE A 50 -3.64 -14.17 11.89
C ILE A 50 -3.96 -14.48 10.43
N PRO A 51 -3.56 -15.65 9.93
CA PRO A 51 -3.81 -16.04 8.53
C PRO A 51 -5.31 -16.19 8.23
N THR A 52 -5.86 -17.37 8.49
CA THR A 52 -7.28 -17.63 8.23
C THR A 52 -8.16 -17.04 9.32
N THR A 53 -7.59 -16.74 10.48
CA THR A 53 -8.36 -16.18 11.59
C THR A 53 -8.41 -14.66 11.53
N VAL A 54 -8.03 -14.08 10.39
CA VAL A 54 -8.06 -12.63 10.24
C VAL A 54 -9.50 -12.12 10.21
N ASP A 55 -9.90 -11.41 11.26
CA ASP A 55 -11.26 -10.89 11.35
C ASP A 55 -11.29 -9.38 11.31
N GLU A 56 -11.97 -8.83 10.30
CA GLU A 56 -12.11 -7.39 10.16
C GLU A 56 -12.69 -6.80 11.43
N VAL A 57 -13.42 -7.63 12.18
CA VAL A 57 -14.04 -7.23 13.44
C VAL A 57 -12.98 -6.96 14.51
N GLN A 58 -12.15 -7.97 14.76
CA GLN A 58 -11.08 -7.84 15.75
C GLN A 58 -10.32 -6.53 15.54
N LEU A 59 -9.95 -6.28 14.29
CA LEU A 59 -9.23 -5.06 13.95
C LEU A 59 -10.19 -3.88 13.87
N ARG A 60 -11.47 -4.17 13.60
CA ARG A 60 -12.50 -3.15 13.50
C ARG A 60 -12.56 -2.33 14.77
N GLN A 61 -12.75 -3.02 15.89
CA GLN A 61 -12.83 -2.34 17.18
C GLN A 61 -11.46 -1.88 17.64
N LEU A 62 -10.47 -2.75 17.50
CA LEU A 62 -9.11 -2.45 17.92
C LEU A 62 -8.51 -1.29 17.12
N PHE A 63 -8.73 -1.28 15.81
CA PHE A 63 -8.18 -0.22 14.97
C PHE A 63 -9.09 0.99 14.96
N GLU A 64 -10.38 0.80 14.72
CA GLU A 64 -11.29 1.94 14.70
C GLU A 64 -11.18 2.75 16.00
N ARG A 65 -10.78 2.08 17.08
CA ARG A 65 -10.63 2.76 18.37
C ARG A 65 -9.68 3.95 18.24
N TYR A 66 -8.50 3.69 17.71
CA TYR A 66 -7.49 4.74 17.53
C TYR A 66 -7.80 5.60 16.31
N GLY A 67 -8.77 5.16 15.50
CA GLY A 67 -9.13 5.91 14.31
C GLY A 67 -10.30 5.28 13.59
N PRO A 68 -11.52 5.78 13.81
CA PRO A 68 -12.72 5.25 13.17
C PRO A 68 -12.51 4.96 11.69
N ILE A 69 -12.76 3.72 11.31
CA ILE A 69 -12.59 3.29 9.92
C ILE A 69 -13.80 3.69 9.08
N GLU A 70 -13.54 4.03 7.83
CA GLU A 70 -14.59 4.43 6.92
C GLU A 70 -14.93 3.26 6.02
N SER A 71 -13.88 2.62 5.53
CA SER A 71 -14.03 1.45 4.70
C SER A 71 -13.00 0.40 5.10
N VAL A 72 -13.48 -0.62 5.78
CA VAL A 72 -12.63 -1.70 6.23
C VAL A 72 -12.89 -2.97 5.42
N LYS A 73 -11.82 -3.65 5.07
CA LYS A 73 -11.92 -4.89 4.29
C LYS A 73 -10.70 -5.77 4.52
N ILE A 74 -10.85 -7.07 4.30
CA ILE A 74 -9.75 -7.99 4.47
C ILE A 74 -9.23 -8.50 3.13
N VAL A 75 -7.92 -8.73 3.05
CA VAL A 75 -7.30 -9.23 1.83
C VAL A 75 -7.22 -10.75 1.86
N CYS A 76 -8.05 -11.39 1.04
CA CYS A 76 -8.09 -12.84 0.96
C CYS A 76 -7.33 -13.35 -0.25
N ASP A 77 -7.16 -14.67 -0.32
CA ASP A 77 -6.46 -15.29 -1.44
C ASP A 77 -7.30 -15.28 -2.70
N ARG A 78 -6.82 -14.59 -3.73
CA ARG A 78 -7.53 -14.49 -5.00
C ARG A 78 -7.52 -15.82 -5.75
N GLU A 79 -6.72 -16.77 -5.27
CA GLU A 79 -6.62 -18.08 -5.91
C GLU A 79 -7.87 -18.91 -5.64
N THR A 80 -8.25 -19.01 -4.37
CA THR A 80 -9.42 -19.78 -3.98
C THR A 80 -10.49 -18.88 -3.34
N ARG A 81 -10.25 -17.57 -3.34
CA ARG A 81 -11.19 -16.62 -2.76
C ARG A 81 -11.53 -16.99 -1.32
N GLN A 82 -10.54 -17.53 -0.60
CA GLN A 82 -10.74 -17.92 0.79
C GLN A 82 -10.24 -16.83 1.74
N SER A 83 -11.00 -16.57 2.79
CA SER A 83 -10.62 -15.56 3.77
C SER A 83 -9.33 -15.95 4.49
N ARG A 84 -8.27 -15.20 4.22
CA ARG A 84 -6.97 -15.47 4.81
C ARG A 84 -5.99 -14.34 4.54
N GLY A 85 -4.71 -14.63 4.74
CA GLY A 85 -3.68 -13.64 4.48
C GLY A 85 -3.65 -12.53 5.51
N TYR A 86 -4.48 -11.52 5.30
CA TYR A 86 -4.54 -10.39 6.21
C TYR A 86 -5.71 -9.47 5.87
N GLY A 87 -5.93 -8.46 6.69
CA GLY A 87 -7.01 -7.53 6.42
C GLY A 87 -6.56 -6.11 6.20
N PHE A 88 -7.52 -5.21 6.11
CA PHE A 88 -7.26 -3.80 5.87
C PHE A 88 -8.29 -2.93 6.59
N VAL A 89 -7.90 -1.73 6.96
CA VAL A 89 -8.81 -0.80 7.64
C VAL A 89 -8.52 0.63 7.19
N LYS A 90 -9.43 1.20 6.42
CA LYS A 90 -9.28 2.56 5.93
C LYS A 90 -9.92 3.56 6.88
N PHE A 91 -9.09 4.38 7.53
CA PHE A 91 -9.58 5.37 8.47
C PHE A 91 -10.21 6.53 7.71
N GLN A 92 -11.12 7.23 8.38
CA GLN A 92 -11.82 8.35 7.75
C GLN A 92 -10.85 9.34 7.11
N SER A 93 -9.91 9.84 7.91
CA SER A 93 -8.94 10.80 7.41
C SER A 93 -7.52 10.26 7.54
N GLY A 94 -6.71 10.48 6.52
CA GLY A 94 -5.33 10.01 6.54
C GLY A 94 -4.62 10.42 7.81
N SER A 95 -5.06 11.51 8.41
CA SER A 95 -4.47 12.01 9.65
C SER A 95 -4.67 11.01 10.78
N SER A 96 -5.70 10.17 10.65
CA SER A 96 -5.98 9.16 11.66
C SER A 96 -5.02 7.98 11.53
N ALA A 97 -4.55 7.75 10.31
CA ALA A 97 -3.62 6.65 10.04
C ALA A 97 -2.34 6.83 10.84
N GLN A 98 -1.86 8.07 10.93
CA GLN A 98 -0.65 8.38 11.67
C GLN A 98 -0.76 7.87 13.11
N GLN A 99 -1.89 8.15 13.73
CA GLN A 99 -2.13 7.71 15.11
C GLN A 99 -2.35 6.20 15.16
N ALA A 100 -2.84 5.65 14.05
CA ALA A 100 -3.08 4.22 13.97
C ALA A 100 -1.77 3.46 13.94
N ILE A 101 -0.93 3.80 12.96
CA ILE A 101 0.37 3.17 12.80
C ILE A 101 1.24 3.41 14.03
N ALA A 102 0.97 4.51 14.72
CA ALA A 102 1.74 4.86 15.91
C ALA A 102 1.39 3.98 17.10
N GLY A 103 0.10 3.70 17.26
CA GLY A 103 -0.34 2.87 18.38
C GLY A 103 -0.89 1.53 17.95
N LEU A 104 -0.66 1.14 16.70
CA LEU A 104 -1.15 -0.14 16.20
C LEU A 104 -0.09 -0.90 15.41
N ASN A 105 0.72 -0.17 14.66
CA ASN A 105 1.77 -0.81 13.87
C ASN A 105 2.70 -1.60 14.79
N GLY A 106 2.80 -2.91 14.55
CA GLY A 106 3.64 -3.74 15.37
C GLY A 106 3.17 -3.79 16.81
N PHE A 107 1.92 -3.37 17.07
CA PHE A 107 1.36 -3.40 18.42
C PHE A 107 1.58 -4.76 19.07
N ASN A 108 2.74 -4.94 19.69
CA ASN A 108 3.08 -6.20 20.32
C ASN A 108 2.37 -6.36 21.66
N ILE A 109 1.12 -6.83 21.61
CA ILE A 109 0.37 -7.06 22.84
C ILE A 109 0.84 -8.36 23.49
N LEU A 110 0.54 -8.52 24.77
CA LEU A 110 0.97 -9.69 25.53
C LEU A 110 0.65 -11.01 24.83
N ASN A 111 -0.30 -11.01 23.91
CA ASN A 111 -0.67 -12.24 23.22
C ASN A 111 -0.17 -12.28 21.78
N LYS A 112 -0.30 -11.17 21.07
CA LYS A 112 0.12 -11.10 19.67
C LYS A 112 0.74 -9.76 19.30
N ARG A 113 1.02 -9.59 18.01
CA ARG A 113 1.60 -8.35 17.50
C ARG A 113 0.75 -7.82 16.35
N LEU A 114 0.13 -6.67 16.56
CA LEU A 114 -0.71 -6.07 15.53
C LEU A 114 0.14 -5.40 14.45
N LYS A 115 0.30 -6.07 13.32
CA LYS A 115 1.08 -5.53 12.22
C LYS A 115 0.22 -4.67 11.30
N VAL A 116 0.58 -3.39 11.18
CA VAL A 116 -0.17 -2.47 10.34
C VAL A 116 0.76 -1.73 9.38
N ALA A 117 0.47 -1.85 8.09
CA ALA A 117 1.28 -1.19 7.07
C ALA A 117 0.42 -0.45 6.05
N LEU A 118 0.81 0.78 5.73
CA LEU A 118 0.07 1.59 4.77
C LEU A 118 0.10 0.94 3.38
N ALA A 119 -1.06 0.92 2.72
CA ALA A 119 -1.16 0.33 1.40
C ALA A 119 -0.47 1.19 0.36
N ALA A 120 -0.70 2.50 0.42
CA ALA A 120 -0.09 3.45 -0.52
C ALA A 120 -0.68 3.27 -1.91
N SER A 121 -0.41 2.13 -2.53
CA SER A 121 -0.92 1.85 -3.87
C SER A 121 -1.13 0.36 -4.07
N GLY A 122 -2.38 -0.07 -3.99
CA GLY A 122 -2.69 -1.48 -4.17
C GLY A 122 -3.06 -1.82 -5.60
N HIS A 123 -4.30 -1.57 -5.96
CA HIS A 123 -4.78 -1.86 -7.32
C HIS A 123 -4.36 -0.76 -8.29
N GLN A 124 -4.11 -1.15 -9.53
CA GLN A 124 -3.69 -0.20 -10.56
C GLN A 124 -4.89 0.32 -11.33
N ARG A 125 -4.94 1.64 -11.53
CA ARG A 125 -6.04 2.26 -12.26
C ARG A 125 -5.63 3.64 -12.79
N PRO A 126 -5.55 3.81 -14.12
CA PRO A 126 -5.17 5.08 -14.73
C PRO A 126 -6.23 6.16 -14.52
N GLY A 127 -7.49 5.73 -14.36
CA GLY A 127 -8.57 6.67 -14.15
C GLY A 127 -9.72 6.46 -15.12
N ILE A 128 -10.05 5.20 -15.37
CA ILE A 128 -11.13 4.87 -16.29
C ILE A 128 -10.89 5.45 -17.67
N ALA A 129 -9.74 5.12 -18.25
CA ALA A 129 -9.39 5.61 -19.58
C ALA A 129 -8.81 4.50 -20.45
N GLY A 130 -7.84 3.78 -19.90
CA GLY A 130 -7.21 2.69 -20.64
C GLY A 130 -6.42 3.19 -21.83
N ALA A 131 -5.60 4.21 -21.62
CA ALA A 131 -4.77 4.77 -22.68
C ALA A 131 -3.39 4.13 -22.70
N VAL A 132 -2.49 4.70 -23.49
CA VAL A 132 -1.14 4.19 -23.61
C VAL A 132 -0.12 5.19 -23.06
N GLY A 133 -0.37 6.47 -23.31
CA GLY A 133 0.53 7.50 -22.82
C GLY A 133 1.16 8.29 -23.95
N ASP A 134 2.34 7.87 -24.39
CA ASP A 134 3.05 8.54 -25.47
C ASP A 134 3.27 7.59 -26.65
N GLY A 135 2.45 7.74 -27.69
CA GLY A 135 2.57 6.90 -28.86
C GLY A 135 1.39 7.03 -29.80
N ASN A 136 0.19 6.92 -29.25
CA ASN A 136 -1.03 7.02 -30.05
C ASN A 136 -1.07 5.94 -31.13
N GLY A 137 -2.25 5.74 -31.71
CA GLY A 137 -2.40 4.74 -32.74
C GLY A 137 -3.77 4.76 -33.38
N TYR A 138 -3.81 4.76 -34.70
CA TYR A 138 -5.08 4.77 -35.43
C TYR A 138 -5.02 3.86 -36.65
N LEU A 139 -4.07 4.12 -37.54
CA LEU A 139 -3.91 3.32 -38.75
C LEU A 139 -2.51 2.71 -38.81
N MET A 1 5.29 -3.86 -69.63
CA MET A 1 5.45 -5.12 -68.86
C MET A 1 6.70 -5.09 -67.99
N SER A 2 6.57 -5.62 -66.77
CA SER A 2 7.69 -5.65 -65.83
C SER A 2 7.38 -6.58 -64.67
N GLN A 3 8.11 -7.70 -64.60
CA GLN A 3 7.92 -8.67 -63.53
C GLN A 3 9.10 -8.66 -62.57
N ILE A 4 8.93 -9.31 -61.43
CA ILE A 4 9.98 -9.36 -60.42
C ILE A 4 9.96 -10.70 -59.66
N PRO A 5 11.13 -11.21 -59.27
CA PRO A 5 11.23 -12.48 -58.55
C PRO A 5 10.78 -12.36 -57.10
N LEU A 6 9.51 -12.01 -56.90
CA LEU A 6 8.95 -11.85 -55.57
C LEU A 6 7.46 -12.17 -55.55
N VAL A 7 6.67 -11.35 -56.23
CA VAL A 7 5.23 -11.55 -56.30
C VAL A 7 4.58 -11.38 -54.92
N SER A 8 5.32 -10.78 -53.99
CA SER A 8 4.81 -10.57 -52.64
C SER A 8 5.90 -10.01 -51.73
N GLN A 9 5.49 -9.45 -50.59
CA GLN A 9 6.44 -8.89 -49.63
C GLN A 9 6.63 -9.82 -48.44
N TYR A 10 7.36 -10.91 -48.67
CA TYR A 10 7.61 -11.88 -47.61
C TYR A 10 8.93 -11.59 -46.91
N ASP A 11 9.99 -11.38 -47.69
CA ASP A 11 11.31 -11.09 -47.13
C ASP A 11 11.82 -12.26 -46.29
N PRO A 12 13.14 -12.50 -46.32
CA PRO A 12 13.75 -13.60 -45.56
C PRO A 12 13.74 -13.33 -44.05
N TYR A 13 14.05 -14.37 -43.27
CA TYR A 13 14.09 -14.24 -41.82
C TYR A 13 15.51 -14.00 -41.33
N GLY A 14 15.73 -12.84 -40.70
CA GLY A 14 17.04 -12.51 -40.20
C GLY A 14 17.44 -11.08 -40.49
N GLN A 15 16.51 -10.15 -40.25
CA GLN A 15 16.77 -8.74 -40.50
C GLN A 15 16.35 -7.90 -39.29
N THR A 16 16.39 -6.58 -39.46
CA THR A 16 16.01 -5.66 -38.39
C THR A 16 16.93 -5.84 -37.18
N ALA A 17 18.22 -6.03 -37.43
CA ALA A 17 19.19 -6.22 -36.37
C ALA A 17 18.87 -7.46 -35.55
N GLN A 18 19.84 -7.92 -34.77
CA GLN A 18 19.67 -9.10 -33.93
C GLN A 18 19.69 -8.73 -32.45
N LEU A 19 18.94 -9.47 -31.65
CA LEU A 19 18.86 -9.22 -30.22
C LEU A 19 20.21 -9.51 -29.55
N GLN A 20 20.75 -8.49 -28.88
CA GLN A 20 22.04 -8.63 -28.20
C GLN A 20 22.06 -7.81 -26.91
N GLN A 21 22.99 -8.14 -26.02
CA GLN A 21 23.11 -7.44 -24.76
C GLN A 21 21.84 -7.59 -23.93
N LEU A 22 21.91 -8.38 -22.86
CA LEU A 22 20.76 -8.59 -21.99
C LEU A 22 20.59 -7.43 -21.01
N GLN A 23 19.34 -7.07 -20.75
CA GLN A 23 19.03 -5.97 -19.84
C GLN A 23 17.72 -6.21 -19.09
N GLN A 24 17.38 -7.49 -18.92
CA GLN A 24 16.14 -7.86 -18.23
C GLN A 24 14.93 -7.22 -18.91
N GLN A 25 14.82 -7.43 -20.21
CA GLN A 25 13.70 -6.88 -20.98
C GLN A 25 12.37 -7.39 -20.44
N GLN A 26 11.39 -6.48 -20.37
CA GLN A 26 10.06 -6.84 -19.88
C GLN A 26 9.10 -5.67 -19.99
N GLN A 27 9.19 -4.93 -21.10
CA GLN A 27 8.34 -3.78 -21.33
C GLN A 27 8.55 -2.72 -20.27
N GLN A 28 7.96 -1.54 -20.47
CA GLN A 28 8.09 -0.44 -19.53
C GLN A 28 7.02 -0.53 -18.45
N HIS A 29 5.84 -1.03 -18.82
CA HIS A 29 4.74 -1.15 -17.88
C HIS A 29 4.37 -2.62 -17.68
N ILE A 30 3.95 -2.96 -16.46
CA ILE A 30 3.57 -4.33 -16.15
C ILE A 30 2.14 -4.40 -15.63
N PRO A 31 1.46 -5.55 -15.82
CA PRO A 31 0.08 -5.74 -15.39
C PRO A 31 -0.13 -5.42 -13.90
N PRO A 32 0.75 -5.92 -13.02
CA PRO A 32 0.64 -5.67 -11.58
C PRO A 32 1.16 -4.30 -11.17
N THR A 33 0.64 -3.26 -11.83
CA THR A 33 1.05 -1.89 -11.53
C THR A 33 -0.14 -1.05 -11.12
N GLN A 34 -0.92 -1.57 -10.17
CA GLN A 34 -2.11 -0.87 -9.69
C GLN A 34 -1.79 -0.07 -8.42
N MET A 35 -2.82 0.39 -7.73
CA MET A 35 -2.65 1.16 -6.52
C MET A 35 -1.93 2.48 -6.80
N ASN A 36 -2.70 3.55 -6.98
CA ASN A 36 -2.15 4.86 -7.27
C ASN A 36 -1.40 5.40 -6.04
N PRO A 37 -0.06 5.52 -6.12
CA PRO A 37 0.76 6.02 -5.01
C PRO A 37 0.48 7.50 -4.71
N GLU A 38 -0.73 7.77 -4.21
CA GLU A 38 -1.12 9.14 -3.88
C GLU A 38 -1.03 9.38 -2.37
N PRO A 39 -0.78 10.64 -1.97
CA PRO A 39 -0.67 11.00 -0.56
C PRO A 39 -2.02 11.04 0.14
N ASP A 40 -3.08 11.26 -0.63
CA ASP A 40 -4.43 11.33 -0.10
C ASP A 40 -4.81 10.02 0.59
N VAL A 41 -4.27 8.91 0.09
CA VAL A 41 -4.55 7.60 0.65
C VAL A 41 -3.62 7.28 1.81
N LEU A 42 -3.76 8.04 2.90
CA LEU A 42 -2.93 7.84 4.09
C LEU A 42 -3.66 6.98 5.12
N ARG A 43 -4.98 7.07 5.13
CA ARG A 43 -5.80 6.31 6.06
C ARG A 43 -5.86 4.82 5.70
N ASN A 44 -5.18 4.43 4.63
CA ASN A 44 -5.17 3.04 4.19
C ASN A 44 -4.20 2.24 5.06
N LEU A 45 -4.74 1.43 5.96
CA LEU A 45 -3.91 0.63 6.86
C LEU A 45 -4.01 -0.86 6.56
N MET A 46 -2.87 -1.46 6.20
CA MET A 46 -2.81 -2.88 5.92
C MET A 46 -2.43 -3.62 7.19
N VAL A 47 -3.38 -4.36 7.75
CA VAL A 47 -3.14 -5.10 8.98
C VAL A 47 -2.95 -6.59 8.72
N ASN A 48 -1.97 -7.16 9.39
CA ASN A 48 -1.66 -8.57 9.27
C ASN A 48 -1.25 -9.14 10.62
N TYR A 49 -1.80 -10.30 10.95
CA TYR A 49 -1.50 -10.96 12.21
C TYR A 49 -1.75 -12.45 12.06
N ILE A 50 -3.00 -12.78 11.80
CA ILE A 50 -3.41 -14.17 11.64
C ILE A 50 -3.66 -14.50 10.16
N PRO A 51 -3.66 -15.79 9.80
CA PRO A 51 -3.88 -16.22 8.43
C PRO A 51 -5.37 -16.23 8.03
N THR A 52 -6.01 -17.40 8.11
CA THR A 52 -7.42 -17.53 7.74
C THR A 52 -8.35 -17.02 8.83
N THR A 53 -7.87 -16.93 10.06
CA THR A 53 -8.69 -16.47 11.18
C THR A 53 -8.67 -14.95 11.32
N VAL A 54 -8.19 -14.25 10.30
CA VAL A 54 -8.14 -12.79 10.34
C VAL A 54 -9.55 -12.20 10.27
N ASP A 55 -9.92 -11.45 11.31
CA ASP A 55 -11.25 -10.86 11.36
C ASP A 55 -11.19 -9.34 11.30
N GLU A 56 -11.87 -8.77 10.30
CA GLU A 56 -11.93 -7.32 10.15
C GLU A 56 -12.56 -6.70 11.40
N VAL A 57 -13.35 -7.52 12.12
CA VAL A 57 -14.03 -7.10 13.33
C VAL A 57 -13.05 -6.89 14.48
N GLN A 58 -12.29 -7.93 14.81
CA GLN A 58 -11.32 -7.84 15.88
C GLN A 58 -10.43 -6.62 15.69
N LEU A 59 -10.05 -6.40 14.43
CA LEU A 59 -9.23 -5.25 14.08
C LEU A 59 -10.08 -4.00 14.00
N ARG A 60 -11.36 -4.17 13.70
CA ARG A 60 -12.29 -3.05 13.59
C ARG A 60 -12.35 -2.29 14.90
N GLN A 61 -12.66 -3.01 15.98
CA GLN A 61 -12.75 -2.39 17.28
C GLN A 61 -11.38 -1.93 17.76
N LEU A 62 -10.39 -2.80 17.61
CA LEU A 62 -9.03 -2.48 18.03
C LEU A 62 -8.43 -1.34 17.22
N PHE A 63 -8.66 -1.34 15.91
CA PHE A 63 -8.12 -0.30 15.04
C PHE A 63 -9.00 0.93 15.03
N GLU A 64 -10.30 0.75 14.79
CA GLU A 64 -11.20 1.90 14.76
C GLU A 64 -11.12 2.68 16.08
N ARG A 65 -10.73 2.00 17.14
CA ARG A 65 -10.59 2.64 18.45
C ARG A 65 -9.59 3.78 18.37
N TYR A 66 -8.52 3.57 17.61
CA TYR A 66 -7.48 4.58 17.44
C TYR A 66 -7.76 5.46 16.22
N GLY A 67 -8.68 5.02 15.37
CA GLY A 67 -9.00 5.80 14.20
C GLY A 67 -10.22 5.25 13.50
N PRO A 68 -11.41 5.84 13.73
CA PRO A 68 -12.64 5.38 13.11
C PRO A 68 -12.47 5.08 11.63
N ILE A 69 -12.72 3.83 11.28
CA ILE A 69 -12.59 3.36 9.90
C ILE A 69 -13.82 3.77 9.09
N GLU A 70 -13.59 4.06 7.81
CA GLU A 70 -14.66 4.45 6.92
C GLU A 70 -15.02 3.26 6.07
N SER A 71 -13.99 2.55 5.64
CA SER A 71 -14.17 1.35 4.86
C SER A 71 -13.11 0.33 5.23
N VAL A 72 -13.53 -0.69 5.95
CA VAL A 72 -12.63 -1.76 6.38
C VAL A 72 -12.91 -3.02 5.59
N LYS A 73 -11.84 -3.70 5.22
CA LYS A 73 -11.94 -4.94 4.46
C LYS A 73 -10.70 -5.79 4.67
N ILE A 74 -10.79 -7.08 4.37
CA ILE A 74 -9.64 -7.96 4.53
C ILE A 74 -9.12 -8.46 3.19
N VAL A 75 -7.81 -8.58 3.07
CA VAL A 75 -7.19 -9.07 1.85
C VAL A 75 -7.15 -10.59 1.85
N CYS A 76 -8.11 -11.20 1.15
CA CYS A 76 -8.21 -12.65 1.07
C CYS A 76 -7.42 -13.19 -0.11
N ASP A 77 -7.22 -14.50 -0.14
CA ASP A 77 -6.48 -15.15 -1.21
C ASP A 77 -7.37 -15.36 -2.44
N ARG A 78 -6.95 -14.81 -3.57
CA ARG A 78 -7.71 -14.94 -4.81
C ARG A 78 -7.59 -16.35 -5.39
N GLU A 79 -6.70 -17.16 -4.81
CA GLU A 79 -6.51 -18.52 -5.29
C GLU A 79 -7.71 -19.40 -4.95
N THR A 80 -8.11 -19.38 -3.69
CA THR A 80 -9.25 -20.16 -3.23
C THR A 80 -10.41 -19.27 -2.81
N ARG A 81 -10.27 -17.96 -3.05
CA ARG A 81 -11.32 -17.00 -2.68
C ARG A 81 -11.72 -17.17 -1.23
N GLN A 82 -10.76 -17.54 -0.39
CA GLN A 82 -11.02 -17.72 1.03
C GLN A 82 -10.33 -16.63 1.86
N SER A 83 -10.93 -16.29 2.99
CA SER A 83 -10.38 -15.26 3.87
C SER A 83 -9.03 -15.70 4.42
N ARG A 84 -8.00 -14.91 4.16
CA ARG A 84 -6.66 -15.23 4.62
C ARG A 84 -5.70 -14.05 4.39
N GLY A 85 -4.41 -14.34 4.38
CA GLY A 85 -3.42 -13.31 4.16
C GLY A 85 -3.40 -12.27 5.25
N TYR A 86 -4.26 -11.27 5.12
CA TYR A 86 -4.33 -10.19 6.10
C TYR A 86 -5.53 -9.30 5.83
N GLY A 87 -5.77 -8.33 6.71
CA GLY A 87 -6.89 -7.44 6.53
C GLY A 87 -6.48 -6.02 6.20
N PHE A 88 -7.48 -5.16 6.08
CA PHE A 88 -7.28 -3.75 5.75
C PHE A 88 -8.33 -2.89 6.43
N VAL A 89 -7.91 -1.75 6.95
CA VAL A 89 -8.82 -0.83 7.62
C VAL A 89 -8.56 0.61 7.16
N LYS A 90 -9.48 1.16 6.40
CA LYS A 90 -9.34 2.52 5.90
C LYS A 90 -9.96 3.51 6.86
N PHE A 91 -9.12 4.34 7.47
CA PHE A 91 -9.60 5.34 8.43
C PHE A 91 -10.25 6.51 7.69
N GLN A 92 -11.15 7.19 8.38
CA GLN A 92 -11.87 8.31 7.79
C GLN A 92 -10.93 9.32 7.14
N SER A 93 -9.95 9.79 7.91
CA SER A 93 -9.00 10.77 7.39
C SER A 93 -7.57 10.28 7.54
N GLY A 94 -6.73 10.61 6.56
CA GLY A 94 -5.34 10.19 6.60
C GLY A 94 -4.66 10.58 7.90
N SER A 95 -5.18 11.64 8.53
CA SER A 95 -4.63 12.11 9.80
C SER A 95 -4.80 11.06 10.89
N SER A 96 -5.77 10.16 10.70
CA SER A 96 -6.02 9.09 11.67
C SER A 96 -5.00 7.98 11.51
N ALA A 97 -4.50 7.80 10.30
CA ALA A 97 -3.52 6.77 10.01
C ALA A 97 -2.27 6.95 10.87
N GLN A 98 -1.81 8.19 10.97
CA GLN A 98 -0.63 8.50 11.77
C GLN A 98 -0.79 7.97 13.18
N GLN A 99 -1.99 8.11 13.72
CA GLN A 99 -2.28 7.64 15.07
C GLN A 99 -2.42 6.12 15.08
N ALA A 100 -2.83 5.56 13.95
CA ALA A 100 -2.98 4.12 13.83
C ALA A 100 -1.63 3.44 13.83
N ILE A 101 -0.78 3.85 12.90
CA ILE A 101 0.57 3.30 12.80
C ILE A 101 1.38 3.60 14.05
N ALA A 102 1.02 4.68 14.73
CA ALA A 102 1.72 5.11 15.93
C ALA A 102 1.37 4.22 17.13
N GLY A 103 0.14 3.74 17.18
CA GLY A 103 -0.28 2.90 18.30
C GLY A 103 -0.85 1.56 17.88
N LEU A 104 -0.61 1.16 16.64
CA LEU A 104 -1.11 -0.11 16.15
C LEU A 104 -0.07 -0.89 15.37
N ASN A 105 0.74 -0.20 14.59
CA ASN A 105 1.79 -0.86 13.81
C ASN A 105 2.66 -1.70 14.73
N GLY A 106 2.71 -3.00 14.46
CA GLY A 106 3.51 -3.89 15.28
C GLY A 106 3.06 -3.90 16.73
N PHE A 107 1.83 -3.43 17.00
CA PHE A 107 1.32 -3.40 18.36
C PHE A 107 1.47 -4.77 19.02
N ASN A 108 2.61 -4.99 19.65
CA ASN A 108 2.90 -6.25 20.30
C ASN A 108 2.10 -6.42 21.59
N ILE A 109 0.89 -6.96 21.47
CA ILE A 109 0.05 -7.18 22.63
C ILE A 109 0.50 -8.46 23.35
N LEU A 110 0.10 -8.61 24.60
CA LEU A 110 0.49 -9.76 25.41
C LEU A 110 0.27 -11.10 24.73
N ASN A 111 -0.62 -11.15 23.76
CA ASN A 111 -0.90 -12.41 23.06
C ASN A 111 -0.31 -12.43 21.65
N LYS A 112 -0.49 -11.33 20.92
CA LYS A 112 0.00 -11.25 19.56
C LYS A 112 0.53 -9.86 19.21
N ARG A 113 0.90 -9.67 17.95
CA ARG A 113 1.43 -8.38 17.49
C ARG A 113 0.64 -7.88 16.28
N LEU A 114 -0.05 -6.77 16.45
CA LEU A 114 -0.84 -6.20 15.36
C LEU A 114 0.06 -5.50 14.36
N LYS A 115 0.30 -6.14 13.22
CA LYS A 115 1.14 -5.55 12.18
C LYS A 115 0.29 -4.73 11.23
N VAL A 116 0.56 -3.43 11.16
CA VAL A 116 -0.18 -2.55 10.28
C VAL A 116 0.74 -1.70 9.42
N ALA A 117 0.52 -1.72 8.11
CA ALA A 117 1.34 -0.95 7.18
C ALA A 117 0.49 -0.20 6.17
N LEU A 118 0.85 1.06 5.91
CA LEU A 118 0.12 1.89 4.97
C LEU A 118 0.13 1.26 3.58
N ALA A 119 -1.03 1.27 2.92
CA ALA A 119 -1.16 0.71 1.58
C ALA A 119 -0.26 1.44 0.59
N ALA A 120 -0.31 2.77 0.62
CA ALA A 120 0.49 3.59 -0.27
C ALA A 120 1.30 4.62 0.50
N SER A 121 2.13 5.37 -0.21
CA SER A 121 2.96 6.40 0.42
C SER A 121 3.76 7.17 -0.63
N GLY A 122 4.27 6.45 -1.62
CA GLY A 122 5.04 7.09 -2.68
C GLY A 122 5.85 6.10 -3.47
N HIS A 123 5.95 6.32 -4.78
CA HIS A 123 6.71 5.44 -5.66
C HIS A 123 8.22 5.65 -5.47
N GLN A 124 9.00 4.86 -6.20
CA GLN A 124 10.45 4.96 -6.11
C GLN A 124 11.08 5.09 -7.50
N ARG A 125 10.94 6.27 -8.09
CA ARG A 125 11.49 6.52 -9.42
C ARG A 125 12.52 7.65 -9.38
N PRO A 126 13.55 7.59 -10.25
CA PRO A 126 14.59 8.61 -10.30
C PRO A 126 14.02 10.01 -10.48
N GLY A 127 14.77 11.02 -10.01
CA GLY A 127 14.32 12.39 -10.12
C GLY A 127 15.02 13.13 -11.24
N ILE A 128 15.57 12.40 -12.20
CA ILE A 128 16.27 12.99 -13.34
C ILE A 128 17.40 13.90 -12.86
N ALA A 129 18.57 13.31 -12.64
CA ALA A 129 19.73 14.07 -12.19
C ALA A 129 20.19 15.08 -13.24
N GLY A 130 19.65 16.29 -13.14
CA GLY A 130 20.00 17.33 -14.10
C GLY A 130 18.79 17.88 -14.82
N ALA A 131 18.83 17.82 -16.15
CA ALA A 131 17.73 18.31 -16.98
C ALA A 131 17.50 19.81 -16.75
N VAL A 132 18.59 20.53 -16.51
CA VAL A 132 18.52 21.97 -16.28
C VAL A 132 17.85 22.28 -14.95
N GLY A 133 16.55 21.98 -14.86
CA GLY A 133 15.81 22.23 -13.64
C GLY A 133 14.31 22.14 -13.83
N ASP A 134 13.58 23.00 -13.14
CA ASP A 134 12.12 23.01 -13.24
C ASP A 134 11.55 24.38 -12.87
N GLY A 135 10.98 25.07 -13.85
CA GLY A 135 10.41 26.37 -13.60
C GLY A 135 8.97 26.30 -13.15
N ASN A 136 8.12 25.72 -13.99
CA ASN A 136 6.70 25.60 -13.67
C ASN A 136 6.50 24.76 -12.41
N GLY A 137 5.37 24.98 -11.74
CA GLY A 137 5.08 24.25 -10.53
C GLY A 137 5.32 25.08 -9.27
N TYR A 138 4.84 24.57 -8.14
CA TYR A 138 5.00 25.27 -6.86
C TYR A 138 6.47 25.37 -6.48
N LEU A 139 7.13 24.21 -6.40
CA LEU A 139 8.54 24.16 -6.03
C LEU A 139 9.39 24.83 -7.10
N MET A 1 7.67 -14.05 24.03
CA MET A 1 8.08 -15.49 24.13
C MET A 1 8.54 -16.02 22.78
N SER A 2 9.18 -17.18 22.80
CA SER A 2 9.67 -17.80 21.58
C SER A 2 10.66 -16.90 20.87
N GLN A 3 11.95 -17.10 21.16
CA GLN A 3 13.01 -16.30 20.55
C GLN A 3 12.98 -16.42 19.03
N ILE A 4 13.31 -15.33 18.35
CA ILE A 4 13.33 -15.31 16.89
C ILE A 4 14.66 -14.80 16.36
N PRO A 5 15.13 -15.36 15.23
CA PRO A 5 16.40 -14.96 14.62
C PRO A 5 16.30 -13.60 13.94
N LEU A 6 17.26 -12.72 14.24
CA LEU A 6 17.28 -11.38 13.66
C LEU A 6 18.33 -11.30 12.54
N VAL A 7 18.56 -12.42 11.87
CA VAL A 7 19.53 -12.48 10.78
C VAL A 7 18.84 -12.82 9.45
N SER A 8 19.06 -11.97 8.45
CA SER A 8 18.47 -12.19 7.13
C SER A 8 19.28 -11.50 6.05
N GLN A 9 18.74 -11.44 4.84
CA GLN A 9 19.41 -10.81 3.73
C GLN A 9 20.73 -11.52 3.41
N TYR A 10 21.45 -11.01 2.41
CA TYR A 10 22.73 -11.60 2.04
C TYR A 10 23.79 -11.33 3.09
N ASP A 11 24.08 -12.34 3.90
CA ASP A 11 25.08 -12.22 4.96
C ASP A 11 25.70 -13.57 5.28
N PRO A 12 26.67 -14.02 4.49
CA PRO A 12 27.34 -15.31 4.70
C PRO A 12 28.23 -15.30 5.93
N TYR A 13 29.00 -16.37 6.11
CA TYR A 13 29.91 -16.48 7.26
C TYR A 13 31.34 -16.16 6.85
N GLY A 14 31.49 -15.29 5.87
CA GLY A 14 32.82 -14.92 5.40
C GLY A 14 33.19 -13.49 5.77
N GLN A 15 33.27 -12.63 4.76
CA GLN A 15 33.62 -11.23 4.98
C GLN A 15 33.34 -10.40 3.73
N THR A 16 33.21 -9.08 3.91
CA THR A 16 32.94 -8.18 2.80
C THR A 16 33.59 -6.82 3.04
N ALA A 17 33.84 -6.09 1.96
CA ALA A 17 34.46 -4.77 2.04
C ALA A 17 33.42 -3.67 1.85
N GLN A 18 33.77 -2.45 2.28
CA GLN A 18 32.87 -1.32 2.14
C GLN A 18 31.57 -1.56 2.91
N LEU A 19 31.68 -2.23 4.05
CA LEU A 19 30.52 -2.52 4.87
C LEU A 19 30.89 -2.59 6.35
N GLN A 20 29.90 -2.82 7.20
CA GLN A 20 30.12 -2.90 8.64
C GLN A 20 30.64 -1.58 9.18
N GLN A 21 29.91 -1.00 10.13
CA GLN A 21 30.29 0.27 10.73
C GLN A 21 29.83 0.35 12.19
N LEU A 22 29.53 -0.80 12.78
CA LEU A 22 29.07 -0.84 14.17
C LEU A 22 27.97 0.18 14.43
N GLN A 23 26.93 0.13 13.61
CA GLN A 23 25.81 1.05 13.75
C GLN A 23 26.26 2.49 13.60
N GLN A 24 26.48 2.92 12.35
CA GLN A 24 26.92 4.28 12.07
C GLN A 24 26.05 4.91 10.98
N GLN A 25 25.88 6.23 11.07
CA GLN A 25 25.09 6.95 10.08
C GLN A 25 23.64 6.45 10.07
N GLN A 26 22.72 7.30 9.62
CA GLN A 26 21.31 6.94 9.57
C GLN A 26 20.73 7.21 8.18
N GLN A 27 20.67 6.16 7.36
CA GLN A 27 20.14 6.28 6.01
C GLN A 27 18.93 5.38 5.82
N GLN A 28 18.17 5.16 6.90
CA GLN A 28 16.99 4.32 6.84
C GLN A 28 15.92 4.95 5.95
N HIS A 29 14.69 4.42 6.05
CA HIS A 29 13.59 4.93 5.25
C HIS A 29 12.40 5.29 6.14
N ILE A 30 12.68 5.85 7.31
CA ILE A 30 11.64 6.24 8.24
C ILE A 30 10.80 7.39 7.68
N PRO A 31 11.44 8.51 7.29
CA PRO A 31 10.72 9.66 6.73
C PRO A 31 10.04 9.33 5.41
N PRO A 32 9.23 10.25 4.88
CA PRO A 32 8.51 10.04 3.60
C PRO A 32 9.47 9.96 2.42
N THR A 33 10.32 8.94 2.42
CA THR A 33 11.29 8.75 1.34
C THR A 33 10.89 7.57 0.46
N GLN A 34 10.63 7.85 -0.81
CA GLN A 34 10.24 6.82 -1.78
C GLN A 34 9.20 5.87 -1.18
N MET A 35 8.98 4.74 -1.86
CA MET A 35 8.01 3.75 -1.40
C MET A 35 6.59 4.32 -1.41
N ASN A 36 6.35 5.25 -2.33
CA ASN A 36 5.04 5.88 -2.45
C ASN A 36 4.61 6.52 -1.13
N PRO A 37 5.33 7.57 -0.69
CA PRO A 37 5.01 8.27 0.55
C PRO A 37 3.89 9.29 0.39
N GLU A 38 2.75 8.83 -0.10
CA GLU A 38 1.60 9.70 -0.32
C GLU A 38 0.82 9.92 0.99
N PRO A 39 0.85 11.16 1.52
CA PRO A 39 0.15 11.48 2.77
C PRO A 39 -1.37 11.29 2.65
N ASP A 40 -1.88 11.43 1.44
CA ASP A 40 -3.31 11.27 1.18
C ASP A 40 -3.74 9.82 1.35
N VAL A 41 -2.85 8.89 1.04
CA VAL A 41 -3.14 7.47 1.16
C VAL A 41 -2.70 6.92 2.51
N LEU A 42 -2.46 7.80 3.47
CA LEU A 42 -2.03 7.39 4.80
C LEU A 42 -3.20 6.75 5.55
N ARG A 43 -4.39 7.28 5.33
CA ARG A 43 -5.60 6.77 5.98
C ARG A 43 -5.76 5.27 5.73
N ASN A 44 -5.22 4.79 4.61
CA ASN A 44 -5.31 3.37 4.28
C ASN A 44 -4.35 2.58 5.14
N LEU A 45 -4.87 1.57 5.84
CA LEU A 45 -4.04 0.76 6.72
C LEU A 45 -4.18 -0.73 6.44
N MET A 46 -3.07 -1.37 6.14
CA MET A 46 -3.04 -2.80 5.88
C MET A 46 -2.77 -3.51 7.19
N VAL A 47 -3.74 -4.25 7.70
CA VAL A 47 -3.58 -4.92 8.99
C VAL A 47 -3.31 -6.41 8.84
N ASN A 48 -2.28 -6.86 9.53
CA ASN A 48 -1.88 -8.25 9.53
C ASN A 48 -1.64 -8.70 10.96
N TYR A 49 -2.15 -9.86 11.32
CA TYR A 49 -2.02 -10.37 12.67
C TYR A 49 -2.29 -11.86 12.72
N ILE A 50 -3.50 -12.23 12.31
CA ILE A 50 -3.91 -13.63 12.30
C ILE A 50 -3.91 -14.18 10.88
N PRO A 51 -3.99 -15.52 10.74
CA PRO A 51 -4.01 -16.18 9.44
C PRO A 51 -5.44 -16.34 8.90
N THR A 52 -6.03 -17.51 9.06
CA THR A 52 -7.39 -17.75 8.60
C THR A 52 -8.41 -17.15 9.56
N THR A 53 -7.95 -16.80 10.76
CA THR A 53 -8.82 -16.22 11.78
C THR A 53 -8.90 -14.70 11.67
N VAL A 54 -8.47 -14.15 10.54
CA VAL A 54 -8.49 -12.71 10.34
C VAL A 54 -9.92 -12.21 10.22
N ASP A 55 -10.36 -11.43 11.21
CA ASP A 55 -11.71 -10.90 11.22
C ASP A 55 -11.69 -9.38 11.11
N GLU A 56 -12.37 -8.84 10.11
CA GLU A 56 -12.44 -7.40 9.91
C GLU A 56 -13.00 -6.74 11.16
N VAL A 57 -13.76 -7.51 11.94
CA VAL A 57 -14.38 -7.03 13.16
C VAL A 57 -13.36 -6.84 14.26
N GLN A 58 -12.63 -7.91 14.58
CA GLN A 58 -11.61 -7.86 15.62
C GLN A 58 -10.72 -6.64 15.43
N LEU A 59 -10.29 -6.42 14.20
CA LEU A 59 -9.44 -5.29 13.87
C LEU A 59 -10.28 -4.01 13.77
N ARG A 60 -11.56 -4.17 13.51
CA ARG A 60 -12.47 -3.04 13.40
C ARG A 60 -12.53 -2.28 14.71
N GLN A 61 -12.85 -2.99 15.78
CA GLN A 61 -12.94 -2.38 17.09
C GLN A 61 -11.56 -1.98 17.60
N LEU A 62 -10.58 -2.83 17.35
CA LEU A 62 -9.22 -2.59 17.80
C LEU A 62 -8.55 -1.48 17.01
N PHE A 63 -8.74 -1.45 15.70
CA PHE A 63 -8.13 -0.42 14.88
C PHE A 63 -8.97 0.85 14.85
N GLU A 64 -10.28 0.70 14.66
CA GLU A 64 -11.15 1.88 14.61
C GLU A 64 -11.09 2.68 15.92
N ARG A 65 -10.90 1.99 17.05
CA ARG A 65 -10.82 2.67 18.34
C ARG A 65 -9.75 3.76 18.30
N TYR A 66 -8.65 3.46 17.62
CA TYR A 66 -7.54 4.41 17.50
C TYR A 66 -7.74 5.33 16.30
N GLY A 67 -8.65 4.95 15.40
CA GLY A 67 -8.90 5.76 14.24
C GLY A 67 -10.14 5.28 13.51
N PRO A 68 -11.29 5.94 13.74
CA PRO A 68 -12.55 5.55 13.10
C PRO A 68 -12.38 5.24 11.63
N ILE A 69 -12.74 4.01 11.28
CA ILE A 69 -12.64 3.52 9.91
C ILE A 69 -13.79 4.01 9.07
N GLU A 70 -13.52 4.25 7.79
CA GLU A 70 -14.53 4.71 6.86
C GLU A 70 -14.95 3.55 5.98
N SER A 71 -13.96 2.73 5.64
CA SER A 71 -14.18 1.56 4.83
C SER A 71 -13.14 0.50 5.16
N VAL A 72 -13.57 -0.52 5.86
CA VAL A 72 -12.68 -1.61 6.23
C VAL A 72 -12.94 -2.84 5.40
N LYS A 73 -11.88 -3.57 5.15
CA LYS A 73 -11.96 -4.79 4.36
C LYS A 73 -10.80 -5.73 4.68
N ILE A 74 -10.96 -7.01 4.36
CA ILE A 74 -9.92 -8.00 4.60
C ILE A 74 -9.30 -8.48 3.28
N VAL A 75 -8.00 -8.73 3.30
CA VAL A 75 -7.28 -9.21 2.13
C VAL A 75 -7.23 -10.73 2.13
N CYS A 76 -8.18 -11.34 1.43
CA CYS A 76 -8.27 -12.80 1.35
C CYS A 76 -7.28 -13.35 0.34
N ASP A 77 -7.10 -14.67 0.37
CA ASP A 77 -6.18 -15.33 -0.55
C ASP A 77 -6.84 -15.56 -1.91
N ARG A 78 -6.19 -15.06 -2.95
CA ARG A 78 -6.72 -15.20 -4.31
C ARG A 78 -6.57 -16.64 -4.81
N GLU A 79 -5.84 -17.47 -4.06
CA GLU A 79 -5.64 -18.86 -4.45
C GLU A 79 -6.92 -19.67 -4.27
N THR A 80 -7.52 -19.58 -3.09
CA THR A 80 -8.76 -20.29 -2.79
C THR A 80 -9.90 -19.34 -2.51
N ARG A 81 -9.65 -18.03 -2.64
CA ARG A 81 -10.68 -17.02 -2.39
C ARG A 81 -11.25 -17.17 -0.99
N GLN A 82 -10.40 -17.56 -0.04
CA GLN A 82 -10.82 -17.73 1.34
C GLN A 82 -10.22 -16.65 2.24
N SER A 83 -10.86 -16.40 3.38
CA SER A 83 -10.39 -15.40 4.32
C SER A 83 -9.03 -15.80 4.89
N ARG A 84 -8.02 -15.00 4.60
CA ARG A 84 -6.66 -15.28 5.07
C ARG A 84 -5.73 -14.10 4.82
N GLY A 85 -4.43 -14.38 4.80
CA GLY A 85 -3.45 -13.35 4.56
C GLY A 85 -3.47 -12.25 5.60
N TYR A 86 -4.32 -11.25 5.39
CA TYR A 86 -4.42 -10.14 6.32
C TYR A 86 -5.60 -9.24 5.96
N GLY A 87 -5.86 -8.24 6.78
CA GLY A 87 -6.95 -7.33 6.52
C GLY A 87 -6.49 -5.95 6.12
N PHE A 88 -7.46 -5.06 5.93
CA PHE A 88 -7.20 -3.68 5.53
C PHE A 88 -8.26 -2.77 6.15
N VAL A 89 -7.84 -1.62 6.64
CA VAL A 89 -8.79 -0.69 7.25
C VAL A 89 -8.46 0.76 6.92
N LYS A 90 -9.32 1.37 6.10
CA LYS A 90 -9.13 2.75 5.69
C LYS A 90 -9.80 3.68 6.69
N PHE A 91 -9.00 4.50 7.38
CA PHE A 91 -9.51 5.42 8.37
C PHE A 91 -10.13 6.63 7.66
N GLN A 92 -10.98 7.36 8.38
CA GLN A 92 -11.67 8.51 7.82
C GLN A 92 -10.69 9.49 7.16
N SER A 93 -9.65 9.89 7.88
CA SER A 93 -8.68 10.82 7.34
C SER A 93 -7.25 10.35 7.58
N GLY A 94 -6.33 10.79 6.72
CA GLY A 94 -4.94 10.40 6.87
C GLY A 94 -4.40 10.74 8.24
N SER A 95 -4.93 11.80 8.84
CA SER A 95 -4.50 12.23 10.16
C SER A 95 -4.74 11.13 11.19
N SER A 96 -5.68 10.24 10.87
CA SER A 96 -6.00 9.12 11.76
C SER A 96 -4.94 8.02 11.64
N ALA A 97 -4.36 7.91 10.45
CA ALA A 97 -3.34 6.90 10.20
C ALA A 97 -2.15 7.10 11.14
N GLN A 98 -1.81 8.36 11.39
CA GLN A 98 -0.70 8.67 12.28
C GLN A 98 -0.92 8.05 13.66
N GLN A 99 -2.17 8.11 14.12
CA GLN A 99 -2.53 7.55 15.41
C GLN A 99 -2.57 6.03 15.34
N ALA A 100 -2.95 5.51 14.17
CA ALA A 100 -3.01 4.07 13.96
C ALA A 100 -1.61 3.49 13.93
N ILE A 101 -0.79 4.01 13.03
CA ILE A 101 0.58 3.56 12.88
C ILE A 101 1.36 3.76 14.18
N ALA A 102 0.91 4.75 14.96
CA ALA A 102 1.57 5.07 16.21
C ALA A 102 1.27 4.06 17.32
N GLY A 103 0.00 3.68 17.45
CA GLY A 103 -0.36 2.74 18.50
C GLY A 103 -0.92 1.42 17.98
N LEU A 104 -0.66 1.11 16.73
CA LEU A 104 -1.15 -0.14 16.15
C LEU A 104 -0.07 -0.86 15.34
N ASN A 105 0.71 -0.09 14.61
CA ASN A 105 1.78 -0.67 13.80
C ASN A 105 2.66 -1.57 14.65
N GLY A 106 2.75 -2.84 14.28
CA GLY A 106 3.55 -3.78 15.00
C GLY A 106 3.10 -3.96 16.45
N PHE A 107 1.87 -3.55 16.77
CA PHE A 107 1.36 -3.69 18.14
C PHE A 107 1.64 -5.10 18.67
N ASN A 108 2.79 -5.24 19.31
CA ASN A 108 3.21 -6.54 19.85
C ASN A 108 2.41 -6.95 21.08
N ILE A 109 1.21 -7.49 20.85
CA ILE A 109 0.39 -7.96 21.96
C ILE A 109 0.85 -9.35 22.40
N LEU A 110 0.48 -9.75 23.60
CA LEU A 110 0.89 -11.03 24.15
C LEU A 110 0.63 -12.21 23.20
N ASN A 111 -0.48 -12.18 22.49
CA ASN A 111 -0.83 -13.26 21.58
C ASN A 111 -0.06 -13.14 20.25
N LYS A 112 -0.23 -12.00 19.60
CA LYS A 112 0.42 -11.75 18.30
C LYS A 112 0.85 -10.30 18.17
N ARG A 113 1.22 -9.91 16.96
CA ARG A 113 1.67 -8.54 16.69
C ARG A 113 0.83 -7.92 15.58
N LEU A 114 0.08 -6.88 15.93
CA LEU A 114 -0.77 -6.18 14.96
C LEU A 114 0.08 -5.37 14.00
N LYS A 115 0.35 -5.92 12.83
CA LYS A 115 1.15 -5.25 11.83
C LYS A 115 0.27 -4.38 10.93
N VAL A 116 0.53 -3.07 10.93
CA VAL A 116 -0.24 -2.15 10.11
C VAL A 116 0.65 -1.39 9.15
N ALA A 117 0.34 -1.48 7.86
CA ALA A 117 1.12 -0.81 6.84
C ALA A 117 0.22 -0.13 5.82
N LEU A 118 0.50 1.13 5.51
CA LEU A 118 -0.29 1.88 4.54
C LEU A 118 -0.22 1.23 3.16
N ALA A 119 -1.31 1.34 2.41
CA ALA A 119 -1.38 0.77 1.07
C ALA A 119 -0.59 1.60 0.08
N ALA A 120 -0.52 2.90 0.31
CA ALA A 120 0.21 3.80 -0.57
C ALA A 120 -0.40 3.81 -1.97
N SER A 121 0.00 4.79 -2.77
CA SER A 121 -0.51 4.91 -4.14
C SER A 121 -0.18 3.66 -4.95
N GLY A 122 -1.20 3.07 -5.56
CA GLY A 122 -0.99 1.88 -6.36
C GLY A 122 -2.27 1.36 -6.98
N HIS A 123 -2.29 0.08 -7.32
CA HIS A 123 -3.46 -0.54 -7.93
C HIS A 123 -3.81 0.13 -9.25
N GLN A 124 -3.39 -0.48 -10.35
CA GLN A 124 -3.65 0.05 -11.68
C GLN A 124 -5.00 -0.43 -12.20
N ARG A 125 -5.55 0.30 -13.17
CA ARG A 125 -6.84 -0.06 -13.76
C ARG A 125 -6.71 -1.29 -14.65
N PRO A 126 -5.88 -1.21 -15.71
CA PRO A 126 -5.68 -2.32 -16.63
C PRO A 126 -4.86 -3.45 -16.01
N GLY A 127 -4.56 -4.47 -16.81
CA GLY A 127 -3.79 -5.60 -16.32
C GLY A 127 -2.43 -5.69 -16.98
N ILE A 128 -2.36 -6.43 -18.09
CA ILE A 128 -1.10 -6.59 -18.81
C ILE A 128 -1.36 -6.87 -20.29
N ALA A 129 -0.63 -6.17 -21.16
CA ALA A 129 -0.78 -6.34 -22.60
C ALA A 129 0.25 -5.52 -23.36
N GLY A 130 1.11 -6.19 -24.10
CA GLY A 130 2.13 -5.51 -24.87
C GLY A 130 2.17 -5.94 -26.31
N ALA A 131 1.22 -5.45 -27.10
CA ALA A 131 1.15 -5.79 -28.52
C ALA A 131 0.96 -7.30 -28.71
N VAL A 132 -0.29 -7.75 -28.63
CA VAL A 132 -0.60 -9.16 -28.79
C VAL A 132 -1.83 -9.35 -29.67
N GLY A 133 -2.06 -10.59 -30.10
CA GLY A 133 -3.21 -10.89 -30.94
C GLY A 133 -4.08 -11.98 -30.36
N ASP A 134 -3.46 -13.02 -29.82
CA ASP A 134 -4.19 -14.14 -29.23
C ASP A 134 -3.36 -14.83 -28.16
N GLY A 135 -3.00 -14.08 -27.12
CA GLY A 135 -2.20 -14.65 -26.04
C GLY A 135 -2.88 -14.55 -24.70
N ASN A 136 -2.17 -14.95 -23.64
CA ASN A 136 -2.72 -14.90 -22.30
C ASN A 136 -1.61 -15.02 -21.26
N GLY A 137 -1.77 -14.30 -20.14
CA GLY A 137 -0.77 -14.35 -19.09
C GLY A 137 -0.82 -15.65 -18.30
N TYR A 138 0.14 -16.53 -18.58
CA TYR A 138 0.22 -17.81 -17.90
C TYR A 138 1.10 -17.72 -16.65
N LEU A 139 2.16 -16.92 -16.74
CA LEU A 139 3.08 -16.74 -15.63
C LEU A 139 3.71 -18.06 -15.23
N MET A 1 58.47 -0.30 14.49
CA MET A 1 59.39 -0.43 13.33
C MET A 1 58.60 -0.67 12.04
N SER A 2 57.45 -1.32 12.16
CA SER A 2 56.60 -1.61 11.00
C SER A 2 55.85 -0.36 10.56
N GLN A 3 55.13 -0.48 9.45
CA GLN A 3 54.35 0.64 8.93
C GLN A 3 52.86 0.45 9.20
N ILE A 4 52.25 1.47 9.78
CA ILE A 4 50.82 1.42 10.10
C ILE A 4 49.99 1.20 8.83
N PRO A 5 48.85 0.47 8.96
CA PRO A 5 47.97 0.19 7.82
C PRO A 5 47.00 1.33 7.54
N LEU A 6 47.52 2.55 7.46
CA LEU A 6 46.70 3.74 7.19
C LEU A 6 45.71 4.00 8.31
N VAL A 7 44.75 3.08 8.48
CA VAL A 7 43.74 3.21 9.52
C VAL A 7 42.72 4.30 9.17
N SER A 8 43.18 5.55 9.15
CA SER A 8 42.31 6.67 8.83
C SER A 8 43.11 7.94 8.64
N GLN A 9 43.63 8.49 9.74
CA GLN A 9 44.41 9.72 9.69
C GLN A 9 45.64 9.62 10.60
N TYR A 10 46.38 10.71 10.71
CA TYR A 10 47.57 10.74 11.54
C TYR A 10 47.29 11.43 12.86
N ASP A 11 46.06 11.30 13.34
CA ASP A 11 45.65 11.91 14.61
C ASP A 11 45.11 10.86 15.57
N PRO A 12 45.30 11.06 16.88
CA PRO A 12 44.82 10.13 17.90
C PRO A 12 43.30 10.14 18.03
N TYR A 13 42.79 9.51 19.09
CA TYR A 13 41.37 9.45 19.33
C TYR A 13 41.04 9.73 20.80
N GLY A 14 39.76 9.69 21.13
CA GLY A 14 39.34 9.95 22.50
C GLY A 14 38.16 10.89 22.58
N GLN A 15 38.40 12.17 22.29
CA GLN A 15 37.35 13.17 22.33
C GLN A 15 36.59 13.24 21.01
N THR A 16 35.37 12.73 21.00
CA THR A 16 34.55 12.73 19.79
C THR A 16 33.07 12.75 20.14
N ALA A 17 32.53 13.95 20.35
CA ALA A 17 31.11 14.10 20.69
C ALA A 17 30.46 15.18 19.83
N GLN A 18 29.24 14.90 19.37
CA GLN A 18 28.52 15.85 18.53
C GLN A 18 29.28 16.15 17.26
N LEU A 19 28.85 15.56 16.15
CA LEU A 19 29.49 15.77 14.86
C LEU A 19 28.47 15.66 13.73
N GLN A 20 27.70 14.57 13.73
CA GLN A 20 26.69 14.36 12.70
C GLN A 20 25.57 13.48 13.22
N GLN A 21 24.63 13.13 12.33
CA GLN A 21 23.50 12.29 12.72
C GLN A 21 22.98 11.51 11.51
N LEU A 22 22.82 12.20 10.39
CA LEU A 22 22.32 11.57 9.16
C LEU A 22 23.24 10.44 8.73
N GLN A 23 22.94 9.86 7.57
CA GLN A 23 23.75 8.77 7.04
C GLN A 23 23.57 8.64 5.53
N GLN A 24 23.53 9.78 4.84
CA GLN A 24 23.36 9.80 3.40
C GLN A 24 22.03 9.18 3.01
N GLN A 25 21.05 10.03 2.71
CA GLN A 25 19.72 9.56 2.32
C GLN A 25 19.74 8.97 0.92
N GLN A 26 19.09 7.82 0.75
CA GLN A 26 19.04 7.16 -0.54
C GLN A 26 18.16 5.91 -0.48
N GLN A 27 18.63 4.89 0.22
CA GLN A 27 17.89 3.64 0.35
C GLN A 27 17.81 2.89 -0.97
N GLN A 28 17.09 3.46 -1.93
CA GLN A 28 16.94 2.85 -3.24
C GLN A 28 16.75 3.92 -4.32
N HIS A 29 16.49 3.48 -5.55
CA HIS A 29 16.28 4.39 -6.66
C HIS A 29 15.04 4.02 -7.46
N ILE A 30 14.07 4.93 -7.51
CA ILE A 30 12.83 4.70 -8.24
C ILE A 30 12.76 5.56 -9.49
N PRO A 31 13.13 5.00 -10.66
CA PRO A 31 13.10 5.74 -11.92
C PRO A 31 11.74 6.40 -12.19
N PRO A 32 10.64 5.66 -12.03
CA PRO A 32 9.29 6.20 -12.26
C PRO A 32 8.87 7.20 -11.19
N THR A 33 9.67 7.31 -10.13
CA THR A 33 9.37 8.22 -9.03
C THR A 33 8.06 7.82 -8.33
N GLN A 34 7.51 8.75 -7.55
CA GLN A 34 6.27 8.49 -6.82
C GLN A 34 6.50 7.50 -5.67
N MET A 35 5.42 6.98 -5.12
CA MET A 35 5.50 6.03 -4.03
C MET A 35 6.08 6.68 -2.77
N ASN A 36 5.66 7.92 -2.51
CA ASN A 36 6.14 8.66 -1.35
C ASN A 36 5.08 8.68 -0.25
N PRO A 37 5.50 8.98 1.00
CA PRO A 37 4.58 9.03 2.14
C PRO A 37 3.59 10.19 2.04
N GLU A 38 2.62 10.06 1.15
CA GLU A 38 1.61 11.10 0.95
C GLU A 38 0.50 10.99 2.00
N PRO A 39 -0.17 12.11 2.30
CA PRO A 39 -1.26 12.12 3.28
C PRO A 39 -2.52 11.41 2.78
N ASP A 40 -2.69 11.40 1.45
CA ASP A 40 -3.85 10.76 0.85
C ASP A 40 -3.76 9.25 0.99
N VAL A 41 -2.55 8.71 0.93
CA VAL A 41 -2.34 7.27 1.05
C VAL A 41 -1.95 6.89 2.48
N LEU A 42 -2.40 7.68 3.44
CA LEU A 42 -2.10 7.42 4.84
C LEU A 42 -3.24 6.68 5.52
N ARG A 43 -4.45 7.23 5.39
CA ARG A 43 -5.63 6.64 5.99
C ARG A 43 -5.75 5.15 5.66
N ASN A 44 -5.18 4.75 4.52
CA ASN A 44 -5.22 3.36 4.11
C ASN A 44 -4.24 2.54 4.95
N LEU A 45 -4.77 1.74 5.86
CA LEU A 45 -3.94 0.93 6.74
C LEU A 45 -4.08 -0.56 6.43
N MET A 46 -2.97 -1.19 6.10
CA MET A 46 -2.94 -2.62 5.82
C MET A 46 -2.64 -3.36 7.12
N VAL A 47 -3.63 -4.07 7.63
CA VAL A 47 -3.46 -4.77 8.91
C VAL A 47 -3.24 -6.27 8.75
N ASN A 48 -2.21 -6.75 9.45
CA ASN A 48 -1.87 -8.17 9.44
C ASN A 48 -1.67 -8.64 10.88
N TYR A 49 -2.23 -9.78 11.22
CA TYR A 49 -2.12 -10.31 12.57
C TYR A 49 -2.51 -11.78 12.62
N ILE A 50 -3.71 -12.07 12.15
CA ILE A 50 -4.22 -13.43 12.13
C ILE A 50 -4.13 -14.03 10.73
N PRO A 51 -3.98 -15.37 10.62
CA PRO A 51 -3.89 -16.05 9.35
C PRO A 51 -5.27 -16.46 8.84
N THR A 52 -5.71 -17.66 9.21
CA THR A 52 -7.02 -18.15 8.79
C THR A 52 -8.16 -17.53 9.62
N THR A 53 -7.79 -16.87 10.71
CA THR A 53 -8.77 -16.25 11.59
C THR A 53 -8.78 -14.72 11.45
N VAL A 54 -8.17 -14.21 10.38
CA VAL A 54 -8.12 -12.77 10.16
C VAL A 54 -9.50 -12.22 9.83
N ASP A 55 -10.10 -11.54 10.80
CA ASP A 55 -11.43 -10.96 10.63
C ASP A 55 -11.39 -9.44 10.67
N GLU A 56 -11.96 -8.81 9.65
CA GLU A 56 -12.01 -7.36 9.59
C GLU A 56 -12.72 -6.78 10.81
N VAL A 57 -13.56 -7.59 11.45
CA VAL A 57 -14.30 -7.17 12.63
C VAL A 57 -13.38 -7.01 13.83
N GLN A 58 -12.65 -8.06 14.16
CA GLN A 58 -11.73 -8.03 15.29
C GLN A 58 -10.80 -6.83 15.17
N LEU A 59 -10.29 -6.60 13.97
CA LEU A 59 -9.41 -5.48 13.71
C LEU A 59 -10.20 -4.17 13.59
N ARG A 60 -11.48 -4.31 13.25
CA ARG A 60 -12.35 -3.15 13.11
C ARG A 60 -12.48 -2.44 14.44
N GLN A 61 -12.88 -3.19 15.47
CA GLN A 61 -13.04 -2.63 16.79
C GLN A 61 -11.69 -2.21 17.37
N LEU A 62 -10.69 -3.06 17.18
CA LEU A 62 -9.35 -2.80 17.67
C LEU A 62 -8.69 -1.63 16.96
N PHE A 63 -8.84 -1.57 15.64
CA PHE A 63 -8.24 -0.50 14.86
C PHE A 63 -9.11 0.75 14.86
N GLU A 64 -10.40 0.59 14.61
CA GLU A 64 -11.29 1.75 14.59
C GLU A 64 -11.22 2.49 15.92
N ARG A 65 -10.94 1.76 17.00
CA ARG A 65 -10.83 2.38 18.32
C ARG A 65 -9.80 3.50 18.29
N TYR A 66 -8.69 3.25 17.61
CA TYR A 66 -7.62 4.24 17.49
C TYR A 66 -7.90 5.22 16.36
N GLY A 67 -8.83 4.87 15.48
CA GLY A 67 -9.17 5.74 14.38
C GLY A 67 -10.38 5.25 13.65
N PRO A 68 -11.55 5.83 13.92
CA PRO A 68 -12.80 5.43 13.28
C PRO A 68 -12.63 5.21 11.78
N ILE A 69 -12.94 3.99 11.36
CA ILE A 69 -12.81 3.58 9.97
C ILE A 69 -13.98 4.08 9.13
N GLU A 70 -13.70 4.42 7.88
CA GLU A 70 -14.72 4.89 6.96
C GLU A 70 -15.02 3.80 5.96
N SER A 71 -13.95 3.25 5.40
CA SER A 71 -14.07 2.16 4.45
C SER A 71 -13.01 1.13 4.76
N VAL A 72 -13.45 0.02 5.31
CA VAL A 72 -12.56 -1.05 5.67
C VAL A 72 -12.80 -2.29 4.83
N LYS A 73 -11.77 -3.08 4.74
CA LYS A 73 -11.83 -4.33 3.97
C LYS A 73 -10.79 -5.33 4.45
N ILE A 74 -10.97 -6.59 4.08
CA ILE A 74 -10.03 -7.63 4.47
C ILE A 74 -9.45 -8.32 3.22
N VAL A 75 -8.13 -8.45 3.16
CA VAL A 75 -7.46 -9.08 2.03
C VAL A 75 -7.49 -10.59 2.15
N CYS A 76 -8.45 -11.22 1.47
CA CYS A 76 -8.60 -12.66 1.50
C CYS A 76 -7.48 -13.35 0.70
N ASP A 77 -7.36 -14.66 0.87
CA ASP A 77 -6.33 -15.42 0.17
C ASP A 77 -6.79 -15.77 -1.25
N ARG A 78 -5.94 -15.51 -2.22
CA ARG A 78 -6.25 -15.80 -3.62
C ARG A 78 -6.21 -17.29 -3.91
N GLU A 79 -5.71 -18.07 -2.95
CA GLU A 79 -5.61 -19.52 -3.11
C GLU A 79 -6.98 -20.18 -2.97
N THR A 80 -7.67 -19.86 -1.89
CA THR A 80 -9.01 -20.41 -1.64
C THR A 80 -10.07 -19.32 -1.63
N ARG A 81 -9.68 -18.09 -1.92
CA ARG A 81 -10.61 -16.96 -1.94
C ARG A 81 -11.33 -16.85 -0.61
N GLN A 82 -10.68 -17.29 0.47
CA GLN A 82 -11.28 -17.23 1.79
C GLN A 82 -10.56 -16.19 2.67
N SER A 83 -11.07 -16.02 3.88
CA SER A 83 -10.47 -15.07 4.81
C SER A 83 -9.05 -15.49 5.19
N ARG A 84 -8.07 -14.70 4.78
CA ARG A 84 -6.68 -15.00 5.07
C ARG A 84 -5.78 -13.80 4.80
N GLY A 85 -4.49 -14.06 4.60
CA GLY A 85 -3.55 -13.01 4.33
C GLY A 85 -3.55 -11.94 5.41
N TYR A 86 -4.38 -10.92 5.19
CA TYR A 86 -4.48 -9.82 6.15
C TYR A 86 -5.63 -8.91 5.77
N GLY A 87 -5.90 -7.92 6.62
CA GLY A 87 -6.98 -6.98 6.36
C GLY A 87 -6.50 -5.60 6.02
N PHE A 88 -7.43 -4.74 5.64
CA PHE A 88 -7.14 -3.36 5.29
C PHE A 88 -8.20 -2.46 5.89
N VAL A 89 -7.78 -1.43 6.61
CA VAL A 89 -8.73 -0.53 7.24
C VAL A 89 -8.42 0.94 6.92
N LYS A 90 -9.28 1.55 6.12
CA LYS A 90 -9.11 2.95 5.75
C LYS A 90 -9.83 3.86 6.74
N PHE A 91 -9.06 4.66 7.47
CA PHE A 91 -9.62 5.56 8.45
C PHE A 91 -10.22 6.78 7.75
N GLN A 92 -11.12 7.46 8.44
CA GLN A 92 -11.80 8.63 7.86
C GLN A 92 -10.81 9.66 7.30
N SER A 93 -9.60 9.67 7.80
CA SER A 93 -8.59 10.61 7.32
C SER A 93 -7.19 10.15 7.65
N GLY A 94 -6.22 10.61 6.86
CA GLY A 94 -4.84 10.25 7.09
C GLY A 94 -4.37 10.62 8.47
N SER A 95 -4.95 11.68 9.03
CA SER A 95 -4.61 12.13 10.37
C SER A 95 -4.85 11.02 11.39
N SER A 96 -5.78 10.13 11.07
CA SER A 96 -6.09 9.01 11.94
C SER A 96 -5.08 7.88 11.76
N ALA A 97 -4.55 7.78 10.54
CA ALA A 97 -3.57 6.75 10.22
C ALA A 97 -2.36 6.86 11.14
N GLN A 98 -1.81 8.07 11.25
CA GLN A 98 -0.64 8.31 12.10
C GLN A 98 -0.91 7.80 13.51
N GLN A 99 -2.15 7.95 13.96
CA GLN A 99 -2.54 7.50 15.29
C GLN A 99 -2.66 5.99 15.32
N ALA A 100 -3.09 5.42 14.19
CA ALA A 100 -3.24 3.97 14.07
C ALA A 100 -1.86 3.32 14.04
N ILE A 101 -1.04 3.75 13.09
CA ILE A 101 0.30 3.23 12.94
C ILE A 101 1.13 3.45 14.21
N ALA A 102 0.75 4.48 14.96
CA ALA A 102 1.46 4.83 16.19
C ALA A 102 1.14 3.85 17.31
N GLY A 103 -0.13 3.50 17.46
CA GLY A 103 -0.53 2.59 18.52
C GLY A 103 -1.02 1.25 18.02
N LEU A 104 -0.75 0.94 16.75
CA LEU A 104 -1.18 -0.33 16.20
C LEU A 104 -0.07 -0.99 15.38
N ASN A 105 0.68 -0.20 14.64
CA ASN A 105 1.76 -0.74 13.82
C ASN A 105 2.67 -1.62 14.67
N GLY A 106 2.78 -2.88 14.27
CA GLY A 106 3.61 -3.81 15.00
C GLY A 106 3.18 -4.01 16.43
N PHE A 107 1.94 -3.62 16.76
CA PHE A 107 1.43 -3.79 18.13
C PHE A 107 1.74 -5.20 18.64
N ASN A 108 2.91 -5.35 19.26
CA ASN A 108 3.35 -6.64 19.76
C ASN A 108 2.57 -7.09 20.99
N ILE A 109 1.38 -7.64 20.78
CA ILE A 109 0.57 -8.12 21.88
C ILE A 109 1.03 -9.53 22.27
N LEU A 110 0.68 -9.97 23.47
CA LEU A 110 1.10 -11.27 23.96
C LEU A 110 0.80 -12.41 22.99
N ASN A 111 -0.33 -12.36 22.32
CA ASN A 111 -0.70 -13.43 21.39
C ASN A 111 0.02 -13.29 20.05
N LYS A 112 -0.15 -12.12 19.44
CA LYS A 112 0.46 -11.84 18.13
C LYS A 112 0.92 -10.39 18.03
N ARG A 113 1.26 -9.97 16.81
CA ARG A 113 1.73 -8.61 16.57
C ARG A 113 0.89 -7.94 15.49
N LEU A 114 0.15 -6.89 15.86
CA LEU A 114 -0.69 -6.17 14.91
C LEU A 114 0.18 -5.37 13.95
N LYS A 115 0.44 -5.94 12.77
CA LYS A 115 1.24 -5.26 11.77
C LYS A 115 0.38 -4.38 10.89
N VAL A 116 0.66 -3.09 10.90
CA VAL A 116 -0.10 -2.14 10.09
C VAL A 116 0.81 -1.34 9.16
N ALA A 117 0.52 -1.40 7.87
CA ALA A 117 1.31 -0.68 6.88
C ALA A 117 0.41 0.10 5.93
N LEU A 118 0.75 1.37 5.70
CA LEU A 118 -0.03 2.22 4.81
C LEU A 118 0.02 1.69 3.38
N ALA A 119 -1.14 1.68 2.72
CA ALA A 119 -1.23 1.20 1.35
C ALA A 119 -0.56 2.17 0.39
N ALA A 120 0.76 2.30 0.51
CA ALA A 120 1.52 3.19 -0.36
C ALA A 120 1.46 2.74 -1.82
N SER A 121 1.05 3.66 -2.69
CA SER A 121 0.94 3.35 -4.12
C SER A 121 -0.04 2.21 -4.35
N GLY A 122 -0.24 1.86 -5.63
CA GLY A 122 -1.16 0.79 -5.97
C GLY A 122 -1.28 0.60 -7.47
N HIS A 123 -1.73 1.64 -8.16
CA HIS A 123 -1.91 1.58 -9.60
C HIS A 123 -1.37 2.84 -10.27
N GLN A 124 -0.37 2.68 -11.11
CA GLN A 124 0.23 3.81 -11.81
C GLN A 124 -0.19 3.83 -13.28
N ARG A 125 -1.40 3.35 -13.55
CA ARG A 125 -1.92 3.31 -14.91
C ARG A 125 -3.24 4.06 -15.01
N PRO A 126 -3.64 4.45 -16.24
CA PRO A 126 -4.89 5.19 -16.46
C PRO A 126 -6.12 4.36 -16.10
N GLY A 127 -6.11 3.09 -16.49
CA GLY A 127 -7.23 2.22 -16.20
C GLY A 127 -7.83 1.58 -17.44
N ILE A 128 -8.36 2.41 -18.33
CA ILE A 128 -8.96 1.93 -19.56
C ILE A 128 -10.25 1.17 -19.30
N ALA A 129 -10.12 0.02 -18.65
CA ALA A 129 -11.28 -0.82 -18.33
C ALA A 129 -11.98 -1.29 -19.59
N GLY A 130 -12.14 -2.61 -19.70
CA GLY A 130 -12.79 -3.18 -20.86
C GLY A 130 -12.23 -4.54 -21.25
N ALA A 131 -11.54 -4.61 -22.37
CA ALA A 131 -10.95 -5.85 -22.85
C ALA A 131 -9.43 -5.80 -22.75
N VAL A 132 -8.80 -6.93 -23.05
CA VAL A 132 -7.34 -7.02 -23.00
C VAL A 132 -6.83 -8.13 -23.92
N GLY A 133 -5.60 -7.98 -24.40
CA GLY A 133 -5.02 -8.97 -25.29
C GLY A 133 -5.44 -8.79 -26.72
N ASP A 134 -6.75 -8.81 -26.97
CA ASP A 134 -7.28 -8.65 -28.32
C ASP A 134 -8.45 -7.65 -28.32
N GLY A 135 -8.50 -6.82 -29.35
CA GLY A 135 -9.57 -5.84 -29.47
C GLY A 135 -9.54 -5.11 -30.79
N ASN A 136 -10.67 -4.47 -31.13
CA ASN A 136 -10.77 -3.73 -32.38
C ASN A 136 -10.52 -2.25 -32.15
N GLY A 137 -10.90 -1.75 -30.97
CA GLY A 137 -10.70 -0.36 -30.66
C GLY A 137 -9.26 -0.01 -30.42
N TYR A 138 -8.47 0.01 -31.49
CA TYR A 138 -7.05 0.32 -31.40
C TYR A 138 -6.85 1.76 -30.94
N LEU A 139 -7.23 2.71 -31.78
CA LEU A 139 -7.09 4.12 -31.46
C LEU A 139 -5.62 4.49 -31.22
N MET A 1 6.15 -22.91 -6.66
CA MET A 1 7.16 -22.01 -7.25
C MET A 1 6.81 -20.55 -7.00
N SER A 2 6.38 -20.25 -5.77
CA SER A 2 6.01 -18.89 -5.39
C SER A 2 6.40 -18.60 -3.95
N GLN A 3 7.57 -19.09 -3.54
CA GLN A 3 8.04 -18.88 -2.18
C GLN A 3 9.55 -18.64 -2.17
N ILE A 4 10.02 -17.99 -1.10
CA ILE A 4 11.45 -17.68 -0.96
C ILE A 4 11.94 -18.01 0.45
N PRO A 5 12.60 -19.16 0.63
CA PRO A 5 13.12 -19.58 1.93
C PRO A 5 13.94 -18.48 2.61
N LEU A 6 13.43 -17.98 3.73
CA LEU A 6 14.10 -16.93 4.49
C LEU A 6 14.65 -15.83 3.57
N VAL A 7 15.51 -14.98 4.11
CA VAL A 7 16.09 -13.89 3.34
C VAL A 7 17.33 -13.33 4.04
N SER A 8 18.45 -13.28 3.32
CA SER A 8 19.69 -12.76 3.87
C SER A 8 20.00 -11.38 3.30
N GLN A 9 20.26 -11.32 2.01
CA GLN A 9 20.58 -10.06 1.35
C GLN A 9 19.30 -9.31 0.96
N TYR A 10 19.40 -7.99 0.83
CA TYR A 10 18.26 -7.17 0.47
C TYR A 10 18.57 -6.31 -0.76
N ASP A 11 17.58 -6.14 -1.62
CA ASP A 11 17.75 -5.34 -2.83
C ASP A 11 17.84 -3.85 -2.50
N PRO A 12 16.78 -3.29 -1.89
CA PRO A 12 16.74 -1.87 -1.53
C PRO A 12 17.65 -1.55 -0.34
N TYR A 13 17.61 -2.41 0.67
CA TYR A 13 18.42 -2.23 1.87
C TYR A 13 18.02 -0.96 2.62
N GLY A 14 18.45 0.19 2.12
CA GLY A 14 18.12 1.45 2.75
C GLY A 14 18.99 1.74 3.97
N GLN A 15 19.37 3.00 4.13
CA GLN A 15 20.20 3.40 5.25
C GLN A 15 19.37 4.06 6.34
N THR A 16 18.54 5.02 5.95
CA THR A 16 17.69 5.74 6.90
C THR A 16 16.79 6.72 6.18
N ALA A 17 17.33 7.41 5.18
CA ALA A 17 16.58 8.39 4.41
C ALA A 17 16.62 8.07 2.91
N GLN A 18 16.13 9.00 2.11
CA GLN A 18 16.12 8.81 0.66
C GLN A 18 16.87 9.95 -0.04
N LEU A 19 18.16 9.73 -0.27
CA LEU A 19 19.00 10.73 -0.94
C LEU A 19 19.87 10.09 -2.02
N GLN A 20 19.74 10.60 -3.24
CA GLN A 20 20.52 10.08 -4.36
C GLN A 20 20.95 11.21 -5.29
N GLN A 21 21.67 10.84 -6.36
CA GLN A 21 22.14 11.83 -7.32
C GLN A 21 21.16 11.98 -8.48
N LEU A 22 20.47 10.88 -8.81
CA LEU A 22 19.49 10.89 -9.89
C LEU A 22 20.16 11.26 -11.22
N GLN A 23 19.37 11.27 -12.28
CA GLN A 23 19.88 11.61 -13.60
C GLN A 23 18.95 12.59 -14.32
N GLN A 24 19.38 13.07 -15.48
CA GLN A 24 18.59 14.02 -16.25
C GLN A 24 17.45 13.31 -16.98
N GLN A 25 16.50 14.08 -17.48
CA GLN A 25 15.35 13.53 -18.19
C GLN A 25 15.41 13.90 -19.68
N GLN A 26 15.75 12.92 -20.51
CA GLN A 26 15.83 13.13 -21.95
C GLN A 26 15.89 11.81 -22.70
N GLN A 27 15.18 10.81 -22.18
CA GLN A 27 15.15 9.49 -22.80
C GLN A 27 13.82 8.79 -22.53
N GLN A 28 13.13 8.41 -23.59
CA GLN A 28 11.85 7.73 -23.47
C GLN A 28 10.81 8.64 -22.82
N HIS A 29 9.64 8.74 -23.43
CA HIS A 29 8.56 9.58 -22.90
C HIS A 29 8.15 9.11 -21.52
N ILE A 30 7.40 9.96 -20.82
CA ILE A 30 6.93 9.63 -19.47
C ILE A 30 5.45 9.96 -19.30
N PRO A 31 4.56 8.99 -19.62
CA PRO A 31 3.11 9.18 -19.51
C PRO A 31 2.70 9.70 -18.13
N PRO A 32 1.53 10.35 -18.04
CA PRO A 32 1.03 10.91 -16.78
C PRO A 32 0.60 9.82 -15.80
N THR A 33 1.56 9.00 -15.38
CA THR A 33 1.29 7.92 -14.44
C THR A 33 2.24 7.99 -13.26
N GLN A 34 1.90 7.26 -12.19
CA GLN A 34 2.72 7.23 -10.98
C GLN A 34 2.84 8.63 -10.39
N MET A 35 3.65 8.74 -9.33
CA MET A 35 3.86 10.02 -8.66
C MET A 35 2.55 10.56 -8.10
N ASN A 36 2.03 9.87 -7.09
CA ASN A 36 0.77 10.28 -6.46
C ASN A 36 0.96 10.47 -4.95
N PRO A 37 1.80 11.42 -4.55
CA PRO A 37 2.07 11.70 -3.13
C PRO A 37 0.90 12.41 -2.46
N GLU A 38 -0.25 11.73 -2.42
CA GLU A 38 -1.45 12.29 -1.79
C GLU A 38 -1.67 11.68 -0.42
N PRO A 39 -2.13 12.49 0.56
CA PRO A 39 -2.39 12.03 1.92
C PRO A 39 -3.67 11.20 2.02
N ASP A 40 -4.56 11.40 1.05
CA ASP A 40 -5.83 10.67 1.03
C ASP A 40 -5.60 9.16 1.05
N VAL A 41 -4.45 8.73 0.54
CA VAL A 41 -4.12 7.31 0.51
C VAL A 41 -3.25 6.91 1.69
N LEU A 42 -3.41 7.62 2.81
CA LEU A 42 -2.63 7.34 4.00
C LEU A 42 -3.48 6.58 5.03
N ARG A 43 -4.76 6.90 5.06
CA ARG A 43 -5.68 6.26 5.99
C ARG A 43 -5.85 4.76 5.69
N ASN A 44 -5.34 4.32 4.54
CA ASN A 44 -5.44 2.92 4.16
C ASN A 44 -4.44 2.09 4.97
N LEU A 45 -4.96 1.33 5.94
CA LEU A 45 -4.10 0.53 6.79
C LEU A 45 -4.27 -0.97 6.52
N MET A 46 -3.18 -1.61 6.12
CA MET A 46 -3.18 -3.05 5.86
C MET A 46 -2.75 -3.79 7.12
N VAL A 47 -3.69 -4.49 7.75
CA VAL A 47 -3.37 -5.21 8.97
C VAL A 47 -3.24 -6.71 8.71
N ASN A 48 -2.24 -7.31 9.34
CA ASN A 48 -1.97 -8.72 9.19
C ASN A 48 -1.45 -9.32 10.50
N TYR A 49 -1.76 -10.58 10.70
CA TYR A 49 -1.33 -11.32 11.87
C TYR A 49 -1.56 -12.79 11.63
N ILE A 50 -2.83 -13.14 11.52
CA ILE A 50 -3.24 -14.52 11.26
C ILE A 50 -3.68 -14.70 9.82
N PRO A 51 -3.89 -15.96 9.39
CA PRO A 51 -4.33 -16.27 8.04
C PRO A 51 -5.86 -16.30 7.95
N THR A 52 -6.45 -17.46 8.27
CA THR A 52 -7.90 -17.61 8.24
C THR A 52 -8.55 -16.98 9.47
N THR A 53 -7.74 -16.66 10.48
CA THR A 53 -8.24 -16.07 11.71
C THR A 53 -8.34 -14.55 11.61
N VAL A 54 -8.16 -14.01 10.40
CA VAL A 54 -8.23 -12.57 10.20
C VAL A 54 -9.67 -12.08 10.37
N ASP A 55 -9.91 -11.34 11.45
CA ASP A 55 -11.24 -10.82 11.72
C ASP A 55 -11.28 -9.30 11.64
N GLU A 56 -12.00 -8.78 10.64
CA GLU A 56 -12.14 -7.34 10.47
C GLU A 56 -12.68 -6.72 11.76
N VAL A 57 -13.36 -7.54 12.56
CA VAL A 57 -13.94 -7.12 13.82
C VAL A 57 -12.87 -6.82 14.85
N GLN A 58 -12.02 -7.80 15.12
CA GLN A 58 -10.94 -7.63 16.08
C GLN A 58 -10.17 -6.35 15.77
N LEU A 59 -9.95 -6.12 14.48
CA LEU A 59 -9.25 -4.93 14.04
C LEU A 59 -10.18 -3.73 14.05
N ARG A 60 -11.47 -3.99 13.85
CA ARG A 60 -12.48 -2.95 13.85
C ARG A 60 -12.45 -2.17 15.17
N GLN A 61 -12.55 -2.90 16.26
CA GLN A 61 -12.54 -2.28 17.58
C GLN A 61 -11.11 -1.93 18.01
N LEU A 62 -10.17 -2.82 17.69
CA LEU A 62 -8.78 -2.60 18.04
C LEU A 62 -8.15 -1.47 17.26
N PHE A 63 -8.48 -1.36 15.99
CA PHE A 63 -7.91 -0.32 15.15
C PHE A 63 -8.70 0.97 15.25
N GLU A 64 -10.03 0.87 15.09
CA GLU A 64 -10.85 2.06 15.13
C GLU A 64 -10.75 2.78 16.49
N ARG A 65 -10.35 2.05 17.54
CA ARG A 65 -10.21 2.66 18.87
C ARG A 65 -9.33 3.91 18.79
N TYR A 66 -8.31 3.85 17.96
CA TYR A 66 -7.39 4.96 17.79
C TYR A 66 -7.82 5.88 16.64
N GLY A 67 -8.73 5.39 15.81
CA GLY A 67 -9.22 6.17 14.69
C GLY A 67 -10.32 5.46 13.95
N PRO A 68 -11.58 5.83 14.20
CA PRO A 68 -12.73 5.19 13.56
C PRO A 68 -12.53 4.96 12.07
N ILE A 69 -12.81 3.73 11.65
CA ILE A 69 -12.65 3.32 10.27
C ILE A 69 -13.84 3.77 9.44
N GLU A 70 -13.59 4.11 8.18
CA GLU A 70 -14.63 4.55 7.27
C GLU A 70 -15.04 3.38 6.40
N SER A 71 -14.03 2.70 5.89
CA SER A 71 -14.26 1.53 5.08
C SER A 71 -13.25 0.45 5.46
N VAL A 72 -13.74 -0.55 6.17
CA VAL A 72 -12.92 -1.66 6.62
C VAL A 72 -13.24 -2.93 5.83
N LYS A 73 -12.20 -3.62 5.42
CA LYS A 73 -12.34 -4.86 4.67
C LYS A 73 -11.11 -5.73 4.84
N ILE A 74 -11.25 -7.03 4.62
CA ILE A 74 -10.13 -7.94 4.72
C ILE A 74 -9.66 -8.41 3.35
N VAL A 75 -8.34 -8.55 3.19
CA VAL A 75 -7.78 -9.00 1.92
C VAL A 75 -7.62 -10.52 1.92
N CYS A 76 -8.52 -11.19 1.22
CA CYS A 76 -8.49 -12.64 1.12
C CYS A 76 -7.36 -13.11 0.22
N ASP A 77 -7.17 -14.43 0.15
CA ASP A 77 -6.12 -15.01 -0.68
C ASP A 77 -6.60 -15.17 -2.12
N ARG A 78 -5.88 -14.56 -3.05
CA ARG A 78 -6.23 -14.63 -4.46
C ARG A 78 -5.88 -16.01 -5.05
N GLU A 79 -5.08 -16.77 -4.31
CA GLU A 79 -4.67 -18.10 -4.76
C GLU A 79 -5.84 -19.06 -4.73
N THR A 80 -6.52 -19.13 -3.59
CA THR A 80 -7.66 -20.03 -3.43
C THR A 80 -8.95 -19.24 -3.17
N ARG A 81 -8.88 -17.93 -3.30
CA ARG A 81 -10.05 -17.07 -3.09
C ARG A 81 -10.67 -17.33 -1.71
N GLN A 82 -9.83 -17.70 -0.75
CA GLN A 82 -10.30 -17.98 0.61
C GLN A 82 -10.05 -16.78 1.52
N SER A 83 -10.96 -16.56 2.46
CA SER A 83 -10.83 -15.45 3.40
C SER A 83 -9.62 -15.63 4.30
N ARG A 84 -8.46 -15.21 3.80
CA ARG A 84 -7.21 -15.33 4.54
C ARG A 84 -6.24 -14.22 4.18
N GLY A 85 -4.98 -14.40 4.57
CA GLY A 85 -3.98 -13.41 4.27
C GLY A 85 -3.88 -12.33 5.32
N TYR A 86 -4.76 -11.35 5.20
CA TYR A 86 -4.78 -10.23 6.14
C TYR A 86 -6.00 -9.36 5.91
N GLY A 87 -6.18 -8.36 6.77
CA GLY A 87 -7.31 -7.47 6.61
C GLY A 87 -6.91 -6.05 6.28
N PHE A 88 -7.88 -5.17 6.25
CA PHE A 88 -7.66 -3.76 5.93
C PHE A 88 -8.64 -2.88 6.70
N VAL A 89 -8.19 -1.70 7.07
CA VAL A 89 -9.02 -0.75 7.79
C VAL A 89 -8.70 0.67 7.34
N LYS A 90 -9.63 1.29 6.62
CA LYS A 90 -9.44 2.64 6.12
C LYS A 90 -10.04 3.66 7.08
N PHE A 91 -9.17 4.44 7.70
CA PHE A 91 -9.61 5.47 8.64
C PHE A 91 -10.26 6.62 7.89
N GLN A 92 -11.11 7.36 8.58
CA GLN A 92 -11.83 8.47 7.96
C GLN A 92 -10.89 9.43 7.24
N SER A 93 -9.86 9.89 7.94
CA SER A 93 -8.90 10.82 7.35
C SER A 93 -7.48 10.28 7.44
N GLY A 94 -6.69 10.56 6.40
CA GLY A 94 -5.30 10.10 6.39
C GLY A 94 -4.55 10.51 7.63
N SER A 95 -5.00 11.59 8.26
CA SER A 95 -4.38 12.08 9.48
C SER A 95 -4.52 11.07 10.62
N SER A 96 -5.53 10.22 10.52
CA SER A 96 -5.77 9.21 11.54
C SER A 96 -4.80 8.04 11.38
N ALA A 97 -4.36 7.81 10.14
CA ALA A 97 -3.43 6.72 9.84
C ALA A 97 -2.15 6.87 10.68
N GLN A 98 -1.63 8.09 10.74
CA GLN A 98 -0.42 8.38 11.50
C GLN A 98 -0.54 7.86 12.93
N GLN A 99 -1.72 8.06 13.52
CA GLN A 99 -1.97 7.61 14.88
C GLN A 99 -2.15 6.10 14.92
N ALA A 100 -2.64 5.54 13.83
CA ALA A 100 -2.85 4.10 13.74
C ALA A 100 -1.52 3.37 13.67
N ILE A 101 -0.72 3.74 12.69
CA ILE A 101 0.59 3.13 12.50
C ILE A 101 1.49 3.41 13.71
N ALA A 102 1.21 4.51 14.39
CA ALA A 102 1.99 4.92 15.55
C ALA A 102 1.69 4.06 16.78
N GLY A 103 0.44 3.62 16.90
CA GLY A 103 0.06 2.80 18.03
C GLY A 103 -0.60 1.50 17.66
N LEU A 104 -0.42 1.06 16.42
CA LEU A 104 -1.03 -0.19 15.97
C LEU A 104 -0.04 -1.03 15.17
N ASN A 105 0.78 -0.39 14.34
CA ASN A 105 1.76 -1.13 13.55
C ASN A 105 2.68 -1.92 14.49
N GLY A 106 2.71 -3.23 14.32
CA GLY A 106 3.53 -4.05 15.17
C GLY A 106 3.08 -4.02 16.62
N PHE A 107 1.85 -3.59 16.85
CA PHE A 107 1.29 -3.52 18.20
C PHE A 107 1.34 -4.89 18.85
N ASN A 108 2.53 -5.30 19.22
CA ASN A 108 2.75 -6.60 19.83
C ASN A 108 2.11 -6.66 21.22
N ILE A 109 0.80 -6.90 21.24
CA ILE A 109 0.10 -7.01 22.52
C ILE A 109 0.36 -8.38 23.12
N LEU A 110 0.12 -8.51 24.42
CA LEU A 110 0.37 -9.75 25.14
C LEU A 110 -0.25 -10.96 24.46
N ASN A 111 -1.26 -10.74 23.63
CA ASN A 111 -1.94 -11.85 22.95
C ASN A 111 -1.50 -12.01 21.50
N LYS A 112 -1.39 -10.91 20.76
CA LYS A 112 -1.01 -10.97 19.34
C LYS A 112 -0.12 -9.80 18.93
N ARG A 113 0.14 -9.72 17.62
CA ARG A 113 0.94 -8.64 17.05
C ARG A 113 0.15 -7.98 15.94
N LEU A 114 -0.21 -6.73 16.13
CA LEU A 114 -0.98 -6.00 15.14
C LEU A 114 -0.08 -5.42 14.07
N LYS A 115 0.18 -6.19 13.01
CA LYS A 115 1.02 -5.70 11.93
C LYS A 115 0.18 -4.87 10.98
N VAL A 116 0.52 -3.60 10.84
CA VAL A 116 -0.24 -2.70 9.97
C VAL A 116 0.66 -1.95 9.01
N ALA A 117 0.34 -2.01 7.73
CA ALA A 117 1.11 -1.32 6.70
C ALA A 117 0.19 -0.58 5.74
N LEU A 118 0.52 0.67 5.44
CA LEU A 118 -0.30 1.47 4.53
C LEU A 118 -0.40 0.80 3.16
N ALA A 119 -1.48 1.08 2.44
CA ALA A 119 -1.70 0.50 1.13
C ALA A 119 -1.20 1.43 0.02
N ALA A 120 -0.19 2.24 0.33
CA ALA A 120 0.37 3.16 -0.64
C ALA A 120 1.07 2.43 -1.77
N SER A 121 0.85 2.88 -3.00
CA SER A 121 1.44 2.26 -4.17
C SER A 121 1.01 0.80 -4.29
N GLY A 122 1.17 0.24 -5.49
CA GLY A 122 0.79 -1.14 -5.71
C GLY A 122 0.46 -1.42 -7.16
N HIS A 123 -0.58 -2.21 -7.40
CA HIS A 123 -1.01 -2.56 -8.75
C HIS A 123 -2.42 -2.06 -9.02
N GLN A 124 -3.31 -2.25 -8.05
CA GLN A 124 -4.70 -1.82 -8.19
C GLN A 124 -5.37 -2.50 -9.38
N ARG A 125 -6.56 -2.04 -9.73
CA ARG A 125 -7.30 -2.60 -10.84
C ARG A 125 -7.75 -1.51 -11.80
N PRO A 126 -7.70 -1.77 -13.12
CA PRO A 126 -8.11 -0.81 -14.14
C PRO A 126 -9.63 -0.69 -14.25
N GLY A 127 -10.31 -1.83 -14.24
CA GLY A 127 -11.75 -1.83 -14.33
C GLY A 127 -12.28 -3.07 -15.02
N ILE A 128 -12.00 -3.19 -16.32
CA ILE A 128 -12.46 -4.34 -17.10
C ILE A 128 -13.98 -4.45 -17.07
N ALA A 129 -14.65 -3.31 -17.11
CA ALA A 129 -16.11 -3.28 -17.10
C ALA A 129 -16.63 -1.92 -17.55
N GLY A 130 -16.02 -0.85 -17.04
CA GLY A 130 -16.44 0.49 -17.41
C GLY A 130 -17.21 1.17 -16.29
N ALA A 131 -17.77 2.35 -16.60
CA ALA A 131 -18.53 3.11 -15.61
C ALA A 131 -19.98 3.30 -16.07
N VAL A 132 -20.84 2.36 -15.71
CA VAL A 132 -22.24 2.42 -16.09
C VAL A 132 -22.90 3.69 -15.52
N GLY A 133 -23.64 4.39 -16.37
CA GLY A 133 -24.31 5.59 -15.94
C GLY A 133 -25.81 5.40 -15.75
N ASP A 134 -26.44 4.74 -16.72
CA ASP A 134 -27.88 4.49 -16.66
C ASP A 134 -28.66 5.80 -16.69
N GLY A 135 -28.74 6.48 -15.56
CA GLY A 135 -29.46 7.73 -15.49
C GLY A 135 -30.59 7.69 -14.48
N ASN A 136 -31.79 8.04 -14.92
CA ASN A 136 -32.96 8.04 -14.05
C ASN A 136 -33.52 6.63 -13.89
N GLY A 137 -34.29 6.43 -12.82
CA GLY A 137 -34.88 5.13 -12.56
C GLY A 137 -35.82 5.14 -11.38
N TYR A 138 -37.02 5.66 -11.58
CA TYR A 138 -38.02 5.72 -10.52
C TYR A 138 -38.47 4.33 -10.11
N LEU A 139 -38.48 3.41 -11.06
CA LEU A 139 -38.89 2.04 -10.80
C LEU A 139 -37.72 1.08 -11.01
N MET A 1 34.93 14.22 -9.79
CA MET A 1 35.54 13.10 -10.56
C MET A 1 36.33 13.62 -11.76
N SER A 2 37.15 12.74 -12.33
CA SER A 2 37.96 13.11 -13.49
C SER A 2 37.13 13.07 -14.77
N GLN A 3 37.41 13.99 -15.68
CA GLN A 3 36.69 14.05 -16.95
C GLN A 3 35.19 14.26 -16.72
N ILE A 4 34.74 15.49 -16.92
CA ILE A 4 33.34 15.83 -16.74
C ILE A 4 32.96 17.09 -17.53
N PRO A 5 32.91 16.98 -18.86
CA PRO A 5 32.56 18.11 -19.73
C PRO A 5 31.25 18.77 -19.33
N LEU A 6 30.18 17.98 -19.31
CA LEU A 6 28.86 18.48 -18.94
C LEU A 6 28.79 18.79 -17.44
N VAL A 7 28.08 19.85 -17.10
CA VAL A 7 27.93 20.26 -15.70
C VAL A 7 26.64 21.04 -15.50
N SER A 8 25.53 20.33 -15.35
CA SER A 8 24.23 20.96 -15.13
C SER A 8 23.77 21.71 -16.38
N GLN A 9 24.45 22.81 -16.69
CA GLN A 9 24.12 23.62 -17.85
C GLN A 9 22.75 24.27 -17.70
N TYR A 10 21.70 23.47 -17.84
CA TYR A 10 20.34 23.98 -17.71
C TYR A 10 19.39 22.87 -17.26
N ASP A 11 18.11 23.21 -17.15
CA ASP A 11 17.09 22.26 -16.73
C ASP A 11 16.15 21.91 -17.88
N PRO A 12 16.43 20.80 -18.60
CA PRO A 12 15.59 20.38 -19.72
C PRO A 12 14.11 20.32 -19.38
N TYR A 13 13.81 20.15 -18.09
CA TYR A 13 12.44 20.09 -17.63
C TYR A 13 11.66 21.34 -18.05
N GLY A 14 12.27 22.50 -17.86
CA GLY A 14 11.61 23.75 -18.23
C GLY A 14 12.08 24.26 -19.58
N GLN A 15 12.34 23.35 -20.49
CA GLN A 15 12.80 23.73 -21.83
C GLN A 15 11.66 23.62 -22.85
N THR A 16 11.00 24.75 -23.11
CA THR A 16 9.89 24.79 -24.05
C THR A 16 10.36 25.30 -25.41
N ALA A 17 10.38 24.42 -26.40
CA ALA A 17 10.81 24.79 -27.74
C ALA A 17 9.79 25.72 -28.39
N GLN A 18 10.15 26.26 -29.56
CA GLN A 18 9.27 27.17 -30.28
C GLN A 18 8.64 26.47 -31.48
N LEU A 19 7.49 26.98 -31.92
CA LEU A 19 6.78 26.40 -33.06
C LEU A 19 5.51 27.18 -33.36
N GLN A 20 4.82 27.62 -32.30
CA GLN A 20 3.58 28.37 -32.45
C GLN A 20 2.49 27.50 -33.07
N GLN A 21 2.45 26.24 -32.67
CA GLN A 21 1.45 25.30 -33.19
C GLN A 21 0.69 24.63 -32.05
N LEU A 22 -0.23 23.75 -32.39
CA LEU A 22 -1.03 23.05 -31.40
C LEU A 22 -0.20 22.00 -30.66
N GLN A 23 0.41 21.11 -31.44
CA GLN A 23 1.24 20.05 -30.86
C GLN A 23 0.43 19.17 -29.92
N GLN A 24 -0.86 19.02 -30.22
CA GLN A 24 -1.74 18.20 -29.40
C GLN A 24 -2.09 16.90 -30.11
N GLN A 25 -2.71 15.98 -29.37
CA GLN A 25 -3.10 14.69 -29.93
C GLN A 25 -4.43 14.23 -29.35
N GLN A 26 -5.45 14.14 -30.21
CA GLN A 26 -6.78 13.71 -29.79
C GLN A 26 -7.01 12.25 -30.14
N GLN A 27 -5.99 11.41 -29.91
CA GLN A 27 -6.09 9.98 -30.20
C GLN A 27 -6.41 9.19 -28.93
N GLN A 28 -7.68 8.85 -28.75
CA GLN A 28 -8.11 8.10 -27.58
C GLN A 28 -7.80 8.84 -26.30
N HIS A 29 -8.49 8.49 -25.22
CA HIS A 29 -8.29 9.14 -23.93
C HIS A 29 -7.19 8.45 -23.15
N ILE A 30 -6.12 9.18 -22.86
CA ILE A 30 -4.99 8.64 -22.12
C ILE A 30 -4.37 9.71 -21.20
N PRO A 31 -5.02 10.00 -20.08
CA PRO A 31 -4.54 10.99 -19.11
C PRO A 31 -3.32 10.51 -18.34
N PRO A 32 -2.67 11.41 -17.58
CA PRO A 32 -1.47 11.08 -16.80
C PRO A 32 -1.82 10.53 -15.42
N THR A 33 -2.80 9.64 -15.36
CA THR A 33 -3.22 9.05 -14.09
C THR A 33 -3.11 7.53 -14.15
N GLN A 34 -1.87 7.04 -14.18
CA GLN A 34 -1.63 5.60 -14.24
C GLN A 34 -0.96 5.11 -12.95
N MET A 35 -0.05 5.91 -12.42
CA MET A 35 0.66 5.57 -11.20
C MET A 35 -0.15 5.98 -9.96
N ASN A 36 -0.92 7.05 -10.11
CA ASN A 36 -1.73 7.55 -9.00
C ASN A 36 -0.88 7.94 -7.81
N PRO A 37 0.14 8.80 -8.04
CA PRO A 37 1.04 9.25 -6.97
C PRO A 37 0.39 10.27 -6.05
N GLU A 38 -0.69 9.87 -5.40
CA GLU A 38 -1.41 10.75 -4.48
C GLU A 38 -1.05 10.45 -3.04
N PRO A 39 -0.54 11.46 -2.29
CA PRO A 39 -0.15 11.29 -0.89
C PRO A 39 -1.36 11.16 0.04
N ASP A 40 -2.52 11.61 -0.45
CA ASP A 40 -3.74 11.54 0.35
C ASP A 40 -4.03 10.11 0.82
N VAL A 41 -3.52 9.14 0.07
CA VAL A 41 -3.72 7.73 0.41
C VAL A 41 -2.91 7.36 1.65
N LEU A 42 -3.26 7.95 2.77
CA LEU A 42 -2.56 7.67 4.03
C LEU A 42 -3.44 6.82 4.94
N ARG A 43 -4.75 7.02 4.85
CA ARG A 43 -5.70 6.28 5.66
C ARG A 43 -5.75 4.81 5.28
N ASN A 44 -5.11 4.45 4.17
CA ASN A 44 -5.08 3.06 3.71
C ASN A 44 -4.12 2.27 4.59
N LEU A 45 -4.68 1.44 5.46
CA LEU A 45 -3.87 0.64 6.38
C LEU A 45 -3.97 -0.86 6.07
N MET A 46 -2.84 -1.47 5.74
CA MET A 46 -2.80 -2.90 5.49
C MET A 46 -2.49 -3.60 6.79
N VAL A 47 -3.47 -4.30 7.34
CA VAL A 47 -3.28 -4.96 8.63
C VAL A 47 -3.11 -6.47 8.49
N ASN A 48 -2.15 -6.99 9.22
CA ASN A 48 -1.87 -8.42 9.23
C ASN A 48 -1.72 -8.88 10.67
N TYR A 49 -2.35 -9.99 11.00
CA TYR A 49 -2.29 -10.52 12.36
C TYR A 49 -2.81 -11.95 12.39
N ILE A 50 -4.08 -12.11 12.03
CA ILE A 50 -4.72 -13.42 12.03
C ILE A 50 -4.84 -13.97 10.61
N PRO A 51 -4.81 -15.31 10.45
CA PRO A 51 -4.93 -15.95 9.16
C PRO A 51 -6.39 -16.29 8.84
N THR A 52 -6.87 -17.42 9.36
CA THR A 52 -8.24 -17.84 9.15
C THR A 52 -9.20 -17.07 10.06
N THR A 53 -8.70 -16.65 11.22
CA THR A 53 -9.49 -15.91 12.18
C THR A 53 -9.42 -14.40 11.96
N VAL A 54 -8.91 -14.00 10.79
CA VAL A 54 -8.80 -12.57 10.48
C VAL A 54 -10.17 -11.95 10.30
N ASP A 55 -10.61 -11.19 11.30
CA ASP A 55 -11.92 -10.55 11.26
C ASP A 55 -11.81 -9.03 11.22
N GLU A 56 -12.57 -8.42 10.32
CA GLU A 56 -12.60 -6.97 10.20
C GLU A 56 -13.15 -6.36 11.48
N VAL A 57 -13.94 -7.17 12.21
CA VAL A 57 -14.55 -6.75 13.46
C VAL A 57 -13.53 -6.63 14.58
N GLN A 58 -12.81 -7.73 14.84
CA GLN A 58 -11.80 -7.73 15.89
C GLN A 58 -10.84 -6.57 15.67
N LEU A 59 -10.53 -6.33 14.41
CA LEU A 59 -9.66 -5.23 14.03
C LEU A 59 -10.42 -3.90 14.06
N ARG A 60 -11.74 -3.99 13.87
CA ARG A 60 -12.59 -2.82 13.88
C ARG A 60 -12.53 -2.14 15.24
N GLN A 61 -12.80 -2.91 16.28
CA GLN A 61 -12.77 -2.38 17.64
C GLN A 61 -11.35 -1.97 18.02
N LEU A 62 -10.40 -2.86 17.71
CA LEU A 62 -9.00 -2.60 18.02
C LEU A 62 -8.45 -1.40 17.26
N PHE A 63 -8.79 -1.31 15.98
CA PHE A 63 -8.32 -0.21 15.15
C PHE A 63 -9.18 1.04 15.31
N GLU A 64 -10.49 0.88 15.20
CA GLU A 64 -11.39 2.03 15.34
C GLU A 64 -11.16 2.74 16.67
N ARG A 65 -10.65 2.00 17.66
CA ARG A 65 -10.38 2.59 18.97
C ARG A 65 -9.39 3.74 18.84
N TYR A 66 -8.32 3.51 18.10
CA TYR A 66 -7.29 4.53 17.90
C TYR A 66 -7.67 5.50 16.79
N GLY A 67 -8.73 5.17 16.04
CA GLY A 67 -9.16 6.02 14.96
C GLY A 67 -10.33 5.43 14.21
N PRO A 68 -11.55 5.93 14.47
CA PRO A 68 -12.75 5.43 13.80
C PRO A 68 -12.54 5.23 12.31
N ILE A 69 -12.69 3.99 11.87
CA ILE A 69 -12.51 3.64 10.46
C ILE A 69 -13.77 3.98 9.67
N GLU A 70 -13.57 4.38 8.43
CA GLU A 70 -14.67 4.74 7.55
C GLU A 70 -15.07 3.52 6.74
N SER A 71 -14.08 2.93 6.12
CA SER A 71 -14.30 1.73 5.35
C SER A 71 -13.16 0.76 5.57
N VAL A 72 -13.45 -0.27 6.33
CA VAL A 72 -12.49 -1.31 6.63
C VAL A 72 -12.85 -2.57 5.87
N LYS A 73 -11.84 -3.34 5.53
CA LYS A 73 -12.04 -4.58 4.78
C LYS A 73 -10.89 -5.56 5.01
N ILE A 74 -11.08 -6.81 4.60
CA ILE A 74 -10.05 -7.82 4.76
C ILE A 74 -9.60 -8.36 3.39
N VAL A 75 -8.30 -8.63 3.26
CA VAL A 75 -7.75 -9.15 2.03
C VAL A 75 -7.57 -10.66 2.09
N CYS A 76 -8.29 -11.37 1.23
CA CYS A 76 -8.22 -12.82 1.19
C CYS A 76 -7.01 -13.29 0.39
N ASP A 77 -6.89 -14.60 0.20
CA ASP A 77 -5.79 -15.18 -0.55
C ASP A 77 -6.23 -15.59 -1.95
N ARG A 78 -5.59 -15.00 -2.95
CA ARG A 78 -5.91 -15.30 -4.35
C ARG A 78 -5.45 -16.71 -4.74
N GLU A 79 -4.66 -17.33 -3.88
CA GLU A 79 -4.15 -18.67 -4.15
C GLU A 79 -5.24 -19.72 -3.95
N THR A 80 -5.90 -19.67 -2.80
CA THR A 80 -6.96 -20.62 -2.48
C THR A 80 -8.33 -19.94 -2.44
N ARG A 81 -8.34 -18.62 -2.67
CA ARG A 81 -9.59 -17.87 -2.65
C ARG A 81 -10.26 -17.95 -1.28
N GLN A 82 -9.45 -18.06 -0.23
CA GLN A 82 -9.96 -18.15 1.13
C GLN A 82 -9.79 -16.82 1.86
N SER A 83 -10.81 -16.43 2.62
CA SER A 83 -10.77 -15.18 3.37
C SER A 83 -9.69 -15.22 4.46
N ARG A 84 -8.44 -15.07 4.04
CA ARG A 84 -7.32 -15.10 4.97
C ARG A 84 -6.22 -14.17 4.51
N GLY A 85 -5.08 -14.22 5.19
CA GLY A 85 -3.96 -13.40 4.83
C GLY A 85 -3.82 -12.18 5.71
N TYR A 86 -4.66 -11.19 5.46
CA TYR A 86 -4.63 -9.96 6.23
C TYR A 86 -5.81 -9.07 5.86
N GLY A 87 -5.96 -7.95 6.56
CA GLY A 87 -7.06 -7.06 6.27
C GLY A 87 -6.64 -5.63 6.01
N PHE A 88 -7.42 -4.94 5.20
CA PHE A 88 -7.15 -3.54 4.88
C PHE A 88 -8.16 -2.67 5.61
N VAL A 89 -7.70 -1.69 6.36
CA VAL A 89 -8.58 -0.84 7.12
C VAL A 89 -8.39 0.63 6.76
N LYS A 90 -9.45 1.25 6.24
CA LYS A 90 -9.40 2.65 5.86
C LYS A 90 -9.93 3.54 6.97
N PHE A 91 -9.05 4.31 7.58
CA PHE A 91 -9.43 5.20 8.66
C PHE A 91 -10.22 6.38 8.11
N GLN A 92 -11.02 7.02 8.96
CA GLN A 92 -11.85 8.14 8.54
C GLN A 92 -11.05 9.20 7.79
N SER A 93 -9.75 9.27 8.05
CA SER A 93 -8.91 10.26 7.38
C SER A 93 -7.44 9.86 7.43
N GLY A 94 -6.69 10.25 6.40
CA GLY A 94 -5.28 9.92 6.36
C GLY A 94 -4.55 10.38 7.60
N SER A 95 -5.02 11.49 8.18
CA SER A 95 -4.42 12.02 9.39
C SER A 95 -4.61 11.04 10.55
N SER A 96 -5.59 10.15 10.42
CA SER A 96 -5.86 9.16 11.44
C SER A 96 -4.87 8.02 11.36
N ALA A 97 -4.37 7.75 10.15
CA ALA A 97 -3.42 6.69 9.92
C ALA A 97 -2.17 6.89 10.77
N GLN A 98 -1.81 8.16 10.98
CA GLN A 98 -0.64 8.49 11.79
C GLN A 98 -0.80 7.95 13.21
N GLN A 99 -2.02 8.04 13.73
CA GLN A 99 -2.30 7.54 15.06
C GLN A 99 -2.33 6.03 15.08
N ALA A 100 -2.74 5.43 13.96
CA ALA A 100 -2.79 3.99 13.84
C ALA A 100 -1.39 3.41 13.79
N ILE A 101 -0.60 3.89 12.85
CA ILE A 101 0.77 3.43 12.70
C ILE A 101 1.58 3.73 13.95
N ALA A 102 1.16 4.75 14.69
CA ALA A 102 1.86 5.15 15.91
C ALA A 102 1.61 4.20 17.06
N GLY A 103 0.35 3.80 17.28
CA GLY A 103 0.05 2.91 18.39
C GLY A 103 -0.67 1.64 17.97
N LEU A 104 -0.57 1.26 16.71
CA LEU A 104 -1.21 0.05 16.24
C LEU A 104 -0.30 -0.77 15.33
N ASN A 105 0.55 -0.09 14.57
CA ASN A 105 1.47 -0.77 13.68
C ASN A 105 2.48 -1.55 14.50
N GLY A 106 2.52 -2.86 14.28
CA GLY A 106 3.43 -3.70 15.02
C GLY A 106 3.01 -3.87 16.46
N PHE A 107 1.78 -3.47 16.80
CA PHE A 107 1.28 -3.61 18.17
C PHE A 107 1.50 -5.04 18.66
N ASN A 108 2.67 -5.29 19.23
CA ASN A 108 3.03 -6.62 19.70
C ASN A 108 2.19 -7.07 20.89
N ILE A 109 0.98 -7.57 20.61
CA ILE A 109 0.11 -8.06 21.67
C ILE A 109 0.58 -9.45 22.09
N LEU A 110 0.15 -9.89 23.27
CA LEU A 110 0.58 -11.18 23.80
C LEU A 110 0.40 -12.34 22.82
N ASN A 111 -0.68 -12.35 22.07
CA ASN A 111 -0.94 -13.42 21.12
C ASN A 111 -0.15 -13.23 19.82
N LYS A 112 -0.33 -12.07 19.20
CA LYS A 112 0.33 -11.76 17.93
C LYS A 112 0.74 -10.29 17.87
N ARG A 113 1.11 -9.83 16.67
CA ARG A 113 1.54 -8.45 16.47
C ARG A 113 0.68 -7.77 15.40
N LEU A 114 -0.02 -6.72 15.81
CA LEU A 114 -0.88 -5.97 14.89
C LEU A 114 -0.04 -5.21 13.87
N LYS A 115 0.33 -5.88 12.80
CA LYS A 115 1.14 -5.27 11.75
C LYS A 115 0.27 -4.43 10.82
N VAL A 116 0.56 -3.14 10.76
CA VAL A 116 -0.18 -2.23 9.89
C VAL A 116 0.75 -1.47 8.97
N ALA A 117 0.51 -1.58 7.66
CA ALA A 117 1.34 -0.89 6.68
C ALA A 117 0.48 -0.16 5.64
N LEU A 118 0.85 1.07 5.34
CA LEU A 118 0.12 1.87 4.35
C LEU A 118 0.27 1.27 2.97
N ALA A 119 -0.83 0.79 2.40
CA ALA A 119 -0.82 0.18 1.08
C ALA A 119 -0.22 1.12 0.04
N ALA A 120 -1.01 2.10 -0.40
CA ALA A 120 -0.54 3.07 -1.39
C ALA A 120 0.68 3.83 -0.90
N SER A 121 1.84 3.48 -1.46
CA SER A 121 3.10 4.13 -1.08
C SER A 121 4.25 3.65 -1.96
N GLY A 122 3.95 3.43 -3.24
CA GLY A 122 4.96 2.97 -4.18
C GLY A 122 4.38 2.18 -5.33
N HIS A 123 3.69 1.10 -5.00
CA HIS A 123 3.07 0.25 -6.02
C HIS A 123 4.13 -0.32 -6.96
N GLN A 124 4.49 -1.58 -6.75
CA GLN A 124 5.48 -2.25 -7.58
C GLN A 124 5.03 -3.65 -7.97
N ARG A 125 5.93 -4.41 -8.58
CA ARG A 125 5.63 -5.77 -9.01
C ARG A 125 6.84 -6.67 -8.85
N PRO A 126 6.83 -7.59 -7.85
CA PRO A 126 7.94 -8.51 -7.61
C PRO A 126 8.11 -9.53 -8.73
N GLY A 127 6.99 -10.13 -9.15
CA GLY A 127 7.04 -11.12 -10.21
C GLY A 127 6.39 -12.43 -9.82
N ILE A 128 7.04 -13.17 -8.92
CA ILE A 128 6.51 -14.46 -8.47
C ILE A 128 6.56 -15.50 -9.57
N ALA A 129 5.76 -15.29 -10.62
CA ALA A 129 5.72 -16.21 -11.74
C ALA A 129 7.03 -16.22 -12.50
N GLY A 130 7.49 -15.03 -12.91
CA GLY A 130 8.73 -14.91 -13.64
C GLY A 130 8.51 -14.65 -15.12
N ALA A 131 9.18 -13.62 -15.63
CA ALA A 131 9.06 -13.26 -17.04
C ALA A 131 9.63 -14.36 -17.93
N VAL A 132 8.81 -14.83 -18.88
CA VAL A 132 9.24 -15.88 -19.80
C VAL A 132 9.11 -15.41 -21.25
N GLY A 133 8.01 -14.74 -21.56
CA GLY A 133 7.79 -14.25 -22.91
C GLY A 133 7.77 -15.37 -23.93
N ASP A 134 6.60 -15.95 -24.13
CA ASP A 134 6.43 -17.05 -25.08
C ASP A 134 7.26 -18.26 -24.67
N GLY A 135 6.76 -19.45 -24.96
CA GLY A 135 7.46 -20.66 -24.61
C GLY A 135 7.49 -21.67 -25.74
N ASN A 136 7.82 -22.91 -25.42
CA ASN A 136 7.88 -23.97 -26.42
C ASN A 136 8.11 -25.33 -25.77
N GLY A 137 9.00 -25.36 -24.77
CA GLY A 137 9.30 -26.60 -24.09
C GLY A 137 8.22 -26.98 -23.08
N TYR A 138 7.54 -25.97 -22.54
CA TYR A 138 6.49 -26.21 -21.57
C TYR A 138 5.37 -27.07 -22.16
N LEU A 139 4.94 -28.07 -21.40
CA LEU A 139 3.89 -28.97 -21.84
C LEU A 139 2.51 -28.38 -21.58
N MET A 1 38.57 30.25 -36.33
CA MET A 1 38.08 29.07 -35.57
C MET A 1 38.34 29.21 -34.07
N SER A 2 39.59 29.50 -33.72
CA SER A 2 39.97 29.68 -32.33
C SER A 2 40.49 31.09 -32.06
N GLN A 3 39.66 31.92 -31.45
CA GLN A 3 40.04 33.29 -31.14
C GLN A 3 39.01 33.95 -30.23
N ILE A 4 39.40 34.17 -28.98
CA ILE A 4 38.51 34.81 -28.01
C ILE A 4 37.28 33.93 -27.75
N PRO A 5 37.32 33.11 -26.69
CA PRO A 5 36.21 32.23 -26.34
C PRO A 5 34.98 33.00 -25.87
N LEU A 6 34.04 33.21 -26.79
CA LEU A 6 32.81 33.93 -26.48
C LEU A 6 31.64 32.97 -26.32
N VAL A 7 31.62 32.26 -25.20
CA VAL A 7 30.55 31.30 -24.93
C VAL A 7 29.73 31.73 -23.72
N SER A 8 28.41 31.59 -23.81
CA SER A 8 27.52 31.96 -22.73
C SER A 8 26.18 31.22 -22.85
N GLN A 9 25.45 31.17 -21.74
CA GLN A 9 24.15 30.50 -21.72
C GLN A 9 23.02 31.49 -21.86
N TYR A 10 23.28 32.59 -22.57
CA TYR A 10 22.28 33.63 -22.78
C TYR A 10 22.30 34.12 -24.22
N ASP A 11 21.68 33.36 -25.12
CA ASP A 11 21.64 33.72 -26.53
C ASP A 11 20.22 34.09 -26.94
N PRO A 12 20.01 35.36 -27.38
CA PRO A 12 18.68 35.83 -27.79
C PRO A 12 18.24 35.21 -29.12
N TYR A 13 16.93 35.17 -29.34
CA TYR A 13 16.38 34.60 -30.56
C TYR A 13 14.89 34.88 -30.67
N GLY A 14 14.54 36.01 -31.28
CA GLY A 14 13.14 36.37 -31.44
C GLY A 14 12.66 37.31 -30.36
N GLN A 15 11.58 36.94 -29.68
CA GLN A 15 11.02 37.76 -28.62
C GLN A 15 10.61 39.13 -29.14
N THR A 16 9.31 39.31 -29.39
CA THR A 16 8.80 40.57 -29.90
C THR A 16 7.61 41.04 -29.06
N ALA A 17 6.69 40.12 -28.78
CA ALA A 17 5.51 40.45 -27.99
C ALA A 17 5.65 39.95 -26.55
N GLN A 18 4.65 40.23 -25.74
CA GLN A 18 4.67 39.83 -24.33
C GLN A 18 3.89 38.52 -24.14
N LEU A 19 4.36 37.70 -23.21
CA LEU A 19 3.71 36.42 -22.93
C LEU A 19 2.59 36.59 -21.92
N GLN A 20 1.59 35.71 -21.99
CA GLN A 20 0.46 35.76 -21.08
C GLN A 20 0.70 34.88 -19.86
N GLN A 21 0.27 35.35 -18.70
CA GLN A 21 0.42 34.61 -17.46
C GLN A 21 -0.86 33.87 -17.09
N LEU A 22 -1.03 32.68 -17.65
CA LEU A 22 -2.21 31.87 -17.39
C LEU A 22 -1.88 30.69 -16.48
N GLN A 23 -0.87 29.91 -16.87
CA GLN A 23 -0.47 28.75 -16.09
C GLN A 23 -1.60 27.76 -15.93
N GLN A 24 -2.48 27.72 -16.93
CA GLN A 24 -3.62 26.80 -16.90
C GLN A 24 -3.16 25.35 -17.07
N GLN A 25 -2.98 24.67 -15.94
CA GLN A 25 -2.53 23.27 -15.96
C GLN A 25 -3.72 22.33 -15.78
N GLN A 26 -4.50 22.16 -16.85
CA GLN A 26 -5.66 21.27 -16.81
C GLN A 26 -5.31 19.89 -17.36
N GLN A 27 -4.03 19.56 -17.38
CA GLN A 27 -3.57 18.27 -17.88
C GLN A 27 -2.89 17.47 -16.78
N GLN A 28 -2.24 18.17 -15.85
CA GLN A 28 -1.53 17.52 -14.74
C GLN A 28 -0.67 16.36 -15.23
N HIS A 29 -0.12 15.61 -14.28
CA HIS A 29 0.73 14.47 -14.60
C HIS A 29 0.26 13.21 -13.88
N ILE A 30 -1.05 13.06 -13.76
CA ILE A 30 -1.63 11.90 -13.08
C ILE A 30 -2.79 11.32 -13.89
N PRO A 31 -2.49 10.68 -15.03
CA PRO A 31 -3.52 10.09 -15.88
C PRO A 31 -4.14 8.84 -15.26
N PRO A 32 -5.35 8.46 -15.71
CA PRO A 32 -6.05 7.28 -15.19
C PRO A 32 -5.30 5.97 -15.47
N THR A 33 -4.19 5.77 -14.76
CA THR A 33 -3.39 4.57 -14.93
C THR A 33 -2.18 4.59 -14.01
N GLN A 34 -1.42 5.67 -14.07
CA GLN A 34 -0.23 5.82 -13.24
C GLN A 34 -0.56 6.49 -11.91
N MET A 35 -1.07 5.70 -10.96
CA MET A 35 -1.44 6.23 -9.66
C MET A 35 -0.20 6.62 -8.87
N ASN A 36 0.17 7.90 -8.97
CA ASN A 36 1.34 8.41 -8.27
C ASN A 36 1.18 8.25 -6.76
N PRO A 37 2.17 7.64 -6.08
CA PRO A 37 2.11 7.42 -4.63
C PRO A 37 1.98 8.73 -3.86
N GLU A 38 0.76 9.24 -3.77
CA GLU A 38 0.49 10.48 -3.05
C GLU A 38 0.59 10.28 -1.55
N PRO A 39 1.08 11.29 -0.81
CA PRO A 39 1.21 11.20 0.64
C PRO A 39 -0.11 11.38 1.37
N ASP A 40 -1.16 11.71 0.62
CA ASP A 40 -2.49 11.91 1.20
C ASP A 40 -3.09 10.59 1.66
N VAL A 41 -2.71 9.49 0.99
CA VAL A 41 -3.22 8.17 1.34
C VAL A 41 -2.55 7.63 2.60
N LEU A 42 -2.74 8.34 3.71
CA LEU A 42 -2.16 7.92 4.99
C LEU A 42 -3.13 7.01 5.73
N ARG A 43 -4.42 7.30 5.61
CA ARG A 43 -5.46 6.52 6.27
C ARG A 43 -5.48 5.08 5.78
N ASN A 44 -4.79 4.80 4.67
CA ASN A 44 -4.75 3.46 4.13
C ASN A 44 -3.84 2.58 4.99
N LEU A 45 -4.43 1.70 5.78
CA LEU A 45 -3.67 0.85 6.68
C LEU A 45 -3.87 -0.63 6.38
N MET A 46 -2.78 -1.30 6.02
CA MET A 46 -2.83 -2.74 5.76
C MET A 46 -2.51 -3.45 7.06
N VAL A 47 -3.48 -4.18 7.60
CA VAL A 47 -3.30 -4.86 8.87
C VAL A 47 -3.05 -6.36 8.70
N ASN A 48 -2.04 -6.84 9.41
CA ASN A 48 -1.66 -8.24 9.40
C ASN A 48 -1.39 -8.68 10.84
N TYR A 49 -1.93 -9.83 11.21
CA TYR A 49 -1.75 -10.32 12.57
C TYR A 49 -1.96 -11.82 12.63
N ILE A 50 -3.14 -12.24 12.20
CA ILE A 50 -3.50 -13.65 12.19
C ILE A 50 -3.44 -14.22 10.78
N PRO A 51 -3.43 -15.56 10.64
CA PRO A 51 -3.38 -16.22 9.34
C PRO A 51 -4.78 -16.31 8.71
N THR A 52 -5.40 -17.48 8.78
CA THR A 52 -6.74 -17.67 8.21
C THR A 52 -7.81 -17.09 9.13
N THR A 53 -7.40 -16.65 10.31
CA THR A 53 -8.33 -16.08 11.29
C THR A 53 -8.43 -14.56 11.17
N VAL A 54 -7.94 -14.01 10.08
CA VAL A 54 -7.97 -12.56 9.87
C VAL A 54 -9.41 -12.09 9.66
N ASP A 55 -9.95 -11.40 10.66
CA ASP A 55 -11.32 -10.91 10.60
C ASP A 55 -11.37 -9.38 10.60
N GLU A 56 -12.06 -8.83 9.61
CA GLU A 56 -12.22 -7.38 9.50
C GLU A 56 -12.85 -6.81 10.76
N VAL A 57 -13.58 -7.67 11.49
CA VAL A 57 -14.26 -7.28 12.71
C VAL A 57 -13.26 -7.05 13.84
N GLN A 58 -12.46 -8.08 14.13
CA GLN A 58 -11.45 -7.99 15.18
C GLN A 58 -10.64 -6.71 15.01
N LEU A 59 -10.25 -6.44 13.78
CA LEU A 59 -9.48 -5.23 13.46
C LEU A 59 -10.40 -4.02 13.41
N ARG A 60 -11.67 -4.26 13.08
CA ARG A 60 -12.66 -3.19 13.00
C ARG A 60 -12.75 -2.44 14.31
N GLN A 61 -13.00 -3.17 15.38
CA GLN A 61 -13.10 -2.57 16.70
C GLN A 61 -11.73 -2.16 17.23
N LEU A 62 -10.76 -3.03 17.06
CA LEU A 62 -9.40 -2.78 17.53
C LEU A 62 -8.77 -1.58 16.84
N PHE A 63 -8.93 -1.49 15.52
CA PHE A 63 -8.35 -0.39 14.77
C PHE A 63 -9.25 0.83 14.79
N GLU A 64 -10.53 0.65 14.47
CA GLU A 64 -11.45 1.79 14.47
C GLU A 64 -11.40 2.52 15.82
N ARG A 65 -11.02 1.79 16.87
CA ARG A 65 -10.93 2.38 18.20
C ARG A 65 -10.02 3.60 18.19
N TYR A 66 -8.82 3.44 17.66
CA TYR A 66 -7.85 4.51 17.59
C TYR A 66 -8.11 5.42 16.39
N GLY A 67 -9.02 5.01 15.51
CA GLY A 67 -9.33 5.81 14.35
C GLY A 67 -10.45 5.21 13.54
N PRO A 68 -11.69 5.71 13.72
CA PRO A 68 -12.85 5.20 13.00
C PRO A 68 -12.57 4.99 11.51
N ILE A 69 -12.79 3.76 11.06
CA ILE A 69 -12.55 3.39 9.67
C ILE A 69 -13.70 3.83 8.78
N GLU A 70 -13.38 4.20 7.55
CA GLU A 70 -14.38 4.64 6.59
C GLU A 70 -14.62 3.52 5.61
N SER A 71 -13.52 2.97 5.10
CA SER A 71 -13.59 1.85 4.19
C SER A 71 -12.63 0.78 4.65
N VAL A 72 -13.20 -0.28 5.20
CA VAL A 72 -12.42 -1.40 5.69
C VAL A 72 -12.65 -2.63 4.82
N LYS A 73 -11.59 -3.42 4.68
CA LYS A 73 -11.64 -4.63 3.88
C LYS A 73 -10.62 -5.63 4.40
N ILE A 74 -10.79 -6.90 4.04
CA ILE A 74 -9.86 -7.93 4.46
C ILE A 74 -9.25 -8.64 3.26
N VAL A 75 -7.92 -8.68 3.20
CA VAL A 75 -7.23 -9.35 2.09
C VAL A 75 -7.32 -10.86 2.23
N CYS A 76 -8.31 -11.44 1.56
CA CYS A 76 -8.52 -12.89 1.60
C CYS A 76 -7.75 -13.59 0.49
N ASP A 77 -7.50 -14.88 0.68
CA ASP A 77 -6.77 -15.67 -0.31
C ASP A 77 -7.59 -15.81 -1.59
N ARG A 78 -7.02 -15.34 -2.70
CA ARG A 78 -7.69 -15.40 -4.00
C ARG A 78 -7.72 -16.84 -4.52
N GLU A 79 -7.00 -17.75 -3.87
CA GLU A 79 -6.96 -19.14 -4.28
C GLU A 79 -8.25 -19.86 -3.92
N THR A 80 -8.65 -19.73 -2.65
CA THR A 80 -9.87 -20.37 -2.16
C THR A 80 -10.91 -19.35 -1.74
N ARG A 81 -10.60 -18.06 -1.93
CA ARG A 81 -11.52 -16.99 -1.56
C ARG A 81 -11.89 -17.09 -0.08
N GLN A 82 -10.97 -17.58 0.72
CA GLN A 82 -11.21 -17.72 2.17
C GLN A 82 -10.44 -16.66 2.95
N SER A 83 -10.86 -16.43 4.18
CA SER A 83 -10.22 -15.44 5.03
C SER A 83 -8.79 -15.85 5.34
N ARG A 84 -7.83 -15.00 4.95
CA ARG A 84 -6.42 -15.28 5.18
C ARG A 84 -5.57 -14.06 4.88
N GLY A 85 -4.27 -14.29 4.67
CA GLY A 85 -3.37 -13.20 4.38
C GLY A 85 -3.36 -12.14 5.45
N TYR A 86 -4.21 -11.14 5.27
CA TYR A 86 -4.31 -10.04 6.21
C TYR A 86 -5.50 -9.15 5.87
N GLY A 87 -5.77 -8.16 6.71
CA GLY A 87 -6.88 -7.26 6.46
C GLY A 87 -6.45 -5.87 6.07
N PHE A 88 -7.42 -4.97 5.95
CA PHE A 88 -7.18 -3.59 5.57
C PHE A 88 -8.19 -2.67 6.26
N VAL A 89 -7.74 -1.49 6.66
CA VAL A 89 -8.61 -0.52 7.33
C VAL A 89 -8.26 0.90 6.93
N LYS A 90 -9.18 1.56 6.23
CA LYS A 90 -8.97 2.94 5.79
C LYS A 90 -9.68 3.89 6.74
N PHE A 91 -8.90 4.65 7.50
CA PHE A 91 -9.45 5.60 8.45
C PHE A 91 -10.06 6.79 7.71
N GLN A 92 -11.03 7.44 8.34
CA GLN A 92 -11.72 8.57 7.73
C GLN A 92 -10.74 9.63 7.23
N SER A 93 -9.86 10.08 8.11
CA SER A 93 -8.88 11.10 7.74
C SER A 93 -7.46 10.60 7.94
N GLY A 94 -6.57 10.96 7.01
CA GLY A 94 -5.19 10.55 7.12
C GLY A 94 -4.59 10.87 8.47
N SER A 95 -5.14 11.88 9.12
CA SER A 95 -4.66 12.30 10.44
C SER A 95 -4.89 11.19 11.46
N SER A 96 -5.87 10.32 11.19
CA SER A 96 -6.18 9.22 12.09
C SER A 96 -5.19 8.08 11.91
N ALA A 97 -4.67 7.94 10.69
CA ALA A 97 -3.71 6.90 10.39
C ALA A 97 -2.46 7.05 11.24
N GLN A 98 -2.01 8.29 11.41
CA GLN A 98 -0.82 8.57 12.21
C GLN A 98 -0.96 7.99 13.61
N GLN A 99 -2.14 8.19 14.20
CA GLN A 99 -2.42 7.67 15.54
C GLN A 99 -2.60 6.16 15.50
N ALA A 100 -3.03 5.65 14.35
CA ALA A 100 -3.23 4.22 14.18
C ALA A 100 -1.90 3.50 14.15
N ILE A 101 -1.04 3.92 13.23
CA ILE A 101 0.28 3.34 13.09
C ILE A 101 1.10 3.53 14.36
N ALA A 102 0.77 4.57 15.10
CA ALA A 102 1.48 4.88 16.35
C ALA A 102 1.11 3.93 17.46
N GLY A 103 -0.18 3.60 17.58
CA GLY A 103 -0.63 2.71 18.63
C GLY A 103 -1.13 1.38 18.12
N LEU A 104 -0.85 1.06 16.86
CA LEU A 104 -1.30 -0.21 16.30
C LEU A 104 -0.20 -0.89 15.49
N ASN A 105 0.60 -0.11 14.77
CA ASN A 105 1.67 -0.68 13.97
C ASN A 105 2.60 -1.49 14.86
N GLY A 106 2.73 -2.77 14.53
CA GLY A 106 3.59 -3.64 15.31
C GLY A 106 3.11 -3.81 16.74
N PHE A 107 1.86 -3.45 17.02
CA PHE A 107 1.31 -3.58 18.38
C PHE A 107 1.57 -4.99 18.90
N ASN A 108 2.73 -5.16 19.53
CA ASN A 108 3.14 -6.47 20.05
C ASN A 108 2.30 -6.90 21.26
N ILE A 109 1.21 -7.60 20.99
CA ILE A 109 0.35 -8.10 22.06
C ILE A 109 0.84 -9.48 22.51
N LEU A 110 0.43 -9.89 23.70
CA LEU A 110 0.89 -11.16 24.26
C LEU A 110 0.71 -12.35 23.33
N ASN A 111 -0.28 -12.30 22.44
CA ASN A 111 -0.52 -13.41 21.53
C ASN A 111 0.23 -13.22 20.21
N LYS A 112 0.02 -12.08 19.59
CA LYS A 112 0.66 -11.76 18.30
C LYS A 112 1.04 -10.28 18.22
N ARG A 113 1.39 -9.83 17.01
CA ARG A 113 1.79 -8.45 16.80
C ARG A 113 0.95 -7.80 15.70
N LEU A 114 0.16 -6.79 16.07
CA LEU A 114 -0.68 -6.11 15.10
C LEU A 114 0.17 -5.31 14.11
N LYS A 115 0.50 -5.94 12.99
CA LYS A 115 1.32 -5.29 11.98
C LYS A 115 0.46 -4.44 11.06
N VAL A 116 0.75 -3.15 11.02
CA VAL A 116 0.00 -2.21 10.18
C VAL A 116 0.93 -1.38 9.32
N ALA A 117 0.72 -1.43 8.01
CA ALA A 117 1.55 -0.68 7.08
C ALA A 117 0.71 -0.05 5.97
N LEU A 118 0.97 1.23 5.70
CA LEU A 118 0.24 1.95 4.65
C LEU A 118 0.49 1.31 3.29
N ALA A 119 -0.57 0.86 2.65
CA ALA A 119 -0.46 0.21 1.34
C ALA A 119 0.35 1.06 0.37
N ALA A 120 0.32 2.37 0.56
CA ALA A 120 1.06 3.28 -0.29
C ALA A 120 2.26 3.88 0.44
N SER A 121 1.98 4.63 1.51
CA SER A 121 3.04 5.26 2.30
C SER A 121 3.73 6.37 1.51
N GLY A 122 4.42 5.99 0.44
CA GLY A 122 5.11 6.97 -0.38
C GLY A 122 6.13 6.34 -1.30
N HIS A 123 6.67 5.20 -0.90
CA HIS A 123 7.66 4.49 -1.71
C HIS A 123 8.93 5.31 -1.85
N GLN A 124 10.03 4.79 -1.32
CA GLN A 124 11.32 5.49 -1.39
C GLN A 124 12.11 5.03 -2.60
N ARG A 125 11.93 3.77 -2.99
CA ARG A 125 12.62 3.21 -4.13
C ARG A 125 12.20 3.89 -5.43
N PRO A 126 13.06 3.87 -6.45
CA PRO A 126 12.75 4.49 -7.75
C PRO A 126 11.68 3.73 -8.52
N GLY A 127 11.73 2.40 -8.43
CA GLY A 127 10.77 1.58 -9.13
C GLY A 127 11.21 1.21 -10.53
N ILE A 128 12.10 0.22 -10.62
CA ILE A 128 12.61 -0.23 -11.91
C ILE A 128 13.40 0.87 -12.60
N ALA A 129 14.67 0.61 -12.87
CA ALA A 129 15.54 1.58 -13.53
C ALA A 129 16.74 0.90 -14.17
N GLY A 130 17.37 -0.01 -13.42
CA GLY A 130 18.53 -0.71 -13.93
C GLY A 130 19.35 -1.36 -12.83
N ALA A 131 19.55 -2.66 -12.94
CA ALA A 131 20.34 -3.39 -11.94
C ALA A 131 21.78 -2.90 -11.89
N VAL A 132 22.20 -2.21 -12.95
CA VAL A 132 23.56 -1.68 -13.03
C VAL A 132 24.58 -2.81 -13.12
N GLY A 133 24.16 -3.96 -13.66
CA GLY A 133 25.05 -5.09 -13.79
C GLY A 133 24.97 -6.05 -12.61
N ASP A 134 24.87 -5.48 -11.41
CA ASP A 134 24.80 -6.29 -10.19
C ASP A 134 26.06 -7.13 -10.02
N GLY A 135 27.19 -6.46 -9.85
CA GLY A 135 28.45 -7.17 -9.69
C GLY A 135 29.64 -6.35 -10.18
N ASN A 136 29.38 -5.41 -11.08
CA ASN A 136 30.44 -4.56 -11.63
C ASN A 136 31.43 -5.40 -12.44
N GLY A 137 31.05 -5.73 -13.66
CA GLY A 137 31.92 -6.52 -14.52
C GLY A 137 31.50 -6.48 -15.98
N TYR A 138 30.82 -7.54 -16.42
CA TYR A 138 30.35 -7.62 -17.81
C TYR A 138 28.86 -7.93 -17.86
N LEU A 139 28.46 -8.96 -17.12
CA LEU A 139 27.05 -9.36 -17.09
C LEU A 139 26.32 -8.65 -15.98
N MET A 1 -21.04 4.37 -58.34
CA MET A 1 -20.13 3.66 -57.41
C MET A 1 -20.20 2.15 -57.61
N SER A 2 -19.09 1.57 -58.07
CA SER A 2 -19.03 0.13 -58.30
C SER A 2 -18.27 -0.58 -57.18
N GLN A 3 -18.60 -0.22 -55.94
CA GLN A 3 -17.95 -0.82 -54.77
C GLN A 3 -18.57 -2.17 -54.45
N ILE A 4 -18.27 -3.18 -55.26
CA ILE A 4 -18.79 -4.52 -55.06
C ILE A 4 -18.06 -5.23 -53.92
N PRO A 5 -16.71 -5.22 -53.92
CA PRO A 5 -15.92 -5.87 -52.89
C PRO A 5 -15.84 -5.06 -51.60
N LEU A 6 -16.01 -3.75 -51.74
CA LEU A 6 -15.96 -2.85 -50.58
C LEU A 6 -14.58 -2.86 -49.93
N VAL A 7 -13.55 -3.01 -50.76
CA VAL A 7 -12.18 -3.05 -50.26
C VAL A 7 -11.51 -1.69 -50.45
N SER A 8 -10.84 -1.22 -49.40
CA SER A 8 -10.15 0.06 -49.44
C SER A 8 -8.67 -0.13 -49.77
N GLN A 9 -8.24 0.47 -50.88
CA GLN A 9 -6.85 0.37 -51.31
C GLN A 9 -5.94 1.21 -50.43
N TYR A 10 -5.21 0.55 -49.54
CA TYR A 10 -4.30 1.25 -48.63
C TYR A 10 -3.05 0.41 -48.37
N ASP A 11 -3.24 -0.75 -47.77
CA ASP A 11 -2.13 -1.64 -47.46
C ASP A 11 -1.38 -2.04 -48.73
N PRO A 12 -0.14 -1.53 -48.90
CA PRO A 12 0.67 -1.84 -50.08
C PRO A 12 1.16 -3.29 -50.09
N TYR A 13 1.16 -3.91 -51.27
CA TYR A 13 1.61 -5.28 -51.40
C TYR A 13 3.03 -5.35 -51.96
N GLY A 14 3.88 -6.11 -51.29
CA GLY A 14 5.26 -6.24 -51.73
C GLY A 14 6.23 -6.34 -50.57
N GLN A 15 6.14 -5.40 -49.63
CA GLN A 15 7.01 -5.39 -48.47
C GLN A 15 6.23 -5.65 -47.19
N THR A 16 5.28 -6.58 -47.26
CA THR A 16 4.44 -6.92 -46.11
C THR A 16 5.30 -7.47 -44.96
N ALA A 17 6.41 -8.11 -45.31
CA ALA A 17 7.31 -8.67 -44.32
C ALA A 17 7.82 -7.60 -43.36
N GLN A 18 7.76 -7.89 -42.07
CA GLN A 18 8.22 -6.95 -41.05
C GLN A 18 7.43 -5.65 -41.12
N LEU A 19 7.54 -4.85 -40.07
CA LEU A 19 6.83 -3.56 -40.01
C LEU A 19 7.25 -2.77 -38.78
N GLN A 20 7.07 -3.37 -37.61
CA GLN A 20 7.44 -2.71 -36.36
C GLN A 20 7.20 -3.65 -35.16
N GLN A 21 6.09 -4.39 -35.22
CA GLN A 21 5.75 -5.32 -34.15
C GLN A 21 6.57 -6.60 -34.26
N LEU A 22 7.23 -6.97 -33.15
CA LEU A 22 8.04 -8.18 -33.12
C LEU A 22 7.68 -9.06 -31.93
N GLN A 23 6.76 -9.99 -32.14
CA GLN A 23 6.32 -10.89 -31.08
C GLN A 23 5.72 -10.12 -29.92
N GLN A 24 5.21 -10.84 -28.93
CA GLN A 24 4.60 -10.21 -27.76
C GLN A 24 5.39 -10.55 -26.50
N GLN A 25 5.26 -9.69 -25.49
CA GLN A 25 5.97 -9.90 -24.22
C GLN A 25 5.58 -8.83 -23.21
N GLN A 26 5.04 -9.25 -22.08
CA GLN A 26 4.63 -8.33 -21.02
C GLN A 26 4.65 -9.01 -19.66
N GLN A 27 5.75 -8.84 -18.94
CA GLN A 27 5.89 -9.44 -17.62
C GLN A 27 6.04 -8.36 -16.55
N GLN A 28 5.43 -7.21 -16.78
CA GLN A 28 5.49 -6.10 -15.84
C GLN A 28 4.12 -5.45 -15.67
N HIS A 29 3.44 -5.21 -16.79
CA HIS A 29 2.12 -4.59 -16.76
C HIS A 29 2.19 -3.16 -16.23
N ILE A 30 2.22 -2.20 -17.15
CA ILE A 30 2.29 -0.80 -16.77
C ILE A 30 1.07 -0.03 -17.28
N PRO A 31 -0.08 -0.21 -16.63
CA PRO A 31 -1.33 0.47 -17.02
C PRO A 31 -1.22 1.98 -16.89
N PRO A 32 -2.29 2.72 -17.27
CA PRO A 32 -2.30 4.18 -17.20
C PRO A 32 -1.90 4.70 -15.82
N THR A 33 -2.04 3.85 -14.81
CA THR A 33 -1.69 4.23 -13.44
C THR A 33 -2.57 5.38 -12.95
N GLN A 34 -3.76 5.04 -12.46
CA GLN A 34 -4.69 6.04 -11.96
C GLN A 34 -4.47 6.32 -10.48
N MET A 35 -3.78 7.41 -10.20
CA MET A 35 -3.49 7.79 -8.81
C MET A 35 -2.98 6.59 -8.02
N ASN A 36 -2.31 5.67 -8.72
CA ASN A 36 -1.77 4.48 -8.08
C ASN A 36 -0.78 4.85 -6.98
N PRO A 37 0.32 5.53 -7.35
CA PRO A 37 1.35 5.95 -6.40
C PRO A 37 1.02 7.27 -5.71
N GLU A 38 -0.22 7.40 -5.24
CA GLU A 38 -0.65 8.62 -4.57
C GLU A 38 -0.49 8.49 -3.05
N PRO A 39 0.26 9.41 -2.42
CA PRO A 39 0.48 9.40 -0.97
C PRO A 39 -0.76 9.83 -0.19
N ASP A 40 -1.74 10.39 -0.90
CA ASP A 40 -2.97 10.86 -0.27
C ASP A 40 -3.63 9.73 0.52
N VAL A 41 -3.48 8.50 0.03
CA VAL A 41 -4.07 7.34 0.69
C VAL A 41 -3.27 6.96 1.93
N LEU A 42 -3.24 7.87 2.91
CA LEU A 42 -2.52 7.63 4.15
C LEU A 42 -3.36 6.80 5.12
N ARG A 43 -4.68 6.99 5.05
CA ARG A 43 -5.60 6.26 5.91
C ARG A 43 -5.70 4.78 5.54
N ASN A 44 -4.98 4.36 4.51
CA ASN A 44 -5.00 2.97 4.08
C ASN A 44 -4.09 2.14 4.97
N LEU A 45 -4.67 1.34 5.85
CA LEU A 45 -3.90 0.51 6.77
C LEU A 45 -4.03 -0.97 6.45
N MET A 46 -2.90 -1.62 6.24
CA MET A 46 -2.86 -3.05 5.96
C MET A 46 -2.53 -3.81 7.24
N VAL A 47 -3.47 -4.57 7.75
CA VAL A 47 -3.26 -5.31 8.99
C VAL A 47 -2.98 -6.79 8.72
N ASN A 48 -1.99 -7.31 9.43
CA ASN A 48 -1.60 -8.70 9.27
C ASN A 48 -1.07 -9.28 10.59
N TYR A 49 -1.41 -10.53 10.83
CA TYR A 49 -0.98 -11.25 12.02
C TYR A 49 -1.23 -12.74 11.82
N ILE A 50 -2.49 -13.09 11.67
CA ILE A 50 -2.89 -14.48 11.45
C ILE A 50 -3.27 -14.69 9.99
N PRO A 51 -3.43 -15.95 9.56
CA PRO A 51 -3.80 -16.26 8.19
C PRO A 51 -5.32 -16.29 7.98
N THR A 52 -5.93 -17.46 8.12
CA THR A 52 -7.37 -17.60 7.95
C THR A 52 -8.14 -17.13 9.19
N THR A 53 -7.42 -16.79 10.25
CA THR A 53 -8.06 -16.36 11.49
C THR A 53 -8.09 -14.83 11.64
N VAL A 54 -7.72 -14.10 10.58
CA VAL A 54 -7.75 -12.64 10.63
C VAL A 54 -9.17 -12.13 10.68
N ASP A 55 -9.49 -11.32 11.70
CA ASP A 55 -10.83 -10.80 11.86
C ASP A 55 -10.87 -9.28 11.70
N GLU A 56 -11.59 -8.82 10.68
CA GLU A 56 -11.75 -7.39 10.44
C GLU A 56 -12.34 -6.72 11.67
N VAL A 57 -13.03 -7.53 12.48
CA VAL A 57 -13.67 -7.07 13.71
C VAL A 57 -12.64 -6.76 14.79
N GLN A 58 -11.82 -7.75 15.11
CA GLN A 58 -10.78 -7.58 16.13
C GLN A 58 -10.02 -6.29 15.88
N LEU A 59 -9.69 -6.06 14.61
CA LEU A 59 -8.97 -4.86 14.21
C LEU A 59 -9.93 -3.68 14.14
N ARG A 60 -11.20 -3.97 13.87
CA ARG A 60 -12.22 -2.94 13.78
C ARG A 60 -12.30 -2.15 15.06
N GLN A 61 -12.50 -2.85 16.17
CA GLN A 61 -12.58 -2.21 17.47
C GLN A 61 -11.23 -1.66 17.90
N LEU A 62 -10.20 -2.47 17.75
CA LEU A 62 -8.84 -2.08 18.13
C LEU A 62 -8.34 -0.91 17.29
N PHE A 63 -8.62 -0.92 16.00
CA PHE A 63 -8.17 0.14 15.11
C PHE A 63 -9.12 1.32 15.13
N GLU A 64 -10.41 1.06 14.96
CA GLU A 64 -11.38 2.16 14.96
C GLU A 64 -11.33 2.93 16.27
N ARG A 65 -10.82 2.29 17.32
CA ARG A 65 -10.71 2.95 18.63
C ARG A 65 -9.85 4.20 18.52
N TYR A 66 -8.65 4.05 17.98
CA TYR A 66 -7.72 5.16 17.82
C TYR A 66 -8.01 5.95 16.55
N GLY A 67 -8.93 5.45 15.72
CA GLY A 67 -9.26 6.13 14.49
C GLY A 67 -10.40 5.46 13.76
N PRO A 68 -11.63 5.94 13.95
CA PRO A 68 -12.81 5.37 13.30
C PRO A 68 -12.57 5.09 11.83
N ILE A 69 -12.70 3.83 11.46
CA ILE A 69 -12.50 3.39 10.09
C ILE A 69 -13.73 3.67 9.24
N GLU A 70 -13.51 4.01 7.99
CA GLU A 70 -14.59 4.31 7.08
C GLU A 70 -14.99 3.06 6.35
N SER A 71 -13.98 2.34 5.89
CA SER A 71 -14.20 1.09 5.22
C SER A 71 -13.04 0.15 5.49
N VAL A 72 -13.31 -0.84 6.34
CA VAL A 72 -12.32 -1.84 6.69
C VAL A 72 -12.66 -3.14 6.01
N LYS A 73 -11.64 -3.81 5.49
CA LYS A 73 -11.85 -5.08 4.79
C LYS A 73 -10.59 -5.93 4.79
N ILE A 74 -10.77 -7.23 4.93
CA ILE A 74 -9.64 -8.15 4.92
C ILE A 74 -9.28 -8.58 3.50
N VAL A 75 -7.98 -8.78 3.26
CA VAL A 75 -7.50 -9.21 1.97
C VAL A 75 -7.36 -10.73 1.92
N CYS A 76 -8.26 -11.36 1.18
CA CYS A 76 -8.27 -12.81 1.05
C CYS A 76 -7.50 -13.26 -0.19
N ASP A 77 -7.32 -14.57 -0.33
CA ASP A 77 -6.60 -15.13 -1.46
C ASP A 77 -7.49 -15.16 -2.70
N ARG A 78 -7.07 -14.45 -3.74
CA ARG A 78 -7.82 -14.41 -4.99
C ARG A 78 -7.76 -15.74 -5.74
N GLU A 79 -6.90 -16.63 -5.28
CA GLU A 79 -6.75 -17.94 -5.92
C GLU A 79 -7.96 -18.83 -5.63
N THR A 80 -8.30 -18.95 -4.35
CA THR A 80 -9.44 -19.77 -3.95
C THR A 80 -10.54 -18.93 -3.29
N ARG A 81 -10.38 -17.61 -3.32
CA ARG A 81 -11.35 -16.70 -2.73
C ARG A 81 -11.64 -17.07 -1.28
N GLN A 82 -10.62 -17.55 -0.58
CA GLN A 82 -10.75 -17.93 0.82
C GLN A 82 -10.18 -16.86 1.74
N SER A 83 -10.86 -16.62 2.86
CA SER A 83 -10.41 -15.61 3.81
C SER A 83 -9.07 -16.00 4.42
N ARG A 84 -8.04 -15.23 4.10
CA ARG A 84 -6.70 -15.51 4.60
C ARG A 84 -5.75 -14.35 4.29
N GLY A 85 -4.45 -14.63 4.34
CA GLY A 85 -3.47 -13.62 4.06
C GLY A 85 -3.38 -12.55 5.13
N TYR A 86 -4.23 -11.55 5.01
CA TYR A 86 -4.24 -10.45 5.98
C TYR A 86 -5.44 -9.55 5.75
N GLY A 87 -5.61 -8.55 6.61
CA GLY A 87 -6.73 -7.65 6.45
C GLY A 87 -6.31 -6.24 6.11
N PHE A 88 -7.27 -5.49 5.59
CA PHE A 88 -7.08 -4.10 5.23
C PHE A 88 -8.06 -3.25 6.01
N VAL A 89 -7.65 -2.06 6.38
CA VAL A 89 -8.53 -1.19 7.16
C VAL A 89 -8.33 0.28 6.77
N LYS A 90 -9.33 0.85 6.11
CA LYS A 90 -9.26 2.24 5.69
C LYS A 90 -9.83 3.17 6.77
N PHE A 91 -8.96 3.97 7.36
CA PHE A 91 -9.36 4.91 8.40
C PHE A 91 -10.14 6.05 7.76
N GLN A 92 -10.99 6.71 8.55
CA GLN A 92 -11.80 7.80 8.04
C GLN A 92 -10.98 8.84 7.29
N SER A 93 -9.95 9.37 7.94
CA SER A 93 -9.10 10.39 7.32
C SER A 93 -7.63 10.02 7.44
N GLY A 94 -6.84 10.42 6.44
CA GLY A 94 -5.42 10.12 6.46
C GLY A 94 -4.76 10.59 7.75
N SER A 95 -5.31 11.64 8.33
CA SER A 95 -4.79 12.18 9.58
C SER A 95 -4.94 11.16 10.71
N SER A 96 -5.84 10.20 10.52
CA SER A 96 -6.07 9.17 11.51
C SER A 96 -5.01 8.08 11.42
N ALA A 97 -4.49 7.89 10.21
CA ALA A 97 -3.45 6.88 9.97
C ALA A 97 -2.24 7.14 10.86
N GLN A 98 -1.92 8.42 11.06
CA GLN A 98 -0.79 8.79 11.90
C GLN A 98 -0.94 8.21 13.29
N GLN A 99 -2.18 8.15 13.77
CA GLN A 99 -2.48 7.61 15.08
C GLN A 99 -2.42 6.09 15.04
N ALA A 100 -2.75 5.52 13.89
CA ALA A 100 -2.72 4.07 13.71
C ALA A 100 -1.28 3.58 13.70
N ILE A 101 -0.49 4.14 12.80
CA ILE A 101 0.91 3.78 12.68
C ILE A 101 1.67 4.13 13.96
N ALA A 102 1.16 5.12 14.69
CA ALA A 102 1.78 5.57 15.92
C ALA A 102 1.57 4.59 17.08
N GLY A 103 0.41 3.92 17.12
CA GLY A 103 0.16 2.99 18.21
C GLY A 103 -0.64 1.76 17.80
N LEU A 104 -0.48 1.32 16.56
CA LEU A 104 -1.19 0.13 16.10
C LEU A 104 -0.27 -0.79 15.31
N ASN A 105 0.62 -0.22 14.51
CA ASN A 105 1.54 -1.03 13.72
C ASN A 105 2.46 -1.80 14.66
N GLY A 106 2.44 -3.13 14.54
CA GLY A 106 3.27 -3.95 15.40
C GLY A 106 2.80 -3.93 16.84
N PHE A 107 1.55 -3.47 17.06
CA PHE A 107 0.98 -3.41 18.41
C PHE A 107 1.08 -4.78 19.08
N ASN A 108 2.25 -5.08 19.63
CA ASN A 108 2.48 -6.35 20.29
C ASN A 108 1.66 -6.49 21.55
N ILE A 109 0.43 -6.96 21.40
CA ILE A 109 -0.45 -7.16 22.55
C ILE A 109 -0.05 -8.45 23.27
N LEU A 110 -0.48 -8.58 24.52
CA LEU A 110 -0.11 -9.73 25.35
C LEU A 110 -0.32 -11.08 24.66
N ASN A 111 -1.22 -11.15 23.69
CA ASN A 111 -1.48 -12.43 23.02
C ASN A 111 -1.20 -12.38 21.51
N LYS A 112 -1.20 -11.20 20.92
CA LYS A 112 -0.97 -11.08 19.48
C LYS A 112 -0.14 -9.86 19.09
N ARG A 113 0.17 -9.76 17.81
CA ARG A 113 0.92 -8.64 17.27
C ARG A 113 0.15 -8.04 16.11
N LEU A 114 -0.31 -6.81 16.27
CA LEU A 114 -1.08 -6.16 15.23
C LEU A 114 -0.18 -5.43 14.26
N LYS A 115 0.24 -6.13 13.20
CA LYS A 115 1.11 -5.53 12.19
C LYS A 115 0.28 -4.72 11.21
N VAL A 116 0.57 -3.42 11.13
CA VAL A 116 -0.16 -2.54 10.22
C VAL A 116 0.77 -1.77 9.32
N ALA A 117 0.57 -1.90 8.01
CA ALA A 117 1.39 -1.20 7.04
C ALA A 117 0.52 -0.42 6.04
N LEU A 118 0.95 0.79 5.72
CA LEU A 118 0.20 1.63 4.78
C LEU A 118 0.28 1.07 3.36
N ALA A 119 -0.88 0.71 2.81
CA ALA A 119 -0.94 0.16 1.46
C ALA A 119 -0.37 1.14 0.44
N ALA A 120 -0.42 2.43 0.77
CA ALA A 120 0.09 3.47 -0.13
C ALA A 120 1.54 3.20 -0.51
N SER A 121 1.90 3.57 -1.75
CA SER A 121 3.25 3.36 -2.24
C SER A 121 4.24 4.27 -1.50
N GLY A 122 5.46 4.34 -2.02
CA GLY A 122 6.48 5.17 -1.39
C GLY A 122 7.53 4.35 -0.66
N HIS A 123 7.77 3.13 -1.15
CA HIS A 123 8.76 2.24 -0.54
C HIS A 123 10.17 2.68 -0.90
N GLN A 124 10.37 3.05 -2.17
CA GLN A 124 11.67 3.49 -2.63
C GLN A 124 11.56 4.74 -3.50
N ARG A 125 10.62 4.70 -4.45
CA ARG A 125 10.40 5.83 -5.36
C ARG A 125 9.26 6.71 -4.86
N PRO A 126 9.58 7.92 -4.37
CA PRO A 126 8.56 8.85 -3.86
C PRO A 126 7.43 9.08 -4.86
N GLY A 127 7.79 9.34 -6.11
CA GLY A 127 6.79 9.57 -7.15
C GLY A 127 7.13 10.78 -8.01
N ILE A 128 8.39 10.90 -8.39
CA ILE A 128 8.83 12.01 -9.23
C ILE A 128 8.56 13.35 -8.54
N ALA A 129 8.59 13.35 -7.21
CA ALA A 129 8.35 14.56 -6.44
C ALA A 129 6.97 15.13 -6.74
N GLY A 130 6.72 16.34 -6.26
CA GLY A 130 5.43 16.98 -6.48
C GLY A 130 5.21 18.17 -5.57
N ALA A 131 3.97 18.39 -5.16
CA ALA A 131 3.62 19.50 -4.28
C ALA A 131 3.96 20.84 -4.94
N VAL A 132 2.91 21.55 -5.37
CA VAL A 132 3.10 22.84 -6.01
C VAL A 132 2.25 23.91 -5.34
N GLY A 133 2.78 25.13 -5.29
CA GLY A 133 2.05 26.23 -4.67
C GLY A 133 2.70 27.57 -4.93
N ASP A 134 4.02 27.62 -4.79
CA ASP A 134 4.76 28.86 -5.01
C ASP A 134 4.68 29.30 -6.47
N GLY A 135 3.55 29.92 -6.83
CA GLY A 135 3.36 30.37 -8.19
C GLY A 135 2.05 29.91 -8.78
N ASN A 136 1.71 30.43 -9.96
CA ASN A 136 0.47 30.06 -10.63
C ASN A 136 0.75 29.40 -11.98
N GLY A 137 0.50 28.09 -12.05
CA GLY A 137 0.74 27.36 -13.28
C GLY A 137 -0.54 27.14 -14.08
N TYR A 138 -0.38 26.95 -15.39
CA TYR A 138 -1.52 26.73 -16.28
C TYR A 138 -2.41 27.97 -16.34
N LEU A 139 -3.16 28.21 -15.27
CA LEU A 139 -4.06 29.36 -15.22
C LEU A 139 -3.28 30.67 -15.31
N MET A 1 -2.01 -14.06 -27.02
CA MET A 1 -2.99 -13.28 -27.82
C MET A 1 -2.29 -12.33 -28.78
N SER A 2 -1.55 -11.37 -28.24
CA SER A 2 -0.84 -10.40 -29.05
C SER A 2 0.10 -9.55 -28.21
N GLN A 3 1.37 -9.54 -28.56
CA GLN A 3 2.37 -8.77 -27.84
C GLN A 3 3.18 -7.88 -28.77
N ILE A 4 4.16 -8.49 -29.45
CA ILE A 4 5.00 -7.76 -30.38
C ILE A 4 4.35 -7.64 -31.77
N PRO A 5 3.83 -8.76 -32.31
CA PRO A 5 3.19 -8.76 -33.62
C PRO A 5 1.74 -8.29 -33.57
N LEU A 6 1.18 -7.97 -34.73
CA LEU A 6 -0.20 -7.51 -34.82
C LEU A 6 -0.94 -8.24 -35.94
N VAL A 7 -0.31 -8.34 -37.10
CA VAL A 7 -0.91 -9.02 -38.24
C VAL A 7 -2.15 -8.27 -38.72
N SER A 8 -2.19 -7.99 -40.03
CA SER A 8 -3.32 -7.28 -40.62
C SER A 8 -4.54 -8.19 -40.74
N GLN A 9 -5.69 -7.72 -40.27
CA GLN A 9 -6.92 -8.49 -40.33
C GLN A 9 -8.13 -7.57 -40.44
N TYR A 10 -9.28 -8.15 -40.78
CA TYR A 10 -10.51 -7.38 -40.91
C TYR A 10 -11.39 -7.53 -39.67
N ASP A 11 -11.59 -8.78 -39.25
CA ASP A 11 -12.41 -9.06 -38.07
C ASP A 11 -11.87 -8.33 -36.84
N PRO A 12 -12.59 -7.29 -36.37
CA PRO A 12 -12.17 -6.52 -35.19
C PRO A 12 -12.01 -7.39 -33.96
N TYR A 13 -10.86 -7.27 -33.30
CA TYR A 13 -10.57 -8.05 -32.09
C TYR A 13 -10.01 -7.17 -30.99
N GLY A 14 -10.10 -7.64 -29.76
CA GLY A 14 -9.60 -6.88 -28.64
C GLY A 14 -10.52 -5.73 -28.25
N GLN A 15 -11.37 -5.97 -27.24
CA GLN A 15 -12.30 -4.95 -26.78
C GLN A 15 -11.57 -3.86 -25.99
N THR A 16 -10.92 -4.27 -24.91
CA THR A 16 -10.19 -3.33 -24.06
C THR A 16 -8.74 -3.21 -24.52
N ALA A 17 -8.35 -2.03 -24.99
CA ALA A 17 -6.99 -1.80 -25.45
C ALA A 17 -6.20 -1.00 -24.43
N GLN A 18 -4.91 -1.28 -24.33
CA GLN A 18 -4.04 -0.58 -23.40
C GLN A 18 -4.51 -0.79 -21.96
N LEU A 19 -3.85 -1.70 -21.25
CA LEU A 19 -4.20 -1.99 -19.86
C LEU A 19 -2.95 -2.28 -19.03
N GLN A 20 -2.28 -3.38 -19.36
CA GLN A 20 -1.07 -3.77 -18.64
C GLN A 20 0.12 -2.95 -19.10
N GLN A 21 0.82 -2.35 -18.15
CA GLN A 21 1.99 -1.53 -18.45
C GLN A 21 3.28 -2.33 -18.25
N LEU A 22 3.37 -3.02 -17.12
CA LEU A 22 4.55 -3.82 -16.82
C LEU A 22 5.80 -2.95 -16.77
N GLN A 23 5.95 -2.20 -15.69
CA GLN A 23 7.10 -1.32 -15.51
C GLN A 23 7.99 -1.82 -14.37
N GLN A 24 7.44 -1.81 -13.16
CA GLN A 24 8.18 -2.25 -11.98
C GLN A 24 8.27 -3.77 -11.92
N GLN A 25 8.94 -4.29 -10.91
CA GLN A 25 9.10 -5.72 -10.74
C GLN A 25 8.19 -6.25 -9.64
N GLN A 26 8.00 -5.44 -8.60
CA GLN A 26 7.15 -5.82 -7.48
C GLN A 26 6.42 -4.61 -6.91
N GLN A 27 5.25 -4.86 -6.34
CA GLN A 27 4.44 -3.79 -5.75
C GLN A 27 4.77 -3.60 -4.28
N GLN A 28 5.15 -4.68 -3.62
CA GLN A 28 5.50 -4.63 -2.21
C GLN A 28 6.77 -5.43 -1.93
N HIS A 29 7.79 -4.75 -1.42
CA HIS A 29 9.07 -5.41 -1.11
C HIS A 29 9.87 -4.55 -0.12
N ILE A 30 10.89 -5.16 0.49
CA ILE A 30 11.71 -4.47 1.46
C ILE A 30 12.99 -3.88 0.85
N PRO A 31 13.71 -4.67 0.02
CA PRO A 31 14.96 -4.20 -0.61
C PRO A 31 14.81 -2.85 -1.31
N PRO A 32 13.73 -2.66 -2.09
CA PRO A 32 13.49 -1.40 -2.80
C PRO A 32 13.14 -0.25 -1.85
N THR A 33 12.49 -0.59 -0.75
CA THR A 33 12.08 0.40 0.24
C THR A 33 11.10 1.40 -0.37
N GLN A 34 10.25 0.91 -1.27
CA GLN A 34 9.26 1.76 -1.92
C GLN A 34 7.98 1.81 -1.12
N MET A 35 7.73 2.95 -0.48
CA MET A 35 6.53 3.13 0.33
C MET A 35 6.28 4.61 0.61
N ASN A 36 5.72 5.31 -0.37
CA ASN A 36 5.42 6.73 -0.23
C ASN A 36 4.57 7.00 1.01
N PRO A 37 5.15 7.61 2.05
CA PRO A 37 4.44 7.92 3.28
C PRO A 37 3.67 9.23 3.21
N GLU A 38 2.85 9.39 2.17
CA GLU A 38 2.06 10.59 1.97
C GLU A 38 0.72 10.49 2.68
N PRO A 39 0.18 11.62 3.16
CA PRO A 39 -1.10 11.65 3.86
C PRO A 39 -2.22 10.97 3.08
N ASP A 40 -2.22 11.17 1.76
CA ASP A 40 -3.23 10.56 0.90
C ASP A 40 -3.21 9.04 1.02
N VAL A 41 -2.03 8.48 1.22
CA VAL A 41 -1.88 7.03 1.34
C VAL A 41 -1.59 6.64 2.79
N LEU A 42 -2.07 7.45 3.73
CA LEU A 42 -1.87 7.18 5.15
C LEU A 42 -3.08 6.50 5.75
N ARG A 43 -4.27 7.07 5.49
CA ARG A 43 -5.51 6.51 6.02
C ARG A 43 -5.66 5.04 5.69
N ASN A 44 -5.02 4.60 4.62
CA ASN A 44 -5.09 3.19 4.20
C ASN A 44 -4.12 2.36 5.03
N LEU A 45 -4.65 1.58 5.96
CA LEU A 45 -3.83 0.75 6.84
C LEU A 45 -3.95 -0.73 6.47
N MET A 46 -2.82 -1.36 6.16
CA MET A 46 -2.80 -2.77 5.84
C MET A 46 -2.54 -3.55 7.12
N VAL A 47 -3.52 -4.32 7.55
CA VAL A 47 -3.39 -5.07 8.79
C VAL A 47 -3.12 -6.54 8.52
N ASN A 48 -2.16 -7.08 9.27
CA ASN A 48 -1.77 -8.47 9.14
C ASN A 48 -1.34 -9.01 10.50
N TYR A 49 -1.81 -10.19 10.83
CA TYR A 49 -1.49 -10.82 12.10
C TYR A 49 -1.67 -12.34 11.99
N ILE A 50 -2.90 -12.73 11.76
CA ILE A 50 -3.23 -14.16 11.61
C ILE A 50 -3.46 -14.51 10.15
N PRO A 51 -3.08 -15.72 9.73
CA PRO A 51 -3.28 -16.15 8.35
C PRO A 51 -4.76 -16.23 7.97
N THR A 52 -5.39 -17.38 8.19
CA THR A 52 -6.80 -17.55 7.88
C THR A 52 -7.72 -16.94 8.94
N THR A 53 -7.13 -16.46 10.03
CA THR A 53 -7.92 -15.87 11.12
C THR A 53 -8.06 -14.35 11.00
N VAL A 54 -7.73 -13.80 9.83
CA VAL A 54 -7.85 -12.35 9.63
C VAL A 54 -9.31 -11.93 9.59
N ASP A 55 -9.76 -11.28 10.64
CA ASP A 55 -11.15 -10.83 10.72
C ASP A 55 -11.26 -9.32 10.73
N GLU A 56 -11.97 -8.77 9.74
CA GLU A 56 -12.16 -7.33 9.65
C GLU A 56 -12.80 -6.80 10.93
N VAL A 57 -13.48 -7.69 11.65
CA VAL A 57 -14.14 -7.34 12.90
C VAL A 57 -13.14 -7.10 14.02
N GLN A 58 -12.29 -8.09 14.28
CA GLN A 58 -11.27 -7.98 15.31
C GLN A 58 -10.52 -6.67 15.15
N LEU A 59 -10.14 -6.36 13.92
CA LEU A 59 -9.43 -5.13 13.62
C LEU A 59 -10.41 -3.96 13.56
N ARG A 60 -11.67 -4.25 13.24
CA ARG A 60 -12.69 -3.22 13.15
C ARG A 60 -12.78 -2.46 14.46
N GLN A 61 -12.99 -3.19 15.55
CA GLN A 61 -13.09 -2.57 16.86
C GLN A 61 -11.73 -2.16 17.39
N LEU A 62 -10.75 -3.03 17.21
CA LEU A 62 -9.39 -2.76 17.66
C LEU A 62 -8.77 -1.56 16.96
N PHE A 63 -8.94 -1.48 15.65
CA PHE A 63 -8.38 -0.37 14.89
C PHE A 63 -9.29 0.85 14.92
N GLU A 64 -10.57 0.67 14.63
CA GLU A 64 -11.49 1.80 14.64
C GLU A 64 -11.42 2.53 15.98
N ARG A 65 -11.02 1.81 17.03
CA ARG A 65 -10.91 2.39 18.36
C ARG A 65 -9.96 3.59 18.34
N TYR A 66 -8.76 3.37 17.81
CA TYR A 66 -7.76 4.44 17.73
C TYR A 66 -8.02 5.35 16.53
N GLY A 67 -8.96 4.95 15.67
CA GLY A 67 -9.27 5.76 14.51
C GLY A 67 -10.41 5.18 13.72
N PRO A 68 -11.63 5.68 13.90
CA PRO A 68 -12.81 5.18 13.20
C PRO A 68 -12.54 4.96 11.71
N ILE A 69 -12.80 3.74 11.27
CA ILE A 69 -12.59 3.37 9.88
C ILE A 69 -13.74 3.84 9.00
N GLU A 70 -13.42 4.23 7.77
CA GLU A 70 -14.42 4.71 6.84
C GLU A 70 -14.77 3.57 5.91
N SER A 71 -13.72 2.93 5.40
CA SER A 71 -13.88 1.79 4.53
C SER A 71 -12.82 0.76 4.88
N VAL A 72 -13.28 -0.30 5.53
CA VAL A 72 -12.39 -1.38 5.93
C VAL A 72 -12.65 -2.62 5.08
N LYS A 73 -11.58 -3.33 4.78
CA LYS A 73 -11.67 -4.54 3.98
C LYS A 73 -10.59 -5.53 4.39
N ILE A 74 -10.81 -6.80 4.08
CA ILE A 74 -9.84 -7.85 4.40
C ILE A 74 -9.39 -8.57 3.14
N VAL A 75 -8.07 -8.63 2.90
CA VAL A 75 -7.55 -9.29 1.72
C VAL A 75 -7.54 -10.81 1.90
N CYS A 76 -8.57 -11.45 1.36
CA CYS A 76 -8.71 -12.90 1.46
C CYS A 76 -7.95 -13.59 0.33
N ASP A 77 -7.75 -14.90 0.47
CA ASP A 77 -7.05 -15.68 -0.54
C ASP A 77 -7.87 -15.77 -1.82
N ARG A 78 -7.30 -15.29 -2.91
CA ARG A 78 -7.98 -15.32 -4.21
C ARG A 78 -7.97 -16.73 -4.79
N GLU A 79 -7.11 -17.59 -4.25
CA GLU A 79 -7.00 -18.96 -4.73
C GLU A 79 -8.24 -19.77 -4.36
N THR A 80 -8.62 -19.73 -3.09
CA THR A 80 -9.79 -20.47 -2.61
C THR A 80 -10.87 -19.52 -2.08
N ARG A 81 -10.67 -18.22 -2.27
CA ARG A 81 -11.64 -17.23 -1.80
C ARG A 81 -11.89 -17.37 -0.30
N GLN A 82 -10.85 -17.78 0.43
CA GLN A 82 -10.96 -17.94 1.88
C GLN A 82 -10.32 -16.77 2.60
N SER A 83 -10.90 -16.39 3.74
CA SER A 83 -10.38 -15.28 4.53
C SER A 83 -8.99 -15.58 5.06
N ARG A 84 -7.98 -15.13 4.32
CA ARG A 84 -6.59 -15.36 4.67
C ARG A 84 -5.73 -14.13 4.36
N GLY A 85 -4.42 -14.35 4.23
CA GLY A 85 -3.51 -13.28 3.91
C GLY A 85 -3.46 -12.23 4.99
N TYR A 86 -4.26 -11.19 4.80
CA TYR A 86 -4.31 -10.08 5.76
C TYR A 86 -5.46 -9.13 5.42
N GLY A 87 -5.66 -8.13 6.27
CA GLY A 87 -6.73 -7.18 6.05
C GLY A 87 -6.23 -5.76 5.81
N PHE A 88 -7.18 -4.87 5.58
CA PHE A 88 -6.89 -3.46 5.34
C PHE A 88 -8.00 -2.60 5.94
N VAL A 89 -7.63 -1.60 6.73
CA VAL A 89 -8.62 -0.72 7.35
C VAL A 89 -8.33 0.73 7.02
N LYS A 90 -9.19 1.33 6.20
CA LYS A 90 -9.03 2.72 5.80
C LYS A 90 -9.72 3.64 6.80
N PHE A 91 -8.93 4.48 7.46
CA PHE A 91 -9.46 5.42 8.43
C PHE A 91 -10.07 6.63 7.73
N GLN A 92 -10.95 7.34 8.44
CA GLN A 92 -11.62 8.49 7.85
C GLN A 92 -10.64 9.49 7.23
N SER A 93 -9.67 9.94 8.01
CA SER A 93 -8.69 10.89 7.52
C SER A 93 -7.27 10.37 7.70
N GLY A 94 -6.37 10.78 6.82
CA GLY A 94 -4.98 10.35 6.91
C GLY A 94 -4.39 10.67 8.27
N SER A 95 -4.88 11.74 8.88
CA SER A 95 -4.39 12.15 10.20
C SER A 95 -4.64 11.06 11.23
N SER A 96 -5.63 10.20 10.95
CA SER A 96 -5.97 9.11 11.85
C SER A 96 -4.95 7.98 11.73
N ALA A 97 -4.38 7.83 10.53
CA ALA A 97 -3.37 6.81 10.29
C ALA A 97 -2.18 6.96 11.24
N GLN A 98 -1.81 8.22 11.50
CA GLN A 98 -0.70 8.50 12.40
C GLN A 98 -0.96 7.91 13.78
N GLN A 99 -2.20 8.03 14.23
CA GLN A 99 -2.60 7.51 15.53
C GLN A 99 -2.70 5.99 15.48
N ALA A 100 -3.10 5.47 14.32
CA ALA A 100 -3.23 4.03 14.13
C ALA A 100 -1.86 3.39 14.10
N ILE A 101 -1.03 3.86 13.18
CA ILE A 101 0.33 3.35 13.04
C ILE A 101 1.12 3.53 14.33
N ALA A 102 0.73 4.54 15.11
CA ALA A 102 1.41 4.84 16.37
C ALA A 102 1.07 3.82 17.46
N GLY A 103 -0.22 3.48 17.59
CA GLY A 103 -0.63 2.54 18.61
C GLY A 103 -1.16 1.25 18.07
N LEU A 104 -0.87 0.94 16.80
CA LEU A 104 -1.35 -0.29 16.21
C LEU A 104 -0.26 -0.99 15.39
N ASN A 105 0.56 -0.22 14.67
CA ASN A 105 1.63 -0.81 13.90
C ASN A 105 2.59 -1.54 14.83
N GLY A 106 2.76 -2.84 14.59
CA GLY A 106 3.62 -3.63 15.43
C GLY A 106 3.13 -3.68 16.87
N PHE A 107 1.83 -3.41 17.07
CA PHE A 107 1.24 -3.45 18.40
C PHE A 107 1.46 -4.81 19.04
N ASN A 108 2.70 -5.07 19.43
CA ASN A 108 3.08 -6.33 20.03
C ASN A 108 2.43 -6.51 21.40
N ILE A 109 1.19 -6.98 21.41
CA ILE A 109 0.49 -7.22 22.66
C ILE A 109 0.98 -8.53 23.27
N LEU A 110 0.74 -8.71 24.56
CA LEU A 110 1.20 -9.90 25.28
C LEU A 110 0.85 -11.20 24.57
N ASN A 111 -0.14 -11.18 23.69
CA ASN A 111 -0.55 -12.39 22.99
C ASN A 111 -0.08 -12.41 21.54
N LYS A 112 -0.22 -11.30 20.84
CA LYS A 112 0.16 -11.21 19.44
C LYS A 112 0.78 -9.87 19.07
N ARG A 113 1.05 -9.69 17.78
CA ARG A 113 1.63 -8.45 17.27
C ARG A 113 0.77 -7.90 16.14
N LEU A 114 0.17 -6.74 16.35
CA LEU A 114 -0.67 -6.13 15.34
C LEU A 114 0.17 -5.42 14.30
N LYS A 115 0.36 -6.05 13.15
CA LYS A 115 1.15 -5.46 12.08
C LYS A 115 0.29 -4.59 11.17
N VAL A 116 0.63 -3.30 11.10
CA VAL A 116 -0.13 -2.37 10.27
C VAL A 116 0.80 -1.59 9.36
N ALA A 117 0.55 -1.66 8.06
CA ALA A 117 1.37 -0.94 7.10
C ALA A 117 0.51 -0.18 6.08
N LEU A 118 0.88 1.07 5.82
CA LEU A 118 0.13 1.88 4.86
C LEU A 118 0.21 1.28 3.47
N ALA A 119 -0.95 1.01 2.88
CA ALA A 119 -1.01 0.41 1.55
C ALA A 119 -0.85 1.48 0.46
N ALA A 120 -1.89 2.27 0.23
CA ALA A 120 -1.86 3.31 -0.79
C ALA A 120 -3.23 3.97 -0.93
N SER A 121 -3.38 4.78 -1.98
CA SER A 121 -4.64 5.46 -2.24
C SER A 121 -5.01 5.37 -3.72
N GLY A 122 -6.22 5.82 -4.05
CA GLY A 122 -6.67 5.78 -5.44
C GLY A 122 -7.13 4.40 -5.86
N HIS A 123 -8.26 3.96 -5.31
CA HIS A 123 -8.81 2.65 -5.63
C HIS A 123 -10.26 2.77 -6.10
N GLN A 124 -10.48 2.51 -7.39
CA GLN A 124 -11.83 2.58 -7.96
C GLN A 124 -12.78 1.64 -7.25
N ARG A 125 -14.07 1.82 -7.47
CA ARG A 125 -15.08 0.98 -6.86
C ARG A 125 -16.49 1.37 -7.32
N PRO A 126 -16.91 2.61 -7.03
CA PRO A 126 -18.23 3.10 -7.43
C PRO A 126 -18.38 3.19 -8.95
N GLY A 127 -17.26 3.39 -9.64
CA GLY A 127 -17.29 3.49 -11.08
C GLY A 127 -17.68 4.87 -11.56
N ILE A 128 -16.69 5.76 -11.68
CA ILE A 128 -16.95 7.12 -12.13
C ILE A 128 -17.12 7.18 -13.64
N ALA A 129 -18.16 7.86 -14.10
CA ALA A 129 -18.43 7.99 -15.52
C ALA A 129 -17.60 9.11 -16.14
N GLY A 130 -17.84 9.37 -17.42
CA GLY A 130 -17.09 10.42 -18.11
C GLY A 130 -16.50 9.93 -19.42
N ALA A 131 -17.26 10.10 -20.50
CA ALA A 131 -16.80 9.68 -21.81
C ALA A 131 -16.10 10.83 -22.55
N VAL A 132 -15.79 10.62 -23.82
CA VAL A 132 -15.12 11.63 -24.62
C VAL A 132 -16.12 12.57 -25.27
N GLY A 133 -15.65 13.74 -25.68
CA GLY A 133 -16.52 14.72 -26.32
C GLY A 133 -15.81 15.50 -27.40
N ASP A 134 -16.59 15.99 -28.38
CA ASP A 134 -16.02 16.76 -29.48
C ASP A 134 -15.00 15.94 -30.26
N GLY A 135 -15.28 14.65 -30.41
CA GLY A 135 -14.38 13.77 -31.13
C GLY A 135 -13.72 12.73 -30.23
N ASN A 136 -13.61 11.51 -30.74
CA ASN A 136 -12.99 10.42 -29.97
C ASN A 136 -11.49 10.62 -29.87
N GLY A 137 -10.99 10.61 -28.63
CA GLY A 137 -9.56 10.79 -28.41
C GLY A 137 -9.19 12.23 -28.14
N TYR A 138 -8.42 12.82 -29.05
CA TYR A 138 -7.99 14.21 -28.89
C TYR A 138 -7.81 14.87 -30.24
N LEU A 139 -6.83 14.41 -31.01
CA LEU A 139 -6.55 14.96 -32.33
C LEU A 139 -6.20 16.44 -32.23
N MET A 1 -34.95 29.97 -34.91
CA MET A 1 -34.74 31.21 -34.11
C MET A 1 -35.05 30.96 -32.64
N SER A 2 -34.03 30.54 -31.89
CA SER A 2 -34.19 30.27 -30.46
C SER A 2 -32.84 30.00 -29.81
N GLN A 3 -32.20 28.92 -30.22
CA GLN A 3 -30.90 28.54 -29.66
C GLN A 3 -29.99 27.98 -30.76
N ILE A 4 -28.96 28.74 -31.09
CA ILE A 4 -28.01 28.33 -32.13
C ILE A 4 -26.57 28.56 -31.67
N PRO A 5 -25.74 27.50 -31.65
CA PRO A 5 -24.33 27.61 -31.22
C PRO A 5 -23.49 28.41 -32.22
N LEU A 6 -22.48 29.11 -31.71
CA LEU A 6 -21.61 29.91 -32.54
C LEU A 6 -20.15 29.80 -32.09
N VAL A 7 -19.89 30.27 -30.86
CA VAL A 7 -18.55 30.21 -30.30
C VAL A 7 -18.48 29.28 -29.10
N SER A 8 -17.43 28.48 -29.02
CA SER A 8 -17.25 27.54 -27.93
C SER A 8 -18.40 26.53 -27.89
N GLN A 9 -18.41 25.70 -26.86
CA GLN A 9 -19.44 24.68 -26.70
C GLN A 9 -19.23 23.87 -25.43
N TYR A 10 -17.98 23.60 -25.11
CA TYR A 10 -17.64 22.83 -23.91
C TYR A 10 -18.21 23.50 -22.66
N ASP A 11 -17.84 22.97 -21.49
CA ASP A 11 -18.32 23.53 -20.23
C ASP A 11 -17.17 24.18 -19.46
N PRO A 12 -17.06 25.52 -19.52
CA PRO A 12 -16.00 26.25 -18.81
C PRO A 12 -16.17 26.20 -17.30
N TYR A 13 -15.17 26.70 -16.58
CA TYR A 13 -15.20 26.70 -15.12
C TYR A 13 -15.28 25.29 -14.57
N GLY A 14 -14.12 24.70 -14.27
CA GLY A 14 -14.09 23.35 -13.74
C GLY A 14 -14.66 23.27 -12.34
N GLN A 15 -15.75 22.53 -12.19
CA GLN A 15 -16.39 22.37 -10.89
C GLN A 15 -16.18 20.95 -10.35
N THR A 16 -15.16 20.78 -9.50
CA THR A 16 -14.86 19.49 -8.92
C THR A 16 -14.53 19.63 -7.43
N ALA A 17 -14.03 18.54 -6.85
CA ALA A 17 -13.68 18.54 -5.43
C ALA A 17 -12.22 18.13 -5.23
N GLN A 18 -11.80 17.10 -5.94
CA GLN A 18 -10.43 16.61 -5.84
C GLN A 18 -9.48 17.50 -6.65
N LEU A 19 -9.65 17.49 -7.96
CA LEU A 19 -8.80 18.29 -8.85
C LEU A 19 -9.46 19.62 -9.16
N GLN A 20 -8.66 20.58 -9.61
CA GLN A 20 -9.16 21.90 -9.94
C GLN A 20 -8.45 22.47 -11.17
N GLN A 21 -8.06 21.58 -12.07
CA GLN A 21 -7.36 21.98 -13.29
C GLN A 21 -6.00 22.60 -12.97
N LEU A 22 -6.02 23.86 -12.54
CA LEU A 22 -4.80 24.58 -12.20
C LEU A 22 -4.16 24.00 -10.94
N GLN A 23 -3.37 22.95 -11.11
CA GLN A 23 -2.70 22.30 -9.98
C GLN A 23 -1.21 22.61 -9.99
N GLN A 24 -0.66 22.82 -11.17
CA GLN A 24 0.77 23.12 -11.31
C GLN A 24 1.61 21.95 -10.83
N GLN A 25 2.16 21.20 -11.78
CA GLN A 25 2.99 20.05 -11.45
C GLN A 25 4.47 20.42 -11.50
N GLN A 26 5.00 20.57 -12.71
CA GLN A 26 6.40 20.92 -12.89
C GLN A 26 6.59 22.44 -12.92
N GLN A 27 6.70 23.03 -11.74
CA GLN A 27 6.87 24.48 -11.63
C GLN A 27 8.32 24.82 -11.27
N GLN A 28 8.76 24.35 -10.11
CA GLN A 28 10.12 24.61 -9.65
C GLN A 28 10.76 23.34 -9.10
N HIS A 29 10.32 22.94 -7.91
CA HIS A 29 10.86 21.74 -7.28
C HIS A 29 10.21 20.48 -7.85
N ILE A 30 10.48 19.34 -7.23
CA ILE A 30 9.93 18.07 -7.69
C ILE A 30 10.47 17.70 -9.06
N PRO A 31 11.56 16.94 -9.12
CA PRO A 31 12.18 16.52 -10.38
C PRO A 31 11.30 15.54 -11.16
N PRO A 32 11.67 15.22 -12.40
CA PRO A 32 10.90 14.30 -13.24
C PRO A 32 10.93 12.87 -12.71
N THR A 33 10.30 12.66 -11.56
CA THR A 33 10.25 11.34 -10.95
C THR A 33 8.83 10.80 -10.94
N GLN A 34 7.86 11.69 -10.75
CA GLN A 34 6.46 11.30 -10.71
C GLN A 34 6.19 10.32 -9.58
N MET A 35 6.04 10.84 -8.36
CA MET A 35 5.77 10.00 -7.20
C MET A 35 4.36 10.19 -6.69
N ASN A 36 3.82 11.40 -6.88
CA ASN A 36 2.47 11.71 -6.44
C ASN A 36 2.36 11.59 -4.92
N PRO A 37 3.03 12.49 -4.18
CA PRO A 37 3.01 12.48 -2.71
C PRO A 37 1.68 12.97 -2.15
N GLU A 38 0.65 12.16 -2.26
CA GLU A 38 -0.68 12.51 -1.76
C GLU A 38 -0.97 11.82 -0.44
N PRO A 39 -0.93 12.57 0.69
CA PRO A 39 -1.18 12.02 2.01
C PRO A 39 -2.62 11.53 2.19
N ASP A 40 -3.49 11.89 1.25
CA ASP A 40 -4.89 11.50 1.29
C ASP A 40 -5.03 9.98 1.36
N VAL A 41 -4.05 9.27 0.82
CA VAL A 41 -4.08 7.81 0.81
C VAL A 41 -3.25 7.24 1.95
N LEU A 42 -3.19 7.96 3.07
CA LEU A 42 -2.43 7.52 4.23
C LEU A 42 -3.32 6.75 5.20
N ARG A 43 -4.60 7.09 5.21
CA ARG A 43 -5.56 6.44 6.09
C ARG A 43 -5.72 4.96 5.78
N ASN A 44 -5.15 4.50 4.66
CA ASN A 44 -5.23 3.10 4.28
C ASN A 44 -4.29 2.27 5.13
N LEU A 45 -4.84 1.52 6.08
CA LEU A 45 -4.03 0.69 6.95
C LEU A 45 -4.16 -0.79 6.62
N MET A 46 -3.05 -1.41 6.25
CA MET A 46 -3.04 -2.83 5.94
C MET A 46 -2.72 -3.60 7.21
N VAL A 47 -3.69 -4.36 7.69
CA VAL A 47 -3.51 -5.10 8.93
C VAL A 47 -3.24 -6.58 8.67
N ASN A 48 -2.23 -7.10 9.36
CA ASN A 48 -1.86 -8.50 9.22
C ASN A 48 -1.34 -9.05 10.54
N TYR A 49 -1.64 -10.32 10.78
CA TYR A 49 -1.22 -11.01 11.98
C TYR A 49 -1.40 -12.50 11.81
N ILE A 50 -2.65 -12.89 11.62
CA ILE A 50 -3.00 -14.30 11.44
C ILE A 50 -3.32 -14.60 9.98
N PRO A 51 -3.47 -15.89 9.63
CA PRO A 51 -3.77 -16.31 8.28
C PRO A 51 -5.28 -16.39 7.99
N THR A 52 -5.87 -17.58 8.17
CA THR A 52 -7.30 -17.77 7.92
C THR A 52 -8.17 -17.24 9.06
N THR A 53 -7.60 -17.15 10.26
CA THR A 53 -8.35 -16.68 11.43
C THR A 53 -8.37 -15.16 11.54
N VAL A 54 -8.00 -14.46 10.46
CA VAL A 54 -8.00 -12.99 10.47
C VAL A 54 -9.44 -12.47 10.52
N ASP A 55 -9.75 -11.68 11.54
CA ASP A 55 -11.09 -11.14 11.69
C ASP A 55 -11.09 -9.63 11.56
N GLU A 56 -11.78 -9.13 10.53
CA GLU A 56 -11.89 -7.70 10.31
C GLU A 56 -12.48 -7.02 11.53
N VAL A 57 -13.21 -7.81 12.32
CA VAL A 57 -13.86 -7.32 13.53
C VAL A 57 -12.87 -7.06 14.66
N GLN A 58 -12.10 -8.07 15.03
CA GLN A 58 -11.12 -7.93 16.09
C GLN A 58 -10.24 -6.72 15.83
N LEU A 59 -9.87 -6.55 14.57
CA LEU A 59 -9.03 -5.45 14.15
C LEU A 59 -9.85 -4.17 14.04
N ARG A 60 -11.15 -4.33 13.75
CA ARG A 60 -12.06 -3.21 13.61
C ARG A 60 -12.14 -2.43 14.91
N GLN A 61 -12.47 -3.13 15.98
CA GLN A 61 -12.58 -2.50 17.29
C GLN A 61 -11.22 -2.03 17.78
N LEU A 62 -10.22 -2.89 17.61
CA LEU A 62 -8.87 -2.58 18.03
C LEU A 62 -8.27 -1.42 17.25
N PHE A 63 -8.51 -1.38 15.95
CA PHE A 63 -7.98 -0.30 15.12
C PHE A 63 -8.89 0.92 15.16
N GLU A 64 -10.19 0.70 14.91
CA GLU A 64 -11.13 1.81 14.92
C GLU A 64 -11.08 2.59 16.24
N ARG A 65 -10.63 1.94 17.31
CA ARG A 65 -10.54 2.61 18.62
C ARG A 65 -9.64 3.84 18.54
N TYR A 66 -8.48 3.68 17.92
CA TYR A 66 -7.53 4.79 17.79
C TYR A 66 -7.84 5.64 16.57
N GLY A 67 -8.74 5.15 15.72
CA GLY A 67 -9.10 5.88 14.53
C GLY A 67 -10.21 5.19 13.78
N PRO A 68 -11.47 5.65 13.94
CA PRO A 68 -12.62 5.04 13.28
C PRO A 68 -12.33 4.72 11.82
N ILE A 69 -12.80 3.56 11.39
CA ILE A 69 -12.59 3.12 10.00
C ILE A 69 -13.77 3.52 9.13
N GLU A 70 -13.46 3.81 7.88
CA GLU A 70 -14.48 4.22 6.92
C GLU A 70 -14.80 3.04 6.05
N SER A 71 -13.75 2.31 5.69
CA SER A 71 -13.90 1.12 4.89
C SER A 71 -13.01 0.02 5.41
N VAL A 72 -13.63 -0.94 6.05
CA VAL A 72 -12.93 -2.09 6.62
C VAL A 72 -13.16 -3.32 5.79
N LYS A 73 -12.07 -3.96 5.42
CA LYS A 73 -12.14 -5.16 4.61
C LYS A 73 -10.90 -6.02 4.78
N ILE A 74 -11.04 -7.32 4.54
CA ILE A 74 -9.91 -8.23 4.66
C ILE A 74 -9.44 -8.70 3.28
N VAL A 75 -8.12 -8.68 3.10
CA VAL A 75 -7.52 -9.11 1.85
C VAL A 75 -7.45 -10.63 1.79
N CYS A 76 -8.42 -11.22 1.10
CA CYS A 76 -8.51 -12.67 0.96
C CYS A 76 -7.53 -13.18 -0.09
N ASP A 77 -7.34 -14.50 -0.12
CA ASP A 77 -6.44 -15.12 -1.08
C ASP A 77 -7.11 -15.27 -2.44
N ARG A 78 -6.45 -14.77 -3.47
CA ARG A 78 -6.99 -14.84 -4.83
C ARG A 78 -6.93 -16.28 -5.38
N GLU A 79 -6.25 -17.16 -4.65
CA GLU A 79 -6.13 -18.55 -5.09
C GLU A 79 -7.43 -19.31 -4.90
N THR A 80 -7.99 -19.23 -3.69
CA THR A 80 -9.25 -19.90 -3.38
C THR A 80 -10.34 -18.89 -3.03
N ARG A 81 -10.01 -17.61 -3.08
CA ARG A 81 -10.98 -16.56 -2.76
C ARG A 81 -11.54 -16.75 -1.36
N GLN A 82 -10.68 -17.22 -0.46
CA GLN A 82 -11.09 -17.45 0.93
C GLN A 82 -10.45 -16.43 1.87
N SER A 83 -11.05 -16.26 3.04
CA SER A 83 -10.54 -15.30 4.02
C SER A 83 -9.17 -15.73 4.50
N ARG A 84 -8.16 -14.94 4.16
CA ARG A 84 -6.78 -15.25 4.54
C ARG A 84 -5.87 -14.06 4.29
N GLY A 85 -4.57 -14.33 4.25
CA GLY A 85 -3.60 -13.29 3.99
C GLY A 85 -3.56 -12.23 5.08
N TYR A 86 -4.42 -11.22 4.93
CA TYR A 86 -4.47 -10.13 5.91
C TYR A 86 -5.67 -9.23 5.63
N GLY A 87 -5.88 -8.24 6.50
CA GLY A 87 -7.00 -7.33 6.29
C GLY A 87 -6.55 -5.93 5.94
N PHE A 88 -7.51 -5.02 5.80
CA PHE A 88 -7.25 -3.64 5.46
C PHE A 88 -8.28 -2.74 6.11
N VAL A 89 -7.82 -1.72 6.82
CA VAL A 89 -8.74 -0.80 7.48
C VAL A 89 -8.42 0.64 7.11
N LYS A 90 -9.31 1.25 6.34
CA LYS A 90 -9.13 2.64 5.92
C LYS A 90 -9.80 3.58 6.93
N PHE A 91 -8.97 4.31 7.67
CA PHE A 91 -9.47 5.24 8.66
C PHE A 91 -10.16 6.41 7.98
N GLN A 92 -11.11 7.03 8.67
CA GLN A 92 -11.88 8.13 8.10
C GLN A 92 -11.01 9.22 7.50
N SER A 93 -9.82 9.42 8.06
CA SER A 93 -8.92 10.46 7.55
C SER A 93 -7.46 10.05 7.70
N GLY A 94 -6.64 10.46 6.74
CA GLY A 94 -5.22 10.15 6.79
C GLY A 94 -4.60 10.54 8.11
N SER A 95 -5.18 11.55 8.76
CA SER A 95 -4.70 12.03 10.04
C SER A 95 -4.83 10.93 11.09
N SER A 96 -5.75 9.99 10.86
CA SER A 96 -5.94 8.89 11.79
C SER A 96 -4.89 7.82 11.57
N ALA A 97 -4.44 7.68 10.33
CA ALA A 97 -3.42 6.71 9.99
C ALA A 97 -2.13 6.96 10.78
N GLN A 98 -1.80 8.23 10.95
CA GLN A 98 -0.60 8.61 11.70
C GLN A 98 -0.65 8.04 13.10
N GLN A 99 -1.84 8.03 13.70
CA GLN A 99 -2.03 7.51 15.04
C GLN A 99 -2.03 5.99 15.03
N ALA A 100 -2.48 5.41 13.91
CA ALA A 100 -2.54 3.97 13.78
C ALA A 100 -1.13 3.39 13.65
N ILE A 101 -0.39 3.90 12.68
CA ILE A 101 0.98 3.45 12.46
C ILE A 101 1.87 3.83 13.63
N ALA A 102 1.49 4.90 14.33
CA ALA A 102 2.26 5.40 15.46
C ALA A 102 2.11 4.51 16.69
N GLY A 103 0.88 4.07 16.98
CA GLY A 103 0.66 3.25 18.17
C GLY A 103 -0.12 1.98 17.90
N LEU A 104 -0.12 1.51 16.66
CA LEU A 104 -0.84 0.29 16.32
C LEU A 104 -0.02 -0.63 15.42
N ASN A 105 0.94 -0.06 14.69
CA ASN A 105 1.77 -0.87 13.81
C ASN A 105 2.71 -1.73 14.65
N GLY A 106 2.63 -3.05 14.48
CA GLY A 106 3.45 -3.94 15.26
C GLY A 106 3.05 -3.95 16.72
N PHE A 107 1.88 -3.36 17.02
CA PHE A 107 1.38 -3.31 18.40
C PHE A 107 1.35 -4.70 19.01
N ASN A 108 2.50 -5.10 19.55
CA ASN A 108 2.63 -6.41 20.17
C ASN A 108 1.84 -6.48 21.48
N ILE A 109 0.53 -6.69 21.38
CA ILE A 109 -0.28 -6.78 22.58
C ILE A 109 -0.11 -8.15 23.23
N LEU A 110 -0.47 -8.25 24.50
CA LEU A 110 -0.31 -9.49 25.26
C LEU A 110 -0.88 -10.71 24.54
N ASN A 111 -1.81 -10.50 23.62
CA ASN A 111 -2.42 -11.62 22.90
C ASN A 111 -1.90 -11.77 21.48
N LYS A 112 -1.74 -10.66 20.76
CA LYS A 112 -1.26 -10.71 19.37
C LYS A 112 -0.35 -9.55 19.02
N ARG A 113 -0.04 -9.45 17.73
CA ARG A 113 0.80 -8.39 17.19
C ARG A 113 0.05 -7.71 16.05
N LEU A 114 -0.29 -6.44 16.24
CA LEU A 114 -1.02 -5.71 15.23
C LEU A 114 -0.10 -5.12 14.16
N LYS A 115 0.17 -5.87 13.11
CA LYS A 115 1.02 -5.37 12.04
C LYS A 115 0.20 -4.49 11.11
N VAL A 116 0.61 -3.22 11.00
CA VAL A 116 -0.12 -2.27 10.15
C VAL A 116 0.80 -1.63 9.12
N ALA A 117 0.43 -1.76 7.85
CA ALA A 117 1.22 -1.17 6.76
C ALA A 117 0.33 -0.38 5.81
N LEU A 118 0.77 0.84 5.48
CA LEU A 118 -0.01 1.69 4.58
C LEU A 118 -0.06 1.10 3.18
N ALA A 119 -1.23 1.18 2.55
CA ALA A 119 -1.41 0.65 1.20
C ALA A 119 -0.41 1.25 0.22
N ALA A 120 -0.76 2.42 -0.32
CA ALA A 120 0.10 3.10 -1.29
C ALA A 120 -0.59 4.31 -1.89
N SER A 121 -1.58 4.05 -2.75
CA SER A 121 -2.33 5.12 -3.40
C SER A 121 -3.42 4.55 -4.29
N GLY A 122 -4.45 3.97 -3.68
CA GLY A 122 -5.54 3.40 -4.44
C GLY A 122 -5.54 1.88 -4.40
N HIS A 123 -6.19 1.26 -5.38
CA HIS A 123 -6.27 -0.20 -5.45
C HIS A 123 -5.85 -0.70 -6.83
N GLN A 124 -5.22 -1.86 -6.87
CA GLN A 124 -4.77 -2.45 -8.13
C GLN A 124 -5.90 -3.24 -8.79
N ARG A 125 -5.88 -3.27 -10.12
CA ARG A 125 -6.89 -3.99 -10.88
C ARG A 125 -6.58 -3.96 -12.37
N PRO A 126 -6.55 -2.76 -12.98
CA PRO A 126 -6.26 -2.61 -14.41
C PRO A 126 -4.79 -2.86 -14.74
N GLY A 127 -3.90 -2.31 -13.92
CA GLY A 127 -2.48 -2.49 -14.14
C GLY A 127 -1.89 -1.43 -15.05
N ILE A 128 -2.10 -0.16 -14.70
CA ILE A 128 -1.59 0.94 -15.50
C ILE A 128 -2.23 0.96 -16.88
N ALA A 129 -3.02 2.00 -17.16
CA ALA A 129 -3.69 2.13 -18.44
C ALA A 129 -2.78 2.81 -19.47
N GLY A 130 -3.15 2.71 -20.74
CA GLY A 130 -2.36 3.31 -21.79
C GLY A 130 -2.77 2.83 -23.17
N ALA A 131 -2.10 1.79 -23.66
CA ALA A 131 -2.41 1.23 -24.98
C ALA A 131 -1.64 -0.06 -25.21
N VAL A 132 -2.38 -1.12 -25.53
CA VAL A 132 -1.77 -2.42 -25.79
C VAL A 132 -1.98 -2.86 -27.23
N GLY A 133 -3.19 -2.62 -27.75
CA GLY A 133 -3.50 -2.99 -29.11
C GLY A 133 -4.87 -3.64 -29.24
N ASP A 134 -5.31 -4.29 -28.17
CA ASP A 134 -6.61 -4.95 -28.18
C ASP A 134 -7.18 -5.03 -26.76
N GLY A 135 -8.48 -5.32 -26.67
CA GLY A 135 -9.12 -5.41 -25.38
C GLY A 135 -10.46 -4.69 -25.33
N ASN A 136 -11.48 -5.32 -25.92
CA ASN A 136 -12.82 -4.73 -25.95
C ASN A 136 -13.55 -4.99 -24.64
N GLY A 137 -13.50 -4.01 -23.74
CA GLY A 137 -14.17 -4.15 -22.45
C GLY A 137 -13.28 -3.73 -21.30
N TYR A 138 -11.99 -3.96 -21.43
CA TYR A 138 -11.02 -3.60 -20.39
C TYR A 138 -11.30 -4.38 -19.10
N LEU A 139 -12.30 -3.95 -18.34
CA LEU A 139 -12.66 -4.60 -17.10
C LEU A 139 -14.14 -4.99 -17.08
N MET A 1 -4.11 -4.82 -36.32
CA MET A 1 -2.83 -5.16 -36.98
C MET A 1 -3.03 -5.51 -38.45
N SER A 2 -3.84 -6.55 -38.70
CA SER A 2 -4.11 -6.99 -40.06
C SER A 2 -5.31 -6.23 -40.63
N GLN A 3 -6.43 -6.28 -39.91
CA GLN A 3 -7.64 -5.60 -40.36
C GLN A 3 -8.59 -5.36 -39.18
N ILE A 4 -9.01 -6.44 -38.54
CA ILE A 4 -9.92 -6.36 -37.39
C ILE A 4 -9.27 -6.93 -36.14
N PRO A 5 -9.38 -6.21 -35.00
CA PRO A 5 -8.80 -6.67 -33.74
C PRO A 5 -9.55 -7.86 -33.15
N LEU A 6 -9.05 -9.06 -33.43
CA LEU A 6 -9.67 -10.28 -32.92
C LEU A 6 -9.12 -10.65 -31.55
N VAL A 7 -9.70 -10.07 -30.51
CA VAL A 7 -9.25 -10.33 -29.15
C VAL A 7 -7.82 -9.87 -28.93
N SER A 8 -7.53 -9.44 -27.71
CA SER A 8 -6.19 -8.97 -27.37
C SER A 8 -5.95 -9.05 -25.87
N GLN A 9 -4.79 -8.56 -25.42
CA GLN A 9 -4.44 -8.57 -24.00
C GLN A 9 -4.19 -10.00 -23.52
N TYR A 10 -5.24 -10.82 -23.51
CA TYR A 10 -5.14 -12.20 -23.07
C TYR A 10 -4.76 -12.27 -21.59
N ASP A 11 -5.31 -13.25 -20.89
CA ASP A 11 -5.03 -13.43 -19.47
C ASP A 11 -4.53 -14.85 -19.19
N PRO A 12 -3.27 -15.14 -19.56
CA PRO A 12 -2.67 -16.45 -19.34
C PRO A 12 -2.80 -16.93 -17.89
N TYR A 13 -2.86 -18.24 -17.70
CA TYR A 13 -2.98 -18.81 -16.37
C TYR A 13 -1.89 -19.85 -16.12
N GLY A 14 -1.76 -20.28 -14.87
CA GLY A 14 -0.76 -21.26 -14.52
C GLY A 14 0.61 -20.65 -14.32
N GLN A 15 1.65 -21.44 -14.55
CA GLN A 15 3.03 -20.97 -14.40
C GLN A 15 3.54 -20.34 -15.69
N THR A 16 3.09 -19.13 -15.98
CA THR A 16 3.50 -18.42 -17.19
C THR A 16 3.63 -16.93 -16.92
N ALA A 17 4.86 -16.48 -16.70
CA ALA A 17 5.13 -15.07 -16.43
C ALA A 17 6.60 -14.75 -16.62
N GLN A 18 6.90 -13.47 -16.83
CA GLN A 18 8.28 -13.03 -17.03
C GLN A 18 8.90 -13.71 -18.24
N LEU A 19 8.68 -13.14 -19.42
CA LEU A 19 9.22 -13.69 -20.66
C LEU A 19 10.69 -13.33 -20.81
N GLN A 20 11.07 -12.17 -20.28
CA GLN A 20 12.46 -11.71 -20.37
C GLN A 20 13.27 -12.15 -19.16
N GLN A 21 12.61 -12.81 -18.20
CA GLN A 21 13.27 -13.27 -16.99
C GLN A 21 13.76 -12.10 -16.15
N LEU A 22 14.86 -11.49 -16.57
CA LEU A 22 15.43 -10.35 -15.85
C LEU A 22 15.83 -10.75 -14.43
N GLN A 23 17.13 -10.77 -14.18
CA GLN A 23 17.65 -11.14 -12.87
C GLN A 23 18.18 -9.91 -12.13
N GLN A 24 17.83 -9.80 -10.84
CA GLN A 24 18.26 -8.68 -10.04
C GLN A 24 18.41 -9.08 -8.57
N GLN A 25 19.00 -8.20 -7.77
CA GLN A 25 19.20 -8.48 -6.35
C GLN A 25 17.87 -8.66 -5.64
N GLN A 26 17.53 -9.91 -5.36
CA GLN A 26 16.28 -10.23 -4.67
C GLN A 26 15.08 -9.74 -5.47
N GLN A 27 13.88 -9.98 -4.95
CA GLN A 27 12.66 -9.55 -5.62
C GLN A 27 12.23 -8.17 -5.15
N GLN A 28 11.81 -7.34 -6.10
CA GLN A 28 11.38 -5.98 -5.79
C GLN A 28 9.86 -5.84 -5.97
N HIS A 29 9.17 -5.56 -4.88
CA HIS A 29 7.72 -5.39 -4.91
C HIS A 29 7.34 -3.92 -4.73
N ILE A 30 6.25 -3.52 -5.39
CA ILE A 30 5.79 -2.13 -5.33
C ILE A 30 4.75 -1.91 -4.22
N PRO A 31 3.76 -2.82 -4.08
CA PRO A 31 2.72 -2.68 -3.06
C PRO A 31 3.27 -2.36 -1.67
N PRO A 32 4.32 -3.07 -1.23
CA PRO A 32 4.93 -2.84 0.09
C PRO A 32 5.69 -1.53 0.16
N THR A 33 6.79 -1.45 -0.59
CA THR A 33 7.61 -0.24 -0.61
C THR A 33 6.80 0.96 -1.09
N GLN A 34 7.29 2.16 -0.76
CA GLN A 34 6.61 3.39 -1.16
C GLN A 34 7.54 4.59 -0.98
N MET A 35 7.85 4.91 0.27
CA MET A 35 8.72 6.04 0.58
C MET A 35 8.21 7.33 -0.06
N ASN A 36 6.90 7.43 -0.20
CA ASN A 36 6.28 8.62 -0.79
C ASN A 36 5.60 9.47 0.27
N PRO A 37 5.85 10.79 0.26
CA PRO A 37 5.26 11.71 1.23
C PRO A 37 3.84 12.11 0.86
N GLU A 38 2.98 11.12 0.65
CA GLU A 38 1.59 11.36 0.28
C GLU A 38 0.66 11.19 1.48
N PRO A 39 -0.07 12.24 1.88
CA PRO A 39 -0.99 12.18 3.01
C PRO A 39 -2.29 11.46 2.68
N ASP A 40 -2.65 11.48 1.40
CA ASP A 40 -3.88 10.84 0.94
C ASP A 40 -3.79 9.32 1.10
N VAL A 41 -2.58 8.79 1.04
CA VAL A 41 -2.36 7.36 1.18
C VAL A 41 -2.00 6.98 2.62
N LEU A 42 -2.45 7.79 3.56
CA LEU A 42 -2.17 7.54 4.98
C LEU A 42 -3.31 6.78 5.64
N ARG A 43 -4.53 7.27 5.45
CA ARG A 43 -5.72 6.65 6.03
C ARG A 43 -5.80 5.17 5.65
N ASN A 44 -5.15 4.80 4.55
CA ASN A 44 -5.17 3.41 4.10
C ASN A 44 -4.21 2.57 4.95
N LEU A 45 -4.76 1.76 5.83
CA LEU A 45 -3.95 0.92 6.71
C LEU A 45 -4.11 -0.57 6.39
N MET A 46 -2.99 -1.22 6.10
CA MET A 46 -2.99 -2.65 5.83
C MET A 46 -2.74 -3.39 7.13
N VAL A 47 -3.75 -4.10 7.62
CA VAL A 47 -3.62 -4.79 8.90
C VAL A 47 -3.41 -6.29 8.76
N ASN A 48 -2.34 -6.77 9.37
CA ASN A 48 -2.00 -8.19 9.37
C ASN A 48 -1.79 -8.64 10.81
N TYR A 49 -2.36 -9.79 11.15
CA TYR A 49 -2.26 -10.30 12.51
C TYR A 49 -2.66 -11.76 12.56
N ILE A 50 -3.85 -12.04 12.05
CA ILE A 50 -4.38 -13.41 12.05
C ILE A 50 -4.26 -14.02 10.65
N PRO A 51 -3.91 -15.31 10.56
CA PRO A 51 -3.78 -15.99 9.26
C PRO A 51 -5.14 -16.21 8.59
N THR A 52 -5.68 -17.42 8.70
CA THR A 52 -6.97 -17.74 8.10
C THR A 52 -8.15 -17.22 8.91
N THR A 53 -7.87 -16.67 10.09
CA THR A 53 -8.93 -16.17 10.96
C THR A 53 -8.95 -14.63 11.04
N VAL A 54 -8.26 -13.97 10.12
CA VAL A 54 -8.23 -12.51 10.13
C VAL A 54 -9.60 -11.95 9.74
N ASP A 55 -10.25 -11.27 10.69
CA ASP A 55 -11.57 -10.71 10.45
C ASP A 55 -11.57 -9.19 10.50
N GLU A 56 -12.30 -8.58 9.56
CA GLU A 56 -12.41 -7.12 9.50
C GLU A 56 -12.98 -6.58 10.80
N VAL A 57 -13.77 -7.42 11.49
CA VAL A 57 -14.39 -7.04 12.75
C VAL A 57 -13.35 -6.93 13.86
N GLN A 58 -12.57 -8.00 14.04
CA GLN A 58 -11.52 -8.00 15.07
C GLN A 58 -10.71 -6.72 14.97
N LEU A 59 -10.27 -6.40 13.76
CA LEU A 59 -9.50 -5.19 13.52
C LEU A 59 -10.42 -3.97 13.49
N ARG A 60 -11.68 -4.20 13.17
CA ARG A 60 -12.68 -3.14 13.10
C ARG A 60 -12.73 -2.38 14.41
N GLN A 61 -12.94 -3.10 15.50
CA GLN A 61 -13.02 -2.49 16.81
C GLN A 61 -11.64 -2.13 17.34
N LEU A 62 -10.69 -3.05 17.15
CA LEU A 62 -9.32 -2.85 17.61
C LEU A 62 -8.64 -1.68 16.91
N PHE A 63 -8.81 -1.58 15.60
CA PHE A 63 -8.19 -0.50 14.84
C PHE A 63 -9.04 0.75 14.87
N GLU A 64 -10.34 0.63 14.58
CA GLU A 64 -11.21 1.81 14.60
C GLU A 64 -11.10 2.54 15.93
N ARG A 65 -10.75 1.80 16.99
CA ARG A 65 -10.60 2.38 18.32
C ARG A 65 -9.66 3.58 18.28
N TYR A 66 -8.46 3.37 17.75
CA TYR A 66 -7.46 4.42 17.65
C TYR A 66 -7.71 5.32 16.43
N GLY A 67 -8.66 4.93 15.58
CA GLY A 67 -8.95 5.71 14.40
C GLY A 67 -10.16 5.19 13.67
N PRO A 68 -11.35 5.76 13.93
CA PRO A 68 -12.60 5.34 13.29
C PRO A 68 -12.43 5.11 11.80
N ILE A 69 -12.75 3.91 11.37
CA ILE A 69 -12.63 3.53 9.96
C ILE A 69 -13.83 4.02 9.16
N GLU A 70 -13.57 4.39 7.91
CA GLU A 70 -14.61 4.88 7.02
C GLU A 70 -14.96 3.78 6.05
N SER A 71 -13.93 3.20 5.46
CA SER A 71 -14.08 2.10 4.54
C SER A 71 -13.09 1.01 4.90
N VAL A 72 -13.63 -0.05 5.49
CA VAL A 72 -12.81 -1.18 5.89
C VAL A 72 -13.14 -2.42 5.07
N LYS A 73 -12.10 -3.22 4.86
CA LYS A 73 -12.22 -4.45 4.10
C LYS A 73 -11.11 -5.42 4.52
N ILE A 74 -11.24 -6.69 4.14
CA ILE A 74 -10.25 -7.68 4.49
C ILE A 74 -9.67 -8.33 3.22
N VAL A 75 -8.35 -8.44 3.14
CA VAL A 75 -7.70 -9.03 1.98
C VAL A 75 -7.59 -10.54 2.12
N CYS A 76 -8.51 -11.26 1.47
CA CYS A 76 -8.51 -12.71 1.53
C CYS A 76 -7.45 -13.30 0.61
N ASP A 77 -7.20 -14.59 0.75
CA ASP A 77 -6.20 -15.28 -0.07
C ASP A 77 -6.83 -15.88 -1.31
N ARG A 78 -6.21 -15.63 -2.46
CA ARG A 78 -6.71 -16.16 -3.73
C ARG A 78 -6.42 -17.65 -3.86
N GLU A 79 -5.62 -18.20 -2.96
CA GLU A 79 -5.27 -19.61 -2.99
C GLU A 79 -6.47 -20.48 -2.60
N THR A 80 -7.08 -20.15 -1.48
CA THR A 80 -8.25 -20.89 -1.00
C THR A 80 -9.49 -20.01 -0.95
N ARG A 81 -9.35 -18.76 -1.40
CA ARG A 81 -10.47 -17.82 -1.40
C ARG A 81 -11.04 -17.66 0.00
N GLN A 82 -10.18 -17.79 1.01
CA GLN A 82 -10.59 -17.66 2.40
C GLN A 82 -10.03 -16.38 3.03
N SER A 83 -10.63 -15.97 4.14
CA SER A 83 -10.18 -14.77 4.84
C SER A 83 -8.77 -14.96 5.39
N ARG A 84 -7.78 -14.82 4.51
CA ARG A 84 -6.38 -14.98 4.89
C ARG A 84 -5.60 -13.70 4.64
N GLY A 85 -4.28 -13.85 4.47
CA GLY A 85 -3.43 -12.72 4.22
C GLY A 85 -3.51 -11.68 5.31
N TYR A 86 -4.38 -10.70 5.11
CA TYR A 86 -4.57 -9.63 6.07
C TYR A 86 -5.76 -8.76 5.71
N GLY A 87 -6.08 -7.81 6.57
CA GLY A 87 -7.21 -6.92 6.32
C GLY A 87 -6.79 -5.50 6.02
N PHE A 88 -7.73 -4.73 5.47
CA PHE A 88 -7.49 -3.34 5.13
C PHE A 88 -8.51 -2.44 5.83
N VAL A 89 -8.03 -1.40 6.52
CA VAL A 89 -8.91 -0.49 7.22
C VAL A 89 -8.58 0.97 6.88
N LYS A 90 -9.48 1.61 6.13
CA LYS A 90 -9.31 3.00 5.76
C LYS A 90 -9.91 3.92 6.80
N PHE A 91 -9.05 4.62 7.53
CA PHE A 91 -9.50 5.53 8.57
C PHE A 91 -10.16 6.75 7.96
N GLN A 92 -11.05 7.38 8.70
CA GLN A 92 -11.79 8.54 8.21
C GLN A 92 -10.87 9.61 7.64
N SER A 93 -9.61 9.64 8.08
CA SER A 93 -8.67 10.64 7.59
C SER A 93 -7.23 10.19 7.82
N GLY A 94 -6.32 10.70 6.98
CA GLY A 94 -4.92 10.36 7.12
C GLY A 94 -4.39 10.71 8.50
N SER A 95 -4.96 11.74 9.10
CA SER A 95 -4.56 12.17 10.43
C SER A 95 -4.75 11.05 11.44
N SER A 96 -5.69 10.15 11.15
CA SER A 96 -5.98 9.03 12.02
C SER A 96 -4.96 7.91 11.80
N ALA A 97 -4.44 7.83 10.57
CA ALA A 97 -3.46 6.82 10.22
C ALA A 97 -2.24 6.90 11.13
N GLN A 98 -1.72 8.12 11.29
CA GLN A 98 -0.55 8.35 12.14
C GLN A 98 -0.82 7.84 13.55
N GLN A 99 -2.07 7.97 13.99
CA GLN A 99 -2.47 7.51 15.32
C GLN A 99 -2.55 5.99 15.34
N ALA A 100 -2.93 5.41 14.21
CA ALA A 100 -3.04 3.96 14.10
C ALA A 100 -1.65 3.35 14.11
N ILE A 101 -0.81 3.80 13.18
CA ILE A 101 0.55 3.31 13.08
C ILE A 101 1.32 3.56 14.38
N ALA A 102 0.89 4.58 15.12
CA ALA A 102 1.54 4.95 16.36
C ALA A 102 1.23 3.96 17.49
N GLY A 103 -0.01 3.48 17.53
CA GLY A 103 -0.40 2.56 18.59
C GLY A 103 -0.93 1.23 18.08
N LEU A 104 -0.67 0.92 16.81
CA LEU A 104 -1.13 -0.33 16.23
C LEU A 104 -0.06 -1.00 15.40
N ASN A 105 0.71 -0.21 14.64
CA ASN A 105 1.77 -0.76 13.82
C ASN A 105 2.66 -1.70 14.64
N GLY A 106 2.74 -2.94 14.20
CA GLY A 106 3.55 -3.92 14.89
C GLY A 106 3.14 -4.11 16.34
N PHE A 107 1.92 -3.70 16.70
CA PHE A 107 1.44 -3.87 18.08
C PHE A 107 1.73 -5.28 18.58
N ASN A 108 2.90 -5.46 19.18
CA ASN A 108 3.32 -6.77 19.66
C ASN A 108 2.55 -7.19 20.91
N ILE A 109 1.35 -7.74 20.70
CA ILE A 109 0.54 -8.21 21.81
C ILE A 109 0.97 -9.63 22.19
N LEU A 110 0.61 -10.07 23.39
CA LEU A 110 1.00 -11.38 23.87
C LEU A 110 0.67 -12.52 22.89
N ASN A 111 -0.47 -12.43 22.24
CA ASN A 111 -0.87 -13.48 21.30
C ASN A 111 -0.17 -13.33 19.95
N LYS A 112 -0.31 -12.16 19.35
CA LYS A 112 0.29 -11.88 18.05
C LYS A 112 0.78 -10.45 17.95
N ARG A 113 1.12 -10.03 16.74
CA ARG A 113 1.61 -8.67 16.50
C ARG A 113 0.77 -7.98 15.43
N LEU A 114 0.05 -6.93 15.83
CA LEU A 114 -0.78 -6.19 14.89
C LEU A 114 0.07 -5.39 13.92
N LYS A 115 0.27 -5.94 12.73
CA LYS A 115 1.08 -5.28 11.72
C LYS A 115 0.21 -4.35 10.87
N VAL A 116 0.52 -3.07 10.88
CA VAL A 116 -0.22 -2.10 10.10
C VAL A 116 0.70 -1.31 9.19
N ALA A 117 0.41 -1.35 7.89
CA ALA A 117 1.23 -0.63 6.91
C ALA A 117 0.37 0.11 5.90
N LEU A 118 0.77 1.33 5.56
CA LEU A 118 0.03 2.14 4.60
C LEU A 118 0.12 1.53 3.21
N ALA A 119 -1.00 1.06 2.70
CA ALA A 119 -1.04 0.44 1.38
C ALA A 119 -0.65 1.43 0.30
N ALA A 120 -1.60 2.28 -0.11
CA ALA A 120 -1.34 3.29 -1.13
C ALA A 120 -2.63 4.04 -1.48
N SER A 121 -2.61 4.75 -2.60
CA SER A 121 -3.77 5.52 -3.04
C SER A 121 -4.87 4.59 -3.55
N GLY A 122 -4.47 3.47 -4.13
CA GLY A 122 -5.43 2.51 -4.64
C GLY A 122 -6.34 3.11 -5.70
N HIS A 123 -5.88 3.10 -6.95
CA HIS A 123 -6.66 3.65 -8.05
C HIS A 123 -7.92 2.84 -8.28
N GLN A 124 -8.80 3.34 -9.14
CA GLN A 124 -10.05 2.65 -9.46
C GLN A 124 -9.99 2.01 -10.84
N ARG A 125 -9.57 2.79 -11.83
CA ARG A 125 -9.46 2.30 -13.20
C ARG A 125 -8.78 3.32 -14.10
N PRO A 126 -7.50 3.64 -13.81
CA PRO A 126 -6.73 4.61 -14.60
C PRO A 126 -6.71 4.26 -16.09
N GLY A 127 -6.58 2.97 -16.38
CA GLY A 127 -6.54 2.52 -17.77
C GLY A 127 -5.17 2.02 -18.18
N ILE A 128 -4.62 1.11 -17.39
CA ILE A 128 -3.30 0.53 -17.66
C ILE A 128 -2.30 1.62 -18.08
N ALA A 129 -2.38 2.77 -17.43
CA ALA A 129 -1.49 3.88 -17.73
C ALA A 129 -1.63 4.33 -19.18
N GLY A 130 -2.87 4.33 -19.67
CA GLY A 130 -3.12 4.73 -21.04
C GLY A 130 -4.32 4.03 -21.64
N ALA A 131 -5.52 4.48 -21.25
CA ALA A 131 -6.75 3.88 -21.76
C ALA A 131 -7.18 4.56 -23.06
N VAL A 132 -8.24 4.02 -23.66
CA VAL A 132 -8.75 4.57 -24.91
C VAL A 132 -10.28 4.54 -24.95
N GLY A 133 -10.89 5.71 -24.94
CA GLY A 133 -12.34 5.81 -24.97
C GLY A 133 -12.85 6.52 -26.20
N ASP A 134 -12.55 5.96 -27.37
CA ASP A 134 -12.98 6.55 -28.63
C ASP A 134 -12.91 5.53 -29.77
N GLY A 135 -13.99 4.78 -29.94
CA GLY A 135 -14.03 3.77 -30.99
C GLY A 135 -15.43 3.31 -31.30
N ASN A 136 -15.91 2.31 -30.56
CA ASN A 136 -17.24 1.77 -30.76
C ASN A 136 -17.40 1.22 -32.18
N GLY A 137 -18.54 0.59 -32.43
CA GLY A 137 -18.80 0.03 -33.75
C GLY A 137 -19.70 -1.18 -33.69
N TYR A 138 -19.38 -2.20 -34.49
CA TYR A 138 -20.16 -3.43 -34.53
C TYR A 138 -19.95 -4.24 -33.27
N LEU A 139 -18.70 -4.39 -32.87
CA LEU A 139 -18.36 -5.15 -31.67
C LEU A 139 -18.64 -4.34 -30.41
N MET A 1 -27.28 -9.00 -50.45
CA MET A 1 -26.76 -8.97 -51.85
C MET A 1 -26.07 -7.65 -52.15
N SER A 2 -25.06 -7.70 -53.02
CA SER A 2 -24.31 -6.51 -53.39
C SER A 2 -24.30 -6.34 -54.91
N GLN A 3 -25.02 -5.33 -55.39
CA GLN A 3 -25.09 -5.06 -56.82
C GLN A 3 -24.02 -4.04 -57.23
N ILE A 4 -24.19 -2.80 -56.80
CA ILE A 4 -23.24 -1.75 -57.13
C ILE A 4 -23.22 -0.67 -56.04
N PRO A 5 -22.37 -0.86 -55.00
CA PRO A 5 -22.26 0.10 -53.90
C PRO A 5 -22.02 1.52 -54.39
N LEU A 6 -22.48 2.50 -53.61
CA LEU A 6 -22.31 3.90 -53.96
C LEU A 6 -21.55 4.65 -52.87
N VAL A 7 -22.10 4.63 -51.66
CA VAL A 7 -21.48 5.31 -50.53
C VAL A 7 -20.95 4.31 -49.51
N SER A 8 -21.63 3.17 -49.39
CA SER A 8 -21.24 2.14 -48.45
C SER A 8 -21.26 2.65 -47.02
N GLN A 9 -21.16 1.74 -46.06
CA GLN A 9 -21.17 2.11 -44.64
C GLN A 9 -20.59 0.99 -43.80
N TYR A 10 -21.00 -0.24 -44.06
CA TYR A 10 -20.53 -1.40 -43.32
C TYR A 10 -20.81 -2.69 -44.10
N ASP A 11 -19.76 -3.32 -44.60
CA ASP A 11 -19.90 -4.56 -45.35
C ASP A 11 -18.52 -5.10 -45.77
N PRO A 12 -17.77 -4.35 -46.59
CA PRO A 12 -16.45 -4.77 -47.06
C PRO A 12 -15.47 -5.01 -45.90
N TYR A 13 -15.72 -4.35 -44.78
CA TYR A 13 -14.86 -4.49 -43.61
C TYR A 13 -15.46 -3.79 -42.40
N GLY A 14 -15.13 -4.26 -41.21
CA GLY A 14 -15.64 -3.66 -39.99
C GLY A 14 -14.53 -3.27 -39.03
N GLN A 15 -14.89 -2.54 -37.98
CA GLN A 15 -13.92 -2.09 -36.99
C GLN A 15 -14.26 -2.65 -35.61
N THR A 16 -15.51 -2.49 -35.21
CA THR A 16 -15.96 -2.98 -33.90
C THR A 16 -15.18 -2.31 -32.77
N ALA A 17 -15.84 -1.38 -32.09
CA ALA A 17 -15.21 -0.66 -30.98
C ALA A 17 -14.00 0.14 -31.46
N GLN A 18 -14.08 1.46 -31.33
CA GLN A 18 -13.00 2.34 -31.74
C GLN A 18 -12.46 3.14 -30.57
N LEU A 19 -11.22 2.84 -30.17
CA LEU A 19 -10.59 3.53 -29.05
C LEU A 19 -9.78 4.72 -29.54
N GLN A 20 -9.27 5.52 -28.60
CA GLN A 20 -8.48 6.69 -28.94
C GLN A 20 -7.12 6.64 -28.26
N GLN A 21 -6.05 6.58 -29.05
CA GLN A 21 -4.70 6.53 -28.53
C GLN A 21 -3.71 7.14 -29.51
N LEU A 22 -3.83 6.75 -30.78
CA LEU A 22 -2.94 7.27 -31.82
C LEU A 22 -1.52 6.74 -31.64
N GLN A 23 -0.87 7.19 -30.57
CA GLN A 23 0.50 6.76 -30.28
C GLN A 23 0.51 5.66 -29.24
N GLN A 24 0.32 4.42 -29.68
CA GLN A 24 0.32 3.28 -28.78
C GLN A 24 1.74 2.84 -28.44
N GLN A 25 2.45 2.32 -29.44
CA GLN A 25 3.83 1.87 -29.24
C GLN A 25 4.75 3.05 -28.99
N GLN A 26 6.05 2.76 -28.85
CA GLN A 26 7.04 3.79 -28.61
C GLN A 26 6.78 4.50 -27.28
N GLN A 27 6.35 3.74 -26.28
CA GLN A 27 6.05 4.29 -24.97
C GLN A 27 6.92 3.64 -23.90
N GLN A 28 7.04 4.30 -22.75
CA GLN A 28 7.85 3.78 -21.65
C GLN A 28 6.96 3.12 -20.61
N HIS A 29 7.57 2.36 -19.70
CA HIS A 29 6.84 1.67 -18.64
C HIS A 29 6.78 2.53 -17.38
N ILE A 30 6.21 1.96 -16.32
CA ILE A 30 6.08 2.67 -15.04
C ILE A 30 5.66 4.13 -15.23
N PRO A 31 4.47 4.35 -15.81
CA PRO A 31 3.96 5.70 -16.05
C PRO A 31 4.00 6.58 -14.79
N PRO A 32 4.02 7.91 -14.96
CA PRO A 32 4.07 8.84 -13.83
C PRO A 32 2.76 8.85 -13.03
N THR A 33 2.45 7.72 -12.41
CA THR A 33 1.23 7.60 -11.62
C THR A 33 1.48 6.74 -10.38
N GLN A 34 2.12 5.60 -10.56
CA GLN A 34 2.41 4.69 -9.46
C GLN A 34 3.65 5.17 -8.69
N MET A 35 3.92 4.51 -7.57
CA MET A 35 5.07 4.86 -6.74
C MET A 35 4.96 6.30 -6.25
N ASN A 36 3.74 6.76 -6.05
CA ASN A 36 3.50 8.12 -5.58
C ASN A 36 2.96 8.11 -4.14
N PRO A 37 3.86 8.13 -3.15
CA PRO A 37 3.47 8.13 -1.73
C PRO A 37 2.79 9.43 -1.31
N GLU A 38 1.50 9.54 -1.62
CA GLU A 38 0.74 10.74 -1.28
C GLU A 38 0.12 10.61 0.10
N PRO A 39 -0.06 11.74 0.82
CA PRO A 39 -0.64 11.75 2.16
C PRO A 39 -2.13 11.44 2.14
N ASP A 40 -2.78 11.72 1.01
CA ASP A 40 -4.21 11.48 0.87
C ASP A 40 -4.53 10.00 1.08
N VAL A 41 -3.58 9.13 0.76
CA VAL A 41 -3.77 7.70 0.91
C VAL A 41 -3.02 7.17 2.13
N LEU A 42 -3.00 7.95 3.20
CA LEU A 42 -2.32 7.55 4.43
C LEU A 42 -3.24 6.76 5.35
N ARG A 43 -4.53 7.13 5.34
CA ARG A 43 -5.52 6.46 6.17
C ARG A 43 -5.67 4.98 5.83
N ASN A 44 -5.12 4.58 4.67
CA ASN A 44 -5.21 3.18 4.26
C ASN A 44 -4.25 2.33 5.08
N LEU A 45 -4.80 1.56 6.02
CA LEU A 45 -3.97 0.72 6.89
C LEU A 45 -4.06 -0.76 6.51
N MET A 46 -2.92 -1.34 6.20
CA MET A 46 -2.85 -2.76 5.87
C MET A 46 -2.55 -3.55 7.12
N VAL A 47 -3.52 -4.34 7.57
CA VAL A 47 -3.34 -5.12 8.79
C VAL A 47 -3.04 -6.58 8.48
N ASN A 48 -2.07 -7.12 9.20
CA ASN A 48 -1.66 -8.51 9.00
C ASN A 48 -1.03 -9.09 10.27
N TYR A 49 -1.24 -10.37 10.46
CA TYR A 49 -0.68 -11.09 11.60
C TYR A 49 -0.80 -12.58 11.36
N ILE A 50 -2.04 -13.03 11.30
CA ILE A 50 -2.35 -14.45 11.07
C ILE A 50 -2.82 -14.68 9.65
N PRO A 51 -2.93 -15.96 9.23
CA PRO A 51 -3.38 -16.31 7.89
C PRO A 51 -4.91 -16.25 7.76
N THR A 52 -5.59 -17.39 7.94
CA THR A 52 -7.04 -17.44 7.85
C THR A 52 -7.70 -16.90 9.12
N THR A 53 -6.90 -16.60 10.13
CA THR A 53 -7.44 -16.08 11.40
C THR A 53 -7.58 -14.56 11.38
N VAL A 54 -7.45 -13.95 10.20
CA VAL A 54 -7.58 -12.50 10.08
C VAL A 54 -9.01 -12.06 10.33
N ASP A 55 -9.22 -11.31 11.40
CA ASP A 55 -10.55 -10.84 11.74
C ASP A 55 -10.67 -9.33 11.63
N GLU A 56 -11.41 -8.86 10.63
CA GLU A 56 -11.64 -7.44 10.43
C GLU A 56 -12.19 -6.84 11.71
N VAL A 57 -12.82 -7.70 12.52
CA VAL A 57 -13.41 -7.31 13.80
C VAL A 57 -12.32 -6.96 14.80
N GLN A 58 -11.40 -7.89 15.04
CA GLN A 58 -10.31 -7.67 15.97
C GLN A 58 -9.68 -6.31 15.72
N LEU A 59 -9.38 -6.03 14.46
CA LEU A 59 -8.80 -4.76 14.08
C LEU A 59 -9.88 -3.67 14.03
N ARG A 60 -11.11 -4.08 13.79
CA ARG A 60 -12.23 -3.15 13.72
C ARG A 60 -12.34 -2.32 14.99
N GLN A 61 -12.42 -3.00 16.12
CA GLN A 61 -12.53 -2.33 17.40
C GLN A 61 -11.18 -1.77 17.84
N LEU A 62 -10.13 -2.55 17.66
CA LEU A 62 -8.80 -2.15 18.05
C LEU A 62 -8.29 -0.97 17.22
N PHE A 63 -8.55 -1.00 15.92
CA PHE A 63 -8.09 0.08 15.04
C PHE A 63 -9.06 1.24 15.03
N GLU A 64 -10.35 0.95 14.83
CA GLU A 64 -11.33 2.04 14.80
C GLU A 64 -11.27 2.87 16.08
N ARG A 65 -10.86 2.24 17.18
CA ARG A 65 -10.76 2.96 18.46
C ARG A 65 -9.80 4.14 18.33
N TYR A 66 -8.60 3.86 17.85
CA TYR A 66 -7.59 4.91 17.67
C TYR A 66 -7.88 5.73 16.42
N GLY A 67 -8.86 5.28 15.63
CA GLY A 67 -9.21 5.99 14.42
C GLY A 67 -10.35 5.32 13.70
N PRO A 68 -11.60 5.81 13.89
CA PRO A 68 -12.77 5.24 13.25
C PRO A 68 -12.54 4.91 11.78
N ILE A 69 -12.81 3.67 11.42
CA ILE A 69 -12.64 3.21 10.05
C ILE A 69 -13.81 3.63 9.19
N GLU A 70 -13.53 3.94 7.93
CA GLU A 70 -14.55 4.36 6.99
C GLU A 70 -14.93 3.18 6.14
N SER A 71 -13.91 2.46 5.70
CA SER A 71 -14.10 1.26 4.92
C SER A 71 -13.05 0.23 5.32
N VAL A 72 -13.51 -0.77 6.05
CA VAL A 72 -12.63 -1.83 6.51
C VAL A 72 -12.95 -3.13 5.78
N LYS A 73 -11.88 -3.81 5.36
CA LYS A 73 -12.03 -5.07 4.65
C LYS A 73 -10.76 -5.90 4.79
N ILE A 74 -10.87 -7.21 4.56
CA ILE A 74 -9.72 -8.09 4.64
C ILE A 74 -9.32 -8.62 3.27
N VAL A 75 -8.02 -8.71 3.05
CA VAL A 75 -7.49 -9.23 1.79
C VAL A 75 -7.49 -10.75 1.80
N CYS A 76 -8.50 -11.34 1.18
CA CYS A 76 -8.63 -12.79 1.13
C CYS A 76 -7.68 -13.40 0.10
N ASP A 77 -7.56 -14.72 0.12
CA ASP A 77 -6.69 -15.42 -0.82
C ASP A 77 -7.41 -15.68 -2.14
N ARG A 78 -6.84 -15.18 -3.23
CA ARG A 78 -7.43 -15.37 -4.54
C ARG A 78 -7.30 -16.81 -5.02
N GLU A 79 -6.52 -17.61 -4.30
CA GLU A 79 -6.33 -19.01 -4.66
C GLU A 79 -7.59 -19.82 -4.41
N THR A 80 -8.14 -19.70 -3.21
CA THR A 80 -9.35 -20.42 -2.84
C THR A 80 -10.50 -19.46 -2.53
N ARG A 81 -10.26 -18.16 -2.69
CA ARG A 81 -11.27 -17.15 -2.43
C ARG A 81 -11.76 -17.24 -0.99
N GLN A 82 -10.88 -17.64 -0.08
CA GLN A 82 -11.23 -17.78 1.32
C GLN A 82 -10.54 -16.70 2.16
N SER A 83 -11.07 -16.46 3.36
CA SER A 83 -10.50 -15.46 4.26
C SER A 83 -9.09 -15.87 4.69
N ARG A 84 -8.11 -15.05 4.30
CA ARG A 84 -6.72 -15.34 4.64
C ARG A 84 -5.82 -14.16 4.30
N GLY A 85 -4.52 -14.45 4.16
CA GLY A 85 -3.56 -13.41 3.84
C GLY A 85 -3.46 -12.34 4.90
N TYR A 86 -4.34 -11.35 4.83
CA TYR A 86 -4.32 -10.26 5.78
C TYR A 86 -5.54 -9.37 5.60
N GLY A 87 -5.70 -8.38 6.49
CA GLY A 87 -6.84 -7.48 6.37
C GLY A 87 -6.43 -6.05 6.09
N PHE A 88 -7.43 -5.19 5.99
CA PHE A 88 -7.22 -3.78 5.70
C PHE A 88 -8.28 -2.93 6.40
N VAL A 89 -7.89 -1.78 6.90
CA VAL A 89 -8.81 -0.87 7.58
C VAL A 89 -8.53 0.57 7.19
N LYS A 90 -9.44 1.15 6.41
CA LYS A 90 -9.30 2.52 5.96
C LYS A 90 -9.91 3.49 6.95
N PHE A 91 -9.06 4.27 7.62
CA PHE A 91 -9.51 5.25 8.60
C PHE A 91 -10.19 6.41 7.89
N GLN A 92 -11.09 7.09 8.59
CA GLN A 92 -11.83 8.20 8.01
C GLN A 92 -10.91 9.23 7.36
N SER A 93 -9.91 9.69 8.10
CA SER A 93 -8.97 10.68 7.57
C SER A 93 -7.53 10.24 7.75
N GLY A 94 -6.67 10.68 6.84
CA GLY A 94 -5.26 10.33 6.93
C GLY A 94 -4.67 10.70 8.27
N SER A 95 -5.23 11.73 8.90
CA SER A 95 -4.76 12.17 10.21
C SER A 95 -4.89 11.06 11.24
N SER A 96 -5.78 10.10 10.97
CA SER A 96 -5.99 8.98 11.87
C SER A 96 -4.90 7.94 11.68
N ALA A 97 -4.38 7.84 10.47
CA ALA A 97 -3.32 6.88 10.15
C ALA A 97 -2.09 7.13 11.02
N GLN A 98 -1.71 8.40 11.15
CA GLN A 98 -0.57 8.78 11.96
C GLN A 98 -0.68 8.19 13.36
N GLN A 99 -1.88 8.23 13.92
CA GLN A 99 -2.13 7.69 15.24
C GLN A 99 -2.17 6.17 15.18
N ALA A 100 -2.58 5.64 14.03
CA ALA A 100 -2.65 4.19 13.84
C ALA A 100 -1.25 3.60 13.77
N ILE A 101 -0.46 4.12 12.85
CA ILE A 101 0.91 3.66 12.68
C ILE A 101 1.73 3.91 13.94
N ALA A 102 1.33 4.92 14.71
CA ALA A 102 2.03 5.30 15.92
C ALA A 102 1.77 4.32 17.06
N GLY A 103 0.52 3.94 17.27
CA GLY A 103 0.20 3.04 18.37
C GLY A 103 -0.55 1.79 17.94
N LEU A 104 -0.41 1.38 16.69
CA LEU A 104 -1.08 0.19 16.21
C LEU A 104 -0.16 -0.70 15.38
N ASN A 105 0.80 -0.08 14.68
CA ASN A 105 1.74 -0.84 13.87
C ASN A 105 2.55 -1.77 14.76
N GLY A 106 2.48 -3.07 14.48
CA GLY A 106 3.21 -4.04 15.27
C GLY A 106 2.70 -4.14 16.68
N PHE A 107 1.52 -3.56 16.95
CA PHE A 107 0.92 -3.62 18.28
C PHE A 107 0.96 -5.04 18.84
N ASN A 108 2.05 -5.35 19.51
CA ASN A 108 2.24 -6.68 20.09
C ASN A 108 1.40 -6.86 21.34
N ILE A 109 0.11 -7.13 21.14
CA ILE A 109 -0.78 -7.34 22.28
C ILE A 109 -0.58 -8.74 22.84
N LEU A 110 -1.02 -8.95 24.07
CA LEU A 110 -0.85 -10.23 24.76
C LEU A 110 -1.32 -11.42 23.92
N ASN A 111 -2.26 -11.20 23.01
CA ASN A 111 -2.78 -12.29 22.20
C ASN A 111 -2.09 -12.37 20.83
N LYS A 112 -2.00 -11.23 20.17
CA LYS A 112 -1.40 -11.17 18.83
C LYS A 112 -0.59 -9.88 18.62
N ARG A 113 -0.13 -9.69 17.38
CA ARG A 113 0.64 -8.51 17.02
C ARG A 113 -0.03 -7.85 15.82
N LEU A 114 -0.54 -6.65 16.03
CA LEU A 114 -1.23 -5.93 14.98
C LEU A 114 -0.26 -5.25 14.03
N LYS A 115 0.14 -5.96 12.97
CA LYS A 115 1.06 -5.38 11.99
C LYS A 115 0.26 -4.49 11.04
N VAL A 116 0.58 -3.21 11.02
CA VAL A 116 -0.14 -2.27 10.16
C VAL A 116 0.78 -1.55 9.20
N ALA A 117 0.48 -1.67 7.91
CA ALA A 117 1.28 -1.01 6.88
C ALA A 117 0.41 -0.20 5.93
N LEU A 118 0.81 1.03 5.65
CA LEU A 118 0.05 1.90 4.76
C LEU A 118 0.04 1.34 3.34
N ALA A 119 -1.14 1.28 2.75
CA ALA A 119 -1.30 0.76 1.38
C ALA A 119 -0.79 1.76 0.36
N ALA A 120 -1.50 2.87 0.21
CA ALA A 120 -1.13 3.91 -0.75
C ALA A 120 -1.25 3.39 -2.19
N SER A 121 -1.31 4.33 -3.13
CA SER A 121 -1.42 3.97 -4.54
C SER A 121 -2.76 3.29 -4.82
N GLY A 122 -2.85 2.00 -4.47
CA GLY A 122 -4.08 1.26 -4.69
C GLY A 122 -3.83 -0.23 -4.82
N HIS A 123 -4.44 -0.83 -5.84
CA HIS A 123 -4.29 -2.26 -6.07
C HIS A 123 -2.83 -2.63 -6.31
N GLN A 124 -2.50 -3.91 -6.12
CA GLN A 124 -1.13 -4.38 -6.31
C GLN A 124 -0.93 -4.92 -7.72
N ARG A 125 -1.52 -6.08 -8.00
CA ARG A 125 -1.41 -6.70 -9.30
C ARG A 125 -2.78 -6.81 -9.98
N PRO A 126 -3.13 -5.85 -10.86
CA PRO A 126 -4.41 -5.85 -11.56
C PRO A 126 -4.52 -6.98 -12.57
N GLY A 127 -3.37 -7.43 -13.08
CA GLY A 127 -3.36 -8.52 -14.04
C GLY A 127 -3.27 -8.02 -15.47
N ILE A 128 -2.14 -7.42 -15.81
CA ILE A 128 -1.92 -6.90 -17.16
C ILE A 128 -0.44 -6.77 -17.47
N ALA A 129 0.32 -6.22 -16.51
CA ALA A 129 1.75 -6.04 -16.68
C ALA A 129 2.51 -7.32 -16.34
N GLY A 130 2.52 -8.26 -17.26
CA GLY A 130 3.22 -9.51 -17.04
C GLY A 130 2.27 -10.67 -16.80
N ALA A 131 2.77 -11.73 -16.16
CA ALA A 131 1.95 -12.89 -15.87
C ALA A 131 2.49 -13.64 -14.65
N VAL A 132 1.59 -14.25 -13.89
CA VAL A 132 1.97 -14.99 -12.70
C VAL A 132 2.49 -16.38 -13.06
N GLY A 133 3.13 -17.05 -12.10
CA GLY A 133 3.66 -18.37 -12.33
C GLY A 133 2.71 -19.46 -11.90
N ASP A 134 1.94 -19.20 -10.84
CA ASP A 134 0.98 -20.17 -10.32
C ASP A 134 0.12 -19.55 -9.23
N GLY A 135 0.76 -19.20 -8.11
CA GLY A 135 0.03 -18.60 -7.00
C GLY A 135 0.84 -18.57 -5.72
N ASN A 136 1.03 -19.74 -5.12
CA ASN A 136 1.80 -19.85 -3.88
C ASN A 136 2.37 -21.25 -3.71
N GLY A 137 3.25 -21.41 -2.73
CA GLY A 137 3.85 -22.71 -2.48
C GLY A 137 5.02 -22.63 -1.51
N TYR A 138 6.18 -23.12 -1.94
CA TYR A 138 7.38 -23.11 -1.12
C TYR A 138 7.23 -24.05 0.08
N LEU A 139 6.36 -23.69 1.02
CA LEU A 139 6.12 -24.50 2.20
C LEU A 139 4.64 -24.76 2.39
#